data_3FZ7
#
_entry.id   3FZ7
#
_cell.length_a   115.564
_cell.length_b   115.564
_cell.length_c   206.561
_cell.angle_alpha   90.000
_cell.angle_beta   90.000
_cell.angle_gamma   120.000
#
_symmetry.space_group_name_H-M   'P 32'
#
loop_
_entity.id
_entity.type
_entity.pdbx_description
1 polymer 'Glutamate decarboxylase beta'
2 non-polymer 'PHOSPHATE ION'
3 water water
#
_entity_poly.entity_id   1
_entity_poly.type   'polypeptide(L)'
_entity_poly.pdbx_seq_one_letter_code
;MDKKQVTDLRSELLDSRFGAKSISTIAESKRFPLHEMRDDVAFQIINDELYLDGNARQNLATFCQTWDDENVHKLMDLSI
NKNWIDKEEYPQSAAIDLRCVNMVADLWHAPAPKNGQAVGTNTIGSSEACMLGGMAMKWRWRKRMEAAGKPTDKPNLVCG
PVQICWHKFARYWDVELREIPMRPGQLFMDPKRMIEACDENTIGVVPTFGVTYTGNYEFPQPLHDALDKFQADTGIDIDM
HIDAASGGFLAPFVAPDIVWDFRLPRVKSISASGHKFGLAPLGCGWVIWRDEEALPQELVFNVDYLGGQIGTFAINFSRP
AGQVIAQYYEFLRLGREGYTKVQNASYQVAAYLADEIAKLGPYEFICTGRPDEGIPAVCFKLKDGEDPGYTLYDLSERLR
LRGWQVPAFTLGGEATDIVVMRIMCRRGFEMDFAELLLEDYKASLKYLSDHPKLQGIAQQNSFKHT
;
_entity_poly.pdbx_strand_id   A,B,C,D,E,F
#
loop_
_chem_comp.id
_chem_comp.type
_chem_comp.name
_chem_comp.formula
PO4 non-polymer 'PHOSPHATE ION' 'O4 P -3'
#
# COMPACT_ATOMS: atom_id res chain seq x y z
N LEU A 13 20.88 1.27 28.33
CA LEU A 13 20.17 2.54 28.68
C LEU A 13 19.40 3.18 27.50
N LEU A 14 20.03 3.39 26.33
CA LEU A 14 19.31 4.01 25.18
C LEU A 14 19.13 3.10 23.95
N ASP A 15 18.16 3.40 23.10
CA ASP A 15 17.95 2.67 21.84
C ASP A 15 18.15 3.65 20.66
N SER A 16 18.93 3.24 19.64
CA SER A 16 19.34 4.22 18.61
C SER A 16 18.23 4.47 17.60
N ARG A 17 17.31 3.53 17.54
CA ARG A 17 16.19 3.61 16.62
C ARG A 17 15.18 4.64 17.09
N PHE A 18 14.85 4.56 18.35
CA PHE A 18 13.79 5.36 18.92
C PHE A 18 14.32 6.62 19.64
N GLY A 19 15.63 6.74 19.79
CA GLY A 19 16.22 7.87 20.50
C GLY A 19 15.47 8.02 21.80
N ALA A 20 15.45 6.94 22.58
CA ALA A 20 14.70 6.91 23.83
C ALA A 20 15.24 5.81 24.69
N LYS A 21 14.84 5.84 25.97
CA LYS A 21 15.10 4.73 26.90
C LYS A 21 14.84 3.41 26.17
N SER A 22 15.74 2.47 26.43
CA SER A 22 15.85 1.19 25.76
C SER A 22 14.97 0.14 26.38
N ILE A 23 14.22 -0.53 25.52
CA ILE A 23 13.49 -1.71 25.89
C ILE A 23 14.19 -2.95 25.32
N SER A 24 14.69 -3.79 26.21
CA SER A 24 15.32 -5.01 25.84
C SER A 24 14.23 -6.10 25.76
N THR A 25 14.30 -6.98 24.75
CA THR A 25 13.43 -8.15 24.70
C THR A 25 14.08 -9.33 25.40
N ILE A 26 15.40 -9.27 25.54
CA ILE A 26 16.20 -10.33 26.12
C ILE A 26 16.23 -10.22 27.65
N ALA A 27 16.26 -9.01 28.18
CA ALA A 27 16.12 -8.86 29.63
C ALA A 27 14.64 -9.11 30.01
N GLU A 28 14.45 -9.83 31.12
CA GLU A 28 13.11 -10.33 31.52
C GLU A 28 12.30 -10.87 30.31
N SER A 29 13.00 -11.60 29.44
CA SER A 29 12.32 -12.42 28.47
C SER A 29 11.78 -13.62 29.24
N LYS A 30 11.97 -13.60 30.55
CA LYS A 30 11.65 -14.73 31.37
C LYS A 30 10.31 -14.55 32.09
N ARG A 31 9.82 -13.32 32.22
CA ARG A 31 8.48 -13.15 32.76
C ARG A 31 7.51 -12.38 31.88
N PHE A 32 6.23 -12.48 32.22
CA PHE A 32 5.21 -11.72 31.50
C PHE A 32 5.49 -10.21 31.70
N PRO A 33 5.49 -9.41 30.62
CA PRO A 33 5.84 -7.98 30.79
C PRO A 33 4.85 -7.27 31.71
N LEU A 34 5.34 -6.28 32.46
CA LEU A 34 4.53 -5.59 33.42
C LEU A 34 3.75 -4.46 32.79
N HIS A 35 4.39 -3.73 31.88
CA HIS A 35 3.85 -2.47 31.45
C HIS A 35 3.53 -2.50 30.00
N GLU A 36 2.69 -1.56 29.60
CA GLU A 36 2.46 -1.24 28.21
C GLU A 36 3.67 -0.57 27.62
N MET A 37 3.70 -0.63 26.30
CA MET A 37 4.74 -0.03 25.48
C MET A 37 3.97 0.51 24.22
N ARG A 38 4.48 1.54 23.56
CA ARG A 38 3.82 2.03 22.36
C ARG A 38 3.70 0.93 21.28
N ASP A 39 2.50 0.80 20.71
CA ASP A 39 2.20 -0.28 19.80
C ASP A 39 3.22 -0.35 18.69
N ASP A 40 3.53 0.81 18.10
CA ASP A 40 4.46 0.87 16.99
C ASP A 40 5.93 0.64 17.40
N VAL A 41 6.24 0.89 18.66
CA VAL A 41 7.52 0.50 19.18
C VAL A 41 7.60 -1.01 19.29
N ALA A 42 6.52 -1.64 19.75
CA ALA A 42 6.55 -3.11 19.91
C ALA A 42 6.67 -3.73 18.52
N PHE A 43 6.00 -3.11 17.55
CA PHE A 43 5.99 -3.60 16.20
C PHE A 43 7.39 -3.51 15.57
N GLN A 44 8.00 -2.32 15.64
CA GLN A 44 9.34 -2.15 15.06
C GLN A 44 10.35 -3.05 15.76
N ILE A 45 10.22 -3.24 17.10
CA ILE A 45 11.11 -4.17 17.83
C ILE A 45 11.03 -5.59 17.25
N ILE A 46 9.81 -6.12 17.14
CA ILE A 46 9.64 -7.45 16.59
C ILE A 46 10.06 -7.48 15.13
N ASN A 47 9.63 -6.48 14.35
CA ASN A 47 9.98 -6.45 12.93
C ASN A 47 11.48 -6.57 12.75
N ASP A 48 12.23 -5.76 13.51
CA ASP A 48 13.68 -5.80 13.45
C ASP A 48 14.24 -7.14 13.82
N GLU A 49 13.70 -7.80 14.84
CA GLU A 49 14.35 -9.06 15.17
C GLU A 49 14.08 -10.13 14.14
N LEU A 50 12.96 -10.00 13.46
CA LEU A 50 12.64 -10.92 12.41
C LEU A 50 13.62 -10.96 11.24
N TYR A 51 14.42 -9.89 11.02
CA TYR A 51 15.46 -9.92 9.99
C TYR A 51 16.49 -11.03 10.17
N LEU A 52 16.72 -11.45 11.41
CA LEU A 52 17.61 -12.54 11.70
C LEU A 52 17.04 -13.93 11.35
N ASP A 53 15.81 -14.02 10.85
CA ASP A 53 15.33 -15.29 10.31
C ASP A 53 15.89 -15.37 8.92
N GLY A 54 16.21 -16.56 8.44
CA GLY A 54 16.50 -16.73 7.00
C GLY A 54 15.27 -16.45 6.12
N ASN A 55 15.49 -16.30 4.81
CA ASN A 55 14.35 -16.23 3.91
C ASN A 55 14.08 -17.54 3.15
N ALA A 56 14.84 -18.58 3.50
CA ALA A 56 14.75 -19.89 2.82
C ALA A 56 15.00 -19.97 1.30
N ARG A 57 15.25 -18.86 0.62
CA ARG A 57 15.39 -18.93 -0.83
C ARG A 57 16.59 -19.78 -1.23
N GLN A 58 17.66 -19.72 -0.44
CA GLN A 58 18.78 -20.56 -0.70
C GLN A 58 18.75 -21.82 0.20
N ASN A 59 17.61 -22.05 0.83
CA ASN A 59 17.48 -23.25 1.60
C ASN A 59 17.02 -24.39 0.71
N LEU A 60 17.92 -25.33 0.49
CA LEU A 60 17.61 -26.42 -0.38
C LEU A 60 17.22 -27.70 0.36
N ALA A 61 16.94 -27.59 1.67
CA ALA A 61 16.54 -28.75 2.49
C ALA A 61 15.03 -28.89 2.58
N THR A 62 14.28 -27.83 2.47
CA THR A 62 12.85 -27.94 2.77
C THR A 62 12.01 -28.17 1.50
N PHE A 63 10.83 -28.75 1.69
CA PHE A 63 9.89 -29.02 0.62
C PHE A 63 8.79 -27.92 0.62
N CYS A 64 8.70 -27.21 1.74
CA CYS A 64 7.62 -26.26 2.02
C CYS A 64 7.73 -24.98 1.20
N GLN A 65 6.62 -24.44 0.74
CA GLN A 65 6.65 -23.32 -0.16
C GLN A 65 7.36 -22.12 0.44
N THR A 66 8.23 -21.49 -0.33
CA THR A 66 8.95 -20.31 0.14
C THR A 66 8.89 -19.22 -0.92
N TRP A 67 8.24 -19.44 -2.06
CA TRP A 67 8.19 -18.37 -3.04
C TRP A 67 7.05 -17.41 -2.61
N ASP A 68 6.96 -16.21 -3.19
CA ASP A 68 5.99 -15.19 -2.76
C ASP A 68 5.18 -14.70 -3.95
N ASP A 69 3.86 -14.68 -3.80
CA ASP A 69 2.99 -14.30 -4.84
C ASP A 69 2.12 -13.28 -4.18
N GLU A 70 2.01 -12.10 -4.76
CA GLU A 70 1.18 -11.07 -4.15
C GLU A 70 -0.29 -11.48 -3.93
N ASN A 71 -0.86 -12.20 -4.89
CA ASN A 71 -2.26 -12.61 -4.73
C ASN A 71 -2.43 -13.51 -3.51
N VAL A 72 -1.44 -14.38 -3.23
CA VAL A 72 -1.52 -15.27 -2.10
C VAL A 72 -1.42 -14.43 -0.82
N HIS A 73 -0.47 -13.49 -0.76
CA HIS A 73 -0.40 -12.53 0.34
C HIS A 73 -1.70 -11.81 0.57
N LYS A 74 -2.40 -11.40 -0.49
CA LYS A 74 -3.62 -10.62 -0.28
C LYS A 74 -4.69 -11.56 0.20
N LEU A 75 -4.70 -12.77 -0.33
CA LEU A 75 -5.69 -13.71 0.09
C LEU A 75 -5.43 -14.16 1.56
N MET A 76 -4.16 -14.39 1.96
CA MET A 76 -3.92 -14.74 3.36
C MET A 76 -4.39 -13.57 4.22
N ASP A 77 -4.07 -12.36 3.81
CA ASP A 77 -4.37 -11.19 4.64
C ASP A 77 -5.86 -10.97 4.87
N LEU A 78 -6.69 -11.10 3.82
CA LEU A 78 -8.18 -11.05 3.93
C LEU A 78 -8.81 -12.06 4.88
N SER A 79 -8.06 -13.16 5.09
CA SER A 79 -8.58 -14.40 5.69
C SER A 79 -8.08 -14.60 7.10
N ILE A 80 -7.32 -13.62 7.58
CA ILE A 80 -6.67 -13.71 8.88
C ILE A 80 -7.66 -14.12 10.00
N ASN A 81 -8.92 -13.71 9.89
CA ASN A 81 -9.93 -13.95 10.93
C ASN A 81 -11.01 -14.94 10.54
N LYS A 82 -10.87 -15.53 9.34
CA LYS A 82 -11.87 -16.44 8.84
C LYS A 82 -11.63 -17.80 9.45
N ASN A 83 -12.61 -18.23 10.25
CA ASN A 83 -12.46 -19.45 11.06
C ASN A 83 -12.92 -20.66 10.27
N TRP A 84 -11.95 -21.52 9.94
CA TRP A 84 -12.20 -22.70 9.15
C TRP A 84 -13.30 -23.59 9.77
N ILE A 85 -13.48 -23.55 11.11
CA ILE A 85 -14.42 -24.48 11.73
C ILE A 85 -15.80 -23.91 11.77
N ASP A 86 -15.89 -22.60 11.62
CA ASP A 86 -17.13 -21.91 11.80
C ASP A 86 -17.87 -21.79 10.48
N LYS A 87 -18.50 -22.88 10.08
CA LYS A 87 -19.20 -22.95 8.82
C LYS A 87 -20.32 -21.90 8.70
N GLU A 88 -20.95 -21.60 9.84
CA GLU A 88 -22.09 -20.77 9.94
C GLU A 88 -21.74 -19.30 9.66
N GLU A 89 -20.54 -18.87 10.05
CA GLU A 89 -20.19 -17.44 9.94
C GLU A 89 -19.39 -17.14 8.66
N TYR A 90 -18.70 -18.15 8.18
CA TYR A 90 -17.97 -18.04 6.95
C TYR A 90 -18.38 -19.18 6.00
N PRO A 91 -19.64 -19.11 5.48
CA PRO A 91 -20.18 -20.26 4.68
C PRO A 91 -19.47 -20.33 3.34
N GLN A 92 -18.92 -19.20 2.89
CA GLN A 92 -18.23 -19.21 1.62
C GLN A 92 -16.84 -19.84 1.70
N SER A 93 -16.11 -19.59 2.79
CA SER A 93 -14.84 -20.27 3.01
C SER A 93 -15.15 -21.77 3.14
N ALA A 94 -16.30 -22.10 3.69
CA ALA A 94 -16.62 -23.51 3.93
C ALA A 94 -16.83 -24.15 2.59
N ALA A 95 -17.53 -23.45 1.70
CA ALA A 95 -17.83 -23.95 0.35
C ALA A 95 -16.52 -24.15 -0.44
N ILE A 96 -15.60 -23.20 -0.33
CA ILE A 96 -14.32 -23.30 -1.00
C ILE A 96 -13.55 -24.51 -0.52
N ASP A 97 -13.53 -24.72 0.81
CA ASP A 97 -12.90 -25.90 1.38
C ASP A 97 -13.53 -27.20 0.82
N LEU A 98 -14.85 -27.27 0.74
CA LEU A 98 -15.44 -28.50 0.19
C LEU A 98 -15.06 -28.70 -1.27
N ARG A 99 -14.98 -27.63 -2.05
CA ARG A 99 -14.51 -27.75 -3.42
C ARG A 99 -13.15 -28.43 -3.43
N CYS A 100 -12.24 -27.94 -2.58
CA CYS A 100 -10.89 -28.44 -2.65
C CYS A 100 -10.84 -29.95 -2.23
N VAL A 101 -11.71 -30.40 -1.33
CA VAL A 101 -11.71 -31.79 -0.94
C VAL A 101 -12.10 -32.61 -2.15
N ASN A 102 -13.09 -32.11 -2.88
CA ASN A 102 -13.63 -32.85 -3.98
C ASN A 102 -12.59 -32.89 -5.07
N MET A 103 -11.86 -31.79 -5.27
CA MET A 103 -10.84 -31.73 -6.32
C MET A 103 -9.62 -32.61 -6.06
N VAL A 104 -9.17 -32.62 -4.81
CA VAL A 104 -8.09 -33.53 -4.38
C VAL A 104 -8.59 -34.98 -4.53
N ALA A 105 -9.80 -35.26 -4.05
CA ALA A 105 -10.38 -36.60 -4.25
C ALA A 105 -10.31 -37.01 -5.71
N ASP A 106 -10.82 -36.15 -6.58
CA ASP A 106 -10.81 -36.38 -8.01
C ASP A 106 -9.38 -36.59 -8.55
N LEU A 107 -8.48 -35.67 -8.22
CA LEU A 107 -7.09 -35.80 -8.61
C LEU A 107 -6.56 -37.23 -8.35
N TRP A 108 -7.00 -37.81 -7.23
CA TRP A 108 -6.48 -39.10 -6.77
C TRP A 108 -7.41 -40.28 -7.14
N HIS A 109 -8.32 -40.02 -8.10
CA HIS A 109 -9.29 -41.03 -8.56
C HIS A 109 -10.21 -41.66 -7.49
N ALA A 110 -10.55 -40.94 -6.42
CA ALA A 110 -11.59 -41.46 -5.47
C ALA A 110 -12.89 -41.84 -6.20
N PRO A 111 -13.51 -42.97 -5.84
CA PRO A 111 -14.82 -43.36 -6.42
C PRO A 111 -15.84 -42.21 -6.38
N ALA A 112 -16.77 -42.14 -7.31
CA ALA A 112 -17.82 -41.13 -7.22
C ALA A 112 -18.67 -41.41 -5.98
N PRO A 113 -18.79 -40.42 -5.09
CA PRO A 113 -19.59 -40.52 -3.87
C PRO A 113 -21.06 -40.68 -4.23
N LYS A 114 -21.81 -41.44 -3.44
CA LYS A 114 -23.27 -41.49 -3.64
C LYS A 114 -23.90 -40.09 -3.42
N ASN A 115 -23.51 -39.41 -2.33
CA ASN A 115 -24.08 -38.08 -1.95
C ASN A 115 -23.50 -36.79 -2.60
N GLY A 116 -22.50 -36.94 -3.48
CA GLY A 116 -21.88 -35.81 -4.21
C GLY A 116 -20.75 -35.07 -3.49
N GLN A 117 -20.38 -35.54 -2.31
CA GLN A 117 -19.28 -34.92 -1.60
C GLN A 117 -18.28 -36.02 -1.24
N ALA A 118 -17.03 -35.83 -1.61
CA ALA A 118 -15.96 -36.76 -1.25
C ALA A 118 -15.82 -36.83 0.25
N VAL A 119 -15.27 -37.92 0.73
CA VAL A 119 -15.00 -38.09 2.14
C VAL A 119 -13.54 -37.70 2.34
N GLY A 120 -13.30 -36.70 3.16
CA GLY A 120 -11.95 -36.17 3.35
C GLY A 120 -11.90 -34.84 4.03
N THR A 121 -10.70 -34.33 4.28
CA THR A 121 -10.64 -33.09 5.04
C THR A 121 -9.35 -32.39 4.81
N ASN A 122 -9.42 -31.07 4.77
CA ASN A 122 -8.28 -30.23 4.95
C ASN A 122 -7.71 -30.40 6.37
N THR A 123 -6.38 -30.30 6.48
CA THR A 123 -5.70 -30.34 7.72
C THR A 123 -4.67 -29.22 7.70
N ILE A 124 -4.01 -29.02 8.85
CA ILE A 124 -2.90 -28.08 8.99
C ILE A 124 -1.64 -28.52 8.20
N GLY A 125 -1.49 -29.83 8.00
CA GLY A 125 -0.36 -30.38 7.28
C GLY A 125 -0.47 -31.88 7.17
N SER A 126 0.61 -32.52 6.73
CA SER A 126 0.57 -33.96 6.53
C SER A 126 0.51 -34.73 7.82
N SER A 127 1.01 -34.10 8.89
CA SER A 127 1.08 -34.72 10.22
C SER A 127 -0.33 -35.07 10.73
N GLU A 128 -1.21 -34.06 10.83
CA GLU A 128 -2.58 -34.32 11.24
C GLU A 128 -3.24 -35.33 10.27
N ALA A 129 -3.10 -35.09 8.97
CA ALA A 129 -3.68 -35.97 8.00
C ALA A 129 -3.25 -37.46 8.20
N CYS A 130 -2.00 -37.70 8.57
CA CYS A 130 -1.50 -39.01 8.89
C CYS A 130 -2.17 -39.60 10.12
N MET A 131 -2.22 -38.82 11.21
CA MET A 131 -2.92 -39.24 12.39
C MET A 131 -4.34 -39.73 12.06
N LEU A 132 -5.02 -39.02 11.15
CA LEU A 132 -6.45 -39.30 10.86
C LEU A 132 -6.49 -40.59 10.09
N GLY A 133 -5.65 -40.66 9.06
CA GLY A 133 -5.42 -41.89 8.30
C GLY A 133 -5.12 -43.05 9.24
N GLY A 134 -4.25 -42.80 10.23
CA GLY A 134 -3.78 -43.87 11.10
C GLY A 134 -4.91 -44.30 12.02
N MET A 135 -5.53 -43.32 12.65
CA MET A 135 -6.65 -43.65 13.50
C MET A 135 -7.74 -44.42 12.74
N ALA A 136 -8.03 -44.03 11.50
CA ALA A 136 -9.04 -44.76 10.74
C ALA A 136 -8.61 -46.23 10.49
N MET A 137 -7.32 -46.39 10.12
CA MET A 137 -6.76 -47.70 9.91
C MET A 137 -6.94 -48.57 11.16
N LYS A 138 -6.56 -48.00 12.30
CA LYS A 138 -6.63 -48.73 13.52
C LYS A 138 -8.07 -49.17 13.81
N TRP A 139 -9.03 -48.25 13.58
CA TRP A 139 -10.43 -48.53 13.91
C TRP A 139 -11.00 -49.53 12.92
N ARG A 140 -10.60 -49.51 11.65
CA ARG A 140 -11.16 -50.51 10.74
C ARG A 140 -10.60 -51.87 11.14
N TRP A 141 -9.33 -51.91 11.51
CA TRP A 141 -8.71 -53.14 11.92
C TRP A 141 -9.33 -53.70 13.22
N ARG A 142 -9.62 -52.83 14.21
CA ARG A 142 -10.27 -53.29 15.46
C ARG A 142 -11.66 -53.88 15.20
N LYS A 143 -12.46 -53.23 14.34
CA LYS A 143 -13.77 -53.76 14.04
C LYS A 143 -13.65 -55.15 13.42
N ARG A 144 -12.66 -55.34 12.56
CA ARG A 144 -12.52 -56.60 11.88
C ARG A 144 -12.18 -57.72 12.88
N MET A 145 -11.26 -57.43 13.82
CA MET A 145 -10.90 -58.41 14.81
C MET A 145 -12.07 -58.69 15.76
N GLU A 146 -12.70 -57.64 16.28
CA GLU A 146 -13.84 -57.82 17.19
C GLU A 146 -14.91 -58.71 16.57
N ALA A 147 -15.21 -58.48 15.28
CA ALA A 147 -16.18 -59.30 14.56
C ALA A 147 -15.71 -60.74 14.49
N ALA A 148 -14.40 -60.93 14.24
CA ALA A 148 -13.77 -62.26 14.18
C ALA A 148 -13.34 -62.84 15.55
N GLY A 149 -13.69 -62.17 16.65
CA GLY A 149 -13.42 -62.68 18.00
C GLY A 149 -11.99 -62.61 18.52
N LYS A 150 -11.15 -61.83 17.86
CA LYS A 150 -9.73 -61.82 18.18
C LYS A 150 -9.28 -60.71 19.13
N PRO A 151 -8.19 -60.92 19.88
CA PRO A 151 -7.72 -59.83 20.72
C PRO A 151 -7.25 -58.64 19.89
N THR A 152 -7.40 -57.42 20.42
CA THR A 152 -7.12 -56.24 19.64
C THR A 152 -6.07 -55.40 20.33
N ASP A 153 -5.32 -56.04 21.23
CA ASP A 153 -4.41 -55.26 22.09
C ASP A 153 -2.97 -55.14 21.54
N LYS A 154 -2.71 -55.73 20.39
CA LYS A 154 -1.38 -55.63 19.83
C LYS A 154 -1.30 -55.14 18.37
N PRO A 155 -1.92 -53.99 18.04
CA PRO A 155 -1.84 -53.56 16.65
C PRO A 155 -0.41 -53.36 16.21
N ASN A 156 -0.12 -53.63 14.93
CA ASN A 156 1.14 -53.20 14.33
C ASN A 156 0.88 -52.50 13.00
N LEU A 157 1.88 -51.75 12.54
CA LEU A 157 1.84 -50.96 11.30
C LEU A 157 3.14 -51.18 10.52
N VAL A 158 3.01 -51.55 9.26
CA VAL A 158 4.13 -51.93 8.42
C VAL A 158 4.43 -50.84 7.40
N CYS A 159 5.70 -50.49 7.32
CA CYS A 159 6.09 -49.33 6.53
C CYS A 159 7.56 -49.40 6.17
N GLY A 160 7.99 -48.51 5.29
CA GLY A 160 9.41 -48.33 4.97
C GLY A 160 9.92 -47.11 5.71
N PRO A 161 10.87 -46.37 5.09
CA PRO A 161 11.52 -45.20 5.72
C PRO A 161 10.62 -43.95 5.83
N VAL A 162 9.66 -44.01 6.73
CA VAL A 162 8.60 -43.05 6.84
C VAL A 162 9.05 -41.73 7.43
N GLN A 163 8.26 -40.70 7.15
CA GLN A 163 8.42 -39.39 7.78
C GLN A 163 8.09 -39.52 9.28
N ILE A 164 8.48 -38.52 10.07
CA ILE A 164 8.47 -38.61 11.51
C ILE A 164 7.04 -38.69 12.05
N CYS A 165 6.07 -38.24 11.26
CA CYS A 165 4.66 -38.32 11.64
C CYS A 165 4.21 -39.78 11.89
N TRP A 166 4.85 -40.74 11.25
CA TRP A 166 4.45 -42.15 11.51
C TRP A 166 5.07 -42.64 12.79
N HIS A 167 6.23 -42.07 13.14
CA HIS A 167 6.81 -42.36 14.46
C HIS A 167 5.90 -41.84 15.59
N LYS A 168 5.49 -40.58 15.48
CA LYS A 168 4.53 -40.02 16.44
C LYS A 168 3.20 -40.78 16.44
N PHE A 169 2.73 -41.23 15.28
CA PHE A 169 1.48 -41.93 15.26
C PHE A 169 1.57 -43.22 16.08
N ALA A 170 2.61 -43.98 15.84
CA ALA A 170 2.80 -45.25 16.49
C ALA A 170 2.90 -45.05 18.00
N ARG A 171 3.70 -44.07 18.40
CA ARG A 171 3.91 -43.76 19.79
C ARG A 171 2.65 -43.28 20.47
N TYR A 172 2.04 -42.26 19.88
CA TYR A 172 0.88 -41.65 20.53
C TYR A 172 -0.39 -42.54 20.60
N TRP A 173 -0.50 -43.50 19.70
CA TRP A 173 -1.66 -44.32 19.66
C TRP A 173 -1.30 -45.79 19.92
N ASP A 174 -0.13 -46.04 20.50
CA ASP A 174 0.24 -47.37 20.97
C ASP A 174 0.09 -48.40 19.89
N VAL A 175 0.71 -48.16 18.73
CA VAL A 175 0.79 -49.17 17.66
C VAL A 175 2.29 -49.53 17.43
N GLU A 176 2.59 -50.79 17.23
CA GLU A 176 3.96 -51.21 16.97
C GLU A 176 4.37 -50.79 15.55
N LEU A 177 5.33 -49.90 15.44
CA LEU A 177 5.87 -49.55 14.15
C LEU A 177 6.79 -50.65 13.60
N ARG A 178 6.36 -51.35 12.57
CA ARG A 178 7.21 -52.33 11.91
C ARG A 178 7.93 -51.75 10.67
N GLU A 179 8.92 -50.90 10.93
CA GLU A 179 9.68 -50.23 9.89
C GLU A 179 10.67 -51.17 9.19
N ILE A 180 10.48 -51.37 7.87
CA ILE A 180 11.45 -52.11 7.08
C ILE A 180 12.73 -51.25 6.97
N PRO A 181 13.87 -51.78 7.43
CA PRO A 181 15.11 -50.98 7.49
C PRO A 181 15.70 -50.64 6.14
N MET A 182 16.25 -49.44 6.02
CA MET A 182 17.11 -49.18 4.88
C MET A 182 18.33 -50.12 4.84
N ARG A 183 18.67 -50.63 3.67
CA ARG A 183 19.95 -51.34 3.53
C ARG A 183 20.56 -51.16 2.14
N PRO A 184 21.88 -51.30 2.05
CA PRO A 184 22.58 -51.10 0.79
C PRO A 184 21.89 -51.84 -0.36
N GLY A 185 21.65 -51.17 -1.47
CA GLY A 185 21.01 -51.81 -2.59
C GLY A 185 19.50 -51.80 -2.47
N GLN A 186 19.00 -51.68 -1.24
CA GLN A 186 17.56 -51.67 -1.00
C GLN A 186 17.16 -50.64 0.05
N LEU A 187 16.90 -49.43 -0.40
CA LEU A 187 16.71 -48.32 0.51
C LEU A 187 15.27 -48.08 0.92
N PHE A 188 14.43 -49.09 0.74
CA PHE A 188 13.01 -48.88 0.77
C PHE A 188 12.25 -50.17 1.08
N MET A 189 10.95 -50.00 1.28
CA MET A 189 10.11 -51.13 1.60
C MET A 189 9.74 -51.89 0.33
N ASP A 190 10.37 -53.04 0.15
CA ASP A 190 10.10 -53.89 -0.98
C ASP A 190 9.00 -54.86 -0.56
N PRO A 191 8.31 -55.46 -1.55
CA PRO A 191 7.21 -56.39 -1.29
C PRO A 191 7.60 -57.59 -0.40
N LYS A 192 8.74 -58.22 -0.67
CA LYS A 192 9.16 -59.38 0.14
C LYS A 192 9.25 -59.02 1.66
N ARG A 193 10.07 -58.02 1.99
CA ARG A 193 10.23 -57.65 3.42
C ARG A 193 8.97 -57.11 4.05
N MET A 194 8.15 -56.42 3.25
CA MET A 194 6.86 -55.92 3.75
C MET A 194 6.04 -57.13 4.21
N ILE A 195 5.94 -58.12 3.32
CA ILE A 195 5.24 -59.34 3.60
C ILE A 195 5.80 -60.07 4.82
N GLU A 196 7.13 -60.12 5.03
CA GLU A 196 7.67 -60.86 6.20
C GLU A 196 7.13 -60.27 7.49
N ALA A 197 6.87 -58.96 7.49
CA ALA A 197 6.43 -58.19 8.66
C ALA A 197 4.92 -58.21 8.91
N CYS A 198 4.11 -58.62 7.92
CA CYS A 198 2.63 -58.62 8.06
C CYS A 198 2.10 -59.85 8.80
N ASP A 199 0.99 -59.69 9.52
CA ASP A 199 0.36 -60.77 10.23
C ASP A 199 -1.04 -60.24 10.61
N GLU A 200 -1.88 -61.02 11.26
CA GLU A 200 -3.24 -60.58 11.62
C GLU A 200 -3.28 -59.34 12.51
N ASN A 201 -2.15 -58.90 13.01
CA ASN A 201 -2.17 -57.71 13.83
C ASN A 201 -1.83 -56.43 13.08
N THR A 202 -1.49 -56.58 11.80
CA THR A 202 -1.13 -55.43 10.98
C THR A 202 -2.40 -54.62 10.70
N ILE A 203 -2.47 -53.36 11.12
CA ILE A 203 -3.65 -52.53 10.86
C ILE A 203 -3.62 -51.99 9.41
N GLY A 204 -2.43 -52.05 8.82
CA GLY A 204 -2.29 -51.46 7.51
C GLY A 204 -0.85 -51.34 7.08
N VAL A 205 -0.66 -51.06 5.79
CA VAL A 205 0.66 -50.82 5.25
C VAL A 205 0.73 -49.34 4.86
N VAL A 206 1.86 -48.68 5.07
CA VAL A 206 1.99 -47.30 4.64
C VAL A 206 3.15 -47.19 3.70
N PRO A 207 2.85 -47.14 2.39
CA PRO A 207 3.92 -46.85 1.45
C PRO A 207 4.11 -45.35 1.46
N THR A 208 5.36 -44.91 1.34
CA THR A 208 5.66 -43.49 1.28
C THR A 208 5.89 -43.11 -0.18
N PHE A 209 4.99 -42.31 -0.72
CA PHE A 209 5.10 -41.98 -2.12
C PHE A 209 5.92 -40.70 -2.24
N GLY A 210 7.23 -40.85 -2.07
CA GLY A 210 8.16 -39.75 -2.06
C GLY A 210 8.82 -39.73 -0.71
N VAL A 211 9.88 -40.54 -0.58
CA VAL A 211 10.53 -40.79 0.70
C VAL A 211 11.24 -39.53 1.01
N THR A 212 11.06 -39.02 2.22
CA THR A 212 11.69 -37.75 2.59
C THR A 212 13.20 -37.77 2.42
N TYR A 213 13.83 -38.86 2.86
CA TYR A 213 15.31 -38.93 2.93
C TYR A 213 16.07 -38.94 1.61
N THR A 214 15.47 -39.50 0.56
CA THR A 214 16.12 -39.81 -0.70
C THR A 214 15.40 -39.17 -1.90
N GLY A 215 14.10 -38.91 -1.77
CA GLY A 215 13.34 -38.44 -2.93
C GLY A 215 12.56 -39.45 -3.74
N ASN A 216 12.77 -40.75 -3.51
CA ASN A 216 12.19 -41.81 -4.36
C ASN A 216 10.78 -42.22 -3.96
N TYR A 217 10.05 -42.72 -4.94
CA TYR A 217 8.75 -43.23 -4.70
C TYR A 217 8.84 -44.68 -4.18
N GLU A 218 8.08 -45.03 -3.16
CA GLU A 218 7.77 -46.44 -2.99
C GLU A 218 6.49 -46.64 -3.78
N PHE A 219 6.55 -47.57 -4.71
CA PHE A 219 5.46 -47.75 -5.62
C PHE A 219 4.37 -48.63 -5.02
N PRO A 220 3.16 -48.08 -4.78
CA PRO A 220 2.10 -48.94 -4.19
C PRO A 220 1.70 -50.20 -4.99
N GLN A 221 1.83 -50.20 -6.32
CA GLN A 221 1.28 -51.33 -7.09
C GLN A 221 1.91 -52.71 -6.81
N PRO A 222 3.25 -52.84 -6.88
CA PRO A 222 3.76 -54.19 -6.56
C PRO A 222 3.47 -54.60 -5.11
N LEU A 223 3.43 -53.63 -4.19
CA LEU A 223 3.09 -53.92 -2.79
C LEU A 223 1.65 -54.39 -2.70
N HIS A 224 0.79 -53.76 -3.50
CA HIS A 224 -0.59 -54.15 -3.61
C HIS A 224 -0.77 -55.58 -4.19
N ASP A 225 -0.05 -55.94 -5.25
CA ASP A 225 -0.07 -57.33 -5.72
C ASP A 225 0.32 -58.33 -4.63
N ALA A 226 1.35 -57.96 -3.84
CA ALA A 226 1.83 -58.83 -2.78
C ALA A 226 0.81 -58.97 -1.64
N LEU A 227 0.09 -57.89 -1.33
CA LEU A 227 -0.98 -58.01 -0.34
C LEU A 227 -2.16 -58.86 -0.82
N ASP A 228 -2.41 -58.85 -2.14
CA ASP A 228 -3.48 -59.68 -2.74
C ASP A 228 -3.16 -61.15 -2.58
N LYS A 229 -1.93 -61.50 -2.97
CA LYS A 229 -1.45 -62.86 -2.82
C LYS A 229 -1.43 -63.32 -1.33
N PHE A 230 -1.18 -62.37 -0.43
CA PHE A 230 -1.10 -62.66 1.01
C PHE A 230 -2.48 -63.05 1.50
N GLN A 231 -3.49 -62.29 1.10
CA GLN A 231 -4.86 -62.63 1.42
C GLN A 231 -5.30 -64.01 0.86
N ALA A 232 -4.83 -64.31 -0.33
CA ALA A 232 -5.14 -65.60 -0.93
C ALA A 232 -4.47 -66.66 -0.10
N ASP A 233 -3.22 -66.41 0.29
CA ASP A 233 -2.40 -67.42 0.95
C ASP A 233 -2.77 -67.68 2.40
N THR A 234 -3.36 -66.68 3.08
CA THR A 234 -3.53 -66.72 4.55
C THR A 234 -4.90 -66.28 5.05
N GLY A 235 -5.72 -65.71 4.17
CA GLY A 235 -7.02 -65.13 4.54
C GLY A 235 -6.94 -63.74 5.18
N ILE A 236 -5.71 -63.29 5.44
CA ILE A 236 -5.47 -62.00 6.08
C ILE A 236 -5.61 -60.83 5.05
N ASP A 237 -6.52 -59.88 5.32
CA ASP A 237 -6.87 -58.83 4.34
C ASP A 237 -6.36 -57.46 4.81
N ILE A 238 -5.28 -56.99 4.22
CA ILE A 238 -4.59 -55.81 4.75
C ILE A 238 -4.65 -54.62 3.76
N ASP A 239 -4.95 -53.46 4.31
CA ASP A 239 -5.15 -52.28 3.51
C ASP A 239 -3.94 -51.36 3.58
N MET A 240 -4.02 -50.32 2.76
CA MET A 240 -2.94 -49.36 2.65
C MET A 240 -3.47 -47.95 2.92
N HIS A 241 -2.57 -47.09 3.38
CA HIS A 241 -2.80 -45.63 3.42
C HIS A 241 -1.56 -45.13 2.76
N ILE A 242 -1.72 -44.36 1.69
CA ILE A 242 -0.56 -43.85 0.99
C ILE A 242 -0.17 -42.50 1.59
N ASP A 243 1.06 -42.39 2.03
CA ASP A 243 1.57 -41.12 2.52
C ASP A 243 2.22 -40.48 1.29
N ALA A 244 1.49 -39.54 0.70
CA ALA A 244 1.88 -38.97 -0.54
C ALA A 244 2.22 -37.50 -0.30
N ALA A 245 2.85 -37.26 0.85
CA ALA A 245 3.15 -35.93 1.32
C ALA A 245 3.65 -35.04 0.19
N SER A 246 4.62 -35.52 -0.55
CA SER A 246 5.15 -34.81 -1.69
C SER A 246 4.58 -35.34 -2.99
N GLY A 247 4.58 -36.65 -3.17
CA GLY A 247 4.16 -37.23 -4.44
C GLY A 247 2.71 -36.95 -4.89
N GLY A 248 1.79 -36.77 -3.95
CA GLY A 248 0.41 -36.66 -4.38
C GLY A 248 0.09 -35.42 -5.23
N PHE A 249 0.97 -34.44 -5.27
CA PHE A 249 0.78 -33.30 -6.18
C PHE A 249 1.84 -33.28 -7.27
N LEU A 250 2.51 -34.44 -7.50
CA LEU A 250 3.47 -34.54 -8.58
C LEU A 250 2.98 -35.49 -9.65
N ALA A 251 2.90 -36.76 -9.26
CA ALA A 251 2.57 -37.84 -10.19
C ALA A 251 1.25 -37.62 -10.96
N PRO A 252 0.21 -37.10 -10.30
CA PRO A 252 -1.01 -37.03 -11.07
C PRO A 252 -0.92 -36.10 -12.28
N PHE A 253 0.09 -35.20 -12.31
CA PHE A 253 0.28 -34.26 -13.42
C PHE A 253 1.33 -34.71 -14.36
N VAL A 254 2.50 -35.16 -13.88
CA VAL A 254 3.60 -35.47 -14.81
C VAL A 254 3.72 -36.93 -15.14
N ALA A 255 2.93 -37.78 -14.46
CA ALA A 255 2.95 -39.26 -14.70
C ALA A 255 1.65 -39.97 -14.26
N PRO A 256 0.57 -39.72 -15.00
CA PRO A 256 -0.75 -40.24 -14.65
C PRO A 256 -0.77 -41.76 -14.77
N ASP A 257 0.20 -42.31 -15.49
CA ASP A 257 0.34 -43.77 -15.66
C ASP A 257 0.83 -44.49 -14.41
N ILE A 258 1.43 -43.79 -13.46
CA ILE A 258 1.76 -44.45 -12.22
C ILE A 258 0.47 -44.71 -11.40
N VAL A 259 0.14 -45.99 -11.20
CA VAL A 259 -1.08 -46.35 -10.53
C VAL A 259 -0.70 -46.51 -9.07
N TRP A 260 -1.00 -45.49 -8.24
CA TRP A 260 -0.54 -45.47 -6.86
C TRP A 260 -1.67 -45.09 -5.88
N ASP A 261 -2.86 -44.80 -6.40
CA ASP A 261 -3.85 -44.03 -5.67
C ASP A 261 -5.14 -44.85 -5.49
N PHE A 262 -6.31 -44.20 -5.43
CA PHE A 262 -7.51 -44.99 -5.23
C PHE A 262 -7.88 -45.95 -6.35
N ARG A 263 -7.12 -45.98 -7.45
CA ARG A 263 -7.34 -46.96 -8.54
C ARG A 263 -6.99 -48.35 -8.03
N LEU A 264 -6.22 -48.38 -6.93
CA LEU A 264 -5.86 -49.61 -6.21
C LEU A 264 -6.92 -49.92 -5.13
N PRO A 265 -7.61 -51.04 -5.23
CA PRO A 265 -8.69 -51.23 -4.23
C PRO A 265 -8.25 -51.22 -2.75
N ARG A 266 -7.03 -51.66 -2.42
CA ARG A 266 -6.65 -51.72 -0.99
C ARG A 266 -6.36 -50.35 -0.44
N VAL A 267 -6.09 -49.39 -1.32
CA VAL A 267 -5.81 -48.05 -0.86
C VAL A 267 -7.08 -47.44 -0.26
N LYS A 268 -7.13 -47.31 1.05
CA LYS A 268 -8.36 -46.87 1.68
C LYS A 268 -8.38 -45.39 2.03
N SER A 269 -7.18 -44.83 2.18
CA SER A 269 -7.01 -43.40 2.39
C SER A 269 -5.67 -42.92 1.84
N ILE A 270 -5.50 -41.60 1.69
CA ILE A 270 -4.30 -41.00 1.10
C ILE A 270 -4.12 -39.63 1.74
N SER A 271 -2.87 -39.21 1.98
CA SER A 271 -2.68 -37.91 2.58
C SER A 271 -1.57 -37.26 1.82
N ALA A 272 -1.58 -35.93 1.80
CA ALA A 272 -0.54 -35.15 1.15
C ALA A 272 -0.41 -33.81 1.84
N SER A 273 0.69 -33.11 1.58
CA SER A 273 0.87 -31.72 2.04
C SER A 273 0.52 -30.74 0.93
N GLY A 274 -0.43 -29.84 1.20
CA GLY A 274 -0.71 -28.77 0.27
C GLY A 274 0.47 -27.80 0.24
N HIS A 275 1.15 -27.67 1.39
CA HIS A 275 2.23 -26.66 1.51
C HIS A 275 3.59 -27.13 0.99
N LYS A 276 3.63 -28.33 0.41
CA LYS A 276 4.81 -28.71 -0.34
C LYS A 276 4.44 -28.53 -1.80
N PHE A 277 4.40 -29.60 -2.61
CA PHE A 277 4.12 -29.45 -4.04
C PHE A 277 2.69 -29.10 -4.44
N GLY A 278 1.80 -28.93 -3.44
CA GLY A 278 0.46 -28.45 -3.71
C GLY A 278 0.51 -26.96 -3.87
N LEU A 279 1.68 -26.40 -3.55
CA LEU A 279 1.98 -24.99 -3.77
C LEU A 279 1.20 -24.05 -2.83
N ALA A 280 0.40 -24.59 -1.90
CA ALA A 280 -0.26 -23.77 -0.90
C ALA A 280 0.75 -23.12 0.09
N PRO A 281 0.35 -22.06 0.80
CA PRO A 281 1.31 -21.60 1.83
C PRO A 281 1.29 -22.52 3.05
N LEU A 282 2.36 -22.51 3.85
CA LEU A 282 2.44 -23.26 5.13
C LEU A 282 1.12 -23.35 5.90
N GLY A 283 0.77 -24.55 6.35
CA GLY A 283 -0.46 -24.77 7.12
C GLY A 283 -1.62 -25.37 6.33
N CYS A 284 -1.34 -26.25 5.38
CA CYS A 284 -2.35 -26.90 4.58
C CYS A 284 -1.94 -28.33 4.24
N GLY A 285 -2.73 -29.28 4.73
CA GLY A 285 -2.63 -30.70 4.33
C GLY A 285 -3.99 -31.22 3.85
N TRP A 286 -3.98 -32.43 3.28
CA TRP A 286 -5.20 -33.07 2.79
C TRP A 286 -5.13 -34.51 3.10
N VAL A 287 -6.25 -35.03 3.59
CA VAL A 287 -6.43 -36.47 3.60
C VAL A 287 -7.80 -36.85 3.01
N ILE A 288 -7.78 -37.79 2.06
CA ILE A 288 -8.97 -38.36 1.47
C ILE A 288 -9.13 -39.88 1.80
N TRP A 289 -10.38 -40.27 2.13
CA TRP A 289 -10.87 -41.66 2.20
C TRP A 289 -11.57 -42.09 0.91
N ARG A 290 -11.56 -43.40 0.61
CA ARG A 290 -12.06 -43.96 -0.66
C ARG A 290 -13.55 -43.73 -0.74
N ASP A 291 -14.21 -43.88 0.40
CA ASP A 291 -15.66 -43.80 0.47
C ASP A 291 -16.07 -43.81 1.93
N GLU A 292 -17.34 -43.61 2.24
CA GLU A 292 -17.81 -43.65 3.64
C GLU A 292 -17.40 -44.93 4.40
N GLU A 293 -17.31 -46.10 3.74
CA GLU A 293 -16.96 -47.30 4.49
C GLU A 293 -15.51 -47.23 4.97
N ALA A 294 -14.70 -46.49 4.25
CA ALA A 294 -13.31 -46.34 4.64
C ALA A 294 -13.08 -45.48 5.92
N LEU A 295 -14.10 -44.70 6.34
CA LEU A 295 -13.98 -43.84 7.53
C LEU A 295 -14.97 -44.23 8.65
N PRO A 296 -14.46 -44.86 9.70
CA PRO A 296 -15.41 -45.27 10.76
C PRO A 296 -16.20 -44.08 11.29
N GLN A 297 -17.53 -44.17 11.32
CA GLN A 297 -18.36 -43.07 11.85
C GLN A 297 -18.07 -42.75 13.31
N GLU A 298 -17.50 -43.69 14.03
CA GLU A 298 -17.15 -43.45 15.41
C GLU A 298 -16.14 -42.29 15.56
N LEU A 299 -15.40 -41.96 14.50
CA LEU A 299 -14.37 -40.97 14.62
C LEU A 299 -14.88 -39.61 14.24
N VAL A 300 -16.04 -39.60 13.61
CA VAL A 300 -16.61 -38.35 13.10
C VAL A 300 -17.43 -37.70 14.21
N PHE A 301 -17.18 -36.42 14.48
CA PHE A 301 -18.04 -35.71 15.42
C PHE A 301 -18.95 -34.76 14.68
N ASN A 302 -20.24 -34.89 15.00
CA ASN A 302 -21.32 -34.07 14.45
C ASN A 302 -21.62 -32.96 15.43
N VAL A 303 -21.50 -31.72 14.96
CA VAL A 303 -21.98 -30.53 15.71
C VAL A 303 -23.15 -29.79 15.00
N ASP A 304 -24.04 -29.21 15.79
CA ASP A 304 -25.14 -28.40 15.22
C ASP A 304 -24.62 -27.03 14.82
N TYR A 305 -25.18 -26.52 13.75
CA TYR A 305 -25.09 -25.14 13.39
C TYR A 305 -26.45 -24.80 12.78
N LEU A 306 -26.69 -23.55 12.46
CA LEU A 306 -28.02 -23.16 11.98
C LEU A 306 -28.56 -23.95 10.77
N GLY A 307 -27.68 -24.34 9.86
CA GLY A 307 -28.09 -25.06 8.64
C GLY A 307 -28.07 -26.57 8.72
N GLY A 308 -28.25 -27.12 9.92
CA GLY A 308 -28.23 -28.57 10.11
C GLY A 308 -27.12 -29.01 11.04
N GLN A 309 -26.36 -30.01 10.62
CA GLN A 309 -25.14 -30.33 11.33
C GLN A 309 -24.03 -30.77 10.38
N ILE A 310 -22.79 -30.49 10.76
CA ILE A 310 -21.70 -30.97 9.90
C ILE A 310 -20.72 -31.83 10.68
N GLY A 311 -20.30 -32.94 10.05
CA GLY A 311 -19.33 -33.86 10.62
C GLY A 311 -17.90 -33.41 10.41
N THR A 312 -17.09 -33.46 11.46
CA THR A 312 -15.67 -33.21 11.33
C THR A 312 -14.84 -34.33 11.94
N PHE A 313 -13.82 -34.76 11.23
CA PHE A 313 -12.80 -35.63 11.81
C PHE A 313 -11.54 -34.83 11.72
N ALA A 314 -11.18 -34.15 12.83
CA ALA A 314 -10.04 -33.24 12.92
C ALA A 314 -9.41 -33.32 14.31
N ILE A 315 -8.12 -33.05 14.38
CA ILE A 315 -7.43 -32.99 15.63
C ILE A 315 -7.48 -31.54 16.02
N ASN A 316 -7.29 -30.66 15.03
CA ASN A 316 -7.39 -29.23 15.27
C ASN A 316 -8.87 -28.80 15.29
N PHE A 317 -9.18 -27.59 15.70
CA PHE A 317 -10.54 -27.12 15.69
C PHE A 317 -10.57 -25.70 15.06
N SER A 318 -10.62 -24.61 15.84
CA SER A 318 -10.54 -23.27 15.24
C SER A 318 -9.16 -23.04 14.64
N ARG A 319 -9.12 -22.39 13.48
CA ARG A 319 -7.86 -22.05 12.86
C ARG A 319 -8.26 -21.29 11.59
N PRO A 320 -7.30 -20.55 10.96
CA PRO A 320 -7.69 -19.69 9.83
C PRO A 320 -7.94 -20.43 8.48
N ALA A 321 -8.85 -19.90 7.66
CA ALA A 321 -9.26 -20.57 6.42
C ALA A 321 -8.41 -20.11 5.26
N GLY A 322 -7.43 -19.24 5.52
CA GLY A 322 -6.62 -18.68 4.47
C GLY A 322 -5.83 -19.65 3.61
N GLN A 323 -5.19 -20.64 4.22
CA GLN A 323 -4.39 -21.56 3.43
C GLN A 323 -5.27 -22.35 2.44
N VAL A 324 -6.47 -22.71 2.89
CA VAL A 324 -7.41 -23.44 2.07
C VAL A 324 -7.77 -22.53 0.93
N ILE A 325 -7.99 -21.25 1.24
CA ILE A 325 -8.37 -20.31 0.19
C ILE A 325 -7.27 -20.13 -0.81
N ALA A 326 -6.04 -19.99 -0.31
CA ALA A 326 -4.85 -19.93 -1.17
C ALA A 326 -4.65 -21.22 -2.02
N GLN A 327 -4.88 -22.37 -1.39
CA GLN A 327 -4.78 -23.65 -2.11
C GLN A 327 -5.73 -23.62 -3.31
N TYR A 328 -6.92 -23.09 -3.08
CA TYR A 328 -7.95 -23.02 -4.08
C TYR A 328 -7.51 -22.11 -5.21
N TYR A 329 -6.91 -20.96 -4.85
CA TYR A 329 -6.41 -20.01 -5.80
C TYR A 329 -5.43 -20.75 -6.73
N GLU A 330 -4.55 -21.57 -6.15
CA GLU A 330 -3.60 -22.32 -6.94
C GLU A 330 -4.34 -23.27 -7.86
N PHE A 331 -5.31 -24.02 -7.32
CA PHE A 331 -6.07 -24.97 -8.16
C PHE A 331 -6.71 -24.26 -9.37
N LEU A 332 -7.42 -23.15 -9.08
CA LEU A 332 -8.08 -22.34 -10.10
C LEU A 332 -7.11 -21.71 -11.10
N ARG A 333 -6.04 -21.08 -10.65
CA ARG A 333 -5.20 -20.41 -11.63
C ARG A 333 -4.40 -21.36 -12.54
N LEU A 334 -4.17 -22.60 -12.08
CA LEU A 334 -3.24 -23.55 -12.75
C LEU A 334 -4.00 -24.66 -13.48
N GLY A 335 -4.91 -25.31 -12.78
CA GLY A 335 -5.50 -26.52 -13.36
C GLY A 335 -4.46 -27.59 -13.57
N ARG A 336 -4.88 -28.68 -14.18
CA ARG A 336 -3.91 -29.70 -14.57
C ARG A 336 -2.82 -29.14 -15.45
N GLU A 337 -3.23 -28.27 -16.36
CA GLU A 337 -2.33 -27.77 -17.38
C GLU A 337 -1.21 -26.98 -16.73
N GLY A 338 -1.55 -26.11 -15.80
CA GLY A 338 -0.56 -25.29 -15.12
C GLY A 338 0.30 -26.08 -14.17
N TYR A 339 -0.33 -26.90 -13.32
CA TYR A 339 0.44 -27.76 -12.42
C TYR A 339 1.52 -28.62 -13.13
N THR A 340 1.19 -29.11 -14.33
CA THR A 340 2.07 -29.99 -15.08
C THR A 340 3.30 -29.20 -15.45
N LYS A 341 3.06 -27.99 -15.96
CA LYS A 341 4.15 -27.08 -16.28
C LYS A 341 4.95 -26.70 -15.06
N VAL A 342 4.30 -26.38 -13.94
CA VAL A 342 5.06 -25.98 -12.77
C VAL A 342 5.95 -27.14 -12.28
N GLN A 343 5.36 -28.31 -12.07
CA GLN A 343 6.13 -29.46 -11.60
C GLN A 343 7.22 -29.87 -12.61
N ASN A 344 6.93 -29.85 -13.91
CA ASN A 344 8.01 -30.11 -14.89
C ASN A 344 9.19 -29.14 -14.81
N ALA A 345 8.94 -27.86 -14.55
CA ALA A 345 10.04 -26.88 -14.35
C ALA A 345 10.93 -27.34 -13.21
N SER A 346 10.34 -27.93 -12.20
CA SER A 346 11.13 -28.34 -11.05
C SER A 346 11.89 -29.60 -11.30
N TYR A 347 11.27 -30.53 -12.00
CA TYR A 347 11.98 -31.73 -12.40
C TYR A 347 13.12 -31.40 -13.33
N GLN A 348 12.95 -30.41 -14.23
CA GLN A 348 14.03 -30.06 -15.13
C GLN A 348 15.27 -29.58 -14.36
N VAL A 349 15.04 -28.75 -13.34
CA VAL A 349 16.11 -28.25 -12.48
C VAL A 349 16.82 -29.40 -11.72
N ALA A 350 16.06 -30.32 -11.16
CA ALA A 350 16.66 -31.43 -10.50
C ALA A 350 17.50 -32.24 -11.53
N ALA A 351 16.95 -32.51 -12.69
CA ALA A 351 17.64 -33.42 -13.62
C ALA A 351 18.93 -32.80 -13.97
N TYR A 352 18.90 -31.49 -14.18
CA TYR A 352 20.07 -30.70 -14.54
C TYR A 352 21.17 -30.70 -13.47
N LEU A 353 20.77 -30.42 -12.22
CA LEU A 353 21.69 -30.53 -11.11
C LEU A 353 22.30 -31.91 -11.02
N ALA A 354 21.50 -32.95 -11.20
CA ALA A 354 21.97 -34.32 -11.09
C ALA A 354 23.03 -34.53 -12.13
N ASP A 355 22.67 -34.20 -13.34
CA ASP A 355 23.54 -34.32 -14.48
C ASP A 355 24.85 -33.57 -14.27
N GLU A 356 24.77 -32.32 -13.79
CA GLU A 356 25.96 -31.50 -13.67
C GLU A 356 26.84 -31.90 -12.50
N ILE A 357 26.22 -32.13 -11.35
CA ILE A 357 26.95 -32.53 -10.17
C ILE A 357 27.69 -33.83 -10.49
N ALA A 358 27.10 -34.69 -11.32
CA ALA A 358 27.75 -35.98 -11.55
C ALA A 358 29.22 -35.85 -12.02
N LYS A 359 29.53 -34.74 -12.68
CA LYS A 359 30.83 -34.50 -13.33
C LYS A 359 31.85 -33.96 -12.36
N LEU A 360 31.39 -33.63 -11.15
CA LEU A 360 32.27 -32.91 -10.24
C LEU A 360 32.93 -33.80 -9.19
N GLY A 361 32.45 -35.02 -9.03
CA GLY A 361 33.11 -35.88 -8.06
C GLY A 361 32.73 -37.32 -8.22
N PRO A 362 33.34 -38.21 -7.42
CA PRO A 362 33.09 -39.64 -7.53
C PRO A 362 31.84 -40.00 -6.77
N TYR A 363 30.70 -39.87 -7.41
CA TYR A 363 29.39 -39.98 -6.73
C TYR A 363 28.52 -41.14 -7.19
N GLU A 364 27.70 -41.63 -6.28
CA GLU A 364 26.66 -42.55 -6.66
C GLU A 364 25.29 -41.93 -6.38
N PHE A 365 24.41 -41.94 -7.38
CA PHE A 365 23.10 -41.30 -7.26
C PHE A 365 22.00 -42.23 -6.82
N ILE A 366 21.31 -41.85 -5.75
CA ILE A 366 20.11 -42.57 -5.30
C ILE A 366 18.84 -42.00 -5.96
N CYS A 367 18.88 -40.71 -6.30
CA CYS A 367 17.73 -40.01 -6.91
C CYS A 367 18.26 -38.92 -7.80
N THR A 368 17.70 -38.82 -9.00
CA THR A 368 18.24 -37.89 -10.00
C THR A 368 17.16 -36.99 -10.58
N GLY A 369 16.06 -36.79 -9.86
CA GLY A 369 15.01 -35.92 -10.33
C GLY A 369 14.25 -36.44 -11.53
N ARG A 370 14.09 -37.74 -11.63
CA ARG A 370 13.30 -38.30 -12.70
C ARG A 370 11.83 -38.46 -12.29
N PRO A 371 10.88 -37.91 -13.09
CA PRO A 371 9.43 -37.94 -12.80
C PRO A 371 8.81 -39.34 -12.69
N ASP A 372 9.46 -40.34 -13.25
CA ASP A 372 8.96 -41.74 -13.15
C ASP A 372 9.49 -42.45 -11.90
N GLU A 373 10.41 -41.80 -11.19
CA GLU A 373 11.05 -42.47 -10.07
C GLU A 373 10.72 -41.86 -8.71
N GLY A 374 10.31 -40.59 -8.72
CA GLY A 374 10.13 -39.85 -7.51
C GLY A 374 9.93 -38.37 -7.76
N ILE A 375 10.44 -37.57 -6.83
CA ILE A 375 10.09 -36.16 -6.75
C ILE A 375 11.25 -35.29 -7.24
N PRO A 376 11.04 -33.96 -7.36
CA PRO A 376 12.14 -33.17 -7.86
C PRO A 376 13.31 -33.05 -6.85
N ALA A 377 14.20 -34.01 -6.89
CA ALA A 377 15.26 -34.09 -5.89
C ALA A 377 16.54 -34.66 -6.50
N VAL A 378 17.65 -34.38 -5.87
CA VAL A 378 18.88 -35.04 -6.17
C VAL A 378 19.37 -35.61 -4.86
N CYS A 379 19.69 -36.89 -4.85
CA CYS A 379 20.24 -37.46 -3.65
C CYS A 379 21.42 -38.29 -4.10
N PHE A 380 22.58 -38.04 -3.50
CA PHE A 380 23.76 -38.81 -3.82
C PHE A 380 24.63 -38.98 -2.57
N LYS A 381 25.67 -39.81 -2.74
CA LYS A 381 26.67 -40.18 -1.71
C LYS A 381 28.00 -40.36 -2.41
N LEU A 382 29.06 -40.38 -1.61
CA LEU A 382 30.35 -40.71 -2.18
C LEU A 382 30.32 -42.16 -2.67
N LYS A 383 30.95 -42.43 -3.80
CA LYS A 383 31.18 -43.82 -4.20
C LYS A 383 31.98 -44.57 -3.10
N ASP A 384 31.55 -45.78 -2.75
CA ASP A 384 32.28 -46.63 -1.77
C ASP A 384 33.79 -46.68 -1.99
N GLY A 385 34.52 -46.41 -0.91
CA GLY A 385 36.00 -46.44 -0.93
C GLY A 385 36.65 -45.43 -1.86
N GLU A 386 35.92 -44.36 -2.15
CA GLU A 386 36.44 -43.31 -2.97
C GLU A 386 36.62 -42.14 -2.05
N ASP A 387 37.83 -41.59 -2.01
CA ASP A 387 38.15 -40.43 -1.14
C ASP A 387 38.59 -39.21 -1.96
N PRO A 388 37.68 -38.27 -2.18
CA PRO A 388 38.00 -37.12 -3.03
C PRO A 388 38.60 -35.95 -2.24
N GLY A 389 38.88 -36.18 -0.96
CA GLY A 389 39.52 -35.18 -0.12
C GLY A 389 38.52 -34.36 0.67
N TYR A 390 37.31 -34.88 0.85
CA TYR A 390 36.30 -34.20 1.69
C TYR A 390 35.16 -35.17 1.99
N THR A 391 34.34 -34.84 2.97
CA THR A 391 33.08 -35.52 3.13
C THR A 391 31.97 -34.57 2.68
N LEU A 392 30.75 -35.10 2.59
CA LEU A 392 29.68 -34.27 2.11
C LEU A 392 29.29 -33.28 3.18
N TYR A 393 29.50 -33.64 4.45
CA TYR A 393 29.41 -32.70 5.57
C TYR A 393 30.30 -31.50 5.33
N ASP A 394 31.55 -31.76 4.96
CA ASP A 394 32.48 -30.68 4.70
C ASP A 394 31.95 -29.77 3.59
N LEU A 395 31.47 -30.40 2.53
CA LEU A 395 30.98 -29.73 1.36
C LEU A 395 29.77 -28.92 1.74
N SER A 396 28.92 -29.49 2.58
CA SER A 396 27.76 -28.76 3.08
C SER A 396 28.19 -27.48 3.86
N GLU A 397 29.25 -27.54 4.65
CA GLU A 397 29.77 -26.33 5.33
C GLU A 397 30.24 -25.21 4.37
N ARG A 398 30.97 -25.58 3.34
CA ARG A 398 31.44 -24.63 2.33
C ARG A 398 30.25 -23.94 1.67
N LEU A 399 29.20 -24.71 1.42
CA LEU A 399 28.01 -24.19 0.76
C LEU A 399 27.22 -23.27 1.67
N ARG A 400 27.25 -23.50 2.99
CA ARG A 400 26.61 -22.53 3.92
C ARG A 400 27.35 -21.21 3.90
N LEU A 401 28.66 -21.22 3.61
CA LEU A 401 29.36 -19.95 3.53
C LEU A 401 29.00 -19.18 2.28
N ARG A 402 28.30 -19.81 1.34
CA ARG A 402 27.87 -19.06 0.16
C ARG A 402 26.36 -18.86 0.19
N GLY A 403 25.79 -19.04 1.38
CA GLY A 403 24.36 -18.81 1.65
C GLY A 403 23.44 -20.01 1.44
N TRP A 404 23.99 -21.15 1.05
CA TRP A 404 23.17 -22.31 0.70
C TRP A 404 23.03 -23.28 1.88
N GLN A 405 21.86 -23.83 2.05
CA GLN A 405 21.67 -24.89 2.99
C GLN A 405 21.38 -26.14 2.14
N VAL A 406 22.34 -27.05 2.09
CA VAL A 406 22.23 -28.27 1.30
C VAL A 406 22.55 -29.33 2.31
N PRO A 407 21.52 -30.00 2.83
CA PRO A 407 21.76 -30.88 3.97
C PRO A 407 22.60 -32.10 3.61
N ALA A 408 23.55 -32.39 4.49
CA ALA A 408 24.23 -33.68 4.45
C ALA A 408 23.80 -34.45 5.70
N PHE A 409 23.51 -35.75 5.52
CA PHE A 409 23.03 -36.59 6.61
C PHE A 409 23.27 -38.07 6.35
N THR A 410 23.03 -38.88 7.38
CA THR A 410 23.15 -40.33 7.27
C THR A 410 21.78 -40.95 6.99
N LEU A 411 21.82 -42.10 6.33
CA LEU A 411 20.66 -42.95 6.24
C LEU A 411 20.46 -43.76 7.54
N GLY A 412 19.36 -44.47 7.63
CA GLY A 412 19.13 -45.26 8.84
C GLY A 412 19.31 -46.75 8.66
N GLY A 413 18.68 -47.51 9.57
CA GLY A 413 18.74 -48.98 9.59
C GLY A 413 20.14 -49.54 9.44
N GLU A 414 20.36 -50.21 8.33
CA GLU A 414 21.58 -50.95 8.01
C GLU A 414 22.44 -50.13 7.01
N ALA A 415 21.96 -48.93 6.70
CA ALA A 415 22.66 -47.99 5.84
C ALA A 415 23.14 -46.80 6.68
N THR A 416 23.25 -47.06 7.98
CA THR A 416 23.54 -46.09 9.04
C THR A 416 24.94 -45.49 8.82
N ASP A 417 25.70 -46.18 7.97
CA ASP A 417 27.02 -45.84 7.49
C ASP A 417 27.10 -44.90 6.33
N ILE A 418 25.96 -44.68 5.65
CA ILE A 418 25.92 -43.94 4.39
C ILE A 418 25.57 -42.48 4.61
N VAL A 419 26.42 -41.61 4.07
CA VAL A 419 26.18 -40.18 4.19
C VAL A 419 25.71 -39.78 2.84
N VAL A 420 24.56 -39.10 2.83
CA VAL A 420 24.02 -38.56 1.60
C VAL A 420 23.86 -37.07 1.71
N MET A 421 23.85 -36.46 0.52
CA MET A 421 23.50 -35.07 0.34
C MET A 421 22.19 -35.09 -0.45
N ARG A 422 21.19 -34.33 -0.01
CA ARG A 422 19.92 -34.22 -0.69
C ARG A 422 19.67 -32.75 -1.09
N ILE A 423 19.35 -32.50 -2.36
CA ILE A 423 18.93 -31.16 -2.79
C ILE A 423 17.44 -31.18 -3.16
N MET A 424 16.62 -30.26 -2.63
CA MET A 424 15.22 -30.24 -3.05
C MET A 424 14.95 -29.11 -4.03
N CYS A 425 14.25 -29.41 -5.12
CA CYS A 425 13.96 -28.38 -6.09
C CYS A 425 12.51 -27.99 -5.98
N ARG A 426 12.29 -26.84 -5.38
CA ARG A 426 10.92 -26.45 -5.19
C ARG A 426 10.61 -25.20 -5.98
N ARG A 427 9.35 -24.80 -6.03
CA ARG A 427 8.99 -23.67 -6.86
C ARG A 427 9.80 -22.43 -6.40
N GLY A 428 10.31 -21.65 -7.34
CA GLY A 428 11.11 -20.45 -7.04
C GLY A 428 12.58 -20.73 -7.26
N PHE A 429 13.01 -21.97 -7.04
CA PHE A 429 14.40 -22.35 -7.34
C PHE A 429 14.59 -22.68 -8.85
N GLU A 430 14.66 -21.64 -9.65
CA GLU A 430 14.79 -21.82 -11.07
C GLU A 430 16.19 -22.11 -11.54
N MET A 431 16.23 -22.37 -12.84
CA MET A 431 17.41 -22.77 -13.56
C MET A 431 18.56 -21.78 -13.27
N ASP A 432 18.33 -20.47 -13.35
CA ASP A 432 19.40 -19.48 -12.98
C ASP A 432 19.99 -19.69 -11.59
N PHE A 433 19.14 -20.04 -10.64
CA PHE A 433 19.60 -20.29 -9.30
C PHE A 433 20.36 -21.62 -9.27
N ALA A 434 19.87 -22.63 -9.99
CA ALA A 434 20.68 -23.84 -10.11
C ALA A 434 22.07 -23.57 -10.66
N GLU A 435 22.22 -22.67 -11.66
CA GLU A 435 23.54 -22.31 -12.24
C GLU A 435 24.39 -21.72 -11.15
N LEU A 436 23.78 -20.83 -10.35
CA LEU A 436 24.52 -20.17 -9.32
C LEU A 436 24.98 -21.22 -8.30
N LEU A 437 24.11 -22.17 -7.98
CA LEU A 437 24.46 -23.23 -7.04
C LEU A 437 25.69 -23.96 -7.52
N LEU A 438 25.75 -24.23 -8.83
CA LEU A 438 26.81 -25.02 -9.37
C LEU A 438 28.13 -24.32 -9.30
N GLU A 439 28.13 -23.01 -9.60
CA GLU A 439 29.32 -22.17 -9.50
C GLU A 439 29.81 -22.24 -8.08
N ASP A 440 28.89 -22.17 -7.13
CA ASP A 440 29.26 -22.22 -5.72
C ASP A 440 29.74 -23.60 -5.32
N TYR A 441 29.16 -24.61 -5.97
CA TYR A 441 29.55 -25.96 -5.75
C TYR A 441 30.99 -26.17 -6.22
N LYS A 442 31.29 -25.71 -7.42
CA LYS A 442 32.66 -25.77 -7.93
C LYS A 442 33.63 -24.97 -7.06
N ALA A 443 33.24 -23.76 -6.66
CA ALA A 443 34.18 -22.95 -5.88
C ALA A 443 34.47 -23.62 -4.53
N SER A 444 33.49 -24.36 -4.03
CA SER A 444 33.66 -25.07 -2.79
C SER A 444 34.64 -26.23 -2.98
N LEU A 445 34.51 -26.94 -4.09
CA LEU A 445 35.41 -28.04 -4.34
C LEU A 445 36.86 -27.53 -4.33
N LYS A 446 37.09 -26.46 -5.08
CA LYS A 446 38.43 -25.91 -5.28
C LYS A 446 38.93 -25.53 -3.92
N TYR A 447 38.06 -24.91 -3.12
CA TYR A 447 38.49 -24.51 -1.79
C TYR A 447 38.91 -25.70 -0.94
N LEU A 448 38.06 -26.72 -0.90
CA LEU A 448 38.38 -27.94 -0.19
C LEU A 448 39.68 -28.58 -0.70
N SER A 449 39.93 -28.47 -1.99
CA SER A 449 41.14 -29.04 -2.57
C SER A 449 42.40 -28.21 -2.21
N ASP A 450 42.19 -26.93 -1.96
CA ASP A 450 43.28 -26.01 -1.63
C ASP A 450 43.57 -26.07 -0.15
N HIS A 451 42.57 -26.45 0.61
CA HIS A 451 42.76 -26.55 2.04
C HIS A 451 42.40 -27.97 2.48
N PRO A 452 43.30 -28.94 2.22
CA PRO A 452 42.99 -30.33 2.60
C PRO A 452 42.77 -30.53 4.12
N LYS A 453 43.32 -29.67 4.96
CA LYS A 453 43.04 -29.79 6.39
C LYS A 453 41.54 -29.82 6.72
N LEU A 454 40.67 -29.35 5.82
CA LEU A 454 39.21 -29.34 6.14
C LEU A 454 38.51 -30.73 6.27
N GLN A 455 39.10 -31.77 5.65
CA GLN A 455 38.55 -33.12 5.62
C GLN A 455 38.24 -33.69 6.99
N GLY A 456 36.99 -34.13 7.17
CA GLY A 456 36.62 -34.86 8.36
C GLY A 456 36.18 -34.00 9.51
N ILE A 457 36.48 -32.70 9.45
CA ILE A 457 36.09 -31.83 10.56
C ILE A 457 34.59 -31.90 10.81
N ALA A 458 33.76 -31.67 9.78
CA ALA A 458 32.31 -31.45 10.02
C ALA A 458 31.58 -32.76 10.23
N GLN A 459 30.62 -32.77 11.17
CA GLN A 459 30.07 -34.05 11.66
C GLN A 459 28.64 -34.04 12.21
N GLN A 460 27.83 -33.07 11.82
CA GLN A 460 26.51 -32.93 12.45
C GLN A 460 25.44 -32.93 11.38
N ASN A 461 24.52 -33.91 11.44
CA ASN A 461 23.42 -33.97 10.44
C ASN A 461 22.65 -32.63 10.42
N SER A 462 22.37 -32.16 9.19
CA SER A 462 21.38 -31.12 8.97
C SER A 462 19.98 -31.73 9.18
N PHE A 463 19.03 -30.86 9.52
CA PHE A 463 17.62 -31.20 9.71
C PHE A 463 17.12 -31.81 8.41
N LYS A 464 16.52 -32.99 8.51
CA LYS A 464 16.12 -33.75 7.33
C LYS A 464 14.62 -33.90 7.21
N HIS A 465 13.85 -33.48 8.21
CA HIS A 465 12.43 -33.88 8.26
C HIS A 465 11.40 -33.14 7.41
N THR A 466 11.68 -31.90 7.01
CA THR A 466 10.69 -31.17 6.19
C THR A 466 11.19 -29.92 5.51
N GLU B 12 11.67 -25.47 -24.60
CA GLU B 12 11.28 -26.70 -23.80
C GLU B 12 11.53 -26.58 -22.27
N LEU B 13 12.41 -25.66 -21.86
CA LEU B 13 12.62 -25.39 -20.45
C LEU B 13 11.51 -24.51 -19.96
N LEU B 14 10.99 -24.89 -18.80
CA LEU B 14 9.92 -24.11 -18.15
C LEU B 14 10.40 -23.44 -16.86
N ASP B 15 9.69 -22.40 -16.45
CA ASP B 15 9.93 -21.73 -15.18
C ASP B 15 8.74 -22.05 -14.23
N SER B 16 9.01 -22.41 -12.99
CA SER B 16 7.95 -22.91 -12.12
C SER B 16 7.12 -21.78 -11.53
N ARG B 17 7.71 -20.58 -11.54
CA ARG B 17 7.02 -19.36 -11.12
C ARG B 17 5.95 -18.99 -12.10
N PHE B 18 6.29 -19.00 -13.40
CA PHE B 18 5.45 -18.34 -14.39
C PHE B 18 4.61 -19.35 -15.12
N GLY B 19 4.88 -20.64 -14.88
CA GLY B 19 4.23 -21.71 -15.60
C GLY B 19 4.32 -21.44 -17.09
N ALA B 20 5.54 -21.30 -17.59
CA ALA B 20 5.74 -20.79 -18.93
C ALA B 20 7.19 -21.04 -19.34
N LYS B 21 7.47 -20.94 -20.64
CA LYS B 21 8.84 -21.06 -21.14
C LYS B 21 9.85 -20.23 -20.34
N SER B 22 10.99 -20.84 -20.07
CA SER B 22 11.98 -20.26 -19.20
C SER B 22 12.65 -19.01 -19.79
N ILE B 23 12.73 -17.95 -18.99
CA ILE B 23 13.60 -16.81 -19.32
C ILE B 23 14.78 -16.74 -18.34
N SER B 24 16.00 -16.77 -18.87
CA SER B 24 17.20 -16.85 -18.08
C SER B 24 17.97 -15.53 -18.19
N THR B 25 18.26 -14.92 -17.05
CA THR B 25 19.14 -13.76 -16.98
C THR B 25 20.60 -14.10 -17.31
N ILE B 26 20.99 -15.36 -17.17
CA ILE B 26 22.36 -15.78 -17.50
C ILE B 26 22.57 -16.07 -18.99
N ALA B 27 21.61 -16.73 -19.64
CA ALA B 27 21.58 -16.70 -21.12
C ALA B 27 21.40 -15.24 -21.62
N GLU B 28 22.14 -14.94 -22.69
CA GLU B 28 22.43 -13.55 -23.12
C GLU B 28 23.46 -12.91 -22.13
N SER B 29 22.97 -12.32 -21.02
CA SER B 29 23.76 -11.59 -19.98
C SER B 29 25.06 -10.93 -20.43
N LYS B 30 25.51 -11.29 -21.62
CA LYS B 30 26.67 -10.66 -22.23
C LYS B 30 26.32 -9.95 -23.54
N ARG B 31 25.20 -10.32 -24.19
CA ARG B 31 24.63 -9.44 -25.25
C ARG B 31 23.44 -8.66 -24.76
N PHE B 32 23.28 -7.45 -25.30
CA PHE B 32 22.07 -6.67 -25.07
C PHE B 32 20.91 -7.59 -25.45
N PRO B 33 19.90 -7.72 -24.59
CA PRO B 33 18.79 -8.60 -25.04
C PRO B 33 18.15 -8.12 -26.35
N LEU B 34 17.63 -9.08 -27.13
CA LEU B 34 16.92 -8.81 -28.37
C LEU B 34 15.44 -8.45 -28.21
N HIS B 35 14.75 -9.21 -27.37
CA HIS B 35 13.28 -9.21 -27.33
C HIS B 35 12.78 -8.55 -26.09
N GLU B 36 11.65 -7.88 -26.21
CA GLU B 36 10.88 -7.50 -25.05
C GLU B 36 10.49 -8.77 -24.28
N MET B 37 10.16 -8.54 -23.03
CA MET B 37 9.53 -9.52 -22.19
C MET B 37 8.49 -8.75 -21.38
N ARG B 38 7.49 -9.42 -20.83
CA ARG B 38 6.49 -8.70 -20.03
C ARG B 38 7.11 -8.05 -18.80
N ASP B 39 6.77 -6.78 -18.58
CA ASP B 39 7.26 -5.95 -17.48
C ASP B 39 7.19 -6.65 -16.10
N ASP B 40 6.06 -7.29 -15.81
CA ASP B 40 5.86 -7.87 -14.49
C ASP B 40 6.68 -9.13 -14.31
N VAL B 41 6.99 -9.78 -15.44
CA VAL B 41 7.88 -10.93 -15.43
C VAL B 41 9.31 -10.46 -15.22
N ALA B 42 9.71 -9.39 -15.89
CA ALA B 42 11.07 -8.89 -15.73
C ALA B 42 11.24 -8.47 -14.27
N PHE B 43 10.19 -7.83 -13.74
CA PHE B 43 10.22 -7.36 -12.37
C PHE B 43 10.39 -8.53 -11.42
N GLN B 44 9.56 -9.55 -11.55
CA GLN B 44 9.64 -10.65 -10.60
C GLN B 44 10.98 -11.36 -10.75
N ILE B 45 11.45 -11.49 -11.99
CA ILE B 45 12.76 -12.11 -12.22
C ILE B 45 13.86 -11.43 -11.40
N ILE B 46 13.89 -10.09 -11.44
CA ILE B 46 14.96 -9.34 -10.79
C ILE B 46 14.78 -9.33 -9.30
N ASN B 47 13.56 -9.03 -8.86
CA ASN B 47 13.20 -9.09 -7.45
C ASN B 47 13.65 -10.39 -6.81
N ASP B 48 13.32 -11.52 -7.45
CA ASP B 48 13.71 -12.83 -6.95
C ASP B 48 15.20 -12.97 -6.86
N GLU B 49 15.94 -12.43 -7.83
CA GLU B 49 17.39 -12.53 -7.69
C GLU B 49 17.99 -11.65 -6.58
N LEU B 50 17.30 -10.55 -6.27
CA LEU B 50 17.76 -9.66 -5.19
C LEU B 50 17.78 -10.31 -3.80
N TYR B 51 17.04 -11.40 -3.65
CA TYR B 51 17.10 -12.16 -2.39
C TYR B 51 18.50 -12.77 -2.15
N LEU B 52 19.34 -12.81 -3.17
CA LEU B 52 20.70 -13.30 -3.00
C LEU B 52 21.63 -12.28 -2.35
N ASP B 53 21.23 -11.01 -2.31
CA ASP B 53 21.97 -10.03 -1.52
C ASP B 53 21.68 -10.28 -0.05
N GLY B 54 22.59 -9.87 0.81
CA GLY B 54 22.36 -9.86 2.25
C GLY B 54 21.35 -8.82 2.70
N ASN B 55 20.98 -8.87 3.97
CA ASN B 55 20.25 -7.75 4.56
C ASN B 55 21.16 -6.65 5.18
N ALA B 56 22.45 -6.87 5.26
CA ALA B 56 23.30 -5.97 6.10
C ALA B 56 22.98 -5.82 7.59
N ARG B 57 21.82 -6.23 8.06
CA ARG B 57 21.53 -6.07 9.49
C ARG B 57 22.62 -6.76 10.32
N GLN B 58 23.15 -7.83 9.77
CA GLN B 58 24.10 -8.62 10.51
C GLN B 58 25.53 -8.41 10.01
N ASN B 59 25.70 -7.38 9.18
CA ASN B 59 26.98 -7.19 8.62
C ASN B 59 27.61 -6.10 9.44
N LEU B 60 28.58 -6.44 10.31
CA LEU B 60 29.11 -5.50 11.29
C LEU B 60 30.41 -4.85 10.81
N ALA B 61 30.65 -4.90 9.50
CA ALA B 61 31.79 -4.29 8.84
C ALA B 61 31.49 -2.87 8.39
N THR B 62 30.27 -2.63 7.92
CA THR B 62 29.99 -1.37 7.26
C THR B 62 29.67 -0.22 8.21
N PHE B 63 29.81 0.98 7.68
CA PHE B 63 29.57 2.20 8.40
C PHE B 63 28.23 2.77 7.92
N CYS B 64 27.75 2.24 6.79
CA CYS B 64 26.62 2.82 6.05
C CYS B 64 25.28 2.44 6.63
N GLN B 65 24.35 3.38 6.61
CA GLN B 65 23.01 3.15 7.14
C GLN B 65 22.38 1.92 6.52
N THR B 66 21.89 1.04 7.40
CA THR B 66 21.19 -0.17 6.99
C THR B 66 19.87 -0.42 7.73
N TRP B 67 19.41 0.53 8.52
CA TRP B 67 18.10 0.44 9.18
C TRP B 67 16.99 0.91 8.21
N ASP B 68 15.73 0.78 8.57
CA ASP B 68 14.65 1.17 7.64
C ASP B 68 13.62 1.89 8.50
N ASP B 69 13.08 2.97 7.96
CA ASP B 69 12.18 3.90 8.62
C ASP B 69 11.25 4.14 7.46
N GLU B 70 9.98 3.90 7.70
CA GLU B 70 8.95 4.05 6.65
C GLU B 70 8.97 5.50 6.03
N ASN B 71 9.19 6.50 6.88
CA ASN B 71 9.11 7.91 6.44
C ASN B 71 10.21 8.17 5.47
N VAL B 72 11.38 7.58 5.71
CA VAL B 72 12.54 7.77 4.86
C VAL B 72 12.28 7.06 3.54
N HIS B 73 11.69 5.86 3.60
CA HIS B 73 11.24 5.16 2.39
C HIS B 73 10.26 6.00 1.58
N LYS B 74 9.40 6.72 2.29
CA LYS B 74 8.37 7.51 1.62
C LYS B 74 8.96 8.70 0.93
N LEU B 75 9.93 9.36 1.60
CA LEU B 75 10.50 10.59 1.09
C LEU B 75 11.40 10.23 -0.11
N MET B 76 12.19 9.16 0.03
CA MET B 76 13.03 8.73 -1.05
C MET B 76 12.19 8.41 -2.26
N ASP B 77 11.03 7.78 -2.07
CA ASP B 77 10.24 7.33 -3.18
C ASP B 77 9.61 8.55 -3.94
N LEU B 78 9.14 9.54 -3.19
CA LEU B 78 8.66 10.86 -3.68
C LEU B 78 9.69 11.57 -4.51
N SER B 79 10.94 11.28 -4.19
CA SER B 79 12.08 12.00 -4.70
C SER B 79 12.83 11.35 -5.86
N ILE B 80 12.34 10.19 -6.31
CA ILE B 80 13.02 9.41 -7.33
C ILE B 80 13.42 10.29 -8.56
N ASN B 81 12.59 11.29 -8.90
CA ASN B 81 12.82 12.12 -10.09
C ASN B 81 13.24 13.55 -9.79
N LYS B 82 13.56 13.82 -8.53
CA LYS B 82 13.90 15.17 -8.15
C LYS B 82 15.38 15.37 -8.43
N ASN B 83 15.68 16.21 -9.43
CA ASN B 83 17.06 16.46 -9.87
C ASN B 83 17.79 17.47 -9.01
N TRP B 84 18.80 17.01 -8.28
CA TRP B 84 19.50 17.85 -7.33
C TRP B 84 20.14 19.07 -7.99
N ILE B 85 20.49 18.96 -9.26
CA ILE B 85 21.24 20.04 -9.90
C ILE B 85 20.27 21.05 -10.47
N ASP B 86 19.06 20.60 -10.76
CA ASP B 86 18.11 21.42 -11.45
C ASP B 86 17.26 22.29 -10.48
N LYS B 87 17.91 23.34 -9.98
CA LYS B 87 17.41 24.31 -9.02
C LYS B 87 16.12 24.95 -9.47
N GLU B 88 16.00 25.11 -10.78
CA GLU B 88 14.90 25.83 -11.41
C GLU B 88 13.61 24.98 -11.29
N GLU B 89 13.67 23.73 -11.74
CA GLU B 89 12.54 22.83 -11.69
C GLU B 89 12.19 22.36 -10.27
N TYR B 90 13.21 22.23 -9.41
CA TYR B 90 13.00 21.71 -8.07
C TYR B 90 13.53 22.69 -7.02
N PRO B 91 12.89 23.88 -6.95
CA PRO B 91 13.41 24.93 -6.08
C PRO B 91 13.36 24.59 -4.58
N GLN B 92 12.38 23.78 -4.17
CA GLN B 92 12.22 23.44 -2.74
C GLN B 92 13.25 22.42 -2.28
N SER B 93 13.58 21.48 -3.16
CA SER B 93 14.70 20.57 -2.95
C SER B 93 15.96 21.37 -2.76
N ALA B 94 16.20 22.32 -3.68
CA ALA B 94 17.25 23.33 -3.54
C ALA B 94 17.20 24.11 -2.21
N ALA B 95 16.05 24.61 -1.81
CA ALA B 95 16.02 25.35 -0.55
C ALA B 95 16.37 24.45 0.61
N ILE B 96 15.92 23.20 0.57
CA ILE B 96 16.16 22.28 1.66
C ILE B 96 17.63 21.90 1.78
N ASP B 97 18.28 21.63 0.63
CA ASP B 97 19.72 21.41 0.57
C ASP B 97 20.42 22.58 1.26
N LEU B 98 20.12 23.80 0.83
CA LEU B 98 20.72 24.97 1.44
C LEU B 98 20.53 25.02 2.96
N ARG B 99 19.34 24.69 3.47
CA ARG B 99 19.22 24.59 4.96
C ARG B 99 20.20 23.56 5.54
N CYS B 100 20.35 22.41 4.85
CA CYS B 100 21.25 21.39 5.35
C CYS B 100 22.70 21.89 5.43
N VAL B 101 23.13 22.68 4.43
CA VAL B 101 24.50 23.19 4.38
C VAL B 101 24.74 24.09 5.60
N ASN B 102 23.75 24.91 5.91
CA ASN B 102 23.82 25.80 7.05
C ASN B 102 23.83 25.04 8.37
N MET B 103 23.09 23.94 8.44
CA MET B 103 23.00 23.29 9.70
C MET B 103 24.28 22.53 9.98
N VAL B 104 24.87 21.90 8.97
CA VAL B 104 26.16 21.18 9.14
C VAL B 104 27.29 22.22 9.49
N ALA B 105 27.32 23.35 8.77
CA ALA B 105 28.30 24.42 9.08
C ALA B 105 28.19 24.82 10.56
N ASP B 106 26.97 25.08 11.01
CA ASP B 106 26.78 25.49 12.39
C ASP B 106 27.21 24.36 13.29
N LEU B 107 26.91 23.10 12.93
CA LEU B 107 27.30 21.97 13.80
C LEU B 107 28.82 21.96 14.08
N TRP B 108 29.56 22.41 13.09
CA TRP B 108 31.00 22.35 13.08
C TRP B 108 31.62 23.71 13.41
N HIS B 109 30.80 24.58 14.01
CA HIS B 109 31.21 25.90 14.48
C HIS B 109 31.86 26.75 13.39
N ALA B 110 31.37 26.66 12.13
CA ALA B 110 31.84 27.53 11.05
C ALA B 110 31.63 28.97 11.45
N PRO B 111 32.51 29.88 11.03
CA PRO B 111 32.22 31.30 11.32
C PRO B 111 30.94 31.75 10.62
N ALA B 112 30.15 32.58 11.32
CA ALA B 112 28.96 33.25 10.76
C ALA B 112 29.27 33.88 9.40
N PRO B 113 28.51 33.51 8.34
CA PRO B 113 28.69 34.06 6.98
C PRO B 113 28.06 35.44 6.78
N LYS B 114 28.80 36.35 6.12
CA LYS B 114 28.36 37.75 5.83
C LYS B 114 27.04 37.85 5.04
N ASN B 115 26.91 36.97 4.03
CA ASN B 115 25.72 36.91 3.17
C ASN B 115 24.63 35.91 3.65
N GLY B 116 24.81 35.36 4.85
CA GLY B 116 23.80 34.45 5.42
C GLY B 116 23.78 33.00 4.95
N GLN B 117 24.59 32.65 3.95
CA GLN B 117 24.63 31.28 3.46
C GLN B 117 26.04 30.72 3.71
N ALA B 118 26.11 29.61 4.43
CA ALA B 118 27.42 28.97 4.65
C ALA B 118 27.98 28.51 3.31
N VAL B 119 29.28 28.32 3.24
CA VAL B 119 29.95 27.86 2.03
C VAL B 119 30.13 26.37 2.08
N GLY B 120 29.53 25.67 1.15
CA GLY B 120 29.70 24.25 1.12
C GLY B 120 28.66 23.53 0.34
N THR B 121 28.74 22.21 0.33
CA THR B 121 27.87 21.50 -0.60
C THR B 121 27.52 20.09 -0.12
N ASN B 122 26.35 19.63 -0.56
CA ASN B 122 26.07 18.22 -0.57
C ASN B 122 26.92 17.46 -1.63
N THR B 123 27.24 16.19 -1.36
CA THR B 123 27.85 15.32 -2.32
C THR B 123 27.21 13.94 -2.15
N ILE B 124 27.52 13.04 -3.09
CA ILE B 124 27.07 11.67 -3.05
C ILE B 124 27.74 10.93 -1.89
N GLY B 125 28.92 11.38 -1.48
CA GLY B 125 29.59 10.69 -0.40
C GLY B 125 30.79 11.44 0.12
N SER B 126 31.50 10.82 1.08
CA SER B 126 32.77 11.38 1.52
C SER B 126 33.75 11.48 0.35
N SER B 127 33.75 10.44 -0.52
CA SER B 127 34.67 10.37 -1.59
C SER B 127 34.59 11.67 -2.42
N GLU B 128 33.43 12.05 -2.95
CA GLU B 128 33.36 13.32 -3.69
C GLU B 128 33.73 14.56 -2.81
N ALA B 129 33.14 14.64 -1.62
CA ALA B 129 33.51 15.67 -0.66
C ALA B 129 35.05 15.75 -0.40
N CYS B 130 35.73 14.61 -0.38
CA CYS B 130 37.19 14.65 -0.25
C CYS B 130 37.83 15.21 -1.52
N MET B 131 37.39 14.74 -2.69
CA MET B 131 37.88 15.34 -3.91
C MET B 131 37.74 16.87 -3.89
N LEU B 132 36.59 17.38 -3.47
CA LEU B 132 36.37 18.84 -3.51
C LEU B 132 37.28 19.59 -2.52
N GLY B 133 37.38 19.05 -1.31
CA GLY B 133 38.23 19.59 -0.29
C GLY B 133 39.66 19.57 -0.78
N GLY B 134 40.05 18.47 -1.42
CA GLY B 134 41.39 18.26 -1.95
C GLY B 134 41.75 19.32 -2.97
N MET B 135 40.87 19.46 -3.96
CA MET B 135 41.03 20.43 -5.02
C MET B 135 41.14 21.83 -4.45
N ALA B 136 40.31 22.12 -3.46
CA ALA B 136 40.35 23.44 -2.83
C ALA B 136 41.70 23.65 -2.06
N MET B 137 42.20 22.62 -1.41
CA MET B 137 43.52 22.70 -0.86
C MET B 137 44.52 23.04 -1.97
N LYS B 138 44.50 22.27 -3.04
CA LYS B 138 45.51 22.34 -4.06
C LYS B 138 45.51 23.73 -4.71
N TRP B 139 44.32 24.25 -4.98
CA TRP B 139 44.18 25.58 -5.56
C TRP B 139 44.59 26.68 -4.61
N ARG B 140 44.26 26.61 -3.32
CA ARG B 140 44.74 27.67 -2.38
C ARG B 140 46.26 27.69 -2.33
N TRP B 141 46.88 26.51 -2.24
CA TRP B 141 48.32 26.45 -2.21
C TRP B 141 48.93 26.96 -3.53
N ARG B 142 48.37 26.50 -4.63
CA ARG B 142 48.83 26.93 -5.95
C ARG B 142 48.78 28.44 -6.12
N LYS B 143 47.65 29.05 -5.77
CA LYS B 143 47.47 30.48 -5.93
C LYS B 143 48.42 31.25 -5.02
N ARG B 144 48.55 30.75 -3.80
CA ARG B 144 49.43 31.36 -2.83
C ARG B 144 50.88 31.33 -3.36
N MET B 145 51.30 30.20 -3.95
CA MET B 145 52.66 30.04 -4.46
C MET B 145 52.94 30.81 -5.74
N GLU B 146 51.99 30.78 -6.66
CA GLU B 146 52.03 31.63 -7.81
C GLU B 146 52.15 33.09 -7.45
N ALA B 147 51.45 33.53 -6.41
CA ALA B 147 51.49 34.94 -6.08
C ALA B 147 52.84 35.25 -5.46
N ALA B 148 53.55 34.22 -5.05
CA ALA B 148 54.89 34.42 -4.52
C ALA B 148 55.99 34.04 -5.55
N GLY B 149 55.61 33.77 -6.79
CA GLY B 149 56.56 33.49 -7.90
C GLY B 149 57.27 32.14 -7.88
N LYS B 150 56.65 31.15 -7.24
CA LYS B 150 57.32 29.88 -6.90
C LYS B 150 56.80 28.71 -7.70
N PRO B 151 57.65 27.67 -7.87
CA PRO B 151 57.20 26.48 -8.61
C PRO B 151 56.02 25.74 -7.93
N THR B 152 55.08 25.27 -8.74
CA THR B 152 53.85 24.67 -8.27
C THR B 152 53.62 23.21 -8.79
N ASP B 153 54.68 22.55 -9.24
CA ASP B 153 54.54 21.27 -9.91
C ASP B 153 54.82 20.08 -8.97
N LYS B 154 55.26 20.35 -7.74
CA LYS B 154 55.57 19.27 -6.80
C LYS B 154 54.69 19.28 -5.53
N PRO B 155 53.37 19.47 -5.69
CA PRO B 155 52.56 19.53 -4.45
C PRO B 155 52.50 18.18 -3.71
N ASN B 156 52.56 18.22 -2.38
CA ASN B 156 52.40 17.03 -1.53
C ASN B 156 51.22 17.21 -0.57
N LEU B 157 50.74 16.10 0.01
CA LEU B 157 49.65 16.07 1.01
C LEU B 157 50.09 15.16 2.18
N VAL B 158 50.05 15.70 3.40
CA VAL B 158 50.44 14.97 4.61
C VAL B 158 49.18 14.46 5.32
N CYS B 159 49.23 13.19 5.69
CA CYS B 159 48.07 12.49 6.30
C CYS B 159 48.48 11.28 7.10
N GLY B 160 47.51 10.77 7.84
CA GLY B 160 47.65 9.49 8.56
C GLY B 160 47.13 8.31 7.77
N PRO B 161 46.68 7.24 8.47
CA PRO B 161 46.08 6.02 7.86
C PRO B 161 44.72 6.34 7.27
N VAL B 162 44.82 6.93 6.10
CA VAL B 162 43.73 7.60 5.45
C VAL B 162 42.81 6.61 4.69
N GLN B 163 41.56 7.04 4.44
CA GLN B 163 40.53 6.26 3.75
C GLN B 163 40.90 6.21 2.30
N ILE B 164 40.38 5.27 1.53
CA ILE B 164 40.88 5.16 0.15
C ILE B 164 40.70 6.40 -0.73
N CYS B 165 39.71 7.23 -0.42
CA CYS B 165 39.51 8.47 -1.19
C CYS B 165 40.79 9.36 -1.29
N TRP B 166 41.63 9.31 -0.28
CA TRP B 166 42.80 10.15 -0.34
C TRP B 166 43.83 9.56 -1.28
N HIS B 167 43.83 8.24 -1.37
CA HIS B 167 44.78 7.61 -2.25
C HIS B 167 44.38 7.96 -3.68
N LYS B 168 43.09 7.81 -3.96
CA LYS B 168 42.48 8.20 -5.25
C LYS B 168 42.68 9.69 -5.61
N PHE B 169 42.37 10.59 -4.66
CA PHE B 169 42.69 12.01 -4.84
C PHE B 169 44.12 12.26 -5.27
N ALA B 170 45.06 11.63 -4.57
CA ALA B 170 46.47 11.84 -4.80
C ALA B 170 46.85 11.40 -6.21
N ARG B 171 46.40 10.22 -6.60
CA ARG B 171 46.71 9.66 -7.89
C ARG B 171 46.04 10.49 -9.00
N TYR B 172 44.75 10.79 -8.83
CA TYR B 172 43.97 11.45 -9.88
C TYR B 172 44.41 12.90 -10.12
N TRP B 173 44.90 13.56 -9.06
CA TRP B 173 45.27 14.97 -9.10
C TRP B 173 46.77 15.22 -9.01
N ASP B 174 47.59 14.15 -9.08
CA ASP B 174 49.05 14.30 -9.15
C ASP B 174 49.59 15.02 -7.93
N VAL B 175 49.23 14.54 -6.77
CA VAL B 175 49.75 15.09 -5.53
C VAL B 175 50.54 13.97 -4.85
N GLU B 176 51.75 14.27 -4.39
CA GLU B 176 52.50 13.28 -3.63
C GLU B 176 51.79 13.09 -2.30
N LEU B 177 51.26 11.88 -2.10
CA LEU B 177 50.72 11.43 -0.81
C LEU B 177 51.87 11.09 0.15
N ARG B 178 52.02 11.91 1.19
CA ARG B 178 52.99 11.62 2.23
C ARG B 178 52.28 11.02 3.41
N GLU B 179 52.09 9.69 3.37
CA GLU B 179 51.28 9.03 4.40
C GLU B 179 52.16 8.58 5.56
N ILE B 180 51.87 9.05 6.77
CA ILE B 180 52.60 8.62 7.95
C ILE B 180 52.17 7.19 8.23
N PRO B 181 53.10 6.23 8.15
CA PRO B 181 52.64 4.84 8.30
C PRO B 181 52.12 4.49 9.68
N MET B 182 51.14 3.60 9.76
CA MET B 182 50.90 2.90 11.06
C MET B 182 52.14 2.15 11.56
N ARG B 183 52.35 2.15 12.87
CA ARG B 183 53.35 1.26 13.44
C ARG B 183 52.86 0.85 14.80
N PRO B 184 53.25 -0.36 15.27
CA PRO B 184 52.77 -0.80 16.59
C PRO B 184 53.07 0.25 17.63
N GLY B 185 52.15 0.50 18.55
CA GLY B 185 52.27 1.58 19.53
C GLY B 185 51.58 2.87 19.10
N GLN B 186 51.58 3.10 17.79
CA GLN B 186 51.28 4.39 17.25
C GLN B 186 50.67 4.25 15.84
N LEU B 187 49.39 3.94 15.81
CA LEU B 187 48.70 3.54 14.62
C LEU B 187 48.03 4.73 13.94
N PHE B 188 48.74 5.87 13.88
CA PHE B 188 48.15 7.14 13.47
C PHE B 188 49.20 8.21 13.27
N MET B 189 48.75 9.32 12.69
CA MET B 189 49.60 10.48 12.49
C MET B 189 49.79 11.29 13.76
N ASP B 190 51.02 11.23 14.29
CA ASP B 190 51.44 11.99 15.46
C ASP B 190 52.12 13.26 14.93
N PRO B 191 52.14 14.35 15.74
CA PRO B 191 52.72 15.64 15.36
C PRO B 191 54.17 15.59 14.86
N LYS B 192 55.02 14.87 15.59
CA LYS B 192 56.42 14.80 15.20
C LYS B 192 56.53 14.31 13.76
N ARG B 193 55.95 13.14 13.45
CA ARG B 193 56.04 12.56 12.08
C ARG B 193 55.28 13.42 11.09
N MET B 194 54.18 14.05 11.54
CA MET B 194 53.51 15.01 10.67
C MET B 194 54.51 16.10 10.21
N ILE B 195 55.13 16.78 11.16
CA ILE B 195 56.05 17.88 10.84
C ILE B 195 57.25 17.43 9.99
N GLU B 196 57.90 16.33 10.37
CA GLU B 196 58.94 15.73 9.52
C GLU B 196 58.56 15.63 8.02
N ALA B 197 57.27 15.47 7.73
CA ALA B 197 56.80 15.34 6.37
C ALA B 197 56.42 16.69 5.73
N CYS B 198 56.28 17.74 6.53
CA CYS B 198 55.76 18.98 5.98
C CYS B 198 56.78 19.85 5.29
N ASP B 199 56.36 20.55 4.24
CA ASP B 199 57.22 21.59 3.64
C ASP B 199 56.40 22.60 2.88
N GLU B 200 57.10 23.51 2.20
CA GLU B 200 56.56 24.57 1.32
C GLU B 200 55.65 24.02 0.20
N ASN B 201 55.85 22.77 -0.18
CA ASN B 201 55.00 22.19 -1.18
C ASN B 201 53.80 21.41 -0.59
N THR B 202 53.65 21.41 0.74
CA THR B 202 52.58 20.69 1.42
C THR B 202 51.25 21.44 1.23
N ILE B 203 50.28 20.88 0.50
CA ILE B 203 49.08 21.64 0.20
C ILE B 203 48.16 21.70 1.41
N GLY B 204 48.36 20.78 2.35
CA GLY B 204 47.56 20.71 3.56
C GLY B 204 47.82 19.45 4.37
N VAL B 205 47.39 19.42 5.62
CA VAL B 205 47.42 18.20 6.39
C VAL B 205 45.99 17.67 6.50
N VAL B 206 45.83 16.36 6.40
CA VAL B 206 44.50 15.78 6.52
C VAL B 206 44.38 14.82 7.68
N PRO B 207 43.98 15.30 8.87
CA PRO B 207 43.71 14.39 10.01
C PRO B 207 42.41 13.55 9.73
N THR B 208 42.32 12.34 10.24
CA THR B 208 41.13 11.54 9.99
C THR B 208 40.43 11.46 11.32
N PHE B 209 39.28 12.07 11.37
CA PHE B 209 38.60 12.17 12.64
C PHE B 209 37.69 10.97 12.77
N GLY B 210 38.32 9.82 12.98
CA GLY B 210 37.65 8.55 12.88
C GLY B 210 38.35 7.69 11.84
N VAL B 211 39.48 7.11 12.23
CA VAL B 211 40.26 6.29 11.32
C VAL B 211 39.46 5.05 11.02
N THR B 212 39.33 4.79 9.71
CA THR B 212 38.53 3.69 9.17
C THR B 212 38.93 2.36 9.81
N TYR B 213 40.22 2.13 9.90
CA TYR B 213 40.68 0.78 10.21
C TYR B 213 40.56 0.48 11.69
N THR B 214 40.53 1.52 12.52
CA THR B 214 40.54 1.30 13.95
C THR B 214 39.37 1.91 14.68
N GLY B 215 38.80 2.98 14.17
CA GLY B 215 37.73 3.66 14.86
C GLY B 215 38.16 4.77 15.80
N ASN B 216 39.47 4.94 15.94
CA ASN B 216 40.05 5.97 16.76
C ASN B 216 40.09 7.28 15.99
N TYR B 217 39.93 8.37 16.74
CA TYR B 217 40.06 9.72 16.24
C TYR B 217 41.54 10.09 16.18
N GLU B 218 42.02 10.64 15.07
CA GLU B 218 43.22 11.47 15.11
C GLU B 218 42.80 12.83 15.64
N PHE B 219 43.43 13.31 16.72
CA PHE B 219 43.08 14.62 17.34
C PHE B 219 43.72 15.83 16.62
N PRO B 220 42.89 16.68 16.00
CA PRO B 220 43.48 17.76 15.23
C PRO B 220 44.24 18.81 16.04
N GLN B 221 43.85 19.02 17.29
CA GLN B 221 44.41 20.08 18.10
C GLN B 221 45.95 20.02 18.32
N PRO B 222 46.48 18.87 18.77
CA PRO B 222 47.93 18.81 18.97
C PRO B 222 48.65 18.97 17.63
N LEU B 223 48.07 18.38 16.58
CA LEU B 223 48.62 18.57 15.27
C LEU B 223 48.59 20.05 14.91
N HIS B 224 47.47 20.75 15.24
CA HIS B 224 47.31 22.19 14.99
C HIS B 224 48.42 23.01 15.63
N ASP B 225 48.73 22.69 16.88
CA ASP B 225 49.72 23.36 17.66
C ASP B 225 51.04 23.16 16.98
N ALA B 226 51.27 21.96 16.44
CA ALA B 226 52.54 21.69 15.78
C ALA B 226 52.69 22.50 14.51
N LEU B 227 51.59 22.77 13.81
CA LEU B 227 51.62 23.63 12.62
C LEU B 227 51.84 25.14 12.92
N ASP B 228 51.24 25.62 14.01
CA ASP B 228 51.58 26.93 14.54
C ASP B 228 53.07 27.06 14.83
N LYS B 229 53.64 26.10 15.54
CA LYS B 229 55.09 26.16 15.80
C LYS B 229 55.87 26.08 14.48
N PHE B 230 55.31 25.38 13.52
CA PHE B 230 56.01 25.19 12.28
C PHE B 230 56.05 26.51 11.52
N GLN B 231 54.93 27.20 11.49
CA GLN B 231 54.89 28.53 10.97
C GLN B 231 55.86 29.54 11.68
N ALA B 232 55.87 29.54 13.02
CA ALA B 232 56.72 30.40 13.81
C ALA B 232 58.19 30.16 13.40
N ASP B 233 58.57 28.89 13.26
CA ASP B 233 59.93 28.47 12.95
C ASP B 233 60.38 28.64 11.51
N THR B 234 59.47 28.55 10.55
CA THR B 234 59.91 28.50 9.14
C THR B 234 59.20 29.48 8.23
N GLY B 235 58.12 30.08 8.70
CA GLY B 235 57.29 30.91 7.83
C GLY B 235 56.27 30.13 6.99
N ILE B 236 56.36 28.80 6.99
CA ILE B 236 55.44 28.01 6.18
C ILE B 236 54.11 27.83 6.90
N ASP B 237 53.04 28.23 6.22
CA ASP B 237 51.73 28.33 6.80
C ASP B 237 50.78 27.26 6.24
N ILE B 238 50.61 26.17 6.95
CA ILE B 238 49.93 25.04 6.36
C ILE B 238 48.54 24.89 6.97
N ASP B 239 47.57 24.70 6.10
CA ASP B 239 46.20 24.52 6.55
C ASP B 239 45.76 23.05 6.66
N MET B 240 44.58 22.83 7.22
CA MET B 240 44.02 21.49 7.35
C MET B 240 42.65 21.34 6.65
N HIS B 241 42.38 20.12 6.19
CA HIS B 241 41.02 19.64 5.90
C HIS B 241 40.82 18.38 6.76
N ILE B 242 39.75 18.37 7.54
CA ILE B 242 39.53 17.27 8.45
C ILE B 242 38.69 16.28 7.73
N ASP B 243 39.16 15.03 7.63
CA ASP B 243 38.26 14.00 7.11
C ASP B 243 37.42 13.44 8.29
N ALA B 244 36.17 13.87 8.35
CA ALA B 244 35.30 13.50 9.44
C ALA B 244 34.22 12.60 8.91
N ALA B 245 34.57 11.78 7.92
CA ALA B 245 33.65 10.78 7.36
C ALA B 245 32.70 10.26 8.41
N SER B 246 33.26 9.74 9.51
CA SER B 246 32.50 9.21 10.60
C SER B 246 32.34 10.14 11.80
N GLY B 247 33.43 10.75 12.27
CA GLY B 247 33.36 11.50 13.57
C GLY B 247 32.58 12.79 13.47
N GLY B 248 32.32 13.27 12.24
CA GLY B 248 31.69 14.57 12.03
C GLY B 248 30.25 14.57 12.48
N PHE B 249 29.64 13.40 12.64
CA PHE B 249 28.29 13.41 13.22
C PHE B 249 28.28 12.66 14.54
N LEU B 250 29.41 12.62 15.23
CA LEU B 250 29.45 11.93 16.53
C LEU B 250 29.85 12.90 17.66
N ALA B 251 31.13 13.29 17.63
CA ALA B 251 31.67 14.26 18.61
C ALA B 251 30.79 15.52 18.85
N PRO B 252 30.17 16.09 17.79
CA PRO B 252 29.49 17.31 18.20
C PRO B 252 28.31 17.07 19.16
N PHE B 253 27.82 15.84 19.24
CA PHE B 253 26.73 15.47 20.10
C PHE B 253 27.19 14.78 21.37
N VAL B 254 28.17 13.88 21.29
CA VAL B 254 28.57 13.12 22.49
C VAL B 254 29.87 13.59 23.09
N ALA B 255 30.64 14.43 22.38
CA ALA B 255 31.85 14.97 22.97
C ALA B 255 32.12 16.39 22.51
N PRO B 256 31.22 17.33 22.85
CA PRO B 256 31.44 18.64 22.20
C PRO B 256 32.76 19.40 22.54
N ASP B 257 33.40 19.06 23.66
CA ASP B 257 34.64 19.69 24.12
C ASP B 257 35.91 19.27 23.40
N ILE B 258 35.82 18.20 22.60
CA ILE B 258 36.95 17.85 21.73
C ILE B 258 36.99 18.96 20.67
N VAL B 259 38.04 19.78 20.67
CA VAL B 259 38.19 20.87 19.71
C VAL B 259 38.87 20.32 18.46
N TRP B 260 38.09 20.16 17.39
CA TRP B 260 38.54 19.48 16.19
C TRP B 260 38.15 20.17 14.90
N ASP B 261 37.21 21.12 14.99
CA ASP B 261 36.51 21.67 13.81
C ASP B 261 36.90 23.11 13.49
N PHE B 262 35.99 23.91 12.93
CA PHE B 262 36.35 25.28 12.52
C PHE B 262 36.73 26.22 13.68
N ARG B 263 36.60 25.77 14.91
CA ARG B 263 37.20 26.45 16.03
C ARG B 263 38.72 26.54 15.82
N LEU B 264 39.31 25.69 14.98
CA LEU B 264 40.75 25.74 14.80
C LEU B 264 41.03 26.55 13.56
N PRO B 265 41.72 27.68 13.71
CA PRO B 265 41.90 28.57 12.58
C PRO B 265 42.37 27.83 11.33
N ARG B 266 43.31 26.91 11.46
CA ARG B 266 43.88 26.33 10.26
C ARG B 266 42.92 25.39 9.59
N VAL B 267 41.84 25.02 10.25
CA VAL B 267 40.90 24.14 9.59
C VAL B 267 40.14 24.96 8.57
N LYS B 268 40.40 24.68 7.31
CA LYS B 268 39.79 25.46 6.25
C LYS B 268 38.58 24.76 5.64
N SER B 269 38.50 23.43 5.79
CA SER B 269 37.31 22.72 5.32
C SER B 269 37.19 21.43 6.06
N ILE B 270 35.96 20.92 6.12
CA ILE B 270 35.69 19.63 6.75
C ILE B 270 34.71 18.82 5.93
N SER B 271 34.87 17.50 5.96
CA SER B 271 33.93 16.61 5.26
C SER B 271 33.49 15.48 6.15
N ALA B 272 32.30 14.94 5.84
CA ALA B 272 31.68 13.91 6.61
C ALA B 272 30.68 13.12 5.72
N SER B 273 30.31 11.90 6.11
CA SER B 273 29.37 11.13 5.33
C SER B 273 28.04 11.22 6.03
N GLY B 274 27.03 11.74 5.31
CA GLY B 274 25.70 11.80 5.82
C GLY B 274 25.18 10.36 5.93
N HIS B 275 25.66 9.46 5.07
CA HIS B 275 25.16 8.05 5.11
C HIS B 275 25.90 7.11 6.07
N LYS B 276 26.81 7.66 6.85
CA LYS B 276 27.35 6.92 7.97
C LYS B 276 26.56 7.41 9.16
N PHE B 277 27.21 8.03 10.13
CA PHE B 277 26.55 8.50 11.35
C PHE B 277 25.67 9.73 11.25
N GLY B 278 25.61 10.34 10.06
CA GLY B 278 24.67 11.43 9.82
C GLY B 278 23.28 10.85 9.67
N LEU B 279 23.21 9.51 9.55
CA LEU B 279 21.92 8.76 9.54
C LEU B 279 21.14 8.85 8.22
N ALA B 280 21.66 9.57 7.23
CA ALA B 280 21.07 9.59 5.90
C ALA B 280 21.18 8.24 5.17
N PRO B 281 20.31 7.96 4.18
CA PRO B 281 20.55 6.79 3.30
C PRO B 281 21.77 6.96 2.38
N LEU B 282 22.24 5.85 1.81
CA LEU B 282 23.35 5.83 0.85
C LEU B 282 23.17 6.87 -0.19
N GLY B 283 24.24 7.64 -0.41
CA GLY B 283 24.26 8.69 -1.44
C GLY B 283 24.22 10.07 -0.86
N CYS B 284 24.88 10.28 0.30
CA CYS B 284 24.87 11.58 0.90
C CYS B 284 26.13 11.89 1.67
N GLY B 285 26.88 12.88 1.20
CA GLY B 285 28.08 13.33 1.88
C GLY B 285 27.99 14.84 2.00
N TRP B 286 28.86 15.45 2.81
CA TRP B 286 28.87 16.91 2.96
C TRP B 286 30.28 17.48 2.97
N VAL B 287 30.47 18.66 2.40
CA VAL B 287 31.71 19.37 2.66
C VAL B 287 31.40 20.85 2.95
N ILE B 288 31.97 21.36 4.05
CA ILE B 288 31.85 22.77 4.40
C ILE B 288 33.25 23.40 4.40
N TRP B 289 33.31 24.63 3.86
CA TRP B 289 34.53 25.46 3.96
C TRP B 289 34.32 26.51 5.01
N ARG B 290 35.41 26.98 5.62
CA ARG B 290 35.36 28.00 6.68
C ARG B 290 34.59 29.30 6.35
N ASP B 291 34.75 29.77 5.11
CA ASP B 291 34.22 31.07 4.63
C ASP B 291 34.52 31.17 3.10
N GLU B 292 34.22 32.28 2.45
CA GLU B 292 34.45 32.33 1.00
C GLU B 292 35.92 32.19 0.61
N GLU B 293 36.81 32.72 1.44
CA GLU B 293 38.21 32.68 1.09
C GLU B 293 38.72 31.26 1.04
N ALA B 294 38.12 30.36 1.80
CA ALA B 294 38.66 29.02 1.89
C ALA B 294 38.32 28.21 0.64
N LEU B 295 37.53 28.81 -0.25
CA LEU B 295 37.04 28.12 -1.43
C LEU B 295 37.33 28.96 -2.66
N PRO B 296 38.39 28.59 -3.40
CA PRO B 296 38.78 29.39 -4.53
C PRO B 296 37.69 29.36 -5.57
N GLN B 297 37.18 30.54 -5.91
CA GLN B 297 36.11 30.74 -6.89
C GLN B 297 36.37 30.09 -8.24
N GLU B 298 37.63 29.92 -8.61
CA GLU B 298 37.96 29.27 -9.88
C GLU B 298 37.30 27.87 -10.00
N LEU B 299 37.12 27.16 -8.88
CA LEU B 299 36.54 25.81 -8.84
C LEU B 299 35.01 25.78 -8.94
N VAL B 300 34.37 26.90 -8.61
CA VAL B 300 32.93 27.03 -8.68
C VAL B 300 32.50 27.35 -10.12
N PHE B 301 31.55 26.58 -10.63
CA PHE B 301 30.92 26.86 -11.94
C PHE B 301 29.55 27.49 -11.76
N ASN B 302 29.38 28.69 -12.36
CA ASN B 302 28.08 29.39 -12.47
C ASN B 302 27.32 29.06 -13.74
N VAL B 303 26.21 28.33 -13.60
CA VAL B 303 25.27 28.13 -14.73
C VAL B 303 24.15 29.20 -14.75
N ASP B 304 23.65 29.52 -15.95
CA ASP B 304 22.39 30.27 -16.05
C ASP B 304 21.09 29.46 -15.78
N TYR B 305 20.16 30.10 -15.06
CA TYR B 305 18.77 29.63 -14.87
C TYR B 305 17.86 30.88 -14.80
N LEU B 306 16.54 30.73 -14.72
CA LEU B 306 15.62 31.91 -14.71
C LEU B 306 15.72 32.93 -13.51
N GLY B 307 15.91 32.45 -12.29
CA GLY B 307 16.14 33.37 -11.14
C GLY B 307 17.55 33.95 -10.98
N GLY B 308 18.35 33.89 -12.05
CA GLY B 308 19.74 34.38 -12.04
C GLY B 308 20.76 33.30 -12.37
N GLN B 309 21.70 33.06 -11.48
CA GLN B 309 22.66 31.97 -11.67
C GLN B 309 23.08 31.36 -10.36
N ILE B 310 23.24 30.04 -10.32
CA ILE B 310 23.85 29.44 -9.13
C ILE B 310 25.20 28.75 -9.41
N GLY B 311 26.10 28.97 -8.47
CA GLY B 311 27.40 28.38 -8.52
C GLY B 311 27.39 27.02 -7.87
N THR B 312 28.01 26.04 -8.55
CA THR B 312 28.20 24.73 -7.93
C THR B 312 29.64 24.29 -7.96
N PHE B 313 30.02 23.61 -6.89
CA PHE B 313 31.30 22.92 -6.86
C PHE B 313 30.97 21.46 -6.70
N ALA B 314 31.00 20.73 -7.81
CA ALA B 314 30.65 19.30 -7.77
C ALA B 314 31.44 18.52 -8.78
N ILE B 315 31.76 17.30 -8.47
CA ILE B 315 32.21 16.41 -9.51
C ILE B 315 31.02 15.82 -10.26
N ASN B 316 29.94 15.50 -9.57
CA ASN B 316 28.74 14.95 -10.24
C ASN B 316 27.90 16.09 -10.82
N PHE B 317 26.79 15.75 -11.45
CA PHE B 317 25.90 16.78 -12.02
C PHE B 317 24.44 16.38 -11.74
N SER B 318 23.67 15.88 -12.70
CA SER B 318 22.34 15.40 -12.33
C SER B 318 22.40 14.16 -11.42
N ARG B 319 21.55 14.16 -10.39
CA ARG B 319 21.38 13.03 -9.46
C ARG B 319 20.18 13.38 -8.55
N PRO B 320 19.57 12.37 -7.90
CA PRO B 320 18.30 12.56 -7.22
C PRO B 320 18.50 13.25 -5.87
N ALA B 321 17.48 13.97 -5.44
CA ALA B 321 17.60 14.85 -4.29
C ALA B 321 17.11 14.20 -2.99
N GLY B 322 16.57 13.00 -3.09
CA GLY B 322 16.06 12.28 -1.94
C GLY B 322 16.93 12.12 -0.71
N GLN B 323 18.20 11.77 -0.90
CA GLN B 323 19.06 11.62 0.30
C GLN B 323 19.19 12.99 1.04
N VAL B 324 19.20 14.07 0.29
CA VAL B 324 19.29 15.34 0.93
C VAL B 324 18.05 15.53 1.79
N ILE B 325 16.93 15.07 1.23
CA ILE B 325 15.63 15.41 1.76
C ILE B 325 15.47 14.54 2.99
N ALA B 326 15.98 13.32 2.90
CA ALA B 326 15.98 12.40 4.02
C ALA B 326 16.88 12.89 5.16
N GLN B 327 18.07 13.42 4.79
CA GLN B 327 19.01 13.93 5.77
C GLN B 327 18.34 15.06 6.50
N TYR B 328 17.60 15.88 5.76
CA TYR B 328 16.82 16.93 6.37
C TYR B 328 15.85 16.37 7.43
N TYR B 329 15.13 15.35 7.04
CA TYR B 329 14.16 14.72 7.92
C TYR B 329 14.85 14.30 9.22
N GLU B 330 16.05 13.70 9.11
CA GLU B 330 16.78 13.34 10.29
C GLU B 330 17.13 14.57 11.13
N PHE B 331 17.61 15.65 10.48
CA PHE B 331 17.98 16.84 11.20
C PHE B 331 16.75 17.43 11.95
N LEU B 332 15.63 17.60 11.24
CA LEU B 332 14.39 18.09 11.86
C LEU B 332 13.83 17.19 12.94
N ARG B 333 13.76 15.88 12.69
CA ARG B 333 13.08 15.03 13.66
C ARG B 333 13.88 14.84 14.94
N LEU B 334 15.20 14.88 14.82
CA LEU B 334 16.06 14.61 15.99
C LEU B 334 16.66 15.88 16.64
N GLY B 335 17.30 16.74 15.85
CA GLY B 335 18.05 17.87 16.45
C GLY B 335 19.18 17.41 17.38
N ARG B 336 19.81 18.33 18.10
CA ARG B 336 20.99 17.96 18.88
C ARG B 336 20.61 16.93 19.91
N GLU B 337 19.47 17.17 20.57
CA GLU B 337 19.01 16.34 21.63
C GLU B 337 18.78 14.88 21.15
N GLY B 338 18.20 14.72 19.96
CA GLY B 338 17.91 13.42 19.40
C GLY B 338 19.18 12.74 18.93
N TYR B 339 20.03 13.48 18.24
CA TYR B 339 21.30 12.92 17.79
C TYR B 339 22.10 12.43 18.99
N THR B 340 22.05 13.18 20.06
CA THR B 340 22.83 12.86 21.22
C THR B 340 22.42 11.51 21.78
N LYS B 341 21.10 11.27 21.84
CA LYS B 341 20.55 9.99 22.35
C LYS B 341 20.87 8.85 21.39
N VAL B 342 20.77 9.15 20.10
CA VAL B 342 20.99 8.13 19.08
C VAL B 342 22.44 7.66 19.03
N GLN B 343 23.38 8.60 19.03
CA GLN B 343 24.79 8.25 18.99
C GLN B 343 25.24 7.57 20.30
N ASN B 344 24.77 8.06 21.45
CA ASN B 344 25.16 7.46 22.74
C ASN B 344 24.68 6.05 22.86
N ALA B 345 23.48 5.77 22.36
CA ALA B 345 23.00 4.38 22.33
C ALA B 345 23.96 3.45 21.58
N SER B 346 24.49 3.89 20.42
CA SER B 346 25.49 3.08 19.72
C SER B 346 26.80 2.95 20.54
N TYR B 347 27.18 4.02 21.23
CA TYR B 347 28.35 3.96 22.09
C TYR B 347 28.16 2.96 23.23
N GLN B 348 26.95 2.91 23.79
CA GLN B 348 26.63 1.93 24.80
C GLN B 348 26.76 0.50 24.22
N VAL B 349 26.27 0.31 23.02
CA VAL B 349 26.48 -1.00 22.41
C VAL B 349 27.98 -1.37 22.30
N ALA B 350 28.75 -0.43 21.78
CA ALA B 350 30.14 -0.72 21.49
C ALA B 350 30.90 -0.96 22.82
N ALA B 351 30.69 -0.09 23.80
CA ALA B 351 31.35 -0.23 25.10
C ALA B 351 31.00 -1.56 25.75
N TYR B 352 29.75 -1.96 25.60
CA TYR B 352 29.31 -3.20 26.18
C TYR B 352 29.96 -4.41 25.52
N LEU B 353 30.10 -4.39 24.21
CA LEU B 353 30.77 -5.46 23.48
C LEU B 353 32.27 -5.53 23.83
N ALA B 354 32.95 -4.39 23.83
CA ALA B 354 34.34 -4.32 24.27
C ALA B 354 34.52 -5.03 25.59
N ASP B 355 33.66 -4.73 26.54
CA ASP B 355 33.79 -5.30 27.86
C ASP B 355 33.56 -6.79 27.77
N GLU B 356 32.53 -7.18 27.02
CA GLU B 356 32.14 -8.58 27.07
C GLU B 356 33.14 -9.44 26.31
N ILE B 357 33.54 -8.95 25.14
CA ILE B 357 34.49 -9.72 24.31
C ILE B 357 35.80 -9.92 25.08
N ALA B 358 36.24 -8.86 25.78
CA ALA B 358 37.45 -8.91 26.57
C ALA B 358 37.51 -10.13 27.49
N LYS B 359 36.37 -10.60 27.95
CA LYS B 359 36.33 -11.68 28.91
C LYS B 359 36.51 -13.05 28.25
N LEU B 360 36.56 -13.09 26.91
CA LEU B 360 36.41 -14.38 26.23
C LEU B 360 37.66 -14.96 25.58
N GLY B 361 38.74 -14.21 25.58
CA GLY B 361 39.97 -14.69 24.99
C GLY B 361 41.02 -13.64 25.23
N PRO B 362 42.26 -13.94 24.87
CA PRO B 362 43.43 -13.10 25.15
C PRO B 362 43.57 -11.96 24.16
N TYR B 363 42.84 -10.87 24.37
CA TYR B 363 42.83 -9.77 23.40
C TYR B 363 43.48 -8.47 23.83
N GLU B 364 44.13 -7.83 22.88
CA GLU B 364 44.62 -6.47 23.09
C GLU B 364 43.61 -5.54 22.37
N PHE B 365 43.01 -4.59 23.08
CA PHE B 365 42.13 -3.61 22.44
C PHE B 365 42.78 -2.33 21.87
N ILE B 366 42.37 -1.99 20.65
CA ILE B 366 42.76 -0.75 19.99
C ILE B 366 41.67 0.35 20.13
N CYS B 367 40.43 -0.08 20.28
CA CYS B 367 39.32 0.83 20.29
C CYS B 367 38.18 0.12 21.01
N THR B 368 37.60 0.80 21.99
CA THR B 368 36.64 0.12 22.86
C THR B 368 35.31 0.90 22.94
N GLY B 369 34.97 1.67 21.91
CA GLY B 369 33.73 2.45 21.91
C GLY B 369 33.63 3.61 22.89
N ARG B 370 34.76 4.13 23.35
CA ARG B 370 34.67 5.29 24.23
C ARG B 370 34.49 6.53 23.38
N PRO B 371 33.47 7.34 23.70
CA PRO B 371 33.13 8.58 22.97
C PRO B 371 34.23 9.65 22.99
N ASP B 372 35.11 9.59 23.95
CA ASP B 372 36.17 10.63 23.96
C ASP B 372 37.39 10.19 23.10
N GLU B 373 37.30 9.03 22.43
CA GLU B 373 38.45 8.45 21.73
C GLU B 373 38.21 8.17 20.27
N GLY B 374 36.94 8.03 19.90
CA GLY B 374 36.58 7.60 18.59
C GLY B 374 35.09 7.29 18.44
N ILE B 375 34.81 6.49 17.43
CA ILE B 375 33.49 6.22 16.93
C ILE B 375 32.97 4.95 17.63
N PRO B 376 31.66 4.66 17.54
CA PRO B 376 31.18 3.41 18.19
C PRO B 376 31.70 2.15 17.47
N ALA B 377 32.98 1.83 17.70
CA ALA B 377 33.58 0.61 17.15
C ALA B 377 34.33 -0.13 18.21
N VAL B 378 34.40 -1.45 18.04
CA VAL B 378 35.28 -2.27 18.83
C VAL B 378 36.30 -2.82 17.85
N CYS B 379 37.58 -2.52 18.14
CA CYS B 379 38.71 -3.00 17.35
C CYS B 379 39.77 -3.63 18.28
N PHE B 380 40.13 -4.87 17.97
CA PHE B 380 41.01 -5.65 18.81
C PHE B 380 41.82 -6.67 18.02
N LYS B 381 42.90 -7.13 18.65
CA LYS B 381 43.77 -8.15 18.12
C LYS B 381 44.00 -9.17 19.21
N LEU B 382 44.45 -10.34 18.83
CA LEU B 382 44.95 -11.26 19.81
C LEU B 382 46.17 -10.66 20.45
N LYS B 383 46.27 -10.82 21.76
CA LYS B 383 47.52 -10.55 22.48
C LYS B 383 48.68 -11.30 21.82
N ASP B 384 49.73 -10.56 21.48
CA ASP B 384 50.98 -11.12 20.94
C ASP B 384 51.41 -12.40 21.71
N GLY B 385 51.87 -13.40 20.93
CA GLY B 385 52.29 -14.68 21.48
C GLY B 385 51.17 -15.64 21.87
N GLU B 386 50.28 -15.19 22.77
CA GLU B 386 49.32 -16.02 23.58
C GLU B 386 48.46 -17.18 22.95
N ASP B 387 48.49 -17.36 21.63
CA ASP B 387 47.78 -18.48 20.92
C ASP B 387 46.62 -19.27 21.61
N PRO B 388 45.39 -18.79 21.43
CA PRO B 388 44.22 -19.40 22.03
C PRO B 388 43.65 -20.62 21.26
N GLY B 389 44.22 -20.96 20.13
CA GLY B 389 43.67 -22.03 19.31
C GLY B 389 42.88 -21.59 18.06
N TYR B 390 42.98 -20.33 17.66
CA TYR B 390 42.44 -19.88 16.39
C TYR B 390 43.05 -18.57 16.04
N THR B 391 42.97 -18.20 14.77
CA THR B 391 43.26 -16.83 14.41
C THR B 391 41.94 -16.10 14.38
N LEU B 392 41.97 -14.77 14.26
CA LEU B 392 40.73 -13.98 14.14
C LEU B 392 40.03 -14.21 12.78
N TYR B 393 40.78 -14.64 11.77
CA TYR B 393 40.20 -15.15 10.50
C TYR B 393 39.25 -16.32 10.72
N ASP B 394 39.77 -17.33 11.44
CA ASP B 394 39.00 -18.50 11.81
C ASP B 394 37.73 -18.10 12.52
N LEU B 395 37.87 -17.26 13.54
CA LEU B 395 36.74 -16.78 14.33
C LEU B 395 35.76 -16.05 13.40
N SER B 396 36.28 -15.26 12.49
CA SER B 396 35.43 -14.56 11.54
C SER B 396 34.64 -15.53 10.61
N GLU B 397 35.30 -16.60 10.14
CA GLU B 397 34.60 -17.65 9.37
C GLU B 397 33.45 -18.35 10.17
N ARG B 398 33.74 -18.79 11.40
CA ARG B 398 32.72 -19.33 12.30
C ARG B 398 31.53 -18.38 12.45
N LEU B 399 31.81 -17.11 12.60
CA LEU B 399 30.78 -16.12 12.80
C LEU B 399 29.92 -15.98 11.54
N ARG B 400 30.53 -16.04 10.37
CA ARG B 400 29.73 -16.10 9.14
C ARG B 400 28.72 -17.25 9.08
N LEU B 401 29.08 -18.41 9.66
CA LEU B 401 28.17 -19.57 9.55
C LEU B 401 26.88 -19.36 10.35
N ARG B 402 26.89 -18.33 11.20
CA ARG B 402 25.81 -17.99 12.08
C ARG B 402 25.27 -16.64 11.59
N GLY B 403 25.71 -16.25 10.39
CA GLY B 403 25.14 -15.07 9.71
C GLY B 403 25.77 -13.69 9.94
N TRP B 404 26.82 -13.62 10.75
CA TRP B 404 27.45 -12.35 11.01
C TRP B 404 28.61 -12.14 10.03
N GLN B 405 28.82 -10.91 9.63
CA GLN B 405 30.05 -10.50 8.99
C GLN B 405 30.80 -9.61 9.98
N VAL B 406 31.84 -10.18 10.57
CA VAL B 406 32.69 -9.45 11.45
C VAL B 406 34.08 -9.57 10.85
N PRO B 407 34.53 -8.53 10.14
CA PRO B 407 35.77 -8.58 9.33
C PRO B 407 37.06 -8.72 10.14
N ALA B 408 37.97 -9.52 9.59
CA ALA B 408 39.32 -9.60 10.07
C ALA B 408 40.26 -9.19 8.94
N PHE B 409 41.22 -8.35 9.26
CA PHE B 409 42.16 -7.85 8.25
C PHE B 409 43.44 -7.37 8.88
N THR B 410 44.44 -7.14 8.03
CA THR B 410 45.77 -6.68 8.47
C THR B 410 45.86 -5.16 8.40
N LEU B 411 46.61 -4.60 9.32
CA LEU B 411 46.92 -3.18 9.25
C LEU B 411 47.95 -2.89 8.15
N GLY B 412 47.95 -1.68 7.63
CA GLY B 412 49.03 -1.26 6.70
C GLY B 412 50.39 -0.91 7.34
N GLY B 413 51.27 -0.35 6.49
CA GLY B 413 52.50 0.32 6.92
C GLY B 413 53.53 -0.57 7.56
N GLU B 414 53.91 -0.20 8.79
CA GLU B 414 54.81 -1.00 9.62
C GLU B 414 54.02 -1.89 10.61
N ALA B 415 52.69 -1.95 10.48
CA ALA B 415 51.85 -2.75 11.40
C ALA B 415 51.26 -3.90 10.62
N THR B 416 52.10 -4.36 9.71
CA THR B 416 51.75 -5.24 8.63
C THR B 416 51.51 -6.68 9.15
N ASP B 417 52.18 -7.05 10.25
CA ASP B 417 51.89 -8.29 10.98
C ASP B 417 50.57 -8.30 11.73
N ILE B 418 50.01 -7.12 12.02
CA ILE B 418 48.87 -7.07 12.94
C ILE B 418 47.56 -7.45 12.27
N VAL B 419 46.84 -8.39 12.89
CA VAL B 419 45.53 -8.80 12.40
C VAL B 419 44.48 -8.31 13.39
N VAL B 420 43.62 -7.40 12.94
CA VAL B 420 42.55 -6.94 13.79
C VAL B 420 41.18 -7.49 13.37
N MET B 421 40.27 -7.49 14.36
CA MET B 421 38.87 -7.64 14.14
C MET B 421 38.27 -6.27 14.45
N ARG B 422 37.34 -5.81 13.61
CA ARG B 422 36.66 -4.55 13.80
C ARG B 422 35.15 -4.78 13.77
N ILE B 423 34.43 -4.36 14.82
CA ILE B 423 32.97 -4.41 14.87
C ILE B 423 32.45 -2.99 14.89
N MET B 424 31.65 -2.59 13.91
CA MET B 424 31.00 -1.26 13.84
C MET B 424 29.61 -1.29 14.43
N CYS B 425 29.31 -0.37 15.36
CA CYS B 425 27.98 -0.38 15.97
C CYS B 425 27.11 0.71 15.34
N ARG B 426 26.22 0.31 14.44
CA ARG B 426 25.50 1.35 13.75
C ARG B 426 24.01 1.35 14.14
N ARG B 427 23.31 2.43 13.81
CA ARG B 427 21.88 2.47 14.12
C ARG B 427 21.14 1.18 13.72
N GLY B 428 20.44 0.58 14.67
CA GLY B 428 19.71 -0.65 14.37
C GLY B 428 20.30 -1.80 15.14
N PHE B 429 21.61 -1.73 15.35
CA PHE B 429 22.33 -2.82 16.00
C PHE B 429 22.28 -2.55 17.51
N GLU B 430 21.13 -2.87 18.10
CA GLU B 430 20.90 -2.58 19.49
C GLU B 430 21.49 -3.61 20.45
N MET B 431 21.46 -3.22 21.71
CA MET B 431 21.77 -4.08 22.84
C MET B 431 21.32 -5.54 22.71
N ASP B 432 20.08 -5.84 22.33
CA ASP B 432 19.65 -7.24 22.15
C ASP B 432 20.39 -8.00 21.01
N PHE B 433 20.76 -7.29 19.95
CA PHE B 433 21.50 -7.91 18.86
C PHE B 433 22.95 -8.13 19.27
N ALA B 434 23.52 -7.16 20.01
CA ALA B 434 24.87 -7.31 20.58
C ALA B 434 24.91 -8.57 21.46
N GLU B 435 23.85 -8.78 22.26
CA GLU B 435 23.75 -9.99 23.10
C GLU B 435 23.74 -11.22 22.24
N LEU B 436 23.01 -11.17 21.15
CA LEU B 436 22.95 -12.33 20.28
C LEU B 436 24.32 -12.64 19.62
N LEU B 437 25.01 -11.62 19.13
CA LEU B 437 26.39 -11.76 18.64
C LEU B 437 27.25 -12.40 19.72
N LEU B 438 27.19 -11.87 20.94
CA LEU B 438 27.94 -12.47 22.03
C LEU B 438 27.66 -13.97 22.19
N GLU B 439 26.41 -14.38 22.06
CA GLU B 439 26.09 -15.77 22.21
C GLU B 439 26.75 -16.59 21.10
N ASP B 440 26.67 -16.10 19.85
CA ASP B 440 27.27 -16.78 18.70
C ASP B 440 28.80 -16.75 18.75
N TYR B 441 29.32 -15.68 19.37
CA TYR B 441 30.75 -15.56 19.62
C TYR B 441 31.20 -16.71 20.52
N LYS B 442 30.56 -16.84 21.69
CA LYS B 442 30.84 -17.95 22.61
C LYS B 442 30.70 -19.30 21.89
N ALA B 443 29.56 -19.56 21.28
CA ALA B 443 29.37 -20.84 20.56
C ALA B 443 30.44 -21.10 19.53
N SER B 444 31.00 -20.03 18.93
CA SER B 444 32.04 -20.17 17.89
C SER B 444 33.35 -20.55 18.53
N LEU B 445 33.61 -19.99 19.70
CA LEU B 445 34.79 -20.32 20.44
C LEU B 445 34.70 -21.78 20.90
N LYS B 446 33.50 -22.22 21.28
CA LYS B 446 33.36 -23.57 21.79
C LYS B 446 33.73 -24.60 20.69
N TYR B 447 33.21 -24.33 19.49
CA TYR B 447 33.51 -25.12 18.29
C TYR B 447 34.99 -25.18 17.89
N LEU B 448 35.68 -24.04 17.92
CA LEU B 448 37.06 -24.07 17.58
C LEU B 448 37.85 -24.87 18.62
N SER B 449 37.40 -24.85 19.87
CA SER B 449 38.08 -25.59 20.93
C SER B 449 37.88 -27.08 20.64
N ASP B 450 36.64 -27.45 20.29
CA ASP B 450 36.26 -28.83 19.99
C ASP B 450 36.76 -29.35 18.64
N HIS B 451 37.33 -28.46 17.82
CA HIS B 451 37.77 -28.86 16.48
C HIS B 451 39.08 -28.20 16.08
N PRO B 452 40.14 -28.47 16.83
CA PRO B 452 41.43 -27.79 16.73
C PRO B 452 42.01 -27.74 15.32
N LYS B 453 41.72 -28.75 14.52
CA LYS B 453 42.15 -28.81 13.12
C LYS B 453 41.79 -27.55 12.30
N LEU B 454 40.69 -26.89 12.66
CA LEU B 454 40.28 -25.66 12.05
C LEU B 454 41.32 -24.56 12.13
N GLN B 455 42.24 -24.61 13.11
CA GLN B 455 43.15 -23.49 13.33
C GLN B 455 44.07 -23.19 12.13
N GLY B 456 44.14 -21.91 11.73
CA GLY B 456 45.09 -21.44 10.73
C GLY B 456 44.63 -21.55 9.30
N ILE B 457 43.46 -22.16 9.08
CA ILE B 457 42.96 -22.42 7.72
C ILE B 457 42.57 -21.16 6.94
N ALA B 458 41.71 -20.32 7.53
CA ALA B 458 41.20 -19.15 6.82
C ALA B 458 42.31 -18.11 6.71
N GLN B 459 42.44 -17.47 5.56
CA GLN B 459 43.45 -16.41 5.37
C GLN B 459 43.11 -15.24 4.40
N GLN B 460 41.84 -14.94 4.23
CA GLN B 460 41.49 -13.87 3.30
C GLN B 460 40.99 -12.69 4.15
N ASN B 461 41.55 -11.51 3.88
CA ASN B 461 41.09 -10.30 4.56
C ASN B 461 39.65 -10.00 4.10
N SER B 462 38.77 -9.59 5.02
CA SER B 462 37.45 -9.10 4.57
C SER B 462 37.57 -7.62 4.19
N PHE B 463 36.75 -7.17 3.22
CA PHE B 463 36.55 -5.74 2.89
C PHE B 463 36.59 -4.79 4.13
N LYS B 464 37.50 -3.81 4.12
CA LYS B 464 37.76 -2.96 5.32
C LYS B 464 37.37 -1.47 5.18
N HIS B 465 36.99 -1.06 3.96
CA HIS B 465 37.01 0.36 3.58
C HIS B 465 35.78 1.15 3.94
N THR B 466 34.63 0.49 4.09
CA THR B 466 33.42 1.22 4.44
C THR B 466 32.28 0.34 4.88
N LYS C 4 -14.77 46.62 21.62
CA LYS C 4 -15.40 45.49 22.41
C LYS C 4 -15.16 44.14 21.77
N GLN C 5 -14.59 43.22 22.51
CA GLN C 5 -14.15 41.96 21.91
C GLN C 5 -15.22 40.92 21.60
N VAL C 6 -14.97 40.13 20.57
CA VAL C 6 -15.88 39.06 20.21
C VAL C 6 -15.12 37.75 19.92
N THR C 7 -13.80 37.82 20.01
CA THR C 7 -13.00 36.74 19.52
C THR C 7 -12.55 35.81 20.66
N ASP C 8 -11.99 34.67 20.29
CA ASP C 8 -11.42 33.74 21.24
C ASP C 8 -10.09 33.36 20.63
N LEU C 9 -9.02 33.99 21.06
CA LEU C 9 -7.75 33.76 20.35
C LEU C 9 -6.74 33.00 21.16
N ARG C 10 -5.69 32.53 20.51
CA ARG C 10 -4.60 31.96 21.30
C ARG C 10 -3.36 32.83 21.19
N SER C 11 -2.51 32.85 22.21
CA SER C 11 -1.34 33.74 22.18
C SER C 11 -0.06 33.05 21.71
N GLU C 12 -0.19 32.11 20.80
CA GLU C 12 0.99 31.57 20.17
C GLU C 12 0.68 31.22 18.75
N LEU C 13 1.71 31.18 17.93
CA LEU C 13 1.56 30.82 16.54
C LEU C 13 1.19 29.37 16.42
N LEU C 14 0.11 29.08 15.71
CA LEU C 14 -0.39 27.72 15.52
C LEU C 14 -0.21 27.20 14.11
N ASP C 15 -0.43 25.92 13.95
CA ASP C 15 -0.35 25.31 12.62
C ASP C 15 -1.69 24.72 12.30
N SER C 16 -2.20 24.92 11.09
CA SER C 16 -3.59 24.57 10.85
C SER C 16 -3.68 23.11 10.46
N ARG C 17 -2.56 22.51 10.09
CA ARG C 17 -2.57 21.09 9.85
C ARG C 17 -2.60 20.32 11.16
N PHE C 18 -1.81 20.74 12.14
CA PHE C 18 -1.56 19.93 13.33
C PHE C 18 -2.34 20.37 14.58
N GLY C 19 -3.11 21.45 14.42
CA GLY C 19 -3.81 22.09 15.53
C GLY C 19 -2.92 22.20 16.76
N ALA C 20 -1.69 22.66 16.55
CA ALA C 20 -0.69 22.71 17.62
C ALA C 20 0.26 23.90 17.45
N LYS C 21 1.07 24.17 18.45
CA LYS C 21 2.05 25.22 18.29
C LYS C 21 2.82 25.06 16.97
N SER C 22 3.02 26.18 16.28
CA SER C 22 3.70 26.19 14.98
C SER C 22 5.19 25.80 15.09
N ILE C 23 5.58 24.88 14.20
CA ILE C 23 6.99 24.58 13.92
C ILE C 23 7.40 25.06 12.51
N SER C 24 8.39 25.95 12.46
CA SER C 24 8.79 26.61 11.25
C SER C 24 10.09 26.02 10.76
N THR C 25 10.15 25.65 9.47
CA THR C 25 11.39 25.23 8.90
C THR C 25 12.18 26.47 8.56
N ILE C 26 11.49 27.60 8.47
CA ILE C 26 12.16 28.83 7.99
C ILE C 26 12.87 29.62 9.10
N ALA C 27 12.25 29.82 10.26
CA ALA C 27 12.91 30.51 11.40
C ALA C 27 14.00 29.56 11.82
N GLU C 28 15.07 30.05 12.44
CA GLU C 28 16.16 29.16 12.88
C GLU C 28 16.60 28.02 11.90
N SER C 29 16.52 28.29 10.59
CA SER C 29 16.95 27.30 9.57
C SER C 29 18.47 27.47 9.32
N LYS C 30 19.07 28.29 10.16
CA LYS C 30 20.45 28.58 10.01
C LYS C 30 21.28 27.95 11.11
N ARG C 31 20.62 27.34 12.09
CA ARG C 31 21.32 26.52 13.05
C ARG C 31 20.80 25.10 13.05
N PHE C 32 21.62 24.19 13.55
CA PHE C 32 21.23 22.82 13.68
C PHE C 32 20.15 22.81 14.74
N PRO C 33 19.02 22.13 14.48
CA PRO C 33 17.88 22.18 15.42
C PRO C 33 18.30 21.70 16.78
N LEU C 34 17.70 22.26 17.82
CA LEU C 34 18.12 21.90 19.16
C LEU C 34 17.36 20.66 19.66
N HIS C 35 16.05 20.64 19.41
CA HIS C 35 15.16 19.66 20.01
C HIS C 35 14.65 18.64 19.02
N GLU C 36 14.18 17.53 19.58
CA GLU C 36 13.41 16.53 18.84
C GLU C 36 12.05 17.11 18.47
N MET C 37 11.48 16.59 17.40
CA MET C 37 10.13 16.93 17.03
C MET C 37 9.53 15.55 16.75
N ARG C 38 8.23 15.39 16.83
CA ARG C 38 7.56 14.14 16.41
C ARG C 38 7.86 13.70 14.93
N ASP C 39 8.30 12.46 14.74
CA ASP C 39 8.71 11.97 13.38
C ASP C 39 7.70 12.27 12.28
N ASP C 40 6.45 11.90 12.51
CA ASP C 40 5.39 12.02 11.50
C ASP C 40 5.09 13.50 11.21
N VAL C 41 5.30 14.35 12.21
CA VAL C 41 5.25 15.81 11.98
C VAL C 41 6.40 16.29 11.12
N ALA C 42 7.64 15.90 11.44
CA ALA C 42 8.73 16.33 10.54
C ALA C 42 8.42 15.82 9.13
N PHE C 43 7.89 14.59 9.04
CA PHE C 43 7.58 14.03 7.72
C PHE C 43 6.55 14.85 6.96
N GLN C 44 5.42 15.17 7.61
CA GLN C 44 4.36 15.95 6.99
C GLN C 44 4.86 17.38 6.58
N ILE C 45 5.67 18.00 7.44
CA ILE C 45 6.24 19.29 7.13
C ILE C 45 7.07 19.23 5.81
N ILE C 46 7.88 18.17 5.67
CA ILE C 46 8.75 18.08 4.53
C ILE C 46 7.94 17.68 3.36
N ASN C 47 7.08 16.68 3.54
CA ASN C 47 6.22 16.21 2.44
C ASN C 47 5.46 17.38 1.84
N ASP C 48 4.85 18.20 2.69
CA ASP C 48 4.14 19.41 2.25
C ASP C 48 5.04 20.46 1.54
N GLU C 49 6.26 20.69 2.02
CA GLU C 49 7.07 21.64 1.25
C GLU C 49 7.46 21.12 -0.11
N LEU C 50 7.62 19.81 -0.23
CA LEU C 50 8.00 19.20 -1.51
C LEU C 50 6.96 19.40 -2.61
N TYR C 51 5.71 19.69 -2.25
CA TYR C 51 4.74 20.10 -3.29
C TYR C 51 5.16 21.36 -4.05
N LEU C 52 6.08 22.16 -3.52
CA LEU C 52 6.50 23.35 -4.25
C LEU C 52 7.52 23.03 -5.37
N ASP C 53 8.00 21.79 -5.47
CA ASP C 53 8.86 21.44 -6.60
C ASP C 53 7.93 21.30 -7.75
N GLY C 54 8.46 21.42 -8.97
CA GLY C 54 7.73 20.93 -10.12
C GLY C 54 7.60 19.41 -10.17
N ASN C 55 6.83 18.90 -11.14
CA ASN C 55 6.98 17.47 -11.43
C ASN C 55 7.68 17.19 -12.77
N ALA C 56 8.03 18.26 -13.48
CA ALA C 56 8.70 18.19 -14.78
C ALA C 56 7.94 17.55 -15.94
N ARG C 57 6.70 17.18 -15.77
CA ARG C 57 5.98 16.59 -16.90
C ARG C 57 5.81 17.60 -18.04
N GLN C 58 5.63 18.85 -17.67
CA GLN C 58 5.59 19.90 -18.68
C GLN C 58 6.89 20.63 -18.79
N ASN C 59 7.95 20.05 -18.24
CA ASN C 59 9.25 20.64 -18.45
C ASN C 59 9.87 20.00 -19.68
N LEU C 60 10.07 20.76 -20.75
CA LEU C 60 10.62 20.20 -21.96
C LEU C 60 12.07 20.67 -22.19
N ALA C 61 12.70 21.13 -21.14
CA ALA C 61 14.11 21.46 -21.18
C ALA C 61 14.98 20.31 -20.77
N THR C 62 14.48 19.35 -20.00
CA THR C 62 15.38 18.36 -19.44
C THR C 62 15.49 17.12 -20.27
N PHE C 63 16.64 16.48 -20.18
CA PHE C 63 16.86 15.18 -20.80
C PHE C 63 16.58 14.06 -19.76
N CYS C 64 16.45 14.45 -18.50
CA CYS C 64 16.47 13.41 -17.46
C CYS C 64 15.13 12.68 -17.41
N GLN C 65 15.10 11.43 -16.97
CA GLN C 65 13.82 10.69 -16.90
C GLN C 65 12.83 11.33 -15.93
N THR C 66 11.57 11.45 -16.33
CA THR C 66 10.58 12.00 -15.42
C THR C 66 9.24 11.28 -15.44
N TRP C 67 9.15 10.18 -16.17
CA TRP C 67 7.94 9.37 -16.19
C TRP C 67 8.06 8.43 -15.00
N ASP C 68 6.97 7.79 -14.60
CA ASP C 68 6.99 6.88 -13.44
C ASP C 68 6.44 5.55 -13.79
N ASP C 69 7.24 4.53 -13.53
CA ASP C 69 6.83 3.16 -13.69
C ASP C 69 6.83 2.57 -12.25
N GLU C 70 5.74 1.96 -11.82
CA GLU C 70 5.63 1.31 -10.52
C GLU C 70 6.75 0.31 -10.20
N ASN C 71 7.06 -0.55 -11.16
CA ASN C 71 8.12 -1.51 -10.98
C ASN C 71 9.44 -0.80 -10.72
N VAL C 72 9.67 0.37 -11.35
CA VAL C 72 10.90 1.11 -11.07
C VAL C 72 10.85 1.62 -9.62
N HIS C 73 9.74 2.23 -9.24
CA HIS C 73 9.53 2.58 -7.83
C HIS C 73 9.84 1.47 -6.82
N LYS C 74 9.29 0.26 -7.05
CA LYS C 74 9.53 -0.87 -6.13
C LYS C 74 11.00 -1.30 -6.12
N LEU C 75 11.61 -1.46 -7.29
CA LEU C 75 13.02 -1.82 -7.34
C LEU C 75 13.85 -0.78 -6.59
N MET C 76 13.57 0.52 -6.80
CA MET C 76 14.36 1.54 -6.11
C MET C 76 14.18 1.39 -4.61
N ASP C 77 12.92 1.22 -4.21
CA ASP C 77 12.60 1.13 -2.83
C ASP C 77 13.21 -0.10 -2.06
N LEU C 78 13.26 -1.30 -2.69
CA LEU C 78 14.04 -2.45 -2.18
C LEU C 78 15.55 -2.20 -2.08
N SER C 79 16.06 -1.19 -2.79
CA SER C 79 17.50 -1.04 -2.99
C SER C 79 18.12 0.14 -2.24
N ILE C 80 17.30 0.82 -1.46
CA ILE C 80 17.69 2.00 -0.71
C ILE C 80 18.99 1.76 0.11
N ASN C 81 19.23 0.53 0.55
CA ASN C 81 20.39 0.21 1.36
C ASN C 81 21.42 -0.66 0.62
N LYS C 82 21.21 -0.89 -0.67
CA LYS C 82 22.07 -1.77 -1.35
C LYS C 82 23.26 -0.97 -1.84
N ASN C 83 24.40 -1.22 -1.22
CA ASN C 83 25.61 -0.46 -1.50
C ASN C 83 26.30 -1.05 -2.69
N TRP C 84 26.34 -0.24 -3.73
CA TRP C 84 26.97 -0.56 -4.99
C TRP C 84 28.39 -1.01 -4.82
N ILE C 85 29.10 -0.46 -3.82
CA ILE C 85 30.56 -0.63 -3.81
C ILE C 85 30.87 -1.87 -3.02
N ASP C 86 29.88 -2.32 -2.28
CA ASP C 86 30.08 -3.41 -1.35
C ASP C 86 29.61 -4.73 -1.99
N LYS C 87 30.46 -5.22 -2.90
CA LYS C 87 30.39 -6.58 -3.51
C LYS C 87 30.20 -7.79 -2.56
N GLU C 88 30.84 -7.76 -1.38
CA GLU C 88 30.71 -8.84 -0.37
C GLU C 88 29.27 -8.97 0.10
N GLU C 89 28.68 -7.84 0.51
CA GLU C 89 27.37 -7.91 1.16
C GLU C 89 26.27 -7.99 0.12
N TYR C 90 26.54 -7.53 -1.10
CA TYR C 90 25.50 -7.43 -2.11
C TYR C 90 26.00 -8.06 -3.40
N PRO C 91 26.24 -9.39 -3.39
CA PRO C 91 26.89 -10.00 -4.59
C PRO C 91 25.97 -10.00 -5.81
N GLN C 92 24.66 -9.98 -5.59
CA GLN C 92 23.74 -10.08 -6.69
C GLN C 92 23.57 -8.74 -7.36
N SER C 93 23.54 -7.68 -6.57
CA SER C 93 23.62 -6.32 -7.14
C SER C 93 24.91 -6.18 -7.94
N ALA C 94 25.99 -6.79 -7.47
CA ALA C 94 27.30 -6.71 -8.16
C ALA C 94 27.24 -7.42 -9.47
N ALA C 95 26.75 -8.65 -9.43
CA ALA C 95 26.47 -9.40 -10.62
C ALA C 95 25.55 -8.64 -11.64
N ILE C 96 24.49 -8.01 -11.14
CA ILE C 96 23.60 -7.32 -12.05
C ILE C 96 24.36 -6.18 -12.69
N ASP C 97 25.17 -5.50 -11.87
CA ASP C 97 25.94 -4.40 -12.39
C ASP C 97 26.88 -4.87 -13.50
N LEU C 98 27.48 -6.04 -13.35
CA LEU C 98 28.46 -6.52 -14.36
C LEU C 98 27.80 -6.87 -15.68
N ARG C 99 26.60 -7.44 -15.62
CA ARG C 99 25.78 -7.68 -16.82
C ARG C 99 25.51 -6.41 -17.59
N CYS C 100 25.06 -5.37 -16.88
CA CYS C 100 24.83 -4.10 -17.51
C CYS C 100 26.07 -3.61 -18.27
N VAL C 101 27.26 -3.75 -17.67
CA VAL C 101 28.47 -3.26 -18.32
C VAL C 101 28.72 -4.03 -19.64
N ASN C 102 28.51 -5.34 -19.60
CA ASN C 102 28.64 -6.14 -20.82
C ASN C 102 27.62 -5.75 -21.87
N MET C 103 26.39 -5.54 -21.40
CA MET C 103 25.30 -5.22 -22.27
C MET C 103 25.57 -3.91 -22.98
N VAL C 104 25.99 -2.90 -22.23
CA VAL C 104 26.26 -1.60 -22.82
C VAL C 104 27.48 -1.75 -23.75
N ALA C 105 28.51 -2.41 -23.29
CA ALA C 105 29.70 -2.68 -24.12
C ALA C 105 29.26 -3.31 -25.43
N ASP C 106 28.30 -4.23 -25.37
CA ASP C 106 27.93 -4.98 -26.55
C ASP C 106 27.19 -4.06 -27.51
N LEU C 107 26.37 -3.20 -26.96
CA LEU C 107 25.55 -2.33 -27.74
C LEU C 107 26.40 -1.37 -28.58
N TRP C 108 27.52 -0.90 -27.98
CA TRP C 108 28.44 0.01 -28.62
C TRP C 108 29.57 -0.68 -29.43
N HIS C 109 29.45 -1.99 -29.66
CA HIS C 109 30.37 -2.77 -30.50
C HIS C 109 31.77 -2.92 -29.89
N ALA C 110 31.88 -2.92 -28.57
CA ALA C 110 33.19 -3.16 -27.93
C ALA C 110 33.74 -4.50 -28.38
N PRO C 111 35.02 -4.53 -28.77
CA PRO C 111 35.70 -5.79 -29.06
C PRO C 111 35.50 -6.79 -27.92
N ALA C 112 35.25 -8.04 -28.30
CA ALA C 112 35.08 -9.13 -27.34
C ALA C 112 36.27 -9.24 -26.37
N PRO C 113 35.97 -9.24 -25.05
CA PRO C 113 37.03 -9.39 -24.02
C PRO C 113 37.81 -10.70 -24.16
N LYS C 114 39.07 -10.71 -23.70
CA LYS C 114 39.85 -11.96 -23.52
C LYS C 114 39.29 -12.79 -22.34
N ASN C 115 38.99 -12.10 -21.23
CA ASN C 115 38.55 -12.75 -19.98
C ASN C 115 37.02 -12.98 -19.79
N GLY C 116 36.20 -12.34 -20.62
CA GLY C 116 34.76 -12.53 -20.51
C GLY C 116 34.06 -11.36 -19.84
N GLN C 117 34.81 -10.39 -19.35
CA GLN C 117 34.20 -9.17 -18.80
C GLN C 117 34.67 -7.92 -19.55
N ALA C 118 33.72 -7.08 -19.94
CA ALA C 118 34.04 -5.85 -20.61
C ALA C 118 34.74 -4.85 -19.68
N VAL C 119 35.51 -3.94 -20.24
CA VAL C 119 36.18 -2.95 -19.40
C VAL C 119 35.23 -1.77 -19.30
N GLY C 120 34.72 -1.51 -18.12
CA GLY C 120 33.74 -0.44 -18.03
C GLY C 120 33.21 -0.29 -16.64
N THR C 121 32.46 0.80 -16.40
CA THR C 121 31.89 0.91 -15.05
C THR C 121 30.65 1.73 -15.06
N ASN C 122 29.75 1.40 -14.15
CA ASN C 122 28.60 2.23 -13.88
C ASN C 122 29.19 3.46 -13.23
N THR C 123 28.48 4.58 -13.34
CA THR C 123 28.80 5.83 -12.63
C THR C 123 27.47 6.48 -12.22
N ILE C 124 27.56 7.59 -11.47
CA ILE C 124 26.40 8.37 -11.02
C ILE C 124 25.71 9.11 -12.20
N GLY C 125 26.47 9.42 -13.25
CA GLY C 125 25.99 10.22 -14.41
C GLY C 125 27.05 10.33 -15.50
N SER C 126 26.75 11.08 -16.54
CA SER C 126 27.78 11.36 -17.55
C SER C 126 28.98 12.11 -16.99
N SER C 127 28.75 12.95 -15.99
CA SER C 127 29.79 13.82 -15.49
C SER C 127 30.96 12.97 -14.94
N GLU C 128 30.66 12.01 -14.06
CA GLU C 128 31.70 11.14 -13.51
C GLU C 128 32.31 10.37 -14.67
N ALA C 129 31.46 9.79 -15.52
CA ALA C 129 31.88 9.01 -16.69
C ALA C 129 32.87 9.75 -17.62
N CYS C 130 32.62 11.03 -17.80
CA CYS C 130 33.52 11.85 -18.56
C CYS C 130 34.86 12.04 -17.87
N MET C 131 34.86 12.35 -16.58
CA MET C 131 36.12 12.53 -15.86
C MET C 131 36.99 11.29 -16.00
N LEU C 132 36.34 10.14 -15.90
CA LEU C 132 37.02 8.87 -15.93
C LEU C 132 37.63 8.66 -17.32
N GLY C 133 36.90 9.10 -18.36
CA GLY C 133 37.29 8.96 -19.76
C GLY C 133 38.40 9.92 -19.98
N GLY C 134 38.23 11.13 -19.40
CA GLY C 134 39.19 12.23 -19.56
C GLY C 134 40.52 11.89 -18.94
N MET C 135 40.45 11.45 -17.69
CA MET C 135 41.59 11.01 -16.93
C MET C 135 42.33 9.94 -17.69
N ALA C 136 41.61 8.92 -18.18
CA ALA C 136 42.25 7.85 -18.92
C ALA C 136 42.92 8.35 -20.21
N MET C 137 42.21 9.17 -20.99
CA MET C 137 42.86 9.92 -22.06
C MET C 137 44.22 10.52 -21.63
N LYS C 138 44.17 11.40 -20.63
CA LYS C 138 45.35 12.10 -20.11
C LYS C 138 46.49 11.14 -19.82
N TRP C 139 46.18 10.05 -19.12
CA TRP C 139 47.15 9.05 -18.75
C TRP C 139 47.71 8.34 -19.97
N ARG C 140 46.87 7.89 -20.92
CA ARG C 140 47.47 7.26 -22.12
C ARG C 140 48.46 8.27 -22.77
N TRP C 141 48.03 9.51 -22.98
CA TRP C 141 48.84 10.50 -23.59
C TRP C 141 50.14 10.74 -22.79
N ARG C 142 50.06 10.89 -21.46
CA ARG C 142 51.29 11.03 -20.66
C ARG C 142 52.27 9.91 -20.89
N LYS C 143 51.82 8.64 -20.85
CA LYS C 143 52.72 7.49 -21.09
C LYS C 143 53.35 7.59 -22.49
N ARG C 144 52.54 7.83 -23.52
CA ARG C 144 53.07 7.94 -24.89
C ARG C 144 54.19 9.01 -25.04
N MET C 145 53.98 10.21 -24.50
CA MET C 145 55.00 11.28 -24.50
C MET C 145 56.26 10.94 -23.69
N GLU C 146 56.06 10.31 -22.53
CA GLU C 146 57.17 9.92 -21.66
C GLU C 146 58.04 8.85 -22.33
N ALA C 147 57.38 7.93 -23.03
CA ALA C 147 58.07 6.91 -23.79
C ALA C 147 58.95 7.63 -24.79
N ALA C 148 58.47 8.79 -25.25
CA ALA C 148 59.14 9.52 -26.32
C ALA C 148 60.00 10.70 -25.82
N GLY C 149 60.40 10.64 -24.55
CA GLY C 149 61.11 11.72 -23.88
C GLY C 149 60.60 13.14 -24.09
N LYS C 150 59.30 13.38 -23.91
CA LYS C 150 58.74 14.72 -24.18
C LYS C 150 58.06 15.32 -22.98
N PRO C 151 58.02 16.68 -22.88
CA PRO C 151 57.42 17.26 -21.68
C PRO C 151 55.91 16.98 -21.72
N THR C 152 55.31 16.75 -20.55
CA THR C 152 53.88 16.46 -20.44
C THR C 152 53.09 17.55 -19.71
N ASP C 153 53.65 18.76 -19.63
CA ASP C 153 53.07 19.80 -18.79
C ASP C 153 52.06 20.70 -19.52
N LYS C 154 51.96 20.56 -20.84
CA LYS C 154 51.00 21.35 -21.62
C LYS C 154 49.90 20.55 -22.36
N PRO C 155 49.14 19.67 -21.63
CA PRO C 155 48.13 18.91 -22.39
C PRO C 155 46.92 19.75 -22.79
N ASN C 156 46.40 19.48 -23.99
CA ASN C 156 45.12 20.02 -24.44
C ASN C 156 44.14 18.96 -24.94
N LEU C 157 42.91 19.41 -25.14
CA LEU C 157 41.82 18.54 -25.46
C LEU C 157 41.01 19.32 -26.47
N VAL C 158 40.75 18.70 -27.60
CA VAL C 158 40.00 19.31 -28.66
C VAL C 158 38.56 18.79 -28.68
N CYS C 159 37.61 19.72 -28.81
CA CYS C 159 36.20 19.33 -28.78
C CYS C 159 35.35 20.40 -29.42
N GLY C 160 34.05 20.16 -29.47
CA GLY C 160 33.07 21.14 -29.98
C GLY C 160 32.30 21.75 -28.81
N PRO C 161 31.05 22.20 -29.07
CA PRO C 161 30.23 22.79 -28.02
C PRO C 161 29.85 21.71 -27.01
N VAL C 162 30.84 21.28 -26.25
CA VAL C 162 30.64 20.28 -25.21
C VAL C 162 29.71 20.71 -24.06
N GLN C 163 29.35 19.72 -23.25
CA GLN C 163 28.53 19.86 -22.09
C GLN C 163 29.46 20.32 -20.96
N ILE C 164 28.88 20.90 -19.91
CA ILE C 164 29.68 21.48 -18.82
C ILE C 164 30.73 20.54 -18.22
N CYS C 165 30.44 19.25 -18.21
CA CYS C 165 31.38 18.27 -17.64
C CYS C 165 32.80 18.36 -18.26
N TRP C 166 32.91 18.77 -19.50
CA TRP C 166 34.23 18.89 -20.11
C TRP C 166 34.94 20.17 -19.67
N HIS C 167 34.16 21.22 -19.41
CA HIS C 167 34.71 22.43 -18.83
C HIS C 167 35.21 22.15 -17.39
N LYS C 168 34.50 21.34 -16.63
CA LYS C 168 35.00 20.96 -15.31
C LYS C 168 36.20 20.04 -15.43
N PHE C 169 36.17 19.08 -16.34
CA PHE C 169 37.29 18.16 -16.41
C PHE C 169 38.56 18.94 -16.71
N ALA C 170 38.48 19.83 -17.69
CA ALA C 170 39.64 20.56 -18.21
C ALA C 170 40.25 21.41 -17.10
N ARG C 171 39.34 22.07 -16.39
CA ARG C 171 39.70 22.95 -15.32
C ARG C 171 40.26 22.16 -14.14
N TYR C 172 39.57 21.08 -13.76
CA TYR C 172 39.95 20.34 -12.56
C TYR C 172 41.22 19.55 -12.75
N TRP C 173 41.51 19.20 -13.99
CA TRP C 173 42.66 18.33 -14.30
C TRP C 173 43.76 19.04 -15.07
N ASP C 174 43.71 20.36 -15.09
CA ASP C 174 44.75 21.19 -15.71
C ASP C 174 45.04 20.85 -17.14
N VAL C 175 43.99 20.65 -17.91
CA VAL C 175 44.09 20.37 -19.33
C VAL C 175 43.51 21.60 -20.02
N GLU C 176 44.21 22.07 -21.04
CA GLU C 176 43.73 23.19 -21.84
C GLU C 176 42.59 22.73 -22.75
N LEU C 177 41.45 23.38 -22.64
CA LEU C 177 40.28 23.09 -23.49
C LEU C 177 40.24 23.87 -24.82
N ARG C 178 40.56 23.20 -25.93
CA ARG C 178 40.50 23.79 -27.26
C ARG C 178 39.14 23.58 -27.89
N GLU C 179 38.16 24.35 -27.46
CA GLU C 179 36.81 24.13 -27.87
C GLU C 179 36.64 24.88 -29.17
N ILE C 180 36.35 24.15 -30.24
CA ILE C 180 36.02 24.79 -31.50
C ILE C 180 34.69 25.56 -31.31
N PRO C 181 34.70 26.90 -31.56
CA PRO C 181 33.50 27.73 -31.30
C PRO C 181 32.37 27.43 -32.29
N MET C 182 31.12 27.65 -31.87
CA MET C 182 29.98 27.70 -32.79
C MET C 182 30.03 28.95 -33.68
N ARG C 183 29.70 28.79 -34.95
CA ARG C 183 29.59 29.94 -35.81
C ARG C 183 28.46 29.73 -36.75
N PRO C 184 27.90 30.83 -37.29
CA PRO C 184 26.79 30.73 -38.23
C PRO C 184 27.23 29.85 -39.37
N GLY C 185 26.43 28.84 -39.68
CA GLY C 185 26.79 27.93 -40.74
C GLY C 185 27.55 26.69 -40.30
N GLN C 186 28.13 26.71 -39.11
CA GLN C 186 28.65 25.45 -38.57
C GLN C 186 28.77 25.57 -37.07
N LEU C 187 27.79 24.99 -36.42
CA LEU C 187 27.69 25.10 -35.02
C LEU C 187 28.57 24.05 -34.36
N PHE C 188 29.27 23.25 -35.14
CA PHE C 188 29.85 22.03 -34.59
C PHE C 188 31.28 21.89 -34.96
N MET C 189 31.93 20.92 -34.34
CA MET C 189 33.34 20.69 -34.59
C MET C 189 33.47 19.95 -35.90
N ASP C 190 33.87 20.65 -36.96
CA ASP C 190 34.08 20.02 -38.26
C ASP C 190 35.51 19.46 -38.35
N PRO C 191 35.74 18.52 -39.28
CA PRO C 191 37.07 17.96 -39.47
C PRO C 191 38.19 19.02 -39.60
N LYS C 192 37.94 20.10 -40.33
CA LYS C 192 39.02 21.04 -40.66
C LYS C 192 39.46 21.81 -39.42
N ARG C 193 38.51 22.43 -38.73
CA ARG C 193 38.86 23.15 -37.52
C ARG C 193 39.43 22.26 -36.40
N MET C 194 39.01 21.00 -36.39
CA MET C 194 39.52 20.02 -35.44
C MET C 194 41.04 19.79 -35.64
N ILE C 195 41.42 19.41 -36.85
CA ILE C 195 42.81 19.22 -37.20
C ILE C 195 43.63 20.47 -36.90
N GLU C 196 43.14 21.65 -37.27
CA GLU C 196 43.79 22.94 -36.93
C GLU C 196 44.16 23.07 -35.45
N ALA C 197 43.32 22.52 -34.56
CA ALA C 197 43.53 22.70 -33.13
C ALA C 197 44.41 21.63 -32.55
N CYS C 198 44.74 20.60 -33.34
CA CYS C 198 45.49 19.41 -32.87
C CYS C 198 47.03 19.54 -32.96
N ASP C 199 47.73 19.02 -31.97
CA ASP C 199 49.17 18.97 -32.00
C ASP C 199 49.60 17.78 -31.15
N GLU C 200 50.90 17.68 -30.82
CA GLU C 200 51.43 16.54 -30.03
C GLU C 200 51.08 16.62 -28.54
N ASN C 201 50.40 17.69 -28.15
CA ASN C 201 49.98 17.82 -26.76
C ASN C 201 48.50 17.48 -26.60
N THR C 202 47.84 17.21 -27.72
CA THR C 202 46.44 16.88 -27.72
C THR C 202 46.28 15.48 -27.11
N ILE C 203 45.62 15.43 -25.94
CA ILE C 203 45.37 14.14 -25.25
C ILE C 203 44.32 13.33 -25.97
N GLY C 204 43.50 13.99 -26.77
CA GLY C 204 42.45 13.31 -27.53
C GLY C 204 41.46 14.33 -28.03
N VAL C 205 40.40 13.86 -28.65
CA VAL C 205 39.35 14.70 -29.21
C VAL C 205 38.08 14.09 -28.67
N VAL C 206 37.12 14.92 -28.31
CA VAL C 206 35.85 14.46 -27.77
C VAL C 206 34.70 14.97 -28.65
N PRO C 207 34.18 14.10 -29.54
CA PRO C 207 33.02 14.53 -30.28
C PRO C 207 31.82 14.31 -29.39
N THR C 208 30.82 15.17 -29.55
CA THR C 208 29.65 15.13 -28.71
C THR C 208 28.57 14.52 -29.59
N PHE C 209 28.20 13.29 -29.24
CA PHE C 209 27.24 12.55 -30.01
C PHE C 209 25.82 12.82 -29.51
N GLY C 210 25.36 14.01 -29.86
CA GLY C 210 24.08 14.57 -29.41
C GLY C 210 24.41 15.79 -28.61
N VAL C 211 24.61 16.92 -29.29
CA VAL C 211 25.05 18.18 -28.65
C VAL C 211 23.96 18.74 -27.72
N THR C 212 24.29 18.97 -26.48
CA THR C 212 23.32 19.49 -25.52
C THR C 212 22.48 20.65 -26.08
N TYR C 213 23.13 21.66 -26.70
CA TYR C 213 22.48 22.94 -26.99
C TYR C 213 21.47 22.87 -28.10
N THR C 214 21.62 21.91 -29.01
CA THR C 214 20.84 21.92 -30.23
C THR C 214 20.19 20.57 -30.49
N GLY C 215 20.86 19.48 -30.15
CA GLY C 215 20.28 18.20 -30.43
C GLY C 215 21.01 17.40 -31.48
N ASN C 216 21.89 18.05 -32.22
CA ASN C 216 22.54 17.46 -33.37
C ASN C 216 23.70 16.60 -33.00
N TYR C 217 23.89 15.52 -33.78
CA TYR C 217 25.09 14.69 -33.68
C TYR C 217 26.32 15.39 -34.24
N GLU C 218 27.42 15.32 -33.53
CA GLU C 218 28.69 15.42 -34.20
C GLU C 218 29.03 14.03 -34.69
N PHE C 219 29.33 13.88 -35.97
CA PHE C 219 29.56 12.52 -36.52
C PHE C 219 31.01 12.16 -36.41
N PRO C 220 31.33 11.08 -35.68
CA PRO C 220 32.75 10.80 -35.45
C PRO C 220 33.47 10.24 -36.66
N GLN C 221 32.75 9.58 -37.56
CA GLN C 221 33.44 8.95 -38.71
C GLN C 221 34.22 9.98 -39.55
N PRO C 222 33.58 11.08 -39.98
CA PRO C 222 34.45 11.99 -40.76
C PRO C 222 35.61 12.59 -39.94
N LEU C 223 35.44 12.73 -38.63
CA LEU C 223 36.50 13.22 -37.78
C LEU C 223 37.63 12.19 -37.70
N HIS C 224 37.24 10.90 -37.72
CA HIS C 224 38.12 9.75 -37.61
C HIS C 224 39.02 9.70 -38.82
N ASP C 225 38.43 9.82 -39.99
CA ASP C 225 39.21 9.95 -41.24
C ASP C 225 40.26 11.06 -41.11
N ALA C 226 39.87 12.25 -40.62
CA ALA C 226 40.84 13.35 -40.52
C ALA C 226 41.99 13.02 -39.58
N LEU C 227 41.68 12.35 -38.47
CA LEU C 227 42.71 11.92 -37.55
C LEU C 227 43.62 10.86 -38.15
N ASP C 228 43.10 10.01 -39.03
CA ASP C 228 43.95 9.07 -39.76
C ASP C 228 44.95 9.82 -40.71
N LYS C 229 44.39 10.72 -41.53
CA LYS C 229 45.17 11.59 -42.42
C LYS C 229 46.16 12.43 -41.60
N PHE C 230 45.73 12.85 -40.41
CA PHE C 230 46.63 13.58 -39.53
C PHE C 230 47.83 12.75 -39.12
N GLN C 231 47.59 11.49 -38.72
CA GLN C 231 48.71 10.57 -38.39
C GLN C 231 49.62 10.27 -39.60
N ALA C 232 49.05 9.98 -40.76
CA ALA C 232 49.88 9.77 -41.96
C ALA C 232 50.76 11.00 -42.23
N ASP C 233 50.21 12.19 -41.99
CA ASP C 233 50.91 13.44 -42.34
C ASP C 233 51.99 13.83 -41.33
N THR C 234 51.79 13.54 -40.04
CA THR C 234 52.62 14.15 -38.97
C THR C 234 53.29 13.13 -38.03
N GLY C 235 52.80 11.88 -38.05
CA GLY C 235 53.17 10.91 -37.01
C GLY C 235 52.35 11.03 -35.73
N ILE C 236 51.58 12.11 -35.59
CA ILE C 236 50.80 12.31 -34.37
C ILE C 236 49.52 11.46 -34.40
N ASP C 237 49.37 10.63 -33.36
CA ASP C 237 48.34 9.60 -33.27
C ASP C 237 47.31 9.95 -32.18
N ILE C 238 46.16 10.43 -32.60
CA ILE C 238 45.23 10.97 -31.65
C ILE C 238 44.00 10.10 -31.55
N ASP C 239 43.56 9.89 -30.32
CA ASP C 239 42.35 9.11 -30.12
C ASP C 239 41.15 9.96 -29.78
N MET C 240 40.02 9.27 -29.60
CA MET C 240 38.74 9.88 -29.26
C MET C 240 38.17 9.31 -27.99
N HIS C 241 37.41 10.12 -27.27
CA HIS C 241 36.40 9.64 -26.33
C HIS C 241 35.10 10.20 -26.88
N ILE C 242 34.07 9.36 -27.03
CA ILE C 242 32.78 9.87 -27.44
C ILE C 242 31.92 10.25 -26.25
N ASP C 243 31.47 11.49 -26.20
CA ASP C 243 30.46 11.88 -25.22
C ASP C 243 29.08 11.60 -25.82
N ALA C 244 28.56 10.44 -25.41
CA ALA C 244 27.31 9.94 -25.96
C ALA C 244 26.19 10.09 -24.93
N ALA C 245 26.36 11.06 -24.03
CA ALA C 245 25.34 11.37 -23.02
C ALA C 245 23.93 10.96 -23.47
N SER C 246 23.42 11.60 -24.53
CA SER C 246 22.12 11.26 -25.07
C SER C 246 22.11 10.20 -26.19
N GLY C 247 22.98 10.33 -27.17
CA GLY C 247 22.84 9.53 -28.38
C GLY C 247 23.15 8.06 -28.25
N GLY C 248 23.86 7.72 -27.16
CA GLY C 248 24.36 6.36 -26.90
C GLY C 248 23.29 5.33 -26.63
N PHE C 249 22.10 5.80 -26.22
CA PHE C 249 20.95 4.92 -26.11
C PHE C 249 19.90 5.27 -27.16
N LEU C 250 20.34 5.97 -28.20
CA LEU C 250 19.43 6.28 -29.36
C LEU C 250 19.87 5.60 -30.67
N ALA C 251 20.95 6.07 -31.26
CA ALA C 251 21.46 5.48 -32.48
C ALA C 251 21.52 3.93 -32.58
N PRO C 252 21.97 3.23 -31.51
CA PRO C 252 22.11 1.77 -31.75
C PRO C 252 20.81 1.12 -32.03
N PHE C 253 19.72 1.79 -31.63
CA PHE C 253 18.35 1.26 -31.80
C PHE C 253 17.62 1.77 -33.05
N VAL C 254 17.68 3.09 -33.30
CA VAL C 254 16.96 3.69 -34.44
C VAL C 254 17.83 4.01 -35.67
N ALA C 255 19.16 4.03 -35.50
CA ALA C 255 20.07 4.32 -36.60
C ALA C 255 21.37 3.53 -36.47
N PRO C 256 21.29 2.19 -36.46
CA PRO C 256 22.53 1.40 -36.33
C PRO C 256 23.62 1.69 -37.38
N ASP C 257 23.24 2.11 -38.59
CA ASP C 257 24.25 2.37 -39.67
C ASP C 257 25.19 3.55 -39.41
N ILE C 258 24.83 4.45 -38.50
CA ILE C 258 25.77 5.50 -38.10
C ILE C 258 26.95 4.86 -37.37
N VAL C 259 28.15 5.01 -37.94
CA VAL C 259 29.32 4.46 -37.34
C VAL C 259 29.96 5.52 -36.42
N TRP C 260 29.64 5.41 -35.13
CA TRP C 260 30.07 6.40 -34.15
C TRP C 260 30.89 5.81 -32.99
N ASP C 261 30.94 4.49 -32.90
CA ASP C 261 31.31 3.80 -31.66
C ASP C 261 32.63 2.97 -31.72
N PHE C 262 32.77 1.90 -30.95
CA PHE C 262 34.02 1.13 -30.98
C PHE C 262 34.24 0.47 -32.36
N ARG C 263 33.32 0.70 -33.30
CA ARG C 263 33.54 0.27 -34.68
C ARG C 263 34.72 1.07 -35.26
N LEU C 264 34.92 2.28 -34.71
CA LEU C 264 35.98 3.20 -35.10
C LEU C 264 37.19 2.90 -34.24
N PRO C 265 38.30 2.48 -34.85
CA PRO C 265 39.47 2.04 -34.05
C PRO C 265 39.99 3.12 -33.06
N ARG C 266 40.02 4.37 -33.51
CA ARG C 266 40.47 5.43 -32.60
C ARG C 266 39.54 5.66 -31.43
N VAL C 267 38.32 5.11 -31.47
CA VAL C 267 37.43 5.29 -30.33
C VAL C 267 37.83 4.39 -29.19
N LYS C 268 38.37 5.02 -28.14
CA LYS C 268 39.04 4.30 -27.07
C LYS C 268 38.15 4.22 -25.85
N SER C 269 37.14 5.07 -25.80
CA SER C 269 36.15 4.92 -24.74
C SER C 269 34.94 5.72 -25.10
N ILE C 270 33.81 5.35 -24.47
CA ILE C 270 32.52 5.99 -24.70
C ILE C 270 31.79 6.19 -23.35
N SER C 271 31.12 7.33 -23.19
CA SER C 271 30.27 7.55 -22.03
C SER C 271 28.85 7.84 -22.49
N ALA C 272 27.87 7.56 -21.61
CA ALA C 272 26.46 7.89 -21.90
C ALA C 272 25.72 7.97 -20.58
N SER C 273 24.52 8.55 -20.61
CA SER C 273 23.73 8.80 -19.41
C SER C 273 22.57 7.83 -19.39
N GLY C 274 22.62 6.88 -18.47
CA GLY C 274 21.53 5.93 -18.27
C GLY C 274 20.22 6.65 -17.96
N HIS C 275 20.28 7.66 -17.07
CA HIS C 275 19.09 8.46 -16.72
C HIS C 275 18.63 9.52 -17.75
N LYS C 276 19.18 9.47 -18.95
CA LYS C 276 18.60 10.18 -20.05
C LYS C 276 17.87 9.13 -20.90
N PHE C 277 18.32 8.89 -22.13
CA PHE C 277 17.60 7.99 -23.01
C PHE C 277 17.82 6.54 -22.68
N GLY C 278 18.78 6.25 -21.81
CA GLY C 278 18.92 4.91 -21.26
C GLY C 278 17.68 4.47 -20.48
N LEU C 279 16.85 5.43 -20.06
CA LEU C 279 15.57 5.14 -19.44
C LEU C 279 15.64 4.85 -17.93
N ALA C 280 16.83 4.84 -17.37
CA ALA C 280 17.04 4.63 -15.96
C ALA C 280 16.68 5.87 -15.17
N PRO C 281 16.37 5.70 -13.86
CA PRO C 281 16.05 6.85 -12.97
C PRO C 281 17.32 7.63 -12.63
N LEU C 282 17.16 8.91 -12.24
CA LEU C 282 18.29 9.78 -11.88
C LEU C 282 19.34 9.08 -11.04
N GLY C 283 20.61 9.24 -11.45
CA GLY C 283 21.78 8.68 -10.74
C GLY C 283 22.42 7.51 -11.46
N CYS C 284 22.33 7.48 -12.79
CA CYS C 284 22.93 6.38 -13.54
C CYS C 284 23.69 6.80 -14.77
N GLY C 285 24.97 6.39 -14.87
CA GLY C 285 25.79 6.69 -16.06
C GLY C 285 26.62 5.47 -16.44
N TRP C 286 27.21 5.48 -17.64
CA TRP C 286 28.05 4.44 -18.11
C TRP C 286 29.31 4.95 -18.80
N VAL C 287 30.45 4.29 -18.56
CA VAL C 287 31.60 4.47 -19.42
C VAL C 287 32.22 3.12 -19.75
N ILE C 288 32.52 2.94 -21.04
CA ILE C 288 33.11 1.72 -21.56
C ILE C 288 34.45 2.05 -22.17
N TRP C 289 35.47 1.21 -21.97
CA TRP C 289 36.72 1.34 -22.71
C TRP C 289 36.82 0.21 -23.76
N ARG C 290 37.55 0.47 -24.83
CA ARG C 290 37.65 -0.51 -25.93
C ARG C 290 38.18 -1.88 -25.44
N ASP C 291 39.18 -1.82 -24.55
CA ASP C 291 39.82 -3.01 -24.05
C ASP C 291 40.68 -2.62 -22.88
N GLU C 292 41.46 -3.57 -22.37
CA GLU C 292 42.31 -3.39 -21.20
C GLU C 292 43.40 -2.34 -21.45
N GLU C 293 44.02 -2.41 -22.63
CA GLU C 293 44.99 -1.41 -23.09
C GLU C 293 44.47 0.06 -23.03
N ALA C 294 43.16 0.28 -23.28
CA ALA C 294 42.62 1.61 -23.28
C ALA C 294 42.50 2.23 -21.88
N LEU C 295 42.64 1.40 -20.84
CA LEU C 295 42.42 1.86 -19.47
C LEU C 295 43.68 1.64 -18.65
N PRO C 296 44.47 2.70 -18.43
CA PRO C 296 45.71 2.59 -17.63
C PRO C 296 45.45 1.97 -16.26
N GLN C 297 46.08 0.82 -15.99
CA GLN C 297 46.04 0.16 -14.67
C GLN C 297 46.46 1.07 -13.48
N GLU C 298 47.23 2.12 -13.73
CA GLU C 298 47.52 3.07 -12.66
C GLU C 298 46.23 3.74 -12.06
N LEU C 299 45.14 3.77 -12.83
CA LEU C 299 43.93 4.49 -12.40
C LEU C 299 43.01 3.61 -11.58
N VAL C 300 43.25 2.30 -11.65
CA VAL C 300 42.40 1.29 -11.08
C VAL C 300 42.84 1.00 -9.67
N PHE C 301 41.91 1.04 -8.74
CA PHE C 301 42.26 0.70 -7.37
C PHE C 301 41.79 -0.71 -7.00
N ASN C 302 42.72 -1.53 -6.52
CA ASN C 302 42.33 -2.88 -6.07
C ASN C 302 42.13 -2.96 -4.59
N VAL C 303 40.90 -3.29 -4.18
CA VAL C 303 40.58 -3.48 -2.76
C VAL C 303 40.38 -4.99 -2.42
N ASP C 304 40.87 -5.42 -1.27
CA ASP C 304 40.57 -6.78 -0.79
C ASP C 304 39.09 -6.99 -0.36
N TYR C 305 38.53 -8.15 -0.73
CA TYR C 305 37.24 -8.62 -0.18
C TYR C 305 37.27 -10.17 -0.08
N LEU C 306 36.29 -10.80 0.57
CA LEU C 306 36.38 -12.26 0.83
C LEU C 306 36.61 -13.16 -0.40
N GLY C 307 35.99 -12.82 -1.52
CA GLY C 307 36.13 -13.65 -2.71
C GLY C 307 37.31 -13.31 -3.62
N GLY C 308 38.30 -12.60 -3.09
CA GLY C 308 39.48 -12.25 -3.88
C GLY C 308 39.95 -10.81 -3.76
N GLN C 309 39.77 -10.03 -4.84
CA GLN C 309 39.92 -8.55 -4.82
C GLN C 309 39.39 -7.93 -6.10
N ILE C 310 38.64 -6.84 -5.98
CA ILE C 310 38.00 -6.26 -7.16
C ILE C 310 38.57 -4.86 -7.53
N GLY C 311 38.70 -4.62 -8.83
CA GLY C 311 39.27 -3.38 -9.33
C GLY C 311 38.22 -2.34 -9.68
N THR C 312 38.31 -1.16 -9.06
CA THR C 312 37.40 -0.07 -9.42
C THR C 312 38.10 1.18 -9.91
N PHE C 313 37.46 1.80 -10.89
CA PHE C 313 37.82 3.12 -11.32
C PHE C 313 36.56 3.97 -11.17
N ALA C 314 36.51 4.68 -10.06
CA ALA C 314 35.34 5.47 -9.72
C ALA C 314 35.79 6.74 -8.99
N ILE C 315 35.12 7.85 -9.25
CA ILE C 315 35.33 8.99 -8.39
C ILE C 315 34.55 8.79 -7.07
N ASN C 316 33.34 8.26 -7.17
CA ASN C 316 32.48 8.08 -5.99
C ASN C 316 32.91 6.81 -5.33
N PHE C 317 32.33 6.47 -4.20
CA PHE C 317 32.61 5.16 -3.59
C PHE C 317 31.32 4.49 -3.17
N SER C 318 30.90 4.63 -1.92
CA SER C 318 29.62 4.06 -1.47
C SER C 318 28.44 4.80 -2.06
N ARG C 319 27.52 4.02 -2.62
CA ARG C 319 26.26 4.61 -3.12
C ARG C 319 25.23 3.53 -3.42
N PRO C 320 23.94 3.93 -3.47
CA PRO C 320 22.89 2.95 -3.68
C PRO C 320 22.96 2.28 -5.05
N ALA C 321 22.54 1.02 -5.09
CA ALA C 321 22.61 0.24 -6.33
C ALA C 321 21.31 0.20 -7.09
N GLY C 322 20.28 0.91 -6.62
CA GLY C 322 18.93 0.84 -7.24
C GLY C 322 18.88 1.31 -8.69
N GLN C 323 19.64 2.34 -9.04
CA GLN C 323 19.57 2.82 -10.42
C GLN C 323 20.15 1.78 -11.39
N VAL C 324 21.22 1.09 -10.99
CA VAL C 324 21.75 -0.03 -11.79
C VAL C 324 20.64 -1.10 -11.92
N ILE C 325 19.99 -1.38 -10.80
CA ILE C 325 18.99 -2.43 -10.78
C ILE C 325 17.83 -2.07 -11.72
N ALA C 326 17.39 -0.81 -11.72
CA ALA C 326 16.33 -0.37 -12.62
C ALA C 326 16.81 -0.31 -14.05
N GLN C 327 18.10 0.06 -14.22
CA GLN C 327 18.62 0.11 -15.57
C GLN C 327 18.48 -1.26 -16.13
N TYR C 328 18.92 -2.24 -15.37
CA TYR C 328 18.91 -3.62 -15.78
C TYR C 328 17.48 -4.06 -16.11
N TYR C 329 16.53 -3.67 -15.27
CA TYR C 329 15.13 -3.87 -15.56
C TYR C 329 14.71 -3.37 -16.92
N GLU C 330 15.20 -2.18 -17.30
CA GLU C 330 14.78 -1.58 -18.57
C GLU C 330 15.38 -2.41 -19.65
N PHE C 331 16.67 -2.74 -19.54
CA PHE C 331 17.30 -3.63 -20.53
C PHE C 331 16.57 -4.98 -20.68
N LEU C 332 16.30 -5.65 -19.57
CA LEU C 332 15.56 -6.88 -19.58
C LEU C 332 14.13 -6.81 -20.12
N ARG C 333 13.32 -5.83 -19.71
CA ARG C 333 11.94 -5.74 -20.22
C ARG C 333 11.83 -5.30 -21.69
N LEU C 334 12.76 -4.45 -22.15
CA LEU C 334 12.71 -3.90 -23.52
C LEU C 334 13.53 -4.63 -24.59
N GLY C 335 14.81 -4.85 -24.35
CA GLY C 335 15.70 -5.32 -25.45
C GLY C 335 15.78 -4.34 -26.62
N ARG C 336 16.50 -4.75 -27.68
CA ARG C 336 16.64 -3.91 -28.88
C ARG C 336 15.28 -3.61 -29.39
N GLU C 337 14.44 -4.63 -29.43
CA GLU C 337 13.10 -4.53 -29.96
C GLU C 337 12.30 -3.43 -29.28
N GLY C 338 12.25 -3.45 -27.94
CA GLY C 338 11.47 -2.45 -27.18
C GLY C 338 12.10 -1.05 -27.15
N TYR C 339 13.44 -0.96 -26.97
CA TYR C 339 14.12 0.32 -27.10
C TYR C 339 13.85 1.00 -28.45
N THR C 340 13.82 0.22 -29.50
CA THR C 340 13.61 0.75 -30.83
C THR C 340 12.23 1.41 -30.88
N LYS C 341 11.22 0.68 -30.41
CA LYS C 341 9.89 1.21 -30.35
C LYS C 341 9.81 2.47 -29.50
N VAL C 342 10.44 2.45 -28.31
CA VAL C 342 10.34 3.55 -27.38
C VAL C 342 11.02 4.81 -27.87
N GLN C 343 12.21 4.69 -28.46
CA GLN C 343 12.91 5.85 -29.02
C GLN C 343 12.22 6.34 -30.29
N ASN C 344 11.68 5.44 -31.11
CA ASN C 344 10.95 5.88 -32.26
C ASN C 344 9.81 6.76 -31.87
N ALA C 345 9.05 6.36 -30.86
CA ALA C 345 7.91 7.16 -30.41
C ALA C 345 8.33 8.58 -30.10
N SER C 346 9.51 8.71 -29.50
CA SER C 346 9.93 10.02 -29.06
C SER C 346 10.34 10.86 -30.26
N TYR C 347 11.01 10.23 -31.23
CA TYR C 347 11.35 10.84 -32.52
C TYR C 347 10.10 11.26 -33.30
N GLN C 348 9.10 10.40 -33.31
CA GLN C 348 7.85 10.73 -33.95
C GLN C 348 7.30 12.04 -33.37
N VAL C 349 7.39 12.16 -32.06
CA VAL C 349 6.91 13.32 -31.39
C VAL C 349 7.73 14.52 -31.82
N ALA C 350 9.05 14.42 -31.74
CA ALA C 350 9.87 15.58 -32.08
C ALA C 350 9.59 16.02 -33.53
N ALA C 351 9.39 15.06 -34.44
CA ALA C 351 9.35 15.35 -35.88
C ALA C 351 8.07 16.10 -36.20
N TYR C 352 6.98 15.62 -35.59
CA TYR C 352 5.72 16.25 -35.69
C TYR C 352 5.79 17.69 -35.15
N LEU C 353 6.45 17.89 -34.01
CA LEU C 353 6.49 19.22 -33.45
C LEU C 353 7.23 20.11 -34.42
N ALA C 354 8.37 19.64 -34.92
CA ALA C 354 9.13 20.41 -35.92
C ALA C 354 8.27 20.81 -37.14
N ASP C 355 7.48 19.89 -37.68
CA ASP C 355 6.73 20.19 -38.91
C ASP C 355 5.56 21.11 -38.58
N GLU C 356 5.07 21.04 -37.36
CA GLU C 356 3.94 21.89 -37.02
C GLU C 356 4.34 23.31 -36.57
N ILE C 357 5.36 23.41 -35.74
CA ILE C 357 5.97 24.69 -35.41
C ILE C 357 6.46 25.45 -36.65
N ALA C 358 7.09 24.76 -37.60
CA ALA C 358 7.45 25.42 -38.92
C ALA C 358 6.32 26.24 -39.55
N LYS C 359 5.08 25.79 -39.40
CA LYS C 359 3.92 26.46 -39.98
C LYS C 359 3.52 27.80 -39.34
N LEU C 360 4.14 28.16 -38.22
CA LEU C 360 3.53 29.14 -37.31
C LEU C 360 4.30 30.45 -37.21
N GLY C 361 5.50 30.45 -37.73
CA GLY C 361 6.37 31.51 -37.44
C GLY C 361 7.45 31.45 -38.48
N PRO C 362 8.17 32.57 -38.65
CA PRO C 362 9.30 32.64 -39.59
C PRO C 362 10.50 31.94 -38.99
N TYR C 363 10.56 30.62 -39.05
CA TYR C 363 11.61 29.98 -38.27
C TYR C 363 12.65 29.27 -39.11
N GLU C 364 13.89 29.35 -38.68
CA GLU C 364 14.91 28.51 -39.26
C GLU C 364 15.29 27.42 -38.24
N PHE C 365 15.28 26.18 -38.74
CA PHE C 365 15.53 25.01 -37.91
C PHE C 365 16.98 24.53 -37.91
N ILE C 366 17.48 24.27 -36.70
CA ILE C 366 18.81 23.63 -36.51
C ILE C 366 18.68 22.12 -36.28
N CYS C 367 17.58 21.72 -35.61
CA CYS C 367 17.34 20.31 -35.35
C CYS C 367 15.86 20.03 -35.44
N THR C 368 15.49 18.99 -36.18
CA THR C 368 14.07 18.70 -36.38
C THR C 368 13.71 17.25 -36.02
N GLY C 369 14.39 16.65 -35.03
CA GLY C 369 14.04 15.28 -34.53
C GLY C 369 14.12 14.10 -35.53
N ARG C 370 15.09 14.16 -36.42
CA ARG C 370 15.33 13.12 -37.36
C ARG C 370 16.34 12.17 -36.75
N PRO C 371 16.02 10.85 -36.71
CA PRO C 371 16.93 9.83 -36.19
C PRO C 371 18.33 9.91 -36.79
N ASP C 372 18.47 10.31 -38.05
CA ASP C 372 19.75 10.23 -38.72
C ASP C 372 20.63 11.46 -38.42
N GLU C 373 20.07 12.48 -37.78
CA GLU C 373 20.85 13.70 -37.53
C GLU C 373 21.11 13.93 -36.06
N GLY C 374 20.33 13.30 -35.19
CA GLY C 374 20.51 13.52 -33.77
C GLY C 374 19.44 12.94 -32.90
N ILE C 375 19.10 13.68 -31.85
CA ILE C 375 18.22 13.18 -30.81
C ILE C 375 16.77 13.71 -31.01
N PRO C 376 15.77 13.15 -30.28
CA PRO C 376 14.43 13.72 -30.42
C PRO C 376 14.39 15.09 -29.74
N ALA C 377 14.80 16.10 -30.49
CA ALA C 377 14.86 17.46 -30.03
C ALA C 377 14.44 18.31 -31.22
N VAL C 378 13.86 19.48 -30.93
CA VAL C 378 13.55 20.43 -31.96
C VAL C 378 14.30 21.69 -31.57
N CYS C 379 15.09 22.21 -32.49
CA CYS C 379 15.83 23.43 -32.24
C CYS C 379 15.70 24.41 -33.38
N PHE C 380 15.32 25.63 -33.03
CA PHE C 380 15.08 26.63 -34.05
C PHE C 380 15.37 28.01 -33.51
N LYS C 381 15.60 28.92 -34.46
CA LYS C 381 15.82 30.31 -34.19
C LYS C 381 14.87 31.07 -35.12
N LEU C 382 14.77 32.39 -34.95
CA LEU C 382 14.02 33.21 -35.91
C LEU C 382 14.91 33.33 -37.17
N LYS C 383 14.30 33.40 -38.34
CA LYS C 383 15.09 33.68 -39.54
C LYS C 383 15.77 35.05 -39.37
N ASP C 384 17.06 35.15 -39.68
CA ASP C 384 17.78 36.43 -39.64
C ASP C 384 16.94 37.50 -40.32
N GLY C 385 16.90 38.69 -39.72
CA GLY C 385 16.22 39.84 -40.30
C GLY C 385 14.71 39.79 -40.29
N GLU C 386 14.14 38.83 -39.57
CA GLU C 386 12.69 38.69 -39.47
C GLU C 386 12.19 39.07 -38.08
N ASP C 387 11.11 39.85 -38.04
CA ASP C 387 10.53 40.30 -36.78
C ASP C 387 9.04 40.02 -36.77
N PRO C 388 8.64 38.93 -36.12
CA PRO C 388 7.27 38.54 -36.16
C PRO C 388 6.48 39.19 -35.04
N GLY C 389 7.17 39.94 -34.16
CA GLY C 389 6.50 40.71 -33.11
C GLY C 389 6.65 40.15 -31.70
N TYR C 390 7.69 39.35 -31.50
CA TYR C 390 8.12 38.85 -30.22
C TYR C 390 9.51 38.28 -30.46
N THR C 391 10.20 37.93 -29.38
CA THR C 391 11.39 37.14 -29.43
C THR C 391 11.03 35.74 -28.86
N LEU C 392 11.96 34.80 -28.96
CA LEU C 392 11.72 33.46 -28.42
C LEU C 392 11.67 33.50 -26.87
N TYR C 393 12.42 34.42 -26.28
CA TYR C 393 12.30 34.73 -24.85
C TYR C 393 10.84 35.06 -24.43
N ASP C 394 10.21 35.96 -25.18
CA ASP C 394 8.83 36.34 -24.89
C ASP C 394 7.87 35.17 -25.02
N LEU C 395 8.12 34.34 -26.04
CA LEU C 395 7.27 33.19 -26.31
C LEU C 395 7.43 32.13 -25.22
N SER C 396 8.66 31.92 -24.78
CA SER C 396 8.95 31.04 -23.66
C SER C 396 8.16 31.46 -22.42
N GLU C 397 8.18 32.77 -22.12
CA GLU C 397 7.42 33.25 -21.00
C GLU C 397 5.92 32.98 -21.15
N ARG C 398 5.40 33.21 -22.34
CA ARG C 398 4.01 32.96 -22.57
C ARG C 398 3.72 31.48 -22.30
N LEU C 399 4.62 30.61 -22.73
CA LEU C 399 4.43 29.19 -22.56
C LEU C 399 4.49 28.74 -21.09
N ARG C 400 5.29 29.45 -20.28
CA ARG C 400 5.36 29.20 -18.84
C ARG C 400 4.04 29.46 -18.12
N LEU C 401 3.24 30.42 -18.61
CA LEU C 401 1.97 30.72 -17.94
C LEU C 401 0.93 29.69 -18.27
N ARG C 402 1.22 28.88 -19.28
CA ARG C 402 0.36 27.72 -19.60
C ARG C 402 0.90 26.40 -18.99
N GLY C 403 1.98 26.51 -18.22
CA GLY C 403 2.55 25.38 -17.49
C GLY C 403 3.81 24.78 -18.08
N TRP C 404 4.20 25.23 -19.28
CA TRP C 404 5.34 24.63 -20.01
C TRP C 404 6.68 25.34 -19.80
N GLN C 405 7.73 24.56 -19.83
CA GLN C 405 9.04 25.13 -19.74
C GLN C 405 9.77 24.76 -21.02
N VAL C 406 9.88 25.71 -21.92
CA VAL C 406 10.47 25.50 -23.22
C VAL C 406 11.54 26.57 -23.30
N PRO C 407 12.81 26.17 -23.13
CA PRO C 407 13.92 27.11 -22.96
C PRO C 407 14.24 27.90 -24.23
N ALA C 408 14.49 29.19 -24.00
CA ALA C 408 15.12 30.09 -24.98
C ALA C 408 16.49 30.45 -24.40
N PHE C 409 17.52 30.41 -25.25
CA PHE C 409 18.88 30.77 -24.84
C PHE C 409 19.78 31.03 -26.04
N THR C 410 20.92 31.66 -25.76
CA THR C 410 21.85 32.08 -26.80
C THR C 410 22.83 30.96 -27.04
N LEU C 411 23.22 30.86 -28.29
CA LEU C 411 24.33 30.03 -28.66
C LEU C 411 25.68 30.59 -28.11
N GLY C 412 26.79 29.92 -28.43
CA GLY C 412 28.10 30.32 -27.90
C GLY C 412 29.00 30.82 -29.02
N GLY C 413 30.27 31.06 -28.68
CA GLY C 413 31.29 31.45 -29.66
C GLY C 413 30.87 32.61 -30.58
N GLU C 414 31.01 32.39 -31.87
CA GLU C 414 30.73 33.43 -32.86
C GLU C 414 29.22 33.58 -33.15
N ALA C 415 28.42 32.70 -32.53
CA ALA C 415 26.94 32.72 -32.60
C ALA C 415 26.30 33.22 -31.28
N THR C 416 27.05 34.08 -30.61
CA THR C 416 26.72 34.64 -29.30
C THR C 416 25.43 35.49 -29.25
N ASP C 417 24.90 35.83 -30.42
CA ASP C 417 23.66 36.59 -30.54
C ASP C 417 22.53 35.87 -31.28
N ILE C 418 22.68 34.58 -31.54
CA ILE C 418 21.55 33.79 -32.01
C ILE C 418 20.82 33.25 -30.79
N VAL C 419 19.52 33.53 -30.72
CA VAL C 419 18.68 33.02 -29.65
C VAL C 419 17.93 31.82 -30.24
N VAL C 420 18.05 30.69 -29.54
CA VAL C 420 17.34 29.46 -29.91
C VAL C 420 16.28 29.04 -28.89
N MET C 421 15.30 28.31 -29.41
CA MET C 421 14.35 27.60 -28.58
C MET C 421 14.66 26.11 -28.77
N ARG C 422 14.77 25.39 -27.67
CA ARG C 422 15.02 23.95 -27.74
C ARG C 422 13.90 23.17 -27.01
N ILE C 423 13.30 22.18 -27.70
CA ILE C 423 12.29 21.30 -27.12
C ILE C 423 12.82 19.87 -27.04
N MET C 424 12.87 19.28 -25.85
CA MET C 424 13.29 17.89 -25.71
C MET C 424 12.09 16.95 -25.57
N CYS C 425 12.13 15.84 -26.30
CA CYS C 425 11.06 14.89 -26.25
C CYS C 425 11.49 13.59 -25.56
N ARG C 426 11.20 13.47 -24.29
CA ARG C 426 11.58 12.28 -23.58
C ARG C 426 10.37 11.34 -23.38
N ARG C 427 10.61 10.17 -22.80
CA ARG C 427 9.54 9.19 -22.56
C ARG C 427 8.40 9.83 -21.68
N GLY C 428 7.18 9.73 -22.14
CA GLY C 428 6.10 10.23 -21.35
C GLY C 428 5.47 11.42 -22.02
N PHE C 429 6.28 12.17 -22.75
CA PHE C 429 5.77 13.28 -23.51
C PHE C 429 5.26 12.73 -24.85
N GLU C 430 4.09 12.11 -24.79
CA GLU C 430 3.47 11.51 -25.95
C GLU C 430 2.76 12.49 -26.90
N MET C 431 2.38 11.98 -28.06
CA MET C 431 1.67 12.72 -29.09
C MET C 431 0.55 13.62 -28.51
N ASP C 432 -0.34 13.08 -27.68
CA ASP C 432 -1.44 13.87 -27.09
C ASP C 432 -0.95 15.11 -26.26
N PHE C 433 0.17 14.95 -25.59
CA PHE C 433 0.80 16.04 -24.85
C PHE C 433 1.43 17.06 -25.81
N ALA C 434 1.95 16.59 -26.95
CA ALA C 434 2.45 17.47 -27.96
C ALA C 434 1.35 18.25 -28.65
N GLU C 435 0.16 17.66 -28.87
CA GLU C 435 -0.97 18.47 -29.37
C GLU C 435 -1.32 19.58 -28.36
N LEU C 436 -1.28 19.29 -27.06
CA LEU C 436 -1.59 20.34 -26.09
C LEU C 436 -0.55 21.49 -26.20
N LEU C 437 0.73 21.14 -26.21
CA LEU C 437 1.81 22.09 -26.47
C LEU C 437 1.48 22.95 -27.69
N LEU C 438 1.31 22.32 -28.86
CA LEU C 438 0.88 23.03 -30.07
C LEU C 438 -0.28 24.04 -29.85
N GLU C 439 -1.38 23.62 -29.25
CA GLU C 439 -2.45 24.53 -28.90
C GLU C 439 -1.96 25.63 -28.00
N ASP C 440 -1.06 25.31 -27.08
CA ASP C 440 -0.60 26.36 -26.20
C ASP C 440 0.33 27.37 -26.91
N TYR C 441 1.03 26.87 -27.90
CA TYR C 441 1.94 27.65 -28.71
C TYR C 441 1.11 28.61 -29.57
N LYS C 442 0.09 28.11 -30.24
CA LYS C 442 -0.75 28.98 -31.05
C LYS C 442 -1.42 30.09 -30.19
N ALA C 443 -1.97 29.71 -29.03
CA ALA C 443 -2.62 30.66 -28.14
C ALA C 443 -1.64 31.73 -27.66
N SER C 444 -0.38 31.33 -27.44
CA SER C 444 0.70 32.26 -27.09
C SER C 444 1.03 33.26 -28.22
N LEU C 445 1.09 32.79 -29.46
CA LEU C 445 1.26 33.68 -30.61
C LEU C 445 0.11 34.72 -30.71
N LYS C 446 -1.13 34.28 -30.63
CA LYS C 446 -2.27 35.17 -30.68
C LYS C 446 -2.09 36.23 -29.59
N TYR C 447 -1.88 35.78 -28.36
CA TYR C 447 -1.66 36.66 -27.26
C TYR C 447 -0.56 37.70 -27.55
N LEU C 448 0.58 37.25 -28.08
CA LEU C 448 1.66 38.18 -28.36
C LEU C 448 1.28 39.15 -29.49
N SER C 449 0.54 38.64 -30.47
CA SER C 449 0.04 39.43 -31.58
C SER C 449 -0.95 40.51 -31.10
N ASP C 450 -1.76 40.15 -30.10
CA ASP C 450 -2.74 41.08 -29.56
C ASP C 450 -2.16 42.03 -28.50
N HIS C 451 -0.94 41.75 -28.03
CA HIS C 451 -0.37 42.49 -26.90
C HIS C 451 1.07 42.92 -27.20
N PRO C 452 1.25 43.68 -28.29
CA PRO C 452 2.54 43.96 -28.90
C PRO C 452 3.51 44.58 -27.95
N LYS C 453 3.02 45.28 -26.93
CA LYS C 453 3.91 45.83 -25.93
C LYS C 453 4.79 44.76 -25.25
N LEU C 454 4.40 43.48 -25.31
CA LEU C 454 5.21 42.41 -24.68
C LEU C 454 6.55 42.16 -25.35
N GLN C 455 6.78 42.75 -26.52
CA GLN C 455 8.00 42.45 -27.29
C GLN C 455 9.33 42.94 -26.71
N GLY C 456 10.29 42.04 -26.50
CA GLY C 456 11.64 42.44 -26.15
C GLY C 456 11.86 42.55 -24.65
N ILE C 457 10.78 42.37 -23.87
CA ILE C 457 10.82 42.50 -22.41
C ILE C 457 11.63 41.37 -21.74
N ALA C 458 11.30 40.12 -22.04
CA ALA C 458 12.03 39.00 -21.42
C ALA C 458 13.47 38.85 -21.99
N GLN C 459 14.47 38.68 -21.10
CA GLN C 459 15.86 38.28 -21.52
C GLN C 459 16.75 37.52 -20.54
N GLN C 460 16.14 36.58 -19.86
CA GLN C 460 16.95 35.70 -19.07
C GLN C 460 16.96 34.34 -19.80
N ASN C 461 18.16 33.83 -20.07
CA ASN C 461 18.33 32.45 -20.54
C ASN C 461 17.71 31.45 -19.55
N SER C 462 16.93 30.50 -20.08
CA SER C 462 16.59 29.32 -19.32
C SER C 462 17.79 28.42 -19.17
N PHE C 463 17.83 27.69 -18.05
CA PHE C 463 18.77 26.59 -17.82
C PHE C 463 18.85 25.67 -19.02
N LYS C 464 20.05 25.53 -19.57
CA LYS C 464 20.30 24.79 -20.81
C LYS C 464 21.07 23.44 -20.66
N HIS C 465 21.60 23.16 -19.46
CA HIS C 465 22.65 22.13 -19.31
C HIS C 465 22.25 20.65 -19.21
N THR C 466 21.05 20.35 -18.71
CA THR C 466 20.56 18.96 -18.59
C THR C 466 19.07 18.89 -18.34
N LEU D 13 2.03 7.26 -34.31
CA LEU D 13 1.96 5.74 -34.41
C LEU D 13 2.54 4.94 -33.18
N LEU D 14 3.64 5.35 -32.57
CA LEU D 14 4.12 4.59 -31.40
C LEU D 14 3.96 5.38 -30.08
N ASP D 15 3.92 4.67 -28.94
CA ASP D 15 3.86 5.32 -27.60
C ASP D 15 5.06 4.89 -26.79
N SER D 16 5.77 5.86 -26.21
CA SER D 16 7.05 5.54 -25.56
C SER D 16 6.89 4.86 -24.23
N ARG D 17 5.77 5.08 -23.56
CA ARG D 17 5.52 4.45 -22.25
C ARG D 17 5.27 2.95 -22.43
N PHE D 18 4.46 2.62 -23.44
CA PHE D 18 4.00 1.26 -23.66
C PHE D 18 4.80 0.49 -24.70
N GLY D 19 5.75 1.13 -25.37
CA GLY D 19 6.47 0.49 -26.47
C GLY D 19 5.56 -0.28 -27.42
N ALA D 20 4.44 0.33 -27.79
CA ALA D 20 3.41 -0.32 -28.59
C ALA D 20 2.74 0.70 -29.46
N LYS D 21 1.93 0.24 -30.42
CA LYS D 21 1.11 1.16 -31.20
C LYS D 21 0.43 2.25 -30.30
N SER D 22 0.36 3.48 -30.79
CA SER D 22 -0.21 4.57 -30.01
C SER D 22 -1.73 4.47 -29.90
N ILE D 23 -2.24 4.73 -28.70
CA ILE D 23 -3.63 4.99 -28.49
C ILE D 23 -3.70 6.44 -28.02
N SER D 24 -4.35 7.27 -28.85
CA SER D 24 -4.63 8.66 -28.55
C SER D 24 -6.04 8.90 -27.95
N THR D 25 -6.11 9.68 -26.86
CA THR D 25 -7.40 10.12 -26.32
C THR D 25 -7.95 11.30 -27.12
N ILE D 26 -7.06 12.00 -27.83
CA ILE D 26 -7.40 13.28 -28.46
C ILE D 26 -7.99 13.10 -29.87
N ALA D 27 -7.47 12.08 -30.58
CA ALA D 27 -7.95 11.68 -31.91
C ALA D 27 -9.48 11.52 -31.90
N GLU D 28 -9.98 10.31 -31.66
CA GLU D 28 -11.44 10.04 -31.70
C GLU D 28 -12.19 10.57 -30.47
N SER D 29 -11.75 11.68 -29.89
CA SER D 29 -12.28 12.13 -28.59
C SER D 29 -13.76 12.50 -28.64
N LYS D 30 -14.34 12.45 -29.83
CA LYS D 30 -15.68 12.95 -29.97
C LYS D 30 -16.69 11.84 -30.10
N ARG D 31 -16.25 10.64 -30.50
CA ARG D 31 -17.18 9.52 -30.55
C ARG D 31 -16.96 8.55 -29.38
N PHE D 32 -18.01 7.80 -29.04
CA PHE D 32 -17.90 6.72 -28.09
C PHE D 32 -16.90 5.75 -28.64
N PRO D 33 -15.96 5.31 -27.81
CA PRO D 33 -14.95 4.42 -28.36
C PRO D 33 -15.56 3.10 -28.82
N LEU D 34 -14.93 2.51 -29.84
CA LEU D 34 -15.45 1.32 -30.47
C LEU D 34 -14.97 0.05 -29.77
N HIS D 35 -13.68 0.01 -29.46
CA HIS D 35 -13.03 -1.21 -29.01
C HIS D 35 -12.58 -1.16 -27.55
N GLU D 36 -12.38 -2.34 -26.97
CA GLU D 36 -11.82 -2.52 -25.65
C GLU D 36 -10.35 -2.09 -25.71
N MET D 37 -9.79 -1.72 -24.56
CA MET D 37 -8.33 -1.54 -24.47
C MET D 37 -7.98 -2.14 -23.11
N ARG D 38 -6.74 -2.54 -22.89
CA ARG D 38 -6.33 -3.14 -21.60
C ARG D 38 -6.57 -2.17 -20.45
N ASP D 39 -7.15 -2.66 -19.36
CA ASP D 39 -7.54 -1.77 -18.28
C ASP D 39 -6.36 -0.95 -17.76
N ASP D 40 -5.22 -1.60 -17.55
CA ASP D 40 -4.04 -0.91 -17.01
C ASP D 40 -3.42 0.15 -17.94
N VAL D 41 -3.60 -0.02 -19.24
CA VAL D 41 -3.19 1.04 -20.17
C VAL D 41 -4.17 2.20 -20.06
N ALA D 42 -5.45 1.89 -19.95
CA ALA D 42 -6.46 2.93 -19.91
C ALA D 42 -6.25 3.74 -18.64
N PHE D 43 -5.82 3.04 -17.58
CA PHE D 43 -5.53 3.68 -16.30
C PHE D 43 -4.32 4.60 -16.41
N GLN D 44 -3.19 4.07 -16.92
CA GLN D 44 -1.97 4.85 -17.05
C GLN D 44 -2.18 6.03 -18.02
N ILE D 45 -2.90 5.80 -19.13
CA ILE D 45 -3.24 6.94 -20.00
C ILE D 45 -3.92 8.07 -19.23
N ILE D 46 -4.93 7.75 -18.46
CA ILE D 46 -5.66 8.77 -17.70
C ILE D 46 -4.78 9.34 -16.55
N ASN D 47 -4.13 8.45 -15.81
CA ASN D 47 -3.28 8.89 -14.73
C ASN D 47 -2.21 9.91 -15.22
N ASP D 48 -1.57 9.62 -16.36
CA ASP D 48 -0.63 10.56 -16.97
C ASP D 48 -1.25 11.90 -17.39
N GLU D 49 -2.48 11.91 -17.90
CA GLU D 49 -2.99 13.22 -18.24
C GLU D 49 -3.45 14.00 -17.03
N LEU D 50 -3.64 13.33 -15.90
CA LEU D 50 -4.10 14.05 -14.73
C LEU D 50 -3.01 14.88 -14.13
N TYR D 51 -1.75 14.59 -14.44
CA TYR D 51 -0.62 15.46 -14.03
C TYR D 51 -0.72 16.90 -14.57
N LEU D 52 -1.51 17.12 -15.60
CA LEU D 52 -1.72 18.47 -16.12
C LEU D 52 -2.67 19.28 -15.25
N ASP D 53 -3.34 18.65 -14.31
CA ASP D 53 -4.14 19.44 -13.37
C ASP D 53 -3.13 20.10 -12.42
N GLY D 54 -3.43 21.27 -11.89
CA GLY D 54 -2.69 21.70 -10.72
C GLY D 54 -2.93 20.81 -9.47
N ASN D 55 -2.07 21.01 -8.46
CA ASN D 55 -2.34 20.45 -7.12
C ASN D 55 -3.05 21.43 -6.17
N ALA D 56 -3.13 22.69 -6.56
CA ALA D 56 -3.76 23.79 -5.77
C ALA D 56 -3.00 24.24 -4.53
N ARG D 57 -1.92 23.55 -4.21
CA ARG D 57 -1.16 23.90 -3.02
C ARG D 57 -0.75 25.38 -3.10
N GLN D 58 -0.45 25.86 -4.30
CA GLN D 58 -0.13 27.28 -4.47
C GLN D 58 -1.29 28.08 -5.00
N ASN D 59 -2.46 27.48 -5.04
CA ASN D 59 -3.60 28.24 -5.49
C ASN D 59 -4.23 28.93 -4.28
N LEU D 60 -4.27 30.27 -4.30
CA LEU D 60 -4.76 31.04 -3.16
C LEU D 60 -6.11 31.66 -3.46
N ALA D 61 -6.71 31.23 -4.56
CA ALA D 61 -7.99 31.72 -4.99
C ALA D 61 -9.13 30.87 -4.39
N THR D 62 -8.90 29.59 -4.18
CA THR D 62 -9.99 28.76 -3.72
C THR D 62 -10.14 28.70 -2.19
N PHE D 63 -11.39 28.43 -1.77
CA PHE D 63 -11.80 28.18 -0.40
C PHE D 63 -11.79 26.69 -0.10
N CYS D 64 -11.75 25.86 -1.12
CA CYS D 64 -11.98 24.44 -0.94
C CYS D 64 -10.75 23.69 -0.36
N GLN D 65 -11.01 22.63 0.39
CA GLN D 65 -9.90 21.89 1.00
C GLN D 65 -8.97 21.25 -0.05
N THR D 66 -7.67 21.43 0.12
CA THR D 66 -6.68 20.94 -0.82
C THR D 66 -5.51 20.33 -0.05
N TRP D 67 -5.53 20.35 1.29
CA TRP D 67 -4.51 19.63 2.07
C TRP D 67 -4.85 18.11 2.05
N ASP D 68 -3.89 17.25 2.37
CA ASP D 68 -4.13 15.81 2.38
C ASP D 68 -3.88 15.18 3.75
N ASP D 69 -4.81 14.34 4.14
CA ASP D 69 -4.73 13.66 5.40
C ASP D 69 -4.98 12.20 5.01
N GLU D 70 -4.02 11.36 5.39
CA GLU D 70 -4.07 9.94 5.08
C GLU D 70 -5.35 9.29 5.59
N ASN D 71 -5.75 9.62 6.83
CA ASN D 71 -7.00 9.08 7.38
C ASN D 71 -8.19 9.46 6.53
N VAL D 72 -8.20 10.65 5.93
CA VAL D 72 -9.35 11.05 5.12
C VAL D 72 -9.37 10.26 3.82
N HIS D 73 -8.20 10.02 3.25
CA HIS D 73 -8.10 9.19 2.05
C HIS D 73 -8.59 7.81 2.31
N LYS D 74 -8.30 7.28 3.50
CA LYS D 74 -8.82 5.91 3.81
C LYS D 74 -10.35 5.89 3.97
N LEU D 75 -10.88 6.87 4.70
CA LEU D 75 -12.33 6.93 4.93
C LEU D 75 -13.08 7.10 3.58
N MET D 76 -12.62 8.00 2.70
CA MET D 76 -13.22 8.17 1.37
C MET D 76 -13.12 6.86 0.59
N ASP D 77 -11.93 6.29 0.50
CA ASP D 77 -11.75 5.05 -0.24
C ASP D 77 -12.65 3.90 0.21
N LEU D 78 -12.88 3.75 1.53
CA LEU D 78 -13.80 2.74 2.08
C LEU D 78 -15.20 3.03 1.69
N SER D 79 -15.45 4.29 1.33
CA SER D 79 -16.81 4.78 1.19
C SER D 79 -17.28 4.99 -0.23
N ILE D 80 -16.46 4.58 -1.18
CA ILE D 80 -16.69 4.90 -2.59
C ILE D 80 -18.07 4.43 -3.00
N ASN D 81 -18.52 3.31 -2.41
CA ASN D 81 -19.79 2.64 -2.74
C ASN D 81 -20.93 2.82 -1.75
N LYS D 82 -20.70 3.56 -0.66
CA LYS D 82 -21.73 3.73 0.33
C LYS D 82 -22.72 4.77 -0.12
N ASN D 83 -23.95 4.35 -0.32
CA ASN D 83 -24.99 5.27 -0.82
C ASN D 83 -25.65 6.12 0.26
N TRP D 84 -25.33 7.42 0.27
CA TRP D 84 -25.89 8.37 1.24
C TRP D 84 -27.42 8.29 1.35
N ILE D 85 -28.13 7.90 0.29
CA ILE D 85 -29.58 8.00 0.30
C ILE D 85 -30.22 6.71 0.83
N ASP D 86 -29.47 5.63 0.83
CA ASP D 86 -30.03 4.30 1.08
C ASP D 86 -29.75 3.96 2.55
N LYS D 87 -30.63 4.44 3.41
CA LYS D 87 -30.43 4.31 4.84
C LYS D 87 -30.45 2.85 5.33
N GLU D 88 -30.95 1.96 4.49
CA GLU D 88 -31.33 0.64 4.90
C GLU D 88 -30.08 -0.27 4.77
N GLU D 89 -29.41 -0.12 3.63
CA GLU D 89 -28.22 -0.89 3.36
C GLU D 89 -26.99 -0.25 4.06
N TYR D 90 -27.00 1.07 4.26
CA TYR D 90 -25.93 1.74 4.97
C TYR D 90 -26.41 2.48 6.26
N PRO D 91 -26.84 1.72 7.27
CA PRO D 91 -27.48 2.34 8.42
C PRO D 91 -26.49 3.09 9.29
N GLN D 92 -25.25 2.64 9.25
CA GLN D 92 -24.22 3.27 10.02
C GLN D 92 -23.82 4.60 9.37
N SER D 93 -23.63 4.61 8.06
CA SER D 93 -23.44 5.87 7.37
C SER D 93 -24.59 6.81 7.74
N ALA D 94 -25.83 6.35 7.64
CA ALA D 94 -26.98 7.18 8.02
C ALA D 94 -26.89 7.71 9.46
N ALA D 95 -26.46 6.89 10.40
CA ALA D 95 -26.35 7.32 11.78
C ALA D 95 -25.35 8.46 11.91
N ILE D 96 -24.18 8.27 11.30
CA ILE D 96 -23.11 9.25 11.36
C ILE D 96 -23.59 10.56 10.77
N ASP D 97 -24.29 10.49 9.64
CA ASP D 97 -24.83 11.65 9.01
C ASP D 97 -25.81 12.39 9.95
N LEU D 98 -26.69 11.65 10.65
CA LEU D 98 -27.59 12.29 11.62
C LEU D 98 -26.86 12.99 12.79
N ARG D 99 -25.74 12.42 13.24
CA ARG D 99 -24.96 13.09 14.28
C ARG D 99 -24.41 14.39 13.75
N CYS D 100 -23.85 14.37 12.56
CA CYS D 100 -23.38 15.59 11.92
C CYS D 100 -24.43 16.70 11.90
N VAL D 101 -25.65 16.36 11.51
CA VAL D 101 -26.69 17.36 11.43
C VAL D 101 -26.87 17.91 12.83
N ASN D 102 -27.00 17.03 13.81
CA ASN D 102 -27.13 17.54 15.18
C ASN D 102 -26.00 18.46 15.68
N MET D 103 -24.79 18.17 15.26
CA MET D 103 -23.63 18.87 15.79
C MET D 103 -23.54 20.21 15.13
N VAL D 104 -23.87 20.28 13.84
CA VAL D 104 -23.86 21.56 13.17
C VAL D 104 -24.97 22.43 13.73
N ALA D 105 -26.12 21.80 13.98
CA ALA D 105 -27.22 22.56 14.57
C ALA D 105 -26.77 23.13 15.94
N ASP D 106 -26.12 22.32 16.73
CA ASP D 106 -25.66 22.74 18.04
C ASP D 106 -24.62 23.88 17.94
N LEU D 107 -23.65 23.73 17.06
CA LEU D 107 -22.70 24.81 16.83
C LEU D 107 -23.35 26.16 16.54
N TRP D 108 -24.49 26.16 15.83
CA TRP D 108 -25.14 27.39 15.40
C TRP D 108 -26.29 27.79 16.34
N HIS D 109 -26.38 27.09 17.47
CA HIS D 109 -27.29 27.38 18.59
C HIS D 109 -28.76 27.14 18.26
N ALA D 110 -29.04 26.12 17.45
CA ALA D 110 -30.41 25.81 17.11
C ALA D 110 -31.14 25.41 18.38
N PRO D 111 -32.45 25.75 18.45
CA PRO D 111 -33.31 25.23 19.52
C PRO D 111 -33.19 23.72 19.63
N ALA D 112 -33.05 23.23 20.85
CA ALA D 112 -33.08 21.79 21.12
C ALA D 112 -34.35 21.20 20.52
N PRO D 113 -34.18 20.14 19.72
CA PRO D 113 -35.30 19.51 19.05
C PRO D 113 -36.18 18.79 20.08
N LYS D 114 -37.50 18.92 19.88
CA LYS D 114 -38.51 18.25 20.72
C LYS D 114 -38.38 16.70 20.64
N ASN D 115 -38.22 16.16 19.42
CA ASN D 115 -38.05 14.72 19.23
C ASN D 115 -36.69 14.14 19.67
N GLY D 116 -35.60 14.83 19.33
CA GLY D 116 -34.26 14.32 19.53
C GLY D 116 -33.38 14.61 18.33
N GLN D 117 -34.01 14.98 17.21
CA GLN D 117 -33.29 15.25 15.96
C GLN D 117 -33.49 16.64 15.30
N ALA D 118 -32.41 17.37 15.10
CA ALA D 118 -32.47 18.68 14.45
C ALA D 118 -32.98 18.64 13.01
N VAL D 119 -33.47 19.77 12.54
CA VAL D 119 -34.06 19.83 11.22
C VAL D 119 -32.98 20.38 10.38
N GLY D 120 -32.52 19.56 9.44
CA GLY D 120 -31.33 19.86 8.70
C GLY D 120 -31.00 18.77 7.74
N THR D 121 -30.02 19.03 6.89
CA THR D 121 -29.57 17.94 6.01
C THR D 121 -28.15 18.13 5.54
N ASN D 122 -27.46 17.03 5.23
CA ASN D 122 -26.23 17.14 4.45
C ASN D 122 -26.60 17.52 3.04
N THR D 123 -25.73 18.21 2.32
CA THR D 123 -25.85 18.46 0.87
C THR D 123 -24.48 18.23 0.22
N ILE D 124 -24.46 18.32 -1.11
CA ILE D 124 -23.24 18.25 -1.94
C ILE D 124 -22.36 19.47 -1.75
N GLY D 125 -22.98 20.61 -1.42
CA GLY D 125 -22.25 21.85 -1.18
C GLY D 125 -23.21 22.94 -0.74
N SER D 126 -22.70 24.18 -0.65
CA SER D 126 -23.53 25.35 -0.38
C SER D 126 -24.53 25.64 -1.47
N SER D 127 -24.22 25.29 -2.72
CA SER D 127 -25.17 25.53 -3.78
C SER D 127 -26.51 24.88 -3.45
N GLU D 128 -26.48 23.56 -3.22
CA GLU D 128 -27.70 22.82 -2.94
C GLU D 128 -28.34 23.32 -1.63
N ALA D 129 -27.53 23.44 -0.59
CA ALA D 129 -28.01 23.97 0.69
C ALA D 129 -28.78 25.27 0.53
N CYS D 130 -28.24 26.17 -0.27
CA CYS D 130 -28.87 27.46 -0.58
C CYS D 130 -30.21 27.33 -1.27
N MET D 131 -30.27 26.49 -2.31
CA MET D 131 -31.52 26.23 -3.02
C MET D 131 -32.55 25.71 -2.02
N LEU D 132 -32.12 24.86 -1.10
CA LEU D 132 -33.05 24.29 -0.16
C LEU D 132 -33.54 25.38 0.76
N GLY D 133 -32.63 26.22 1.22
CA GLY D 133 -33.00 27.25 2.15
C GLY D 133 -33.94 28.23 1.46
N GLY D 134 -33.68 28.51 0.18
CA GLY D 134 -34.40 29.54 -0.56
C GLY D 134 -35.79 29.04 -0.87
N MET D 135 -35.87 27.75 -1.20
CA MET D 135 -37.16 27.13 -1.41
C MET D 135 -37.99 27.23 -0.13
N ALA D 136 -37.43 26.84 1.00
CA ALA D 136 -38.19 26.93 2.24
C ALA D 136 -38.65 28.37 2.48
N MET D 137 -37.75 29.33 2.24
CA MET D 137 -38.11 30.76 2.39
C MET D 137 -39.32 31.10 1.56
N LYS D 138 -39.28 30.70 0.29
CA LYS D 138 -40.28 31.01 -0.65
C LYS D 138 -41.62 30.42 -0.22
N TRP D 139 -41.61 29.16 0.21
CA TRP D 139 -42.79 28.52 0.72
C TRP D 139 -43.29 29.25 1.99
N ARG D 140 -42.39 29.69 2.88
CA ARG D 140 -42.88 30.25 4.15
C ARG D 140 -43.59 31.55 3.81
N TRP D 141 -42.98 32.32 2.91
CA TRP D 141 -43.54 33.58 2.53
C TRP D 141 -44.92 33.33 1.88
N ARG D 142 -44.95 32.42 0.89
CA ARG D 142 -46.18 32.10 0.20
C ARG D 142 -47.31 31.78 1.19
N LYS D 143 -47.03 30.95 2.20
CA LYS D 143 -48.08 30.53 3.16
C LYS D 143 -48.64 31.71 3.93
N ARG D 144 -47.74 32.62 4.34
CA ARG D 144 -48.07 33.87 5.05
C ARG D 144 -48.89 34.87 4.21
N MET D 145 -48.65 34.93 2.91
CA MET D 145 -49.44 35.78 2.05
C MET D 145 -50.83 35.20 1.79
N GLU D 146 -50.89 33.90 1.56
CA GLU D 146 -52.15 33.18 1.34
C GLU D 146 -53.09 33.39 2.54
N ALA D 147 -52.64 33.03 3.73
CA ALA D 147 -53.39 33.32 4.97
C ALA D 147 -53.79 34.81 5.21
N ALA D 148 -53.19 35.75 4.47
CA ALA D 148 -53.53 37.19 4.55
C ALA D 148 -54.40 37.64 3.37
N GLY D 149 -54.63 36.72 2.43
CA GLY D 149 -55.38 37.03 1.23
C GLY D 149 -54.62 37.68 0.07
N LYS D 150 -53.30 37.86 0.21
CA LYS D 150 -52.52 38.59 -0.83
C LYS D 150 -51.95 37.78 -2.03
N PRO D 151 -51.63 38.45 -3.17
CA PRO D 151 -51.00 37.80 -4.32
C PRO D 151 -49.59 37.27 -4.00
N THR D 152 -49.17 36.21 -4.70
CA THR D 152 -47.85 35.61 -4.49
C THR D 152 -47.01 35.52 -5.75
N ASP D 153 -47.31 36.33 -6.76
CA ASP D 153 -46.74 36.14 -8.10
C ASP D 153 -45.47 36.96 -8.35
N LYS D 154 -45.11 37.85 -7.41
CA LYS D 154 -43.93 38.70 -7.59
C LYS D 154 -43.02 38.67 -6.36
N PRO D 155 -42.55 37.45 -5.99
CA PRO D 155 -41.65 37.37 -4.82
C PRO D 155 -40.31 38.00 -5.13
N ASN D 156 -39.70 38.68 -4.15
CA ASN D 156 -38.30 39.08 -4.25
C ASN D 156 -37.42 38.63 -3.06
N LEU D 157 -36.12 38.63 -3.29
CA LEU D 157 -35.14 38.21 -2.33
C LEU D 157 -34.18 39.39 -2.21
N VAL D 158 -34.03 39.94 -0.98
CA VAL D 158 -33.09 41.03 -0.69
C VAL D 158 -31.76 40.48 -0.18
N CYS D 159 -30.64 40.95 -0.75
CA CYS D 159 -29.29 40.42 -0.45
C CYS D 159 -28.20 41.45 -0.76
N GLY D 160 -26.97 41.16 -0.36
CA GLY D 160 -25.81 41.94 -0.81
C GLY D 160 -25.07 41.16 -1.92
N PRO D 161 -23.74 41.25 -1.95
CA PRO D 161 -22.92 40.68 -3.02
C PRO D 161 -22.79 39.20 -2.82
N VAL D 162 -23.89 38.50 -3.09
CA VAL D 162 -23.95 37.07 -2.92
C VAL D 162 -23.15 36.25 -3.91
N GLN D 163 -22.89 35.03 -3.51
CA GLN D 163 -22.31 33.99 -4.33
C GLN D 163 -23.27 33.62 -5.43
N ILE D 164 -22.75 33.07 -6.53
CA ILE D 164 -23.57 32.77 -7.71
C ILE D 164 -24.74 31.83 -7.42
N CYS D 165 -24.61 31.03 -6.37
CA CYS D 165 -25.70 30.14 -6.09
C CYS D 165 -27.04 30.90 -5.85
N TRP D 166 -26.97 32.12 -5.34
CA TRP D 166 -28.20 32.85 -5.20
C TRP D 166 -28.79 33.43 -6.52
N HIS D 167 -27.94 33.79 -7.48
CA HIS D 167 -28.45 34.21 -8.78
C HIS D 167 -29.07 32.98 -9.41
N LYS D 168 -28.48 31.82 -9.16
CA LYS D 168 -29.03 30.61 -9.74
C LYS D 168 -30.37 30.33 -9.10
N PHE D 169 -30.43 30.42 -7.77
CA PHE D 169 -31.70 30.29 -7.09
C PHE D 169 -32.77 31.21 -7.69
N ALA D 170 -32.43 32.49 -7.87
CA ALA D 170 -33.43 33.51 -8.19
C ALA D 170 -34.00 33.23 -9.58
N ARG D 171 -33.11 33.05 -10.56
CA ARG D 171 -33.45 32.55 -11.88
C ARG D 171 -34.23 31.21 -11.90
N TYR D 172 -33.75 30.18 -11.23
CA TYR D 172 -34.41 28.89 -11.40
C TYR D 172 -35.77 28.85 -10.71
N TRP D 173 -35.94 29.65 -9.67
CA TRP D 173 -37.17 29.64 -8.92
C TRP D 173 -37.98 30.90 -9.11
N ASP D 174 -37.65 31.71 -10.11
CA ASP D 174 -38.53 32.81 -10.47
C ASP D 174 -38.74 33.78 -9.35
N VAL D 175 -37.64 34.20 -8.71
CA VAL D 175 -37.68 35.20 -7.67
C VAL D 175 -36.87 36.40 -8.14
N GLU D 176 -37.37 37.60 -7.90
CA GLU D 176 -36.63 38.78 -8.26
C GLU D 176 -35.49 38.95 -7.22
N LEU D 177 -34.26 39.01 -7.71
CA LEU D 177 -33.10 39.19 -6.85
C LEU D 177 -32.85 40.68 -6.74
N ARG D 178 -33.11 41.22 -5.56
CA ARG D 178 -32.84 42.63 -5.29
C ARG D 178 -31.50 42.70 -4.57
N GLU D 179 -30.43 42.51 -5.34
CA GLU D 179 -29.06 42.57 -4.83
C GLU D 179 -28.61 44.01 -4.64
N ILE D 180 -28.31 44.40 -3.40
CA ILE D 180 -27.78 45.74 -3.11
C ILE D 180 -26.37 45.84 -3.73
N PRO D 181 -26.16 46.84 -4.61
CA PRO D 181 -24.91 46.84 -5.38
C PRO D 181 -23.72 47.16 -4.52
N MET D 182 -22.57 46.58 -4.79
CA MET D 182 -21.35 47.07 -4.15
C MET D 182 -21.04 48.46 -4.67
N ARG D 183 -20.71 49.38 -3.76
CA ARG D 183 -20.31 50.72 -4.15
C ARG D 183 -19.03 51.11 -3.45
N PRO D 184 -18.23 52.03 -4.05
CA PRO D 184 -17.08 52.61 -3.35
C PRO D 184 -17.53 53.20 -2.02
N GLY D 185 -16.83 52.84 -0.95
CA GLY D 185 -17.21 53.30 0.35
C GLY D 185 -18.40 52.60 0.96
N GLN D 186 -19.04 51.69 0.23
CA GLN D 186 -20.07 50.82 0.84
C GLN D 186 -20.33 49.52 0.08
N LEU D 187 -19.47 48.55 0.38
CA LEU D 187 -19.36 47.34 -0.40
C LEU D 187 -20.41 46.28 -0.10
N PHE D 188 -21.17 46.47 0.95
CA PHE D 188 -21.99 45.40 1.46
C PHE D 188 -23.46 45.84 1.70
N MET D 189 -24.34 44.86 1.93
CA MET D 189 -25.67 45.17 2.34
C MET D 189 -25.64 45.81 3.75
N ASP D 190 -25.99 47.09 3.82
CA ASP D 190 -26.10 47.84 5.07
C ASP D 190 -27.58 47.93 5.36
N PRO D 191 -27.96 48.17 6.62
CA PRO D 191 -29.40 48.17 6.96
C PRO D 191 -30.28 49.09 6.13
N LYS D 192 -29.78 50.28 5.80
CA LYS D 192 -30.61 51.30 5.17
C LYS D 192 -31.00 50.88 3.73
N ARG D 193 -29.98 50.49 2.96
CA ARG D 193 -30.22 50.05 1.63
C ARG D 193 -30.99 48.75 1.64
N MET D 194 -30.77 47.93 2.65
CA MET D 194 -31.55 46.69 2.83
C MET D 194 -33.05 47.03 2.97
N ILE D 195 -33.37 47.89 3.91
CA ILE D 195 -34.76 48.30 4.13
C ILE D 195 -35.32 48.99 2.89
N GLU D 196 -34.56 49.85 2.22
CA GLU D 196 -35.10 50.51 1.04
C GLU D 196 -35.58 49.48 0.02
N ALA D 197 -35.01 48.28 0.03
CA ALA D 197 -35.40 47.27 -0.99
C ALA D 197 -36.47 46.27 -0.51
N CYS D 198 -36.89 46.41 0.77
CA CYS D 198 -37.84 45.48 1.35
C CYS D 198 -39.30 45.90 1.12
N ASP D 199 -40.15 44.89 1.01
CA ASP D 199 -41.56 45.11 0.88
C ASP D 199 -42.29 43.82 1.20
N GLU D 200 -43.61 43.88 1.12
CA GLU D 200 -44.46 42.74 1.43
C GLU D 200 -44.17 41.59 0.49
N ASN D 201 -43.43 41.81 -0.58
CA ASN D 201 -43.13 40.71 -1.51
C ASN D 201 -41.79 40.00 -1.27
N THR D 202 -40.99 40.58 -0.38
CA THR D 202 -39.69 40.08 -0.01
C THR D 202 -39.83 38.74 0.70
N ILE D 203 -39.27 37.69 0.13
CA ILE D 203 -39.42 36.36 0.72
C ILE D 203 -38.47 36.25 1.91
N GLY D 204 -37.40 37.04 1.89
CA GLY D 204 -36.46 37.10 3.01
C GLY D 204 -35.20 37.84 2.69
N VAL D 205 -34.31 37.96 3.65
CA VAL D 205 -33.05 38.62 3.41
C VAL D 205 -31.98 37.57 3.60
N VAL D 206 -30.97 37.63 2.73
CA VAL D 206 -29.82 36.77 2.83
C VAL D 206 -28.52 37.56 3.08
N PRO D 207 -28.12 37.66 4.36
CA PRO D 207 -26.79 38.17 4.61
C PRO D 207 -25.78 37.11 4.20
N THR D 208 -24.63 37.56 3.70
CA THR D 208 -23.52 36.67 3.41
C THR D 208 -22.43 36.76 4.48
N PHE D 209 -22.34 35.70 5.29
CA PHE D 209 -21.45 35.64 6.45
C PHE D 209 -20.12 35.10 5.99
N GLY D 210 -19.43 35.98 5.26
CA GLY D 210 -18.20 35.71 4.58
C GLY D 210 -18.46 35.93 3.10
N VAL D 211 -18.28 37.17 2.64
CA VAL D 211 -18.53 37.54 1.26
C VAL D 211 -17.46 36.92 0.40
N THR D 212 -17.88 36.19 -0.63
CA THR D 212 -16.97 35.49 -1.57
C THR D 212 -15.88 36.41 -2.10
N TYR D 213 -16.30 37.56 -2.62
CA TYR D 213 -15.44 38.51 -3.32
C TYR D 213 -14.41 39.13 -2.39
N THR D 214 -14.69 39.30 -1.10
CA THR D 214 -13.74 40.10 -0.26
C THR D 214 -13.31 39.43 1.03
N GLY D 215 -14.15 38.53 1.53
CA GLY D 215 -13.80 37.91 2.78
C GLY D 215 -14.47 38.50 3.98
N ASN D 216 -15.18 39.60 3.83
CA ASN D 216 -15.79 40.30 5.02
C ASN D 216 -17.10 39.68 5.44
N TYR D 217 -17.38 39.72 6.74
CA TYR D 217 -18.72 39.40 7.24
C TYR D 217 -19.77 40.47 6.92
N GLU D 218 -20.97 40.05 6.53
CA GLU D 218 -22.10 40.98 6.62
C GLU D 218 -22.72 40.61 7.96
N PHE D 219 -22.89 41.58 8.85
CA PHE D 219 -23.31 41.22 10.20
C PHE D 219 -24.84 41.15 10.28
N PRO D 220 -25.41 39.96 10.60
CA PRO D 220 -26.88 39.87 10.64
C PRO D 220 -27.60 40.71 11.73
N GLN D 221 -26.96 40.87 12.89
CA GLN D 221 -27.58 41.54 14.04
C GLN D 221 -28.07 42.94 13.68
N PRO D 222 -27.18 43.84 13.19
CA PRO D 222 -27.69 45.16 12.78
C PRO D 222 -28.80 45.11 11.74
N LEU D 223 -28.67 44.18 10.79
CA LEU D 223 -29.73 43.96 9.81
C LEU D 223 -30.97 43.42 10.49
N HIS D 224 -30.77 42.62 11.53
CA HIS D 224 -31.89 42.05 12.25
C HIS D 224 -32.64 43.17 12.99
N ASP D 225 -31.89 44.06 13.63
CA ASP D 225 -32.51 45.21 14.27
C ASP D 225 -33.40 45.99 13.30
N ALA D 226 -32.95 46.21 12.07
CA ALA D 226 -33.71 47.00 11.12
C ALA D 226 -34.98 46.29 10.67
N LEU D 227 -34.88 44.97 10.54
CA LEU D 227 -36.04 44.17 10.20
C LEU D 227 -37.08 44.15 11.32
N ASP D 228 -36.67 44.42 12.57
CA ASP D 228 -37.63 44.49 13.70
C ASP D 228 -38.38 45.80 13.64
N LYS D 229 -37.61 46.84 13.39
CA LYS D 229 -38.11 48.14 13.31
C LYS D 229 -39.06 48.20 12.09
N PHE D 230 -38.69 47.49 11.01
CA PHE D 230 -39.48 47.45 9.79
C PHE D 230 -40.80 46.79 10.06
N GLN D 231 -40.80 45.65 10.76
CA GLN D 231 -42.10 45.08 11.18
C GLN D 231 -42.90 46.05 12.08
N ALA D 232 -42.22 46.70 13.04
CA ALA D 232 -42.87 47.70 13.89
C ALA D 232 -43.53 48.81 13.09
N ASP D 233 -42.81 49.36 12.11
CA ASP D 233 -43.33 50.48 11.26
C ASP D 233 -44.35 50.10 10.18
N THR D 234 -44.31 48.88 9.65
CA THR D 234 -45.11 48.49 8.48
C THR D 234 -46.02 47.25 8.70
N GLY D 235 -45.73 46.43 9.71
CA GLY D 235 -46.40 45.15 9.91
C GLY D 235 -45.77 44.02 9.12
N ILE D 236 -44.82 44.32 8.26
CA ILE D 236 -44.29 43.33 7.34
C ILE D 236 -43.21 42.57 8.07
N ASP D 237 -43.33 41.26 8.14
CA ASP D 237 -42.51 40.46 9.04
C ASP D 237 -41.57 39.66 8.16
N ILE D 238 -40.29 40.04 8.11
CA ILE D 238 -39.36 39.44 7.18
C ILE D 238 -38.30 38.61 7.91
N ASP D 239 -38.08 37.40 7.40
CA ASP D 239 -37.05 36.47 7.98
C ASP D 239 -35.72 36.45 7.26
N MET D 240 -34.77 35.67 7.76
CA MET D 240 -33.42 35.64 7.15
C MET D 240 -33.01 34.22 6.92
N HIS D 241 -32.30 34.00 5.83
CA HIS D 241 -31.45 32.84 5.69
C HIS D 241 -30.00 33.34 5.66
N ILE D 242 -29.16 32.86 6.58
CA ILE D 242 -27.76 33.29 6.56
C ILE D 242 -26.94 32.42 5.60
N ASP D 243 -26.24 33.04 4.66
CA ASP D 243 -25.32 32.23 3.81
C ASP D 243 -23.96 32.24 4.45
N ALA D 244 -23.67 31.20 5.22
CA ALA D 244 -22.46 31.13 6.01
C ALA D 244 -21.49 30.12 5.41
N ALA D 245 -21.59 29.95 4.09
CA ALA D 245 -20.68 29.09 3.31
C ALA D 245 -19.29 28.95 3.90
N SER D 246 -18.63 30.09 4.13
CA SER D 246 -17.34 30.11 4.80
C SER D 246 -17.41 30.44 6.29
N GLY D 247 -18.09 31.54 6.68
CA GLY D 247 -18.15 31.93 8.09
C GLY D 247 -18.74 30.92 9.07
N GLY D 248 -19.58 30.01 8.60
CA GLY D 248 -20.24 29.06 9.53
C GLY D 248 -19.36 28.08 10.28
N PHE D 249 -18.14 27.89 9.78
CA PHE D 249 -17.15 27.09 10.49
C PHE D 249 -15.95 27.93 10.98
N LEU D 250 -16.10 29.26 10.98
CA LEU D 250 -15.09 30.11 11.55
C LEU D 250 -15.51 30.75 12.86
N ALA D 251 -16.51 31.63 12.77
CA ALA D 251 -17.00 32.42 13.91
C ALA D 251 -17.38 31.58 15.16
N PRO D 252 -18.04 30.43 14.99
CA PRO D 252 -18.39 29.77 16.23
C PRO D 252 -17.15 29.42 17.04
N PHE D 253 -15.99 29.39 16.38
CA PHE D 253 -14.76 29.01 17.06
C PHE D 253 -13.90 30.19 17.47
N VAL D 254 -13.60 31.11 16.56
CA VAL D 254 -12.65 32.16 16.91
C VAL D 254 -13.36 33.48 17.20
N ALA D 255 -14.66 33.54 16.91
CA ALA D 255 -15.45 34.75 17.24
C ALA D 255 -16.85 34.39 17.74
N PRO D 256 -16.91 33.55 18.80
CA PRO D 256 -18.18 33.06 19.26
C PRO D 256 -19.17 34.18 19.72
N ASP D 257 -18.71 35.40 20.00
CA ASP D 257 -19.57 36.45 20.52
C ASP D 257 -20.26 37.26 19.40
N ILE D 258 -19.86 37.05 18.14
CA ILE D 258 -20.63 37.64 17.02
C ILE D 258 -21.97 36.93 17.04
N VAL D 259 -23.03 37.70 17.10
CA VAL D 259 -24.39 37.12 17.20
C VAL D 259 -24.98 37.12 15.82
N TRP D 260 -24.83 36.00 15.10
CA TRP D 260 -25.23 35.87 13.71
C TRP D 260 -26.15 34.71 13.40
N ASP D 261 -26.40 33.83 14.36
CA ASP D 261 -26.93 32.49 14.05
C ASP D 261 -28.35 32.32 14.61
N PHE D 262 -28.71 31.15 15.13
CA PHE D 262 -30.07 30.94 15.58
C PHE D 262 -30.41 31.66 16.87
N ARG D 263 -29.41 32.28 17.50
CA ARG D 263 -29.66 33.18 18.64
C ARG D 263 -30.54 34.34 18.23
N LEU D 264 -30.47 34.70 16.94
CA LEU D 264 -31.34 35.77 16.41
C LEU D 264 -32.65 35.13 15.97
N PRO D 265 -33.80 35.55 16.56
CA PRO D 265 -35.10 34.92 16.25
C PRO D 265 -35.50 34.92 14.77
N ARG D 266 -35.07 35.91 13.99
CA ARG D 266 -35.46 35.92 12.58
C ARG D 266 -34.69 34.94 11.68
N VAL D 267 -33.55 34.42 12.16
CA VAL D 267 -32.74 33.51 11.36
C VAL D 267 -33.47 32.17 11.44
N LYS D 268 -34.09 31.82 10.33
CA LYS D 268 -34.95 30.69 10.24
C LYS D 268 -34.15 29.52 9.62
N SER D 269 -33.02 29.81 8.96
CA SER D 269 -32.16 28.78 8.41
C SER D 269 -30.73 29.31 8.13
N ILE D 270 -29.76 28.40 8.05
CA ILE D 270 -28.36 28.74 7.87
C ILE D 270 -27.69 27.65 7.05
N SER D 271 -26.78 28.05 6.20
CA SER D 271 -26.09 27.07 5.35
C SER D 271 -24.59 27.34 5.42
N ALA D 272 -23.82 26.29 5.17
CA ALA D 272 -22.36 26.39 5.17
C ALA D 272 -21.76 25.27 4.31
N SER D 273 -20.51 25.43 3.92
CA SER D 273 -19.84 24.41 3.15
C SER D 273 -18.94 23.71 4.09
N GLY D 274 -19.15 22.39 4.24
CA GLY D 274 -18.23 21.51 4.95
C GLY D 274 -16.89 21.45 4.21
N HIS D 275 -16.93 21.55 2.89
CA HIS D 275 -15.70 21.49 2.13
C HIS D 275 -14.92 22.83 2.02
N LYS D 276 -15.33 23.86 2.73
CA LYS D 276 -14.45 25.00 2.89
C LYS D 276 -13.87 24.85 4.25
N PHE D 277 -14.28 25.69 5.20
CA PHE D 277 -13.63 25.70 6.54
C PHE D 277 -14.20 24.67 7.47
N GLY D 278 -15.20 23.93 6.99
CA GLY D 278 -15.63 22.74 7.67
C GLY D 278 -14.53 21.68 7.64
N LEU D 279 -13.60 21.82 6.70
CA LEU D 279 -12.44 20.98 6.57
C LEU D 279 -12.74 19.64 5.91
N ALA D 280 -13.97 19.45 5.46
CA ALA D 280 -14.35 18.17 4.85
C ALA D 280 -13.75 18.16 3.45
N PRO D 281 -13.62 17.00 2.82
CA PRO D 281 -13.17 17.04 1.42
C PRO D 281 -14.30 17.46 0.45
N LEU D 282 -13.96 17.97 -0.74
CA LEU D 282 -14.96 18.34 -1.75
C LEU D 282 -16.21 17.46 -1.78
N GLY D 283 -17.38 18.11 -1.73
CA GLY D 283 -18.68 17.45 -1.92
C GLY D 283 -19.43 17.34 -0.62
N CYS D 284 -19.32 18.37 0.24
CA CYS D 284 -20.00 18.38 1.50
C CYS D 284 -20.53 19.75 1.83
N GLY D 285 -21.84 19.88 2.00
CA GLY D 285 -22.42 21.11 2.54
C GLY D 285 -23.45 20.85 3.61
N TRP D 286 -23.92 21.91 4.30
CA TRP D 286 -24.92 21.73 5.37
C TRP D 286 -25.91 22.84 5.34
N VAL D 287 -27.17 22.51 5.58
CA VAL D 287 -28.19 23.50 5.89
C VAL D 287 -29.03 23.05 7.10
N ILE D 288 -29.24 23.97 8.04
CA ILE D 288 -30.01 23.73 9.25
C ILE D 288 -31.16 24.73 9.31
N TRP D 289 -32.34 24.26 9.74
CA TRP D 289 -33.50 25.13 10.07
C TRP D 289 -33.66 25.31 11.60
N ARG D 290 -34.03 26.51 12.05
CA ARG D 290 -34.37 26.76 13.46
C ARG D 290 -35.19 25.61 14.17
N ASP D 291 -36.22 25.11 13.50
CA ASP D 291 -37.16 24.15 14.08
C ASP D 291 -38.03 23.64 12.95
N GLU D 292 -39.04 22.84 13.29
CA GLU D 292 -39.88 22.19 12.31
C GLU D 292 -40.74 23.22 11.60
N GLU D 293 -41.16 24.22 12.35
CA GLU D 293 -41.96 25.30 11.77
C GLU D 293 -41.22 26.00 10.65
N ALA D 294 -39.89 26.01 10.68
CA ALA D 294 -39.15 26.75 9.68
C ALA D 294 -39.03 25.94 8.36
N LEU D 295 -39.38 24.66 8.39
CA LEU D 295 -39.29 23.86 7.21
C LEU D 295 -40.66 23.38 6.79
N PRO D 296 -41.24 23.96 5.73
CA PRO D 296 -42.54 23.48 5.26
C PRO D 296 -42.50 21.98 4.91
N GLN D 297 -43.30 21.16 5.60
CA GLN D 297 -43.31 19.71 5.37
C GLN D 297 -43.60 19.27 3.92
N GLU D 298 -44.19 20.16 3.12
CA GLU D 298 -44.63 19.83 1.77
C GLU D 298 -43.39 19.65 0.90
N LEU D 299 -42.26 20.18 1.39
CA LEU D 299 -40.99 20.09 0.69
C LEU D 299 -40.23 18.83 1.02
N VAL D 300 -40.62 18.18 2.12
CA VAL D 300 -39.95 16.97 2.59
C VAL D 300 -40.57 15.73 1.94
N PHE D 301 -39.71 14.83 1.42
CA PHE D 301 -40.17 13.58 0.77
C PHE D 301 -39.93 12.32 1.57
N ASN D 302 -41.02 11.61 1.84
CA ASN D 302 -40.96 10.35 2.60
C ASN D 302 -40.75 9.13 1.70
N VAL D 303 -39.59 8.50 1.87
CA VAL D 303 -39.39 7.20 1.23
C VAL D 303 -39.66 6.03 2.19
N ASP D 304 -40.31 4.99 1.69
CA ASP D 304 -40.53 3.75 2.44
C ASP D 304 -39.27 2.89 2.49
N TYR D 305 -38.87 2.47 3.68
CA TYR D 305 -37.89 1.36 3.81
C TYR D 305 -38.25 0.33 4.96
N LEU D 306 -37.46 -0.73 5.13
CA LEU D 306 -37.79 -1.80 6.09
C LEU D 306 -37.94 -1.33 7.55
N GLY D 307 -37.18 -0.31 7.93
CA GLY D 307 -37.21 0.20 9.29
C GLY D 307 -38.26 1.25 9.53
N GLY D 308 -39.12 1.47 8.54
CA GLY D 308 -40.08 2.58 8.58
C GLY D 308 -39.91 3.52 7.39
N GLN D 309 -39.83 4.81 7.65
CA GLN D 309 -39.63 5.77 6.57
C GLN D 309 -38.83 6.96 7.02
N ILE D 310 -37.90 7.44 6.19
CA ILE D 310 -37.40 8.79 6.47
C ILE D 310 -37.70 9.83 5.39
N GLY D 311 -37.63 11.05 5.86
CA GLY D 311 -37.84 12.21 5.04
C GLY D 311 -36.54 12.87 4.71
N THR D 312 -36.42 13.22 3.44
CA THR D 312 -35.30 14.01 2.97
C THR D 312 -35.82 15.23 2.23
N PHE D 313 -35.04 16.30 2.37
CA PHE D 313 -35.14 17.47 1.53
C PHE D 313 -33.81 17.53 0.80
N ALA D 314 -33.84 17.16 -0.47
CA ALA D 314 -32.63 17.09 -1.26
C ALA D 314 -32.91 17.36 -2.72
N ILE D 315 -32.00 18.06 -3.39
CA ILE D 315 -32.08 18.11 -4.83
C ILE D 315 -31.41 16.90 -5.44
N ASN D 316 -30.27 16.48 -4.92
CA ASN D 316 -29.67 15.23 -5.41
C ASN D 316 -30.38 13.99 -4.81
N PHE D 317 -29.94 12.78 -5.16
CA PHE D 317 -30.48 11.58 -4.53
C PHE D 317 -29.35 10.60 -4.17
N SER D 318 -29.06 9.58 -4.98
CA SER D 318 -27.94 8.71 -4.67
C SER D 318 -26.63 9.45 -4.84
N ARG D 319 -25.75 9.25 -3.87
CA ARG D 319 -24.44 9.82 -3.94
C ARG D 319 -23.64 9.27 -2.80
N PRO D 320 -22.29 9.42 -2.85
CA PRO D 320 -21.55 8.65 -1.85
C PRO D 320 -21.53 9.31 -0.46
N ALA D 321 -21.41 8.48 0.57
CA ALA D 321 -21.37 8.97 1.97
C ALA D 321 -20.00 9.32 2.53
N GLY D 322 -18.93 9.13 1.78
CA GLY D 322 -17.59 9.39 2.35
C GLY D 322 -17.35 10.81 2.84
N GLN D 323 -17.93 11.81 2.18
CA GLN D 323 -17.62 13.17 2.58
C GLN D 323 -18.19 13.43 3.99
N VAL D 324 -19.42 12.97 4.18
CA VAL D 324 -20.09 13.08 5.45
C VAL D 324 -19.27 12.39 6.54
N ILE D 325 -18.76 11.23 6.17
CA ILE D 325 -17.99 10.39 7.04
C ILE D 325 -16.70 11.08 7.34
N ALA D 326 -16.01 11.62 6.34
CA ALA D 326 -14.81 12.41 6.62
C ALA D 326 -15.10 13.68 7.46
N GLN D 327 -16.26 14.29 7.23
CA GLN D 327 -16.63 15.49 7.97
C GLN D 327 -16.72 15.17 9.47
N TYR D 328 -17.34 14.02 9.72
CA TYR D 328 -17.52 13.52 11.06
C TYR D 328 -16.14 13.23 11.69
N TYR D 329 -15.27 12.61 10.91
CA TYR D 329 -13.88 12.44 11.32
C TYR D 329 -13.24 13.74 11.86
N GLU D 330 -13.44 14.87 11.17
CA GLU D 330 -12.87 16.14 11.59
C GLU D 330 -13.57 16.63 12.87
N PHE D 331 -14.89 16.57 12.91
CA PHE D 331 -15.60 16.94 14.11
C PHE D 331 -15.05 16.19 15.32
N LEU D 332 -14.87 14.86 15.19
CA LEU D 332 -14.49 14.00 16.32
C LEU D 332 -13.05 14.20 16.70
N ARG D 333 -12.17 14.31 15.72
CA ARG D 333 -10.76 14.41 16.07
C ARG D 333 -10.41 15.80 16.60
N LEU D 334 -11.17 16.83 16.16
CA LEU D 334 -10.88 18.23 16.55
C LEU D 334 -11.71 18.76 17.73
N GLY D 335 -13.03 18.61 17.67
CA GLY D 335 -13.93 19.25 18.66
C GLY D 335 -13.80 20.76 18.56
N ARG D 336 -14.37 21.48 19.53
CA ARG D 336 -14.26 22.93 19.58
C ARG D 336 -12.86 23.34 19.80
N GLU D 337 -12.17 22.57 20.62
CA GLU D 337 -10.81 22.85 21.01
C GLU D 337 -9.92 22.80 19.75
N GLY D 338 -10.02 21.72 18.98
CA GLY D 338 -9.22 21.57 17.77
C GLY D 338 -9.55 22.61 16.71
N TYR D 339 -10.83 22.84 16.49
CA TYR D 339 -11.17 23.80 15.46
C TYR D 339 -10.67 25.19 15.80
N THR D 340 -10.63 25.52 17.08
CA THR D 340 -10.36 26.87 17.47
C THR D 340 -8.90 27.12 17.12
N LYS D 341 -8.04 26.13 17.39
CA LYS D 341 -6.62 26.17 17.03
C LYS D 341 -6.38 26.17 15.53
N VAL D 342 -7.11 25.32 14.79
CA VAL D 342 -6.94 25.23 13.36
C VAL D 342 -7.33 26.55 12.68
N GLN D 343 -8.53 27.07 12.93
CA GLN D 343 -8.96 28.32 12.31
C GLN D 343 -8.08 29.48 12.80
N ASN D 344 -7.68 29.45 14.07
CA ASN D 344 -6.79 30.51 14.58
C ASN D 344 -5.56 30.58 13.73
N ALA D 345 -4.94 29.42 13.45
CA ALA D 345 -3.73 29.39 12.62
C ALA D 345 -3.96 30.04 11.25
N SER D 346 -5.13 29.81 10.64
CA SER D 346 -5.38 30.44 9.32
C SER D 346 -5.45 31.95 9.44
N TYR D 347 -6.08 32.44 10.50
CA TYR D 347 -6.19 33.87 10.70
C TYR D 347 -4.82 34.53 10.92
N GLN D 348 -3.97 33.86 11.68
CA GLN D 348 -2.65 34.38 11.92
C GLN D 348 -1.86 34.52 10.61
N VAL D 349 -2.02 33.56 9.70
CA VAL D 349 -1.37 33.63 8.43
C VAL D 349 -1.91 34.80 7.66
N ALA D 350 -3.25 34.92 7.58
CA ALA D 350 -3.85 36.00 6.80
C ALA D 350 -3.47 37.40 7.32
N ALA D 351 -3.53 37.58 8.64
CA ALA D 351 -3.24 38.89 9.27
C ALA D 351 -1.77 39.30 9.06
N TYR D 352 -0.88 38.32 9.19
CA TYR D 352 0.49 38.55 8.92
C TYR D 352 0.64 39.04 7.47
N LEU D 353 0.14 38.28 6.51
CA LEU D 353 0.20 38.62 5.11
C LEU D 353 -0.33 40.03 4.88
N ALA D 354 -1.51 40.33 5.43
CA ALA D 354 -2.06 41.67 5.27
C ALA D 354 -1.09 42.78 5.72
N ASP D 355 -0.51 42.60 6.91
CA ASP D 355 0.42 43.59 7.48
C ASP D 355 1.68 43.72 6.64
N GLU D 356 2.19 42.60 6.18
CA GLU D 356 3.42 42.63 5.43
C GLU D 356 3.20 43.27 4.05
N ILE D 357 2.14 42.83 3.38
CA ILE D 357 1.77 43.36 2.08
C ILE D 357 1.56 44.89 2.15
N ALA D 358 1.07 45.40 3.28
CA ALA D 358 0.75 46.82 3.39
C ALA D 358 2.01 47.68 3.33
N LYS D 359 3.15 47.07 3.62
CA LYS D 359 4.42 47.78 3.63
C LYS D 359 5.07 47.87 2.24
N LEU D 360 4.51 47.17 1.24
CA LEU D 360 5.18 46.94 -0.05
C LEU D 360 4.64 47.76 -1.24
N GLY D 361 3.54 48.46 -1.03
CA GLY D 361 2.94 49.23 -2.07
C GLY D 361 1.88 50.17 -1.51
N PRO D 362 1.33 51.04 -2.36
CA PRO D 362 0.37 51.95 -1.82
C PRO D 362 -1.02 51.32 -1.91
N TYR D 363 -1.41 50.57 -0.88
CA TYR D 363 -2.61 49.74 -0.99
C TYR D 363 -3.70 50.19 -0.03
N GLU D 364 -4.95 49.99 -0.43
CA GLU D 364 -6.07 50.22 0.48
C GLU D 364 -6.68 48.84 0.83
N PHE D 365 -6.78 48.52 2.11
CA PHE D 365 -7.33 47.23 2.52
C PHE D 365 -8.85 47.21 2.77
N ILE D 366 -9.49 46.16 2.30
CA ILE D 366 -10.91 45.98 2.46
C ILE D 366 -11.09 44.85 3.47
N CYS D 367 -10.15 43.87 3.48
CA CYS D 367 -10.14 42.76 4.43
C CYS D 367 -8.70 42.44 4.81
N THR D 368 -8.45 42.25 6.10
CA THR D 368 -7.08 42.07 6.59
C THR D 368 -6.92 40.81 7.46
N GLY D 369 -7.85 39.87 7.34
CA GLY D 369 -7.71 38.58 7.96
C GLY D 369 -7.92 38.59 9.45
N ARG D 370 -8.74 39.52 9.92
CA ARG D 370 -9.09 39.62 11.33
C ARG D 370 -10.39 38.87 11.64
N PRO D 371 -10.35 37.98 12.64
CA PRO D 371 -11.51 37.09 12.89
C PRO D 371 -12.76 37.81 13.33
N ASP D 372 -12.66 39.06 13.78
CA ASP D 372 -13.89 39.78 14.15
C ASP D 372 -14.57 40.41 12.93
N GLU D 373 -13.91 40.37 11.78
CA GLU D 373 -14.38 41.10 10.64
C GLU D 373 -14.75 40.16 9.54
N GLY D 374 -14.21 38.95 9.57
CA GLY D 374 -14.36 38.11 8.41
C GLY D 374 -13.56 36.86 8.46
N ILE D 375 -13.23 36.35 7.28
CA ILE D 375 -12.66 35.03 7.14
C ILE D 375 -11.15 35.20 6.97
N PRO D 376 -10.37 34.10 6.97
CA PRO D 376 -8.94 34.25 6.78
C PRO D 376 -8.61 34.64 5.33
N ALA D 377 -8.94 35.87 4.94
CA ALA D 377 -8.62 36.38 3.62
C ALA D 377 -8.00 37.76 3.70
N VAL D 378 -7.10 38.04 2.77
CA VAL D 378 -6.63 39.40 2.54
C VAL D 378 -7.23 39.88 1.27
N CYS D 379 -7.66 41.14 1.26
CA CYS D 379 -8.29 41.77 0.09
C CYS D 379 -7.95 43.26 0.07
N PHE D 380 -7.42 43.70 -1.07
CA PHE D 380 -6.92 45.07 -1.17
C PHE D 380 -6.98 45.55 -2.61
N LYS D 381 -6.90 46.85 -2.76
CA LYS D 381 -6.85 47.52 -4.06
C LYS D 381 -5.69 48.50 -3.94
N LEU D 382 -5.27 49.03 -5.07
CA LEU D 382 -4.36 50.18 -5.06
C LEU D 382 -5.12 51.38 -4.53
N LYS D 383 -4.44 52.26 -3.83
CA LYS D 383 -5.09 53.47 -3.34
C LYS D 383 -5.53 54.30 -4.51
N ASP D 384 -6.73 54.86 -4.41
CA ASP D 384 -7.28 55.84 -5.36
C ASP D 384 -6.22 56.84 -5.83
N GLY D 385 -6.05 56.98 -7.15
CA GLY D 385 -5.13 57.97 -7.76
C GLY D 385 -3.65 57.70 -7.52
N GLU D 386 -3.31 56.42 -7.38
CA GLU D 386 -1.95 56.08 -7.01
C GLU D 386 -1.39 55.06 -7.94
N ASP D 387 -0.23 55.34 -8.50
CA ASP D 387 0.27 54.51 -9.57
C ASP D 387 1.69 54.06 -9.30
N PRO D 388 1.84 52.86 -8.78
CA PRO D 388 3.14 52.25 -8.46
C PRO D 388 3.85 51.71 -9.70
N GLY D 389 3.23 51.84 -10.88
CA GLY D 389 3.77 51.34 -12.14
C GLY D 389 3.47 49.87 -12.48
N TYR D 390 2.37 49.35 -11.93
CA TYR D 390 1.83 48.07 -12.28
C TYR D 390 0.39 48.08 -11.80
N THR D 391 -0.45 47.23 -12.36
CA THR D 391 -1.82 46.92 -11.86
C THR D 391 -1.79 45.59 -11.12
N LEU D 392 -2.88 45.24 -10.44
CA LEU D 392 -2.94 44.04 -9.63
C LEU D 392 -2.98 42.83 -10.57
N TYR D 393 -3.59 43.02 -11.75
CA TYR D 393 -3.49 42.04 -12.84
C TYR D 393 -2.06 41.73 -13.18
N ASP D 394 -1.24 42.76 -13.40
CA ASP D 394 0.20 42.53 -13.66
C ASP D 394 0.94 41.70 -12.59
N LEU D 395 0.68 42.03 -11.33
CA LEU D 395 1.33 41.40 -10.21
C LEU D 395 0.91 39.93 -10.13
N SER D 396 -0.37 39.71 -10.38
CA SER D 396 -0.95 38.40 -10.40
C SER D 396 -0.33 37.57 -11.50
N GLU D 397 -0.02 38.17 -12.66
CA GLU D 397 0.68 37.44 -13.66
C GLU D 397 2.12 37.06 -13.22
N ARG D 398 2.86 37.98 -12.61
CA ARG D 398 4.23 37.66 -12.25
C ARG D 398 4.15 36.55 -11.24
N LEU D 399 3.11 36.59 -10.41
CA LEU D 399 2.97 35.62 -9.36
C LEU D 399 2.75 34.25 -9.97
N ARG D 400 1.92 34.16 -11.02
CA ARG D 400 1.75 32.84 -11.67
C ARG D 400 3.07 32.22 -12.13
N LEU D 401 4.07 33.06 -12.40
CA LEU D 401 5.34 32.58 -12.98
C LEU D 401 6.23 31.97 -11.93
N ARG D 402 5.90 32.27 -10.67
CA ARG D 402 6.61 31.68 -9.54
C ARG D 402 5.67 30.61 -8.93
N GLY D 403 4.64 30.26 -9.67
CA GLY D 403 3.83 29.12 -9.28
C GLY D 403 2.51 29.43 -8.55
N TRP D 404 2.33 30.66 -8.03
CA TRP D 404 1.10 30.99 -7.27
C TRP D 404 -0.06 31.38 -8.13
N GLN D 405 -1.27 31.08 -7.67
CA GLN D 405 -2.51 31.69 -8.27
C GLN D 405 -3.08 32.68 -7.26
N VAL D 406 -2.82 33.96 -7.47
CA VAL D 406 -3.31 34.98 -6.58
C VAL D 406 -4.22 35.87 -7.42
N PRO D 407 -5.54 35.61 -7.37
CA PRO D 407 -6.46 36.19 -8.33
C PRO D 407 -6.61 37.72 -8.20
N ALA D 408 -6.65 38.42 -9.33
CA ALA D 408 -7.16 39.79 -9.33
C ALA D 408 -8.41 39.86 -10.21
N PHE D 409 -9.37 40.69 -9.82
CA PHE D 409 -10.67 40.77 -10.51
C PHE D 409 -11.37 42.05 -10.08
N THR D 410 -12.52 42.31 -10.68
CA THR D 410 -13.23 43.55 -10.37
C THR D 410 -14.34 43.28 -9.39
N LEU D 411 -14.64 44.27 -8.57
CA LEU D 411 -15.78 44.19 -7.73
C LEU D 411 -16.98 44.59 -8.57
N GLY D 412 -18.18 44.12 -8.22
CA GLY D 412 -19.34 44.38 -9.07
C GLY D 412 -20.08 45.68 -8.78
N GLY D 413 -21.25 45.83 -9.39
CA GLY D 413 -22.21 46.94 -9.07
C GLY D 413 -21.71 48.32 -9.50
N GLU D 414 -21.64 49.23 -8.55
CA GLU D 414 -21.10 50.59 -8.84
C GLU D 414 -19.61 50.68 -8.47
N ALA D 415 -19.08 49.51 -8.09
CA ALA D 415 -17.68 49.30 -7.71
C ALA D 415 -16.99 48.50 -8.84
N THR D 416 -17.50 48.70 -10.04
CA THR D 416 -17.18 47.88 -11.19
C THR D 416 -15.84 48.31 -11.80
N ASP D 417 -15.46 49.54 -11.48
CA ASP D 417 -14.17 50.09 -11.85
C ASP D 417 -13.09 49.54 -10.90
N ILE D 418 -13.47 48.75 -9.89
CA ILE D 418 -12.51 48.52 -8.79
C ILE D 418 -11.80 47.19 -8.81
N VAL D 419 -10.51 47.25 -9.04
CA VAL D 419 -9.74 46.05 -9.13
C VAL D 419 -9.13 45.67 -7.77
N VAL D 420 -9.39 44.44 -7.34
CA VAL D 420 -8.81 43.95 -6.10
C VAL D 420 -8.00 42.68 -6.32
N MET D 421 -7.15 42.42 -5.34
CA MET D 421 -6.46 41.14 -5.23
C MET D 421 -6.99 40.49 -3.93
N ARG D 422 -7.32 39.21 -3.99
CA ARG D 422 -7.89 38.52 -2.85
C ARG D 422 -7.07 37.27 -2.57
N ILE D 423 -6.58 37.11 -1.34
CA ILE D 423 -5.70 35.99 -0.97
C ILE D 423 -6.43 35.16 0.06
N MET D 424 -6.61 33.88 -0.21
CA MET D 424 -7.38 33.03 0.68
C MET D 424 -6.44 32.11 1.45
N CYS D 425 -6.50 32.15 2.78
CA CYS D 425 -5.64 31.34 3.61
C CYS D 425 -6.32 30.08 4.14
N ARG D 426 -6.03 28.95 3.53
CA ARG D 426 -6.82 27.80 3.90
C ARG D 426 -5.88 26.80 4.56
N ARG D 427 -6.44 25.73 5.14
CA ARG D 427 -5.61 24.71 5.77
C ARG D 427 -4.53 24.14 4.86
N GLY D 428 -3.29 24.23 5.33
CA GLY D 428 -2.11 23.76 4.63
C GLY D 428 -1.28 24.97 4.24
N PHE D 429 -1.94 26.11 4.06
CA PHE D 429 -1.20 27.28 3.69
C PHE D 429 -0.66 27.93 4.96
N GLU D 430 0.41 27.34 5.47
CA GLU D 430 0.97 27.74 6.75
C GLU D 430 1.98 28.89 6.64
N MET D 431 2.42 29.33 7.82
CA MET D 431 3.21 30.52 7.95
C MET D 431 4.46 30.44 7.04
N ASP D 432 5.15 29.31 7.00
CA ASP D 432 6.31 29.21 6.12
C ASP D 432 5.94 29.44 4.63
N PHE D 433 4.77 28.94 4.20
CA PHE D 433 4.41 29.12 2.79
C PHE D 433 4.10 30.56 2.51
N ALA D 434 3.53 31.22 3.51
CA ALA D 434 3.22 32.61 3.43
C ALA D 434 4.48 33.47 3.34
N GLU D 435 5.53 33.16 4.12
CA GLU D 435 6.82 33.86 3.98
C GLU D 435 7.32 33.76 2.53
N LEU D 436 7.18 32.58 1.90
CA LEU D 436 7.66 32.36 0.53
C LEU D 436 6.85 33.18 -0.49
N LEU D 437 5.53 33.18 -0.36
CA LEU D 437 4.70 34.13 -1.09
C LEU D 437 5.25 35.55 -0.98
N LEU D 438 5.53 36.00 0.24
CA LEU D 438 6.06 37.33 0.44
C LEU D 438 7.39 37.58 -0.29
N GLU D 439 8.32 36.61 -0.28
CA GLU D 439 9.57 36.75 -1.03
C GLU D 439 9.25 36.87 -2.55
N ASP D 440 8.22 36.14 -2.97
CA ASP D 440 7.89 36.04 -4.37
C ASP D 440 7.21 37.30 -4.80
N TYR D 441 6.48 37.90 -3.86
CA TYR D 441 5.76 39.13 -4.11
C TYR D 441 6.79 40.29 -4.33
N LYS D 442 7.75 40.41 -3.38
CA LYS D 442 8.86 41.36 -3.49
C LYS D 442 9.59 41.20 -4.84
N ALA D 443 9.88 39.95 -5.21
CA ALA D 443 10.65 39.69 -6.42
C ALA D 443 9.89 40.15 -7.67
N SER D 444 8.57 39.90 -7.65
CA SER D 444 7.63 40.35 -8.68
C SER D 444 7.57 41.85 -8.75
N LEU D 445 7.47 42.54 -7.61
CA LEU D 445 7.50 44.00 -7.58
C LEU D 445 8.74 44.58 -8.25
N LYS D 446 9.90 44.11 -7.79
CA LYS D 446 11.19 44.45 -8.38
C LYS D 446 11.20 44.25 -9.86
N TYR D 447 10.66 43.13 -10.33
CA TYR D 447 10.74 42.85 -11.73
C TYR D 447 9.84 43.79 -12.53
N LEU D 448 8.67 44.07 -11.98
CA LEU D 448 7.77 45.04 -12.54
C LEU D 448 8.39 46.44 -12.63
N SER D 449 9.11 46.85 -11.60
CA SER D 449 9.79 48.14 -11.62
C SER D 449 10.91 48.24 -12.65
N ASP D 450 11.69 47.15 -12.82
CA ASP D 450 12.73 47.03 -13.86
C ASP D 450 12.14 46.91 -15.27
N HIS D 451 10.88 46.49 -15.34
CA HIS D 451 10.24 46.32 -16.65
C HIS D 451 8.93 47.08 -16.73
N PRO D 452 9.00 48.42 -16.70
CA PRO D 452 7.79 49.23 -16.64
C PRO D 452 6.93 49.05 -17.86
N LYS D 453 7.46 48.56 -18.97
CA LYS D 453 6.57 48.34 -20.12
C LYS D 453 5.52 47.24 -19.84
N LEU D 454 5.69 46.46 -18.75
CA LEU D 454 4.69 45.44 -18.43
C LEU D 454 3.36 46.06 -17.93
N GLN D 455 3.40 47.31 -17.45
CA GLN D 455 2.22 47.84 -16.77
C GLN D 455 1.02 47.86 -17.70
N GLY D 456 -0.07 47.23 -17.28
CA GLY D 456 -1.33 47.41 -17.99
C GLY D 456 -1.65 46.35 -19.03
N ILE D 457 -0.68 45.51 -19.35
CA ILE D 457 -0.89 44.49 -20.34
C ILE D 457 -1.97 43.45 -19.96
N ALA D 458 -1.85 42.84 -18.78
CA ALA D 458 -2.73 41.75 -18.39
C ALA D 458 -4.03 42.36 -17.97
N GLN D 459 -5.14 41.75 -18.41
CA GLN D 459 -6.45 42.35 -18.17
C GLN D 459 -7.58 41.36 -18.04
N GLN D 460 -7.25 40.11 -17.79
CA GLN D 460 -8.28 39.08 -17.65
C GLN D 460 -8.56 38.84 -16.19
N ASN D 461 -9.84 38.85 -15.81
CA ASN D 461 -10.19 38.55 -14.42
C ASN D 461 -9.88 37.07 -14.11
N SER D 462 -9.25 36.80 -12.97
CA SER D 462 -9.10 35.42 -12.48
C SER D 462 -10.44 34.88 -11.93
N PHE D 463 -10.61 33.55 -11.97
CA PHE D 463 -11.75 32.84 -11.36
C PHE D 463 -11.93 33.23 -9.86
N LYS D 464 -13.13 33.74 -9.58
CA LYS D 464 -13.36 34.39 -8.28
C LYS D 464 -14.42 33.66 -7.40
N HIS D 465 -14.98 32.58 -7.93
CA HIS D 465 -16.28 32.13 -7.46
C HIS D 465 -16.21 31.08 -6.36
N THR D 466 -15.02 30.50 -6.15
CA THR D 466 -14.83 29.52 -5.08
C THR D 466 -13.51 28.85 -5.20
N GLU E 12 -13.39 3.36 36.20
CA GLU E 12 -13.81 4.19 35.01
C GLU E 12 -14.01 3.34 33.73
N LEU E 13 -14.73 3.81 32.73
CA LEU E 13 -15.00 2.96 31.55
C LEU E 13 -13.82 2.81 30.59
N LEU E 14 -13.55 1.57 30.14
CA LEU E 14 -12.40 1.34 29.27
C LEU E 14 -12.86 0.85 27.87
N ASP E 15 -12.00 1.01 26.86
CA ASP E 15 -12.20 0.46 25.53
C ASP E 15 -11.19 -0.69 25.29
N SER E 16 -11.67 -1.84 24.85
CA SER E 16 -10.76 -2.98 24.72
C SER E 16 -9.84 -2.81 23.54
N ARG E 17 -10.23 -1.99 22.57
CA ARG E 17 -9.34 -1.71 21.44
C ARG E 17 -8.08 -0.91 21.83
N PHE E 18 -8.26 0.12 22.66
CA PHE E 18 -7.21 1.06 22.89
C PHE E 18 -6.54 0.85 24.22
N GLY E 19 -7.10 -0.03 25.05
CA GLY E 19 -6.63 -0.19 26.42
C GLY E 19 -6.54 1.15 27.10
N ALA E 20 -7.62 1.92 27.08
CA ALA E 20 -7.61 3.27 27.64
C ALA E 20 -9.04 3.68 27.99
N LYS E 21 -9.18 4.79 28.67
CA LYS E 21 -10.52 5.31 28.95
C LYS E 21 -11.38 5.35 27.67
N SER E 22 -12.63 4.94 27.84
CA SER E 22 -13.61 4.85 26.77
C SER E 22 -14.05 6.20 26.24
N ILE E 23 -14.18 6.26 24.92
CA ILE E 23 -14.69 7.43 24.22
C ILE E 23 -15.87 6.97 23.40
N SER E 24 -17.07 7.30 23.87
CA SER E 24 -18.28 6.87 23.21
C SER E 24 -18.66 7.85 22.11
N THR E 25 -19.11 7.35 20.96
CA THR E 25 -19.64 8.27 19.94
C THR E 25 -21.09 8.57 20.21
N ILE E 26 -21.66 7.85 21.17
CA ILE E 26 -23.08 7.87 21.41
C ILE E 26 -23.35 8.80 22.56
N ALA E 27 -22.52 8.78 23.60
CA ALA E 27 -22.69 9.69 24.75
C ALA E 27 -23.06 11.08 24.21
N GLU E 28 -22.15 12.06 24.22
CA GLU E 28 -22.50 13.43 23.79
C GLU E 28 -22.70 13.57 22.27
N SER E 29 -23.53 12.74 21.66
CA SER E 29 -23.70 12.75 20.21
C SER E 29 -24.66 13.82 19.68
N LYS E 30 -25.10 14.71 20.55
CA LYS E 30 -26.08 15.73 20.18
C LYS E 30 -25.47 17.15 20.27
N ARG E 31 -24.22 17.18 20.69
CA ARG E 31 -23.49 18.40 20.91
C ARG E 31 -22.21 18.29 20.06
N PHE E 32 -21.82 19.38 19.42
CA PHE E 32 -20.49 19.45 18.86
C PHE E 32 -19.47 19.08 19.90
N PRO E 33 -18.55 18.13 19.60
CA PRO E 33 -17.60 17.64 20.62
C PRO E 33 -16.76 18.77 21.16
N LEU E 34 -16.41 18.66 22.44
CA LEU E 34 -15.70 19.71 23.09
C LEU E 34 -14.22 19.66 22.77
N HIS E 35 -13.63 18.46 22.79
CA HIS E 35 -12.18 18.28 22.91
C HIS E 35 -11.61 17.57 21.72
N GLU E 36 -10.32 17.71 21.50
CA GLU E 36 -9.65 16.88 20.50
C GLU E 36 -9.50 15.46 21.02
N MET E 37 -9.29 14.54 20.10
CA MET E 37 -8.86 13.20 20.46
C MET E 37 -7.78 12.78 19.46
N ARG E 38 -7.06 11.70 19.70
CA ARG E 38 -6.02 11.34 18.73
C ARG E 38 -6.68 10.98 17.41
N ASP E 39 -6.04 11.47 16.35
CA ASP E 39 -6.53 11.28 15.01
C ASP E 39 -6.80 9.84 14.72
N ASP E 40 -5.78 9.02 14.99
CA ASP E 40 -5.79 7.59 14.67
C ASP E 40 -6.85 6.79 15.44
N VAL E 41 -7.17 7.25 16.65
CA VAL E 41 -8.28 6.71 17.47
C VAL E 41 -9.63 7.11 16.89
N ALA E 42 -9.73 8.37 16.49
CA ALA E 42 -10.96 8.82 15.82
C ALA E 42 -11.21 8.01 14.53
N PHE E 43 -10.15 7.78 13.74
CA PHE E 43 -10.25 6.96 12.53
C PHE E 43 -10.72 5.53 12.86
N GLN E 44 -10.04 4.85 13.79
CA GLN E 44 -10.38 3.45 14.11
C GLN E 44 -11.78 3.36 14.68
N ILE E 45 -12.17 4.35 15.49
CA ILE E 45 -13.54 4.41 16.01
C ILE E 45 -14.49 4.47 14.84
N ILE E 46 -14.25 5.35 13.91
CA ILE E 46 -15.19 5.49 12.77
C ILE E 46 -15.14 4.24 11.85
N ASN E 47 -13.92 3.76 11.60
CA ASN E 47 -13.73 2.62 10.73
C ASN E 47 -14.49 1.39 11.30
N ASP E 48 -14.36 1.19 12.62
CA ASP E 48 -15.08 0.15 13.32
C ASP E 48 -16.61 0.25 13.20
N GLU E 49 -17.15 1.45 13.28
CA GLU E 49 -18.61 1.61 13.08
C GLU E 49 -19.04 1.24 11.67
N LEU E 50 -18.26 1.66 10.70
CA LEU E 50 -18.61 1.39 9.32
C LEU E 50 -18.76 -0.10 8.94
N TYR E 51 -18.13 -1.00 9.70
CA TYR E 51 -18.36 -2.41 9.56
C TYR E 51 -19.84 -2.76 9.72
N LEU E 52 -20.60 -1.97 10.46
CA LEU E 52 -22.03 -2.20 10.53
C LEU E 52 -22.82 -1.87 9.23
N ASP E 53 -22.23 -1.10 8.31
CA ASP E 53 -22.90 -0.92 7.02
C ASP E 53 -22.93 -2.23 6.29
N GLY E 54 -23.93 -2.45 5.45
CA GLY E 54 -23.84 -3.56 4.51
C GLY E 54 -22.73 -3.31 3.48
N ASN E 55 -22.35 -4.36 2.74
CA ASN E 55 -21.46 -4.14 1.58
C ASN E 55 -22.24 -4.13 0.27
N ALA E 56 -23.53 -4.42 0.36
CA ALA E 56 -24.40 -4.49 -0.82
C ALA E 56 -24.22 -5.59 -1.87
N ARG E 57 -23.18 -6.42 -1.77
CA ARG E 57 -22.94 -7.49 -2.77
C ARG E 57 -24.09 -8.47 -2.87
N GLN E 58 -24.80 -8.69 -1.76
CA GLN E 58 -25.98 -9.54 -1.75
C GLN E 58 -27.27 -8.72 -1.77
N ASN E 59 -27.14 -7.38 -1.96
CA ASN E 59 -28.31 -6.50 -2.07
C ASN E 59 -28.81 -6.43 -3.52
N LEU E 60 -29.94 -7.04 -3.81
CA LEU E 60 -30.42 -7.10 -5.19
C LEU E 60 -31.54 -6.09 -5.47
N ALA E 61 -31.65 -5.08 -4.61
CA ALA E 61 -32.63 -4.03 -4.76
C ALA E 61 -32.03 -2.85 -5.49
N THR E 62 -30.76 -2.57 -5.29
CA THR E 62 -30.22 -1.36 -5.85
C THR E 62 -29.75 -1.48 -7.26
N PHE E 63 -29.71 -0.35 -7.96
CA PHE E 63 -29.24 -0.32 -9.32
C PHE E 63 -27.76 0.17 -9.34
N CYS E 64 -27.27 0.72 -8.21
CA CYS E 64 -26.02 1.47 -8.18
C CYS E 64 -24.79 0.56 -8.11
N GLN E 65 -23.68 0.99 -8.72
CA GLN E 65 -22.47 0.16 -8.73
C GLN E 65 -22.06 -0.31 -7.32
N THR E 66 -21.84 -1.60 -7.17
CA THR E 66 -21.34 -2.08 -5.91
C THR E 66 -20.09 -2.94 -6.03
N TRP E 67 -19.57 -3.11 -7.25
CA TRP E 67 -18.41 -3.94 -7.47
C TRP E 67 -17.15 -3.13 -7.20
N ASP E 68 -15.97 -3.75 -7.18
CA ASP E 68 -14.76 -2.97 -6.84
C ASP E 68 -13.65 -3.25 -7.82
N ASP E 69 -13.09 -2.15 -8.34
CA ASP E 69 -12.04 -2.23 -9.34
C ASP E 69 -10.91 -1.34 -8.81
N GLU E 70 -9.73 -1.94 -8.61
CA GLU E 70 -8.59 -1.21 -8.03
C GLU E 70 -8.28 0.10 -8.78
N ASN E 71 -8.31 0.00 -10.10
CA ASN E 71 -8.03 1.16 -10.96
C ASN E 71 -8.99 2.30 -10.65
N VAL E 72 -10.27 2.00 -10.42
CA VAL E 72 -11.29 3.01 -10.04
C VAL E 72 -10.99 3.64 -8.70
N HIS E 73 -10.73 2.80 -7.71
CA HIS E 73 -10.28 3.27 -6.40
C HIS E 73 -9.07 4.21 -6.51
N LYS E 74 -8.14 3.90 -7.41
CA LYS E 74 -6.92 4.69 -7.53
C LYS E 74 -7.17 6.05 -8.12
N LEU E 75 -8.00 6.09 -9.18
CA LEU E 75 -8.45 7.32 -9.80
C LEU E 75 -9.34 8.09 -8.83
N MET E 76 -10.25 7.42 -8.12
CA MET E 76 -11.04 8.18 -7.19
C MET E 76 -10.12 8.87 -6.16
N ASP E 77 -9.19 8.13 -5.57
CA ASP E 77 -8.30 8.65 -4.53
C ASP E 77 -7.37 9.77 -5.01
N LEU E 78 -6.87 9.69 -6.25
CA LEU E 78 -6.10 10.79 -6.88
C LEU E 78 -6.92 12.05 -7.02
N SER E 79 -8.25 11.91 -7.06
CA SER E 79 -9.13 13.03 -7.44
C SER E 79 -9.93 13.65 -6.27
N ILE E 80 -9.67 13.25 -5.04
CA ILE E 80 -10.45 13.67 -3.86
C ILE E 80 -10.51 15.22 -3.76
N ASN E 81 -9.49 15.88 -4.33
CA ASN E 81 -9.44 17.32 -4.27
C ASN E 81 -9.61 18.04 -5.62
N LYS E 82 -9.92 17.29 -6.67
CA LYS E 82 -10.03 17.93 -7.96
C LYS E 82 -11.43 18.51 -8.06
N ASN E 83 -11.50 19.81 -8.24
CA ASN E 83 -12.77 20.51 -8.19
C ASN E 83 -13.44 20.55 -9.57
N TRP E 84 -14.56 19.86 -9.74
CA TRP E 84 -15.21 19.74 -11.06
C TRP E 84 -15.50 21.12 -11.63
N ILE E 85 -15.80 22.10 -10.79
CA ILE E 85 -16.26 23.40 -11.27
C ILE E 85 -15.11 24.35 -11.66
N ASP E 86 -13.93 24.03 -11.14
CA ASP E 86 -12.78 24.89 -11.25
C ASP E 86 -11.95 24.50 -12.47
N LYS E 87 -12.43 24.90 -13.66
CA LYS E 87 -11.84 24.55 -14.94
C LYS E 87 -10.41 25.08 -15.01
N GLU E 88 -10.15 26.17 -14.28
CA GLU E 88 -8.89 26.91 -14.32
C GLU E 88 -7.78 26.10 -13.62
N GLU E 89 -8.08 25.58 -12.44
CA GLU E 89 -7.01 24.89 -11.72
C GLU E 89 -6.94 23.42 -12.17
N TYR E 90 -8.04 22.87 -12.65
CA TYR E 90 -8.04 21.45 -13.03
C TYR E 90 -8.43 21.36 -14.52
N PRO E 91 -7.55 21.88 -15.42
CA PRO E 91 -8.06 22.05 -16.81
C PRO E 91 -8.21 20.72 -17.55
N GLN E 92 -7.48 19.70 -17.08
CA GLN E 92 -7.50 18.36 -17.63
C GLN E 92 -8.69 17.51 -17.21
N SER E 93 -9.07 17.60 -15.93
CA SER E 93 -10.34 17.06 -15.49
C SER E 93 -11.44 17.67 -16.38
N ALA E 94 -11.46 19.00 -16.52
CA ALA E 94 -12.41 19.65 -17.49
C ALA E 94 -12.45 19.01 -18.89
N ALA E 95 -11.26 18.76 -19.48
CA ALA E 95 -11.16 18.27 -20.82
C ALA E 95 -11.74 16.86 -20.85
N ILE E 96 -11.50 16.12 -19.78
CA ILE E 96 -11.98 14.75 -19.73
C ILE E 96 -13.51 14.71 -19.68
N ASP E 97 -14.07 15.61 -18.86
CA ASP E 97 -15.47 15.83 -18.70
C ASP E 97 -16.12 16.14 -20.05
N LEU E 98 -15.51 17.03 -20.83
CA LEU E 98 -16.11 17.41 -22.06
C LEU E 98 -16.08 16.21 -23.01
N ARG E 99 -15.01 15.41 -22.98
CA ARG E 99 -15.02 14.22 -23.81
C ARG E 99 -16.20 13.32 -23.45
N CYS E 100 -16.48 13.16 -22.16
CA CYS E 100 -17.56 12.27 -21.77
C CYS E 100 -18.92 12.76 -22.32
N VAL E 101 -19.17 14.08 -22.23
CA VAL E 101 -20.34 14.74 -22.77
C VAL E 101 -20.48 14.40 -24.26
N ASN E 102 -19.40 14.52 -25.04
CA ASN E 102 -19.52 14.23 -26.49
C ASN E 102 -19.80 12.75 -26.72
N MET E 103 -19.22 11.90 -25.87
CA MET E 103 -19.31 10.49 -26.09
C MET E 103 -20.73 10.04 -25.76
N VAL E 104 -21.28 10.59 -24.68
CA VAL E 104 -22.63 10.22 -24.27
C VAL E 104 -23.55 10.76 -25.38
N ALA E 105 -23.36 12.02 -25.83
CA ALA E 105 -24.17 12.55 -26.92
C ALA E 105 -24.14 11.66 -28.16
N ASP E 106 -22.95 11.21 -28.57
CA ASP E 106 -22.81 10.33 -29.72
C ASP E 106 -23.55 8.99 -29.51
N LEU E 107 -23.30 8.35 -28.38
CA LEU E 107 -24.00 7.14 -28.09
C LEU E 107 -25.49 7.31 -28.33
N TRP E 108 -26.04 8.49 -28.00
CA TRP E 108 -27.51 8.72 -28.05
C TRP E 108 -28.00 9.38 -29.36
N HIS E 109 -27.13 9.35 -30.37
CA HIS E 109 -27.38 9.88 -31.70
C HIS E 109 -27.72 11.34 -31.77
N ALA E 110 -27.23 12.15 -30.82
CA ALA E 110 -27.41 13.60 -30.90
C ALA E 110 -26.95 14.09 -32.25
N PRO E 111 -27.71 14.98 -32.89
CA PRO E 111 -27.16 15.60 -34.12
C PRO E 111 -25.77 16.20 -33.89
N ALA E 112 -24.89 16.02 -34.86
CA ALA E 112 -23.56 16.60 -34.81
C ALA E 112 -23.61 18.09 -34.44
N PRO E 113 -22.82 18.51 -33.45
CA PRO E 113 -22.73 19.90 -33.01
C PRO E 113 -22.24 20.83 -34.12
N LYS E 114 -22.91 21.96 -34.32
CA LYS E 114 -22.44 22.98 -35.30
C LYS E 114 -21.03 23.53 -34.95
N ASN E 115 -20.68 23.53 -33.66
CA ASN E 115 -19.39 24.04 -33.12
C ASN E 115 -18.32 22.97 -32.68
N GLY E 116 -18.69 21.70 -32.64
CA GLY E 116 -17.74 20.65 -32.21
C GLY E 116 -17.95 20.09 -30.80
N GLN E 117 -18.78 20.78 -30.01
CA GLN E 117 -19.07 20.37 -28.65
C GLN E 117 -20.57 20.14 -28.48
N ALA E 118 -20.92 18.97 -27.95
CA ALA E 118 -22.27 18.68 -27.64
C ALA E 118 -22.76 19.54 -26.45
N VAL E 119 -24.08 19.79 -26.42
CA VAL E 119 -24.79 20.44 -25.33
C VAL E 119 -25.18 19.41 -24.24
N GLY E 120 -24.59 19.56 -23.06
CA GLY E 120 -24.82 18.57 -22.03
C GLY E 120 -23.93 18.80 -20.85
N THR E 121 -24.17 18.04 -19.80
CA THR E 121 -23.35 18.19 -18.62
C THR E 121 -23.33 16.93 -17.81
N ASN E 122 -22.22 16.72 -17.13
CA ASN E 122 -22.18 15.81 -16.02
C ASN E 122 -23.06 16.38 -14.89
N THR E 123 -23.63 15.49 -14.10
CA THR E 123 -24.31 15.86 -12.90
C THR E 123 -23.88 14.90 -11.81
N ILE E 124 -24.35 15.13 -10.59
CA ILE E 124 -24.11 14.23 -9.48
C ILE E 124 -24.91 12.93 -9.62
N GLY E 125 -25.96 12.95 -10.44
CA GLY E 125 -26.86 11.82 -10.57
C GLY E 125 -28.01 12.13 -11.50
N SER E 126 -28.91 11.17 -11.65
CA SER E 126 -30.05 11.37 -12.52
C SER E 126 -30.88 12.47 -11.98
N SER E 127 -30.94 12.57 -10.64
CA SER E 127 -31.79 13.55 -10.01
C SER E 127 -31.48 14.96 -10.50
N GLU E 128 -30.25 15.41 -10.30
CA GLU E 128 -29.92 16.73 -10.78
C GLU E 128 -30.23 16.78 -12.30
N ALA E 129 -29.75 15.80 -13.06
CA ALA E 129 -30.04 15.75 -14.49
C ALA E 129 -31.56 15.93 -14.85
N CYS E 130 -32.47 15.27 -14.15
CA CYS E 130 -33.90 15.51 -14.37
C CYS E 130 -34.34 16.94 -14.09
N MET E 131 -33.88 17.57 -13.00
CA MET E 131 -34.23 18.98 -12.79
C MET E 131 -33.78 19.83 -13.98
N LEU E 132 -32.57 19.61 -14.45
CA LEU E 132 -32.04 20.43 -15.54
C LEU E 132 -32.89 20.25 -16.79
N GLY E 133 -33.21 19.00 -17.08
CA GLY E 133 -34.08 18.67 -18.17
C GLY E 133 -35.46 19.29 -17.96
N GLY E 134 -35.90 19.28 -16.70
CA GLY E 134 -37.24 19.66 -16.36
C GLY E 134 -37.36 21.15 -16.51
N MET E 135 -36.36 21.85 -16.00
CA MET E 135 -36.27 23.29 -16.14
C MET E 135 -36.23 23.71 -17.62
N ALA E 136 -35.38 23.05 -18.39
CA ALA E 136 -35.32 23.38 -19.82
C ALA E 136 -36.70 23.15 -20.50
N MET E 137 -37.37 22.02 -20.25
CA MET E 137 -38.72 21.90 -20.82
C MET E 137 -39.57 23.06 -20.35
N LYS E 138 -39.45 23.44 -19.08
CA LYS E 138 -40.33 24.46 -18.55
C LYS E 138 -40.15 25.77 -19.32
N TRP E 139 -38.90 26.14 -19.55
CA TRP E 139 -38.56 27.43 -20.17
C TRP E 139 -38.96 27.42 -21.63
N ARG E 140 -38.78 26.28 -22.34
CA ARG E 140 -39.13 26.28 -23.77
C ARG E 140 -40.63 26.48 -23.92
N TRP E 141 -41.39 25.71 -23.13
CA TRP E 141 -42.81 25.86 -23.06
C TRP E 141 -43.25 27.30 -22.69
N ARG E 142 -42.62 27.87 -21.66
CA ARG E 142 -42.93 29.21 -21.18
C ARG E 142 -42.75 30.28 -22.26
N LYS E 143 -41.58 30.31 -22.92
CA LYS E 143 -41.27 31.27 -24.02
C LYS E 143 -42.36 31.37 -25.08
N ARG E 144 -42.89 30.22 -25.48
CA ARG E 144 -43.85 30.11 -26.56
C ARG E 144 -45.24 30.56 -26.12
N MET E 145 -45.61 30.20 -24.90
CA MET E 145 -46.89 30.61 -24.37
C MET E 145 -46.90 32.12 -24.08
N GLU E 146 -45.71 32.66 -23.78
CA GLU E 146 -45.55 34.09 -23.52
C GLU E 146 -45.56 34.89 -24.81
N ALA E 147 -45.05 34.29 -25.87
CA ALA E 147 -45.19 34.85 -27.20
C ALA E 147 -46.69 35.02 -27.54
N ALA E 148 -47.51 34.03 -27.18
CA ALA E 148 -48.95 34.02 -27.49
C ALA E 148 -49.78 34.79 -26.43
N GLY E 149 -49.09 35.48 -25.52
CA GLY E 149 -49.73 36.23 -24.44
C GLY E 149 -50.64 35.38 -23.56
N LYS E 150 -50.34 34.07 -23.50
CA LYS E 150 -51.14 33.08 -22.74
C LYS E 150 -50.60 32.98 -21.31
N PRO E 151 -51.47 32.57 -20.33
CA PRO E 151 -51.06 32.38 -18.95
C PRO E 151 -50.08 31.22 -18.87
N THR E 152 -49.09 31.36 -17.99
CA THR E 152 -48.01 30.41 -17.93
C THR E 152 -47.85 29.90 -16.52
N ASP E 153 -48.86 30.05 -15.67
CA ASP E 153 -48.73 29.76 -14.23
C ASP E 153 -49.22 28.35 -13.86
N LYS E 154 -49.72 27.62 -14.87
CA LYS E 154 -50.18 26.26 -14.65
C LYS E 154 -49.57 25.20 -15.60
N PRO E 155 -48.23 25.05 -15.64
CA PRO E 155 -47.59 24.01 -16.49
C PRO E 155 -47.79 22.62 -15.92
N ASN E 156 -48.12 21.65 -16.77
CA ASN E 156 -48.14 20.24 -16.33
C ASN E 156 -47.09 19.43 -17.06
N LEU E 157 -46.83 18.23 -16.58
CA LEU E 157 -45.81 17.31 -17.12
C LEU E 157 -46.44 15.91 -17.13
N VAL E 158 -46.44 15.26 -18.29
CA VAL E 158 -47.16 14.01 -18.52
C VAL E 158 -46.15 12.87 -18.55
N CYS E 159 -46.42 11.84 -17.75
CA CYS E 159 -45.48 10.76 -17.56
C CYS E 159 -46.17 9.50 -17.11
N GLY E 160 -45.38 8.44 -17.00
CA GLY E 160 -45.82 7.19 -16.41
C GLY E 160 -45.27 7.03 -15.01
N PRO E 161 -45.01 5.76 -14.59
CA PRO E 161 -44.56 5.41 -13.23
C PRO E 161 -43.14 5.88 -12.98
N VAL E 162 -42.98 7.20 -12.91
CA VAL E 162 -41.65 7.82 -12.85
C VAL E 162 -40.93 7.57 -11.54
N GLN E 163 -39.63 7.83 -11.56
CA GLN E 163 -38.75 7.74 -10.42
C GLN E 163 -39.09 8.96 -9.53
N ILE E 164 -38.71 8.93 -8.27
CA ILE E 164 -39.06 10.02 -7.35
C ILE E 164 -38.56 11.39 -7.79
N CYS E 165 -37.48 11.45 -8.56
CA CYS E 165 -36.98 12.75 -9.03
C CYS E 165 -38.01 13.57 -9.79
N TRP E 166 -38.90 12.93 -10.55
CA TRP E 166 -39.97 13.71 -11.21
C TRP E 166 -40.99 14.29 -10.22
N HIS E 167 -41.22 13.60 -9.11
CA HIS E 167 -42.13 14.10 -8.06
C HIS E 167 -41.56 15.35 -7.39
N LYS E 168 -40.26 15.28 -7.13
CA LYS E 168 -39.47 16.41 -6.60
C LYS E 168 -39.43 17.58 -7.59
N PHE E 169 -39.15 17.29 -8.86
CA PHE E 169 -39.16 18.35 -9.85
C PHE E 169 -40.50 19.07 -9.84
N ALA E 170 -41.59 18.29 -9.99
CA ALA E 170 -42.93 18.81 -9.94
C ALA E 170 -43.19 19.75 -8.75
N ARG E 171 -42.98 19.20 -7.55
CA ARG E 171 -43.13 19.98 -6.37
C ARG E 171 -42.21 21.20 -6.33
N TYR E 172 -40.94 21.05 -6.68
CA TYR E 172 -39.99 22.14 -6.42
C TYR E 172 -40.10 23.25 -7.45
N TRP E 173 -40.66 22.92 -8.61
CA TRP E 173 -40.86 23.89 -9.66
C TRP E 173 -42.34 24.18 -10.01
N ASP E 174 -43.27 23.79 -9.13
CA ASP E 174 -44.69 24.10 -9.27
C ASP E 174 -45.27 23.66 -10.61
N VAL E 175 -44.97 22.44 -11.01
CA VAL E 175 -45.45 21.91 -12.26
C VAL E 175 -46.39 20.84 -11.81
N GLU E 176 -47.52 20.71 -12.50
CA GLU E 176 -48.49 19.70 -12.13
C GLU E 176 -48.09 18.38 -12.77
N LEU E 177 -48.07 17.33 -11.96
CA LEU E 177 -47.56 16.06 -12.39
C LEU E 177 -48.76 15.20 -12.75
N ARG E 178 -48.88 14.96 -14.05
CA ARG E 178 -49.96 14.12 -14.53
C ARG E 178 -49.37 12.73 -14.73
N GLU E 179 -49.39 11.93 -13.67
CA GLU E 179 -48.81 10.59 -13.76
C GLU E 179 -49.91 9.60 -14.14
N ILE E 180 -49.73 8.93 -15.27
CA ILE E 180 -50.72 7.93 -15.72
C ILE E 180 -50.59 6.75 -14.73
N PRO E 181 -51.66 6.40 -14.05
CA PRO E 181 -51.46 5.36 -13.04
C PRO E 181 -51.17 4.00 -13.63
N MET E 182 -50.40 3.18 -12.91
CA MET E 182 -50.36 1.73 -13.17
C MET E 182 -51.74 1.14 -12.99
N ARG E 183 -52.10 0.20 -13.86
CA ARG E 183 -53.32 -0.56 -13.65
C ARG E 183 -53.16 -1.96 -14.24
N PRO E 184 -53.90 -2.95 -13.70
CA PRO E 184 -53.77 -4.33 -14.14
C PRO E 184 -53.69 -4.46 -15.68
N GLY E 185 -52.70 -5.16 -16.19
CA GLY E 185 -52.54 -5.30 -17.62
C GLY E 185 -52.00 -4.09 -18.36
N GLN E 186 -51.91 -2.94 -17.69
CA GLN E 186 -51.28 -1.75 -18.30
C GLN E 186 -50.52 -0.95 -17.25
N LEU E 187 -49.25 -1.32 -17.05
CA LEU E 187 -48.56 -0.79 -15.90
C LEU E 187 -47.77 0.44 -16.26
N PHE E 188 -47.97 0.99 -17.44
CA PHE E 188 -47.04 1.97 -17.96
C PHE E 188 -47.80 3.01 -18.70
N MET E 189 -47.12 4.08 -19.12
CA MET E 189 -47.74 5.08 -19.96
C MET E 189 -47.92 4.58 -21.41
N ASP E 190 -49.17 4.44 -21.84
CA ASP E 190 -49.47 4.09 -23.22
C ASP E 190 -49.83 5.36 -23.96
N PRO E 191 -49.76 5.33 -25.31
CA PRO E 191 -50.14 6.47 -26.17
C PRO E 191 -51.53 7.03 -25.88
N LYS E 192 -52.50 6.16 -25.64
CA LYS E 192 -53.89 6.58 -25.49
C LYS E 192 -53.98 7.46 -24.25
N ARG E 193 -53.53 6.95 -23.12
CA ARG E 193 -53.71 7.66 -21.88
C ARG E 193 -52.77 8.83 -21.80
N MET E 194 -51.59 8.71 -22.41
CA MET E 194 -50.70 9.86 -22.49
C MET E 194 -51.47 11.06 -23.09
N ILE E 195 -52.06 10.82 -24.28
CA ILE E 195 -52.73 11.87 -25.07
C ILE E 195 -53.90 12.48 -24.30
N GLU E 196 -54.70 11.66 -23.62
CA GLU E 196 -55.72 12.16 -22.73
C GLU E 196 -55.21 13.25 -21.79
N ALA E 197 -53.98 13.14 -21.36
CA ALA E 197 -53.45 14.01 -20.32
C ALA E 197 -52.75 15.25 -20.89
N CYS E 198 -52.58 15.27 -22.20
CA CYS E 198 -51.88 16.39 -22.85
C CYS E 198 -52.84 17.50 -23.15
N ASP E 199 -52.38 18.74 -22.99
CA ASP E 199 -53.05 19.93 -23.49
C ASP E 199 -52.01 21.03 -23.73
N GLU E 200 -52.46 22.27 -23.96
CA GLU E 200 -51.54 23.36 -24.23
C GLU E 200 -50.61 23.74 -23.02
N ASN E 201 -50.94 23.23 -21.84
CA ASN E 201 -50.13 23.47 -20.65
C ASN E 201 -49.02 22.42 -20.43
N THR E 202 -49.01 21.37 -21.25
CA THR E 202 -48.02 20.30 -21.12
C THR E 202 -46.64 20.77 -21.61
N ILE E 203 -45.70 20.85 -20.68
CA ILE E 203 -44.34 21.32 -20.95
C ILE E 203 -43.53 20.23 -21.68
N GLY E 204 -43.99 18.98 -21.57
CA GLY E 204 -43.29 17.85 -22.11
C GLY E 204 -43.85 16.53 -21.64
N VAL E 205 -43.40 15.47 -22.28
CA VAL E 205 -43.73 14.13 -21.88
C VAL E 205 -42.42 13.43 -21.50
N VAL E 206 -42.43 12.70 -20.40
CA VAL E 206 -41.25 11.98 -19.96
C VAL E 206 -41.52 10.47 -19.93
N PRO E 207 -41.15 9.77 -21.00
CA PRO E 207 -41.12 8.31 -21.00
C PRO E 207 -40.03 7.85 -20.05
N THR E 208 -40.26 6.74 -19.34
CA THR E 208 -39.21 6.18 -18.51
C THR E 208 -38.61 4.95 -19.19
N PHE E 209 -37.40 5.13 -19.70
CA PHE E 209 -36.72 4.11 -20.47
C PHE E 209 -35.96 3.16 -19.54
N GLY E 210 -36.75 2.38 -18.80
CA GLY E 210 -36.31 1.49 -17.75
C GLY E 210 -37.06 1.86 -16.50
N VAL E 211 -38.28 1.34 -16.34
CA VAL E 211 -39.08 1.71 -15.17
C VAL E 211 -38.47 1.10 -13.89
N THR E 212 -38.33 1.93 -12.87
CA THR E 212 -37.70 1.59 -11.58
C THR E 212 -38.37 0.38 -10.93
N TYR E 213 -39.70 0.43 -10.83
CA TYR E 213 -40.49 -0.57 -10.12
C TYR E 213 -40.54 -1.94 -10.78
N THR E 214 -40.27 -1.98 -12.09
CA THR E 214 -40.49 -3.23 -12.81
C THR E 214 -39.34 -3.61 -13.72
N GLY E 215 -38.64 -2.61 -14.23
CA GLY E 215 -37.55 -2.90 -15.12
C GLY E 215 -37.90 -2.75 -16.59
N ASN E 216 -39.20 -2.65 -16.89
CA ASN E 216 -39.65 -2.58 -18.27
C ASN E 216 -39.38 -1.21 -18.86
N TYR E 217 -39.05 -1.19 -20.13
CA TYR E 217 -38.98 0.03 -20.92
C TYR E 217 -40.36 0.55 -21.30
N GLU E 218 -40.48 1.87 -21.26
CA GLU E 218 -41.56 2.59 -21.91
C GLU E 218 -40.98 3.02 -23.25
N PHE E 219 -41.58 2.57 -24.34
CA PHE E 219 -41.04 2.83 -25.65
C PHE E 219 -41.44 4.21 -26.24
N PRO E 220 -40.47 5.10 -26.40
CA PRO E 220 -40.76 6.45 -26.88
C PRO E 220 -41.25 6.50 -28.33
N GLN E 221 -40.94 5.52 -29.17
CA GLN E 221 -41.42 5.64 -30.54
C GLN E 221 -42.97 5.64 -30.72
N PRO E 222 -43.70 4.62 -30.18
CA PRO E 222 -45.17 4.78 -30.34
C PRO E 222 -45.74 6.03 -29.67
N LEU E 223 -45.18 6.41 -28.52
CA LEU E 223 -45.54 7.70 -27.94
C LEU E 223 -45.22 8.85 -28.88
N HIS E 224 -44.13 8.75 -29.64
CA HIS E 224 -43.70 9.86 -30.48
C HIS E 224 -44.70 10.06 -31.61
N ASP E 225 -45.15 8.95 -32.21
CA ASP E 225 -46.12 8.95 -33.32
C ASP E 225 -47.39 9.68 -32.89
N ALA E 226 -47.86 9.35 -31.68
CA ALA E 226 -49.10 9.92 -31.12
C ALA E 226 -48.99 11.43 -30.96
N LEU E 227 -47.80 11.89 -30.55
CA LEU E 227 -47.54 13.32 -30.38
C LEU E 227 -47.54 14.02 -31.71
N ASP E 228 -47.09 13.33 -32.74
CA ASP E 228 -47.13 13.87 -34.10
C ASP E 228 -48.57 14.07 -34.57
N LYS E 229 -49.38 13.06 -34.27
CA LYS E 229 -50.78 13.05 -34.62
C LYS E 229 -51.49 14.13 -33.81
N PHE E 230 -51.10 14.27 -32.56
CA PHE E 230 -51.65 15.28 -31.67
C PHE E 230 -51.42 16.68 -32.22
N GLN E 231 -50.23 16.93 -32.77
CA GLN E 231 -49.90 18.24 -33.32
C GLN E 231 -50.66 18.43 -34.61
N ALA E 232 -50.69 17.37 -35.44
CA ALA E 232 -51.55 17.35 -36.63
C ALA E 232 -52.97 17.76 -36.26
N ASP E 233 -53.56 17.09 -35.25
CA ASP E 233 -54.98 17.27 -34.87
C ASP E 233 -55.37 18.54 -34.12
N THR E 234 -54.41 19.14 -33.42
CA THR E 234 -54.71 20.18 -32.47
C THR E 234 -53.76 21.38 -32.57
N GLY E 235 -52.66 21.24 -33.31
CA GLY E 235 -51.67 22.32 -33.45
C GLY E 235 -50.79 22.45 -32.24
N ILE E 236 -50.97 21.57 -31.25
CA ILE E 236 -50.11 21.57 -30.04
C ILE E 236 -48.87 20.66 -30.17
N ASP E 237 -47.70 21.29 -30.08
CA ASP E 237 -46.42 20.66 -30.43
C ASP E 237 -45.68 20.26 -29.16
N ILE E 238 -45.77 19.00 -28.75
CA ILE E 238 -45.20 18.59 -27.45
C ILE E 238 -43.91 17.82 -27.60
N ASP E 239 -42.89 18.21 -26.85
CA ASP E 239 -41.64 17.50 -26.88
C ASP E 239 -41.48 16.48 -25.74
N MET E 240 -40.37 15.75 -25.85
CA MET E 240 -40.06 14.69 -24.96
C MET E 240 -38.71 14.91 -24.27
N HIS E 241 -38.65 14.46 -23.01
CA HIS E 241 -37.40 14.23 -22.32
C HIS E 241 -37.34 12.81 -21.88
N ILE E 242 -36.30 12.09 -22.29
CA ILE E 242 -36.20 10.67 -21.93
C ILE E 242 -35.47 10.45 -20.61
N ASP E 243 -36.20 9.93 -19.63
CA ASP E 243 -35.55 9.49 -18.43
C ASP E 243 -34.98 8.11 -18.67
N ALA E 244 -33.71 8.09 -19.01
CA ALA E 244 -33.07 6.83 -19.36
C ALA E 244 -32.07 6.43 -18.27
N ALA E 245 -32.35 6.86 -17.03
CA ALA E 245 -31.56 6.50 -15.79
C ALA E 245 -30.84 5.22 -15.95
N SER E 246 -31.58 4.16 -16.30
CA SER E 246 -30.96 2.86 -16.50
C SER E 246 -30.81 2.47 -17.99
N GLY E 247 -31.89 2.60 -18.75
CA GLY E 247 -31.85 2.20 -20.16
C GLY E 247 -30.74 2.84 -20.98
N GLY E 248 -30.32 4.06 -20.60
CA GLY E 248 -29.41 4.91 -21.37
C GLY E 248 -28.03 4.31 -21.70
N PHE E 249 -27.58 3.38 -20.85
CA PHE E 249 -26.33 2.63 -21.03
C PHE E 249 -26.59 1.11 -21.24
N LEU E 250 -27.79 0.74 -21.62
CA LEU E 250 -28.10 -0.66 -21.88
C LEU E 250 -28.45 -0.83 -23.35
N ALA E 251 -29.63 -0.34 -23.71
CA ALA E 251 -30.11 -0.38 -25.13
C ALA E 251 -29.08 -0.04 -26.22
N PRO E 252 -28.30 1.06 -26.09
CA PRO E 252 -27.43 1.38 -27.24
C PRO E 252 -26.41 0.31 -27.56
N PHE E 253 -26.11 -0.57 -26.58
CA PHE E 253 -25.12 -1.62 -26.75
C PHE E 253 -25.78 -2.97 -27.11
N VAL E 254 -26.92 -3.30 -26.47
CA VAL E 254 -27.52 -4.64 -26.66
C VAL E 254 -28.83 -4.63 -27.45
N ALA E 255 -29.31 -3.44 -27.81
CA ALA E 255 -30.56 -3.34 -28.56
C ALA E 255 -30.50 -2.10 -29.41
N PRO E 256 -29.47 -2.01 -30.27
CA PRO E 256 -29.28 -0.74 -30.98
C PRO E 256 -30.51 -0.34 -31.81
N ASP E 257 -31.44 -1.26 -32.03
CA ASP E 257 -32.54 -1.05 -32.98
C ASP E 257 -33.73 -0.40 -32.34
N ILE E 258 -33.81 -0.44 -31.02
CA ILE E 258 -34.87 0.29 -30.36
C ILE E 258 -34.57 1.75 -30.63
N VAL E 259 -35.53 2.42 -31.31
CA VAL E 259 -35.44 3.86 -31.52
C VAL E 259 -36.09 4.61 -30.35
N TRP E 260 -35.27 5.18 -29.44
CA TRP E 260 -35.78 5.86 -28.24
C TRP E 260 -35.09 7.17 -27.97
N ASP E 261 -34.07 7.50 -28.74
CA ASP E 261 -33.17 8.59 -28.35
C ASP E 261 -33.33 9.77 -29.34
N PHE E 262 -32.22 10.47 -29.64
CA PHE E 262 -32.31 11.70 -30.46
C PHE E 262 -32.67 11.37 -31.90
N ARG E 263 -32.74 10.08 -32.22
CA ARG E 263 -33.25 9.73 -33.52
C ARG E 263 -34.71 10.16 -33.66
N LEU E 264 -35.41 10.35 -32.53
CA LEU E 264 -36.77 10.89 -32.56
C LEU E 264 -36.70 12.43 -32.42
N PRO E 265 -37.27 13.17 -33.41
CA PRO E 265 -37.23 14.65 -33.46
C PRO E 265 -37.73 15.35 -32.19
N ARG E 266 -38.75 14.74 -31.55
CA ARG E 266 -39.34 15.37 -30.39
C ARG E 266 -38.49 15.21 -29.13
N VAL E 267 -37.52 14.30 -29.18
CA VAL E 267 -36.70 14.07 -28.01
C VAL E 267 -35.72 15.23 -27.98
N LYS E 268 -35.87 16.12 -26.99
CA LYS E 268 -35.07 17.34 -26.91
C LYS E 268 -33.97 17.24 -25.86
N SER E 269 -34.08 16.26 -24.99
CA SER E 269 -33.01 15.96 -24.04
C SER E 269 -33.21 14.54 -23.47
N ILE E 270 -32.13 14.01 -22.89
CA ILE E 270 -32.09 12.67 -22.32
C ILE E 270 -31.20 12.74 -21.07
N SER E 271 -31.58 11.99 -20.04
CA SER E 271 -30.77 11.84 -18.82
C SER E 271 -30.61 10.35 -18.46
N ALA E 272 -29.53 10.04 -17.76
CA ALA E 272 -29.17 8.68 -17.44
C ALA E 272 -28.24 8.77 -16.27
N SER E 273 -28.13 7.70 -15.50
CA SER E 273 -27.16 7.64 -14.39
C SER E 273 -25.91 6.92 -14.82
N GLY E 274 -24.79 7.59 -14.66
CA GLY E 274 -23.50 6.96 -14.87
C GLY E 274 -23.25 5.90 -13.80
N HIS E 275 -23.73 6.15 -12.59
CA HIS E 275 -23.46 5.24 -11.48
C HIS E 275 -24.47 4.09 -11.37
N LYS E 276 -25.38 3.99 -12.34
CA LYS E 276 -26.13 2.74 -12.51
C LYS E 276 -25.42 1.94 -13.61
N PHE E 277 -26.07 1.66 -14.75
CA PHE E 277 -25.42 0.86 -15.77
C PHE E 277 -24.33 1.56 -16.61
N GLY E 278 -24.11 2.84 -16.37
CA GLY E 278 -22.96 3.50 -17.00
C GLY E 278 -21.64 2.99 -16.42
N LEU E 279 -21.73 2.34 -15.24
CA LEU E 279 -20.63 1.65 -14.58
C LEU E 279 -19.73 2.57 -13.77
N ALA E 280 -20.04 3.86 -13.76
CA ALA E 280 -19.28 4.77 -12.93
C ALA E 280 -19.59 4.53 -11.45
N PRO E 281 -18.65 4.87 -10.57
CA PRO E 281 -19.00 4.90 -9.12
C PRO E 281 -20.02 5.96 -8.78
N LEU E 282 -20.66 5.82 -7.61
CA LEU E 282 -21.66 6.76 -7.11
C LEU E 282 -21.31 8.24 -7.32
N GLY E 283 -22.29 9.05 -7.73
CA GLY E 283 -22.07 10.48 -7.83
C GLY E 283 -21.84 10.87 -9.28
N CYS E 284 -22.47 10.16 -10.20
CA CYS E 284 -22.33 10.46 -11.63
C CYS E 284 -23.60 10.32 -12.44
N GLY E 285 -24.03 11.41 -13.05
CA GLY E 285 -25.13 11.41 -14.02
C GLY E 285 -24.78 12.21 -15.26
N TRP E 286 -25.65 12.14 -16.26
CA TRP E 286 -25.47 12.86 -17.53
C TRP E 286 -26.83 13.40 -18.03
N VAL E 287 -26.83 14.59 -18.60
CA VAL E 287 -27.98 15.01 -19.35
C VAL E 287 -27.47 15.57 -20.65
N ILE E 288 -28.05 15.16 -21.77
CA ILE E 288 -27.67 15.73 -23.09
C ILE E 288 -28.86 16.44 -23.76
N TRP E 289 -28.64 17.60 -24.36
CA TRP E 289 -29.64 18.30 -25.13
C TRP E 289 -29.36 18.07 -26.63
N ARG E 290 -30.40 18.18 -27.46
CA ARG E 290 -30.28 17.89 -28.90
C ARG E 290 -29.34 18.86 -29.59
N ASP E 291 -29.43 20.13 -29.22
CA ASP E 291 -28.66 21.20 -29.85
C ASP E 291 -28.90 22.49 -29.05
N GLU E 292 -28.19 23.57 -29.40
CA GLU E 292 -28.29 24.83 -28.64
C GLU E 292 -29.73 25.28 -28.43
N GLU E 293 -30.58 25.07 -29.45
CA GLU E 293 -32.00 25.44 -29.35
C GLU E 293 -32.81 24.69 -28.28
N ALA E 294 -32.40 23.47 -27.94
CA ALA E 294 -33.14 22.74 -26.95
C ALA E 294 -32.80 23.25 -25.54
N LEU E 295 -31.80 24.14 -25.43
CA LEU E 295 -31.36 24.56 -24.11
C LEU E 295 -31.41 26.05 -24.03
N PRO E 296 -32.43 26.57 -23.32
CA PRO E 296 -32.57 28.02 -23.13
C PRO E 296 -31.32 28.67 -22.53
N GLN E 297 -30.80 29.71 -23.19
CA GLN E 297 -29.57 30.38 -22.72
C GLN E 297 -29.69 31.05 -21.36
N GLU E 298 -30.90 31.42 -20.99
CA GLU E 298 -31.14 32.14 -19.75
C GLU E 298 -30.80 31.25 -18.56
N LEU E 299 -30.83 29.92 -18.78
CA LEU E 299 -30.51 28.94 -17.73
C LEU E 299 -29.02 28.66 -17.52
N VAL E 300 -28.19 29.09 -18.45
CA VAL E 300 -26.76 28.83 -18.40
C VAL E 300 -26.07 30.02 -17.76
N PHE E 301 -25.17 29.75 -16.82
CA PHE E 301 -24.43 30.84 -16.18
C PHE E 301 -22.99 30.92 -16.67
N ASN E 302 -22.57 32.13 -17.03
CA ASN E 302 -21.25 32.34 -17.56
C ASN E 302 -20.34 32.87 -16.48
N VAL E 303 -19.26 32.13 -16.25
CA VAL E 303 -18.35 32.48 -15.17
C VAL E 303 -16.95 32.77 -15.70
N ASP E 304 -16.48 33.99 -15.44
CA ASP E 304 -15.13 34.42 -15.82
C ASP E 304 -13.98 33.48 -15.31
N TYR E 305 -12.94 33.37 -16.11
CA TYR E 305 -11.65 32.96 -15.60
C TYR E 305 -10.53 33.25 -16.62
N LEU E 306 -9.31 32.85 -16.28
CA LEU E 306 -8.11 33.25 -17.02
C LEU E 306 -8.19 33.02 -18.53
N GLY E 307 -8.57 31.81 -18.94
CA GLY E 307 -8.64 31.44 -20.36
C GLY E 307 -9.92 31.84 -21.07
N GLY E 308 -10.70 32.72 -20.46
CA GLY E 308 -11.96 33.15 -21.07
C GLY E 308 -13.13 33.09 -20.12
N GLN E 309 -14.11 32.24 -20.44
CA GLN E 309 -15.26 31.97 -19.55
C GLN E 309 -16.00 30.73 -20.01
N ILE E 310 -16.49 29.93 -19.06
CA ILE E 310 -17.40 28.82 -19.44
C ILE E 310 -18.80 28.94 -18.81
N GLY E 311 -19.77 28.40 -19.55
CA GLY E 311 -21.13 28.29 -19.09
C GLY E 311 -21.42 26.98 -18.40
N THR E 312 -22.08 27.03 -17.25
CA THR E 312 -22.58 25.79 -16.67
C THR E 312 -24.08 25.93 -16.44
N PHE E 313 -24.77 24.84 -16.74
CA PHE E 313 -26.10 24.62 -16.24
C PHE E 313 -25.90 23.57 -15.19
N ALA E 314 -25.89 23.98 -13.92
CA ALA E 314 -25.80 23.03 -12.81
C ALA E 314 -26.61 23.44 -11.62
N ILE E 315 -27.12 22.45 -10.89
CA ILE E 315 -27.66 22.75 -9.58
C ILE E 315 -26.55 22.79 -8.57
N ASN E 316 -25.59 21.85 -8.65
CA ASN E 316 -24.45 21.86 -7.73
C ASN E 316 -23.39 22.87 -8.20
N PHE E 317 -22.34 23.04 -7.42
CA PHE E 317 -21.27 23.89 -7.89
C PHE E 317 -19.96 23.15 -7.64
N SER E 318 -19.26 23.43 -6.54
CA SER E 318 -18.02 22.71 -6.27
C SER E 318 -18.33 21.30 -5.85
N ARG E 319 -17.54 20.37 -6.37
CA ARG E 319 -17.68 18.96 -6.06
C ARG E 319 -16.57 18.21 -6.79
N PRO E 320 -16.32 16.95 -6.38
CA PRO E 320 -15.14 16.26 -6.92
C PRO E 320 -15.27 15.74 -8.38
N ALA E 321 -14.18 15.77 -9.12
CA ALA E 321 -14.16 15.32 -10.53
C ALA E 321 -13.91 13.82 -10.66
N GLY E 322 -13.68 13.13 -9.55
CA GLY E 322 -13.28 11.72 -9.65
C GLY E 322 -14.23 10.78 -10.36
N GLN E 323 -15.52 10.93 -10.13
CA GLN E 323 -16.50 10.05 -10.75
C GLN E 323 -16.50 10.25 -12.27
N VAL E 324 -16.33 11.50 -12.71
CA VAL E 324 -16.25 11.74 -14.14
C VAL E 324 -14.99 11.06 -14.73
N ILE E 325 -13.87 11.25 -14.04
CA ILE E 325 -12.64 10.61 -14.38
C ILE E 325 -12.83 9.09 -14.45
N ALA E 326 -13.46 8.52 -13.43
CA ALA E 326 -13.74 7.10 -13.42
C ALA E 326 -14.68 6.66 -14.56
N GLN E 327 -15.70 7.47 -14.83
CA GLN E 327 -16.56 7.25 -15.97
C GLN E 327 -15.75 7.18 -17.25
N TYR E 328 -14.80 8.08 -17.41
CA TYR E 328 -14.05 8.15 -18.64
C TYR E 328 -13.24 6.88 -18.78
N TYR E 329 -12.68 6.47 -17.65
CA TYR E 329 -11.93 5.23 -17.57
C TYR E 329 -12.72 4.09 -18.10
N GLU E 330 -14.00 3.98 -17.73
CA GLU E 330 -14.81 2.85 -18.18
C GLU E 330 -15.07 2.96 -19.68
N PHE E 331 -15.36 4.18 -20.16
CA PHE E 331 -15.63 4.42 -21.59
C PHE E 331 -14.38 4.00 -22.34
N LEU E 332 -13.20 4.41 -21.86
CA LEU E 332 -11.97 4.08 -22.56
C LEU E 332 -11.65 2.58 -22.59
N ARG E 333 -11.77 1.90 -21.45
CA ARG E 333 -11.29 0.52 -21.38
C ARG E 333 -12.26 -0.43 -22.02
N LEU E 334 -13.54 -0.05 -22.01
CA LEU E 334 -14.60 -0.88 -22.58
C LEU E 334 -14.94 -0.57 -24.01
N GLY E 335 -15.26 0.66 -24.37
CA GLY E 335 -15.83 0.93 -25.73
C GLY E 335 -17.20 0.27 -25.95
N ARG E 336 -17.75 0.37 -27.15
CA ARG E 336 -19.03 -0.34 -27.41
C ARG E 336 -18.81 -1.87 -27.30
N GLU E 337 -17.74 -2.37 -27.89
CA GLU E 337 -17.40 -3.79 -27.74
C GLU E 337 -17.42 -4.28 -26.25
N GLY E 338 -16.74 -3.58 -25.35
CA GLY E 338 -16.68 -3.99 -23.94
C GLY E 338 -17.99 -3.82 -23.19
N TYR E 339 -18.62 -2.66 -23.38
CA TYR E 339 -19.97 -2.45 -22.79
C TYR E 339 -20.97 -3.52 -23.20
N THR E 340 -20.98 -3.90 -24.46
CA THR E 340 -21.93 -4.90 -24.94
C THR E 340 -21.75 -6.23 -24.22
N LYS E 341 -20.49 -6.61 -23.99
CA LYS E 341 -20.21 -7.82 -23.23
C LYS E 341 -20.64 -7.72 -21.78
N VAL E 342 -20.27 -6.64 -21.10
CA VAL E 342 -20.67 -6.42 -19.72
C VAL E 342 -22.19 -6.52 -19.53
N GLN E 343 -22.95 -5.83 -20.38
CA GLN E 343 -24.38 -5.75 -20.19
C GLN E 343 -25.03 -7.10 -20.61
N ASN E 344 -24.52 -7.72 -21.68
CA ASN E 344 -25.03 -9.01 -22.06
C ASN E 344 -24.94 -9.99 -20.87
N ALA E 345 -23.84 -9.86 -20.13
CA ALA E 345 -23.57 -10.72 -19.00
C ALA E 345 -24.65 -10.54 -17.95
N SER E 346 -25.03 -9.31 -17.69
CA SER E 346 -26.05 -9.08 -16.71
C SER E 346 -27.43 -9.60 -17.14
N TYR E 347 -27.77 -9.38 -18.42
CA TYR E 347 -28.98 -9.94 -19.03
C TYR E 347 -29.01 -11.46 -18.93
N GLN E 348 -27.86 -12.13 -19.16
CA GLN E 348 -27.86 -13.61 -19.17
C GLN E 348 -28.25 -14.06 -17.79
N VAL E 349 -27.69 -13.41 -16.76
CA VAL E 349 -28.05 -13.71 -15.39
C VAL E 349 -29.52 -13.41 -15.08
N ALA E 350 -30.05 -12.27 -15.55
CA ALA E 350 -31.47 -11.95 -15.26
C ALA E 350 -32.35 -12.99 -15.92
N ALA E 351 -32.08 -13.27 -17.19
CA ALA E 351 -32.91 -14.20 -17.95
C ALA E 351 -32.86 -15.58 -17.29
N TYR E 352 -31.69 -15.99 -16.84
CA TYR E 352 -31.57 -17.29 -16.23
C TYR E 352 -32.42 -17.40 -14.95
N LEU E 353 -32.44 -16.32 -14.17
CA LEU E 353 -33.15 -16.32 -12.89
C LEU E 353 -34.65 -16.31 -13.15
N ALA E 354 -35.09 -15.48 -14.10
CA ALA E 354 -36.49 -15.53 -14.52
C ALA E 354 -36.89 -16.98 -14.87
N ASP E 355 -36.05 -17.67 -15.65
CA ASP E 355 -36.38 -19.03 -16.11
C ASP E 355 -36.44 -20.06 -15.00
N GLU E 356 -35.51 -19.98 -14.06
CA GLU E 356 -35.45 -20.93 -12.95
C GLU E 356 -36.52 -20.64 -11.92
N ILE E 357 -36.70 -19.38 -11.59
CA ILE E 357 -37.73 -18.93 -10.66
C ILE E 357 -39.17 -19.32 -11.05
N ALA E 358 -39.50 -19.22 -12.33
CA ALA E 358 -40.80 -19.68 -12.85
C ALA E 358 -41.08 -21.16 -12.56
N LYS E 359 -40.02 -21.95 -12.37
CA LYS E 359 -40.20 -23.35 -12.07
C LYS E 359 -40.61 -23.59 -10.62
N LEU E 360 -40.41 -22.61 -9.75
CA LEU E 360 -40.57 -22.86 -8.32
C LEU E 360 -41.95 -22.57 -7.69
N GLY E 361 -42.80 -21.85 -8.41
CA GLY E 361 -44.10 -21.46 -7.88
C GLY E 361 -45.04 -20.88 -8.92
N PRO E 362 -46.26 -20.50 -8.49
CA PRO E 362 -47.28 -19.96 -9.37
C PRO E 362 -47.07 -18.48 -9.58
N TYR E 363 -46.20 -18.13 -10.51
CA TYR E 363 -45.80 -16.72 -10.72
C TYR E 363 -46.31 -16.13 -12.05
N GLU E 364 -46.46 -14.82 -12.09
CA GLU E 364 -46.73 -14.15 -13.35
C GLU E 364 -45.64 -13.07 -13.46
N PHE E 365 -44.84 -13.14 -14.52
CA PHE E 365 -43.71 -12.22 -14.69
C PHE E 365 -44.10 -10.98 -15.45
N ILE E 366 -43.73 -9.84 -14.88
CA ILE E 366 -43.78 -8.58 -15.54
C ILE E 366 -42.51 -8.30 -16.34
N CYS E 367 -41.38 -8.75 -15.81
CA CYS E 367 -40.10 -8.52 -16.48
C CYS E 367 -39.19 -9.73 -16.33
N THR E 368 -38.45 -10.11 -17.36
CA THR E 368 -37.72 -11.38 -17.36
C THR E 368 -36.35 -11.21 -17.99
N GLY E 369 -35.84 -9.99 -17.94
CA GLY E 369 -34.48 -9.73 -18.37
C GLY E 369 -34.19 -9.90 -19.84
N ARG E 370 -35.18 -9.62 -20.67
CA ARG E 370 -35.03 -9.62 -22.12
C ARG E 370 -34.50 -8.26 -22.55
N PRO E 371 -33.38 -8.25 -23.29
CA PRO E 371 -32.76 -6.96 -23.64
C PRO E 371 -33.62 -6.08 -24.54
N ASP E 372 -34.55 -6.67 -25.27
CA ASP E 372 -35.44 -5.92 -26.16
C ASP E 372 -36.66 -5.33 -25.39
N GLU E 373 -36.85 -5.72 -24.14
CA GLU E 373 -38.00 -5.25 -23.36
C GLU E 373 -37.70 -4.25 -22.25
N GLY E 374 -36.52 -4.35 -21.67
CA GLY E 374 -36.18 -3.55 -20.49
C GLY E 374 -34.76 -3.85 -20.03
N ILE E 375 -34.56 -3.79 -18.74
CA ILE E 375 -33.22 -3.77 -18.22
C ILE E 375 -32.91 -5.15 -17.61
N PRO E 376 -31.69 -5.35 -17.10
CA PRO E 376 -31.43 -6.69 -16.53
C PRO E 376 -32.12 -6.88 -15.16
N ALA E 377 -33.42 -7.15 -15.21
CA ALA E 377 -34.24 -7.21 -14.01
C ALA E 377 -35.21 -8.34 -14.11
N VAL E 378 -35.60 -8.90 -12.97
CA VAL E 378 -36.70 -9.88 -12.96
C VAL E 378 -37.74 -9.34 -12.04
N CYS E 379 -38.96 -9.28 -12.55
CA CYS E 379 -40.05 -8.74 -11.76
C CYS E 379 -41.25 -9.65 -11.85
N PHE E 380 -41.75 -10.12 -10.71
CA PHE E 380 -42.89 -11.03 -10.72
C PHE E 380 -43.81 -10.87 -9.52
N LYS E 381 -45.01 -11.39 -9.68
CA LYS E 381 -46.05 -11.38 -8.66
C LYS E 381 -46.61 -12.80 -8.60
N LEU E 382 -47.28 -13.11 -7.48
CA LEU E 382 -48.09 -14.34 -7.43
C LEU E 382 -49.26 -14.23 -8.41
N LYS E 383 -49.42 -15.27 -9.24
CA LYS E 383 -50.67 -15.43 -10.01
C LYS E 383 -51.87 -15.08 -9.13
N ASP E 384 -52.71 -14.15 -9.61
CA ASP E 384 -54.02 -13.81 -9.02
C ASP E 384 -54.80 -15.03 -8.47
N GLY E 385 -55.26 -14.92 -7.21
CA GLY E 385 -56.07 -15.99 -6.58
C GLY E 385 -55.34 -17.32 -6.40
N GLU E 386 -54.03 -17.27 -6.19
CA GLU E 386 -53.26 -18.49 -6.00
C GLU E 386 -52.54 -18.42 -4.67
N ASP E 387 -52.56 -19.51 -3.92
CA ASP E 387 -52.02 -19.47 -2.57
C ASP E 387 -51.05 -20.64 -2.28
N PRO E 388 -49.75 -20.39 -2.52
CA PRO E 388 -48.74 -21.41 -2.38
C PRO E 388 -48.23 -21.53 -0.93
N GLY E 389 -48.80 -20.70 -0.05
CA GLY E 389 -48.52 -20.78 1.38
C GLY E 389 -47.53 -19.76 1.94
N TYR E 390 -47.27 -18.67 1.22
CA TYR E 390 -46.47 -17.58 1.73
C TYR E 390 -46.79 -16.38 0.86
N THR E 391 -46.41 -15.19 1.30
CA THR E 391 -46.44 -14.03 0.41
C THR E 391 -44.99 -13.71 0.05
N LEU E 392 -44.82 -12.99 -1.05
CA LEU E 392 -43.51 -12.57 -1.44
C LEU E 392 -42.81 -11.77 -0.30
N TYR E 393 -43.60 -11.17 0.60
CA TYR E 393 -43.03 -10.55 1.78
C TYR E 393 -42.41 -11.63 2.68
N ASP E 394 -43.12 -12.74 2.84
CA ASP E 394 -42.62 -13.84 3.62
C ASP E 394 -41.33 -14.41 3.02
N LEU E 395 -41.35 -14.62 1.70
CA LEU E 395 -40.19 -15.10 0.97
C LEU E 395 -39.02 -14.08 1.13
N SER E 396 -39.32 -12.80 1.05
CA SER E 396 -38.29 -11.79 1.14
C SER E 396 -37.67 -11.84 2.54
N GLU E 397 -38.50 -12.13 3.55
CA GLU E 397 -37.90 -12.32 4.85
C GLU E 397 -36.99 -13.57 4.93
N ARG E 398 -37.36 -14.70 4.34
CA ARG E 398 -36.51 -15.87 4.54
C ARG E 398 -35.14 -15.64 3.90
N LEU E 399 -35.16 -14.99 2.75
CA LEU E 399 -33.98 -14.66 1.98
C LEU E 399 -33.09 -13.66 2.69
N ARG E 400 -33.66 -12.79 3.52
CA ARG E 400 -32.81 -11.92 4.30
C ARG E 400 -31.93 -12.73 5.29
N LEU E 401 -32.46 -13.85 5.83
CA LEU E 401 -31.73 -14.63 6.84
C LEU E 401 -30.57 -15.31 6.16
N ARG E 402 -30.62 -15.38 4.84
CA ARG E 402 -29.48 -15.91 4.08
C ARG E 402 -28.56 -14.82 3.49
N GLY E 403 -28.83 -13.57 3.86
CA GLY E 403 -27.98 -12.43 3.50
C GLY E 403 -28.43 -11.66 2.28
N TRP E 404 -29.56 -12.04 1.70
CA TRP E 404 -30.03 -11.44 0.47
C TRP E 404 -31.07 -10.39 0.79
N GLN E 405 -30.98 -9.26 0.09
CA GLN E 405 -32.05 -8.26 0.05
C GLN E 405 -32.75 -8.38 -1.31
N VAL E 406 -33.93 -8.98 -1.26
CA VAL E 406 -34.71 -9.16 -2.45
C VAL E 406 -36.08 -8.49 -2.14
N PRO E 407 -36.26 -7.21 -2.52
CA PRO E 407 -37.39 -6.40 -2.10
C PRO E 407 -38.74 -6.89 -2.60
N ALA E 408 -39.72 -6.95 -1.70
CA ALA E 408 -41.12 -7.06 -2.08
C ALA E 408 -41.85 -5.77 -1.73
N PHE E 409 -42.71 -5.32 -2.64
CA PHE E 409 -43.47 -4.06 -2.50
C PHE E 409 -44.74 -4.06 -3.35
N THR E 410 -45.66 -3.14 -3.05
CA THR E 410 -46.92 -3.06 -3.79
C THR E 410 -46.72 -2.14 -4.97
N LEU E 411 -47.40 -2.44 -6.07
CA LEU E 411 -47.44 -1.51 -7.21
C LEU E 411 -48.31 -0.30 -6.86
N GLY E 412 -48.25 0.74 -7.68
CA GLY E 412 -49.03 1.96 -7.42
C GLY E 412 -50.35 2.00 -8.14
N GLY E 413 -50.99 3.18 -8.10
CA GLY E 413 -52.29 3.47 -8.75
C GLY E 413 -53.40 2.45 -8.53
N GLU E 414 -53.86 1.87 -9.63
CA GLU E 414 -54.94 0.88 -9.64
C GLU E 414 -54.44 -0.55 -9.34
N ALA E 415 -53.12 -0.73 -9.32
CA ALA E 415 -52.51 -2.03 -8.91
C ALA E 415 -51.87 -1.89 -7.54
N THR E 416 -52.61 -1.20 -6.68
CA THR E 416 -52.23 -1.00 -5.27
C THR E 416 -52.34 -2.37 -4.58
N ASP E 417 -52.98 -3.28 -5.31
CA ASP E 417 -53.30 -4.63 -4.89
C ASP E 417 -52.17 -5.61 -5.12
N ILE E 418 -51.41 -5.38 -6.18
CA ILE E 418 -50.37 -6.32 -6.58
C ILE E 418 -49.12 -6.12 -5.75
N VAL E 419 -48.68 -7.21 -5.12
CA VAL E 419 -47.33 -7.20 -4.50
C VAL E 419 -46.37 -7.89 -5.46
N VAL E 420 -45.27 -7.22 -5.76
CA VAL E 420 -44.25 -7.81 -6.60
C VAL E 420 -42.91 -8.06 -5.87
N MET E 421 -42.16 -9.04 -6.41
CA MET E 421 -40.72 -9.23 -6.11
C MET E 421 -39.89 -8.80 -7.31
N ARG E 422 -38.89 -7.96 -7.08
CA ARG E 422 -38.03 -7.45 -8.16
C ARG E 422 -36.55 -7.73 -7.81
N ILE E 423 -35.86 -8.35 -8.75
CA ILE E 423 -34.45 -8.67 -8.60
C ILE E 423 -33.69 -7.88 -9.65
N MET E 424 -32.69 -7.10 -9.20
CA MET E 424 -31.79 -6.34 -10.07
C MET E 424 -30.43 -7.01 -10.28
N CYS E 425 -29.99 -7.11 -11.52
CA CYS E 425 -28.80 -7.83 -11.79
C CYS E 425 -27.83 -6.82 -12.28
N ARG E 426 -26.86 -6.43 -11.44
CA ARG E 426 -25.83 -5.48 -11.91
C ARG E 426 -24.45 -6.12 -11.96
N ARG E 427 -23.48 -5.37 -12.45
CA ARG E 427 -22.12 -5.89 -12.60
C ARG E 427 -21.62 -6.44 -11.25
N GLY E 428 -21.03 -7.63 -11.28
CA GLY E 428 -20.61 -8.29 -10.03
C GLY E 428 -21.55 -9.39 -9.62
N PHE E 429 -22.82 -9.29 -9.95
CA PHE E 429 -23.75 -10.38 -9.65
C PHE E 429 -23.73 -11.37 -10.81
N GLU E 430 -22.74 -12.25 -10.75
CA GLU E 430 -22.44 -13.21 -11.79
C GLU E 430 -23.21 -14.51 -11.64
N MET E 431 -23.08 -15.35 -12.66
CA MET E 431 -23.86 -16.53 -12.77
C MET E 431 -23.74 -17.40 -11.52
N ASP E 432 -22.54 -17.57 -10.99
CA ASP E 432 -22.38 -18.32 -9.77
C ASP E 432 -23.20 -17.79 -8.57
N PHE E 433 -23.29 -16.46 -8.41
CA PHE E 433 -24.07 -15.87 -7.28
C PHE E 433 -25.56 -16.06 -7.52
N ALA E 434 -25.95 -16.03 -8.79
CA ALA E 434 -27.34 -16.32 -9.16
C ALA E 434 -27.67 -17.74 -8.75
N GLU E 435 -26.74 -18.68 -8.97
CA GLU E 435 -26.92 -20.08 -8.54
C GLU E 435 -27.09 -20.14 -7.04
N LEU E 436 -26.24 -19.43 -6.30
CA LEU E 436 -26.39 -19.42 -4.81
C LEU E 436 -27.73 -18.86 -4.33
N LEU E 437 -28.21 -17.79 -4.94
CA LEU E 437 -29.53 -17.22 -4.63
C LEU E 437 -30.64 -18.24 -4.86
N LEU E 438 -30.60 -18.93 -5.98
CA LEU E 438 -31.55 -20.00 -6.28
C LEU E 438 -31.54 -21.13 -5.27
N GLU E 439 -30.35 -21.62 -4.92
CA GLU E 439 -30.19 -22.60 -3.85
C GLU E 439 -30.93 -22.07 -2.61
N ASP E 440 -30.66 -20.82 -2.22
CA ASP E 440 -31.25 -20.15 -1.05
C ASP E 440 -32.76 -19.89 -1.24
N TYR E 441 -33.17 -19.63 -2.47
CA TYR E 441 -34.57 -19.48 -2.79
C TYR E 441 -35.30 -20.78 -2.48
N LYS E 442 -34.85 -21.90 -3.06
CA LYS E 442 -35.38 -23.25 -2.76
C LYS E 442 -35.30 -23.61 -1.30
N ALA E 443 -34.25 -23.18 -0.61
CA ALA E 443 -34.17 -23.49 0.82
C ALA E 443 -35.28 -22.75 1.57
N SER E 444 -35.58 -21.54 1.08
CA SER E 444 -36.63 -20.68 1.60
C SER E 444 -38.03 -21.23 1.36
N LEU E 445 -38.27 -21.79 0.16
CA LEU E 445 -39.58 -22.35 -0.13
C LEU E 445 -39.84 -23.57 0.75
N LYS E 446 -38.78 -24.36 0.97
CA LYS E 446 -38.83 -25.58 1.77
C LYS E 446 -39.23 -25.29 3.20
N TYR E 447 -38.57 -24.27 3.78
CA TYR E 447 -38.83 -23.83 5.14
C TYR E 447 -40.24 -23.26 5.27
N LEU E 448 -40.65 -22.43 4.32
CA LEU E 448 -41.98 -21.85 4.39
C LEU E 448 -43.01 -22.97 4.37
N SER E 449 -42.75 -23.98 3.54
CA SER E 449 -43.57 -25.20 3.50
C SER E 449 -43.61 -25.90 4.86
N ASP E 450 -42.45 -26.15 5.47
CA ASP E 450 -42.36 -26.85 6.77
C ASP E 450 -42.91 -26.05 7.94
N HIS E 451 -43.03 -24.74 7.78
CA HIS E 451 -43.63 -23.90 8.81
C HIS E 451 -44.70 -22.95 8.25
N PRO E 452 -45.91 -23.48 8.03
CA PRO E 452 -47.03 -22.72 7.47
C PRO E 452 -47.44 -21.50 8.28
N LYS E 453 -47.18 -21.52 9.59
CA LYS E 453 -47.62 -20.43 10.45
C LYS E 453 -46.87 -19.14 10.09
N LEU E 454 -45.75 -19.25 9.37
CA LEU E 454 -45.05 -18.06 8.89
C LEU E 454 -45.89 -17.22 7.92
N GLN E 455 -46.78 -17.87 7.16
CA GLN E 455 -47.60 -17.19 6.15
C GLN E 455 -48.35 -15.95 6.67
N GLY E 456 -48.06 -14.82 6.06
CA GLY E 456 -48.83 -13.63 6.26
C GLY E 456 -48.31 -12.73 7.33
N ILE E 457 -47.16 -13.07 7.92
CA ILE E 457 -46.65 -12.30 9.05
C ILE E 457 -46.03 -10.98 8.60
N ALA E 458 -45.23 -11.04 7.54
CA ALA E 458 -44.40 -9.89 7.14
C ALA E 458 -45.18 -8.95 6.24
N GLN E 459 -45.06 -7.63 6.47
CA GLN E 459 -45.81 -6.63 5.70
C GLN E 459 -45.16 -5.24 5.61
N GLN E 460 -43.84 -5.20 5.54
CA GLN E 460 -43.17 -3.93 5.28
C GLN E 460 -42.51 -3.94 3.88
N ASN E 461 -42.96 -3.02 3.02
CA ASN E 461 -42.34 -2.77 1.72
C ASN E 461 -40.85 -2.48 1.90
N SER E 462 -40.05 -3.10 1.05
CA SER E 462 -38.63 -2.77 0.93
C SER E 462 -38.42 -1.49 0.10
N PHE E 463 -37.33 -0.78 0.37
CA PHE E 463 -36.93 0.43 -0.39
C PHE E 463 -36.80 0.12 -1.89
N LYS E 464 -37.60 0.83 -2.70
CA LYS E 464 -37.80 0.49 -4.13
C LYS E 464 -37.12 1.46 -5.11
N HIS E 465 -36.58 2.57 -4.59
CA HIS E 465 -36.31 3.80 -5.36
C HIS E 465 -34.96 3.91 -6.11
N THR E 466 -33.95 3.17 -5.67
CA THR E 466 -32.63 3.19 -6.33
C THR E 466 -31.77 2.01 -5.86
N LYS F 3 -25.60 -20.73 -30.23
CA LYS F 3 -26.73 -20.46 -31.19
C LYS F 3 -27.27 -21.80 -31.77
N LYS F 4 -26.66 -22.31 -32.87
CA LYS F 4 -26.64 -23.76 -33.15
C LYS F 4 -25.61 -24.45 -32.23
N GLN F 5 -25.00 -23.68 -31.36
CA GLN F 5 -24.14 -24.17 -30.33
C GLN F 5 -25.02 -24.58 -29.15
N VAL F 6 -25.38 -25.85 -29.06
CA VAL F 6 -26.37 -26.27 -28.07
C VAL F 6 -25.91 -26.05 -26.66
N THR F 7 -26.88 -25.83 -25.79
CA THR F 7 -26.64 -25.28 -24.48
C THR F 7 -25.64 -26.07 -23.65
N ASP F 8 -25.59 -27.38 -23.85
CA ASP F 8 -24.77 -28.22 -22.97
C ASP F 8 -23.40 -28.56 -23.57
N LEU F 9 -23.10 -27.99 -24.73
CA LEU F 9 -21.76 -28.08 -25.30
C LEU F 9 -20.92 -26.81 -25.18
N ARG F 10 -21.28 -25.92 -24.27
CA ARG F 10 -20.51 -24.70 -24.02
C ARG F 10 -19.85 -24.64 -22.62
N SER F 11 -18.61 -24.13 -22.53
CA SER F 11 -17.95 -23.79 -21.24
C SER F 11 -18.18 -22.30 -21.01
N GLU F 12 -19.38 -22.05 -20.52
CA GLU F 12 -20.25 -21.02 -21.09
C GLU F 12 -19.90 -19.64 -20.61
N LEU F 13 -20.82 -18.71 -20.90
CA LEU F 13 -21.14 -17.59 -20.03
C LEU F 13 -20.17 -16.41 -20.08
N LEU F 14 -20.65 -15.27 -20.55
CA LEU F 14 -19.96 -13.99 -20.26
C LEU F 14 -20.01 -13.67 -18.74
N ASP F 15 -19.07 -12.84 -18.29
CA ASP F 15 -18.95 -12.40 -16.92
C ASP F 15 -18.83 -10.91 -17.06
N SER F 16 -19.61 -10.17 -16.26
CA SER F 16 -19.71 -8.72 -16.39
C SER F 16 -18.43 -8.02 -15.84
N ARG F 17 -17.68 -8.72 -15.04
CA ARG F 17 -16.47 -8.19 -14.48
C ARG F 17 -15.34 -8.29 -15.49
N PHE F 18 -15.21 -9.43 -16.15
CA PHE F 18 -14.06 -9.56 -17.05
C PHE F 18 -14.23 -9.04 -18.51
N GLY F 19 -15.40 -8.48 -18.86
CA GLY F 19 -15.70 -8.21 -20.28
C GLY F 19 -15.34 -9.46 -21.09
N ALA F 20 -15.64 -10.64 -20.54
CA ALA F 20 -15.11 -11.89 -21.10
C ALA F 20 -15.96 -13.07 -20.77
N LYS F 21 -15.78 -14.15 -21.53
CA LYS F 21 -16.44 -15.37 -21.17
C LYS F 21 -15.76 -15.85 -19.90
N SER F 22 -16.45 -16.61 -19.08
CA SER F 22 -15.75 -17.16 -17.95
C SER F 22 -16.13 -18.54 -17.58
N ILE F 23 -15.46 -18.94 -16.52
CA ILE F 23 -15.74 -20.16 -15.86
C ILE F 23 -16.61 -19.90 -14.61
N SER F 24 -17.49 -20.88 -14.40
CA SER F 24 -18.38 -20.96 -13.29
C SER F 24 -17.73 -21.88 -12.30
N THR F 25 -17.22 -21.32 -11.19
CA THR F 25 -16.59 -22.13 -10.12
C THR F 25 -17.47 -23.32 -9.64
N ILE F 26 -18.79 -23.22 -9.91
CA ILE F 26 -19.79 -24.18 -9.41
C ILE F 26 -20.13 -25.29 -10.44
N ALA F 27 -20.02 -24.95 -11.72
CA ALA F 27 -20.24 -25.95 -12.78
C ALA F 27 -19.29 -27.10 -12.53
N GLU F 28 -18.00 -26.76 -12.38
CA GLU F 28 -16.95 -27.77 -12.37
C GLU F 28 -16.15 -27.92 -11.08
N SER F 29 -16.79 -27.58 -9.97
CA SER F 29 -16.22 -27.78 -8.64
C SER F 29 -16.11 -29.26 -8.21
N LYS F 30 -16.52 -30.17 -9.06
CA LYS F 30 -16.40 -31.54 -8.65
C LYS F 30 -15.14 -32.17 -9.18
N ARG F 31 -14.48 -31.53 -10.13
CA ARG F 31 -13.25 -32.08 -10.67
C ARG F 31 -12.12 -31.10 -10.51
N PHE F 32 -10.89 -31.62 -10.55
CA PHE F 32 -9.70 -30.76 -10.65
C PHE F 32 -9.81 -29.92 -11.94
N PRO F 33 -9.54 -28.61 -11.85
CA PRO F 33 -9.70 -27.80 -13.07
C PRO F 33 -8.70 -28.22 -14.15
N LEU F 34 -9.13 -28.14 -15.40
CA LEU F 34 -8.35 -28.52 -16.55
C LEU F 34 -7.30 -27.51 -16.93
N HIS F 35 -7.72 -26.26 -17.06
CA HIS F 35 -6.87 -25.22 -17.67
C HIS F 35 -6.37 -24.15 -16.71
N GLU F 36 -5.29 -23.48 -17.12
CA GLU F 36 -4.83 -22.26 -16.50
C GLU F 36 -5.83 -21.15 -16.74
N MET F 37 -5.68 -20.05 -16.02
CA MET F 37 -6.55 -18.92 -16.13
C MET F 37 -5.68 -17.81 -15.57
N ARG F 38 -5.83 -16.59 -16.05
CA ARG F 38 -4.95 -15.52 -15.59
C ARG F 38 -5.00 -15.40 -14.08
N ASP F 39 -3.80 -15.35 -13.47
CA ASP F 39 -3.69 -15.24 -12.04
C ASP F 39 -4.62 -14.18 -11.44
N ASP F 40 -4.70 -13.01 -12.06
CA ASP F 40 -5.44 -11.92 -11.43
C ASP F 40 -6.94 -12.10 -11.54
N VAL F 41 -7.34 -12.96 -12.50
CA VAL F 41 -8.75 -13.29 -12.66
C VAL F 41 -9.12 -14.28 -11.58
N ALA F 42 -8.27 -15.29 -11.37
CA ALA F 42 -8.55 -16.20 -10.31
C ALA F 42 -8.56 -15.44 -8.98
N PHE F 43 -7.63 -14.51 -8.76
CA PHE F 43 -7.68 -13.70 -7.55
C PHE F 43 -9.02 -12.99 -7.42
N GLN F 44 -9.45 -12.28 -8.46
CA GLN F 44 -10.67 -11.50 -8.35
C GLN F 44 -11.87 -12.43 -8.11
N ILE F 45 -11.89 -13.59 -8.78
CA ILE F 45 -12.98 -14.52 -8.61
C ILE F 45 -13.11 -14.88 -7.16
N ILE F 46 -11.98 -15.19 -6.52
CA ILE F 46 -12.07 -15.71 -5.18
C ILE F 46 -12.39 -14.57 -4.25
N ASN F 47 -11.69 -13.45 -4.45
CA ASN F 47 -11.94 -12.26 -3.67
C ASN F 47 -13.40 -11.89 -3.65
N ASP F 48 -14.06 -11.84 -4.82
CA ASP F 48 -15.50 -11.58 -4.86
C ASP F 48 -16.34 -12.62 -4.11
N GLU F 49 -15.96 -13.91 -4.14
CA GLU F 49 -16.82 -14.86 -3.44
C GLU F 49 -16.66 -14.72 -1.95
N LEU F 50 -15.48 -14.28 -1.51
CA LEU F 50 -15.22 -14.13 -0.06
C LEU F 50 -16.07 -13.06 0.59
N TYR F 51 -16.69 -12.20 -0.22
CA TYR F 51 -17.64 -11.23 0.30
C TYR F 51 -18.88 -11.88 0.89
N LEU F 52 -19.19 -13.11 0.50
CA LEU F 52 -20.30 -13.83 1.11
C LEU F 52 -20.02 -14.32 2.54
N ASP F 53 -18.77 -14.28 2.97
CA ASP F 53 -18.49 -14.52 4.38
C ASP F 53 -19.00 -13.33 5.20
N GLY F 54 -19.38 -13.59 6.44
CA GLY F 54 -19.56 -12.53 7.41
C GLY F 54 -18.20 -11.94 7.74
N ASN F 55 -18.25 -10.84 8.47
CA ASN F 55 -17.02 -10.32 9.06
C ASN F 55 -17.01 -10.49 10.57
N ALA F 56 -18.01 -11.16 11.12
CA ALA F 56 -18.09 -11.44 12.57
C ALA F 56 -18.13 -10.27 13.54
N ARG F 57 -18.02 -9.05 13.04
CA ARG F 57 -18.11 -7.90 13.94
C ARG F 57 -19.42 -7.99 14.74
N GLN F 58 -20.49 -8.36 14.05
CA GLN F 58 -21.75 -8.59 14.69
C GLN F 58 -22.05 -10.03 15.18
N ASN F 59 -21.04 -10.88 15.21
CA ASN F 59 -21.26 -12.25 15.66
C ASN F 59 -20.92 -12.32 17.13
N LEU F 60 -21.92 -12.58 17.96
CA LEU F 60 -21.69 -12.60 19.40
C LEU F 60 -21.59 -14.03 19.96
N ALA F 61 -21.39 -15.01 19.09
CA ALA F 61 -21.30 -16.42 19.49
C ALA F 61 -19.88 -16.86 19.70
N THR F 62 -18.95 -16.35 18.87
CA THR F 62 -17.60 -16.86 18.92
C THR F 62 -16.74 -16.21 19.98
N PHE F 63 -15.65 -16.91 20.29
CA PHE F 63 -14.71 -16.54 21.34
C PHE F 63 -13.44 -16.00 20.64
N CYS F 64 -13.31 -16.31 19.35
CA CYS F 64 -12.09 -16.04 18.60
C CYS F 64 -11.93 -14.56 18.17
N GLN F 65 -10.67 -14.13 18.10
CA GLN F 65 -10.38 -12.75 17.79
C GLN F 65 -10.94 -12.41 16.42
N THR F 66 -11.76 -11.36 16.37
CA THR F 66 -12.27 -10.84 15.12
C THR F 66 -11.99 -9.33 14.89
N TRP F 67 -11.22 -8.66 15.75
CA TRP F 67 -10.89 -7.24 15.56
C TRP F 67 -9.67 -7.12 14.59
N ASP F 68 -9.37 -5.93 14.04
CA ASP F 68 -8.19 -5.83 13.13
C ASP F 68 -7.29 -4.73 13.55
N ASP F 69 -6.01 -5.04 13.62
CA ASP F 69 -4.96 -4.16 14.02
C ASP F 69 -3.93 -4.26 12.90
N GLU F 70 -3.61 -3.12 12.30
CA GLU F 70 -2.65 -3.08 11.21
C GLU F 70 -1.30 -3.80 11.51
N ASN F 71 -0.74 -3.51 12.69
CA ASN F 71 0.50 -4.14 13.12
C ASN F 71 0.42 -5.65 13.06
N VAL F 72 -0.74 -6.22 13.38
CA VAL F 72 -0.88 -7.67 13.40
C VAL F 72 -0.90 -8.17 11.92
N HIS F 73 -1.70 -7.50 11.09
CA HIS F 73 -1.72 -7.76 9.66
C HIS F 73 -0.33 -7.78 9.03
N LYS F 74 0.51 -6.84 9.43
CA LYS F 74 1.82 -6.74 8.86
C LYS F 74 2.71 -7.88 9.38
N LEU F 75 2.70 -8.12 10.68
CA LEU F 75 3.46 -9.24 11.24
C LEU F 75 3.03 -10.59 10.59
N MET F 76 1.72 -10.81 10.42
CA MET F 76 1.24 -12.06 9.85
C MET F 76 1.74 -12.16 8.44
N ASP F 77 1.64 -11.07 7.72
CA ASP F 77 2.00 -11.08 6.34
C ASP F 77 3.52 -11.29 6.07
N LEU F 78 4.39 -10.71 6.89
CA LEU F 78 5.83 -11.05 6.87
C LEU F 78 6.11 -12.55 7.18
N SER F 79 5.18 -13.19 7.87
CA SER F 79 5.47 -14.47 8.50
C SER F 79 4.82 -15.63 7.74
N ILE F 80 4.27 -15.33 6.58
CA ILE F 80 3.54 -16.34 5.83
C ILE F 80 4.36 -17.64 5.54
N ASN F 81 5.68 -17.51 5.31
CA ASN F 81 6.51 -18.65 4.99
C ASN F 81 7.40 -19.05 6.13
N LYS F 82 7.30 -18.36 7.28
CA LYS F 82 8.16 -18.65 8.40
C LYS F 82 7.63 -19.93 9.04
N ASN F 83 8.49 -20.95 9.12
CA ASN F 83 8.10 -22.29 9.54
C ASN F 83 8.38 -22.52 11.01
N TRP F 84 7.32 -22.68 11.78
CA TRP F 84 7.43 -22.75 13.21
C TRP F 84 8.23 -23.99 13.67
N ILE F 85 8.25 -25.05 12.86
CA ILE F 85 8.99 -26.25 13.20
C ILE F 85 10.44 -26.13 12.76
N ASP F 86 10.76 -25.23 11.86
CA ASP F 86 12.13 -25.24 11.32
C ASP F 86 13.04 -24.24 12.07
N LYS F 87 13.58 -24.67 13.21
CA LYS F 87 14.33 -23.84 14.17
C LYS F 87 15.63 -23.37 13.55
N GLU F 88 16.18 -24.21 12.69
CA GLU F 88 17.41 -23.94 11.96
C GLU F 88 17.33 -22.73 11.00
N GLU F 89 16.25 -22.62 10.24
CA GLU F 89 16.16 -21.64 9.22
C GLU F 89 15.54 -20.39 9.81
N TYR F 90 14.64 -20.57 10.79
CA TYR F 90 13.98 -19.45 11.43
C TYR F 90 14.32 -19.41 12.94
N PRO F 91 15.58 -19.08 13.28
CA PRO F 91 15.93 -19.19 14.72
C PRO F 91 15.37 -18.04 15.53
N GLN F 92 15.03 -16.95 14.85
CA GLN F 92 14.46 -15.80 15.56
C GLN F 92 12.99 -16.03 15.92
N SER F 93 12.24 -16.60 14.98
CA SER F 93 10.88 -17.02 15.26
C SER F 93 10.90 -18.04 16.39
N ALA F 94 11.85 -18.98 16.37
CA ALA F 94 11.99 -19.94 17.47
C ALA F 94 12.27 -19.22 18.78
N ALA F 95 13.19 -18.23 18.79
CA ALA F 95 13.45 -17.52 20.02
C ALA F 95 12.19 -16.84 20.60
N ILE F 96 11.35 -16.28 19.72
CA ILE F 96 10.22 -15.51 20.17
C ILE F 96 9.25 -16.49 20.77
N ASP F 97 9.04 -17.61 20.07
CA ASP F 97 8.22 -18.69 20.65
C ASP F 97 8.69 -19.10 22.11
N LEU F 98 9.98 -19.34 22.32
CA LEU F 98 10.42 -19.73 23.62
C LEU F 98 10.14 -18.65 24.63
N ARG F 99 10.24 -17.38 24.22
CA ARG F 99 9.90 -16.30 25.15
C ARG F 99 8.44 -16.36 25.60
N CYS F 100 7.54 -16.54 24.64
CA CYS F 100 6.14 -16.65 24.92
C CYS F 100 5.88 -17.77 25.92
N VAL F 101 6.48 -18.95 25.74
CA VAL F 101 6.29 -20.07 26.66
C VAL F 101 6.70 -19.70 28.11
N ASN F 102 7.83 -18.98 28.25
CA ASN F 102 8.24 -18.54 29.57
C ASN F 102 7.27 -17.53 30.12
N MET F 103 6.75 -16.66 29.26
CA MET F 103 5.80 -15.63 29.70
C MET F 103 4.47 -16.23 30.16
N VAL F 104 3.93 -17.15 29.38
CA VAL F 104 2.70 -17.75 29.76
C VAL F 104 2.94 -18.58 31.04
N ALA F 105 4.04 -19.33 31.10
CA ALA F 105 4.38 -20.10 32.32
C ALA F 105 4.34 -19.21 33.55
N ASP F 106 4.98 -18.05 33.44
CA ASP F 106 5.09 -17.13 34.53
C ASP F 106 3.74 -16.57 34.92
N LEU F 107 2.92 -16.29 33.90
CA LEU F 107 1.59 -15.82 34.11
C LEU F 107 0.74 -16.79 34.97
N TRP F 108 1.06 -18.07 34.83
CA TRP F 108 0.34 -19.14 35.51
C TRP F 108 1.05 -19.67 36.81
N HIS F 109 2.04 -18.92 37.29
CA HIS F 109 2.80 -19.28 38.52
C HIS F 109 3.53 -20.63 38.42
N ALA F 110 3.86 -21.08 37.21
CA ALA F 110 4.71 -22.25 37.07
C ALA F 110 5.95 -22.07 37.94
N PRO F 111 6.36 -23.14 38.64
CA PRO F 111 7.63 -23.11 39.40
C PRO F 111 8.81 -22.66 38.50
N ALA F 112 9.80 -21.97 39.07
CA ALA F 112 10.95 -21.50 38.29
C ALA F 112 11.66 -22.73 37.75
N PRO F 113 11.95 -22.76 36.45
CA PRO F 113 12.78 -23.82 35.85
C PRO F 113 14.27 -23.76 36.31
N LYS F 114 14.81 -24.90 36.78
CA LYS F 114 16.28 -25.07 37.05
C LYS F 114 17.20 -24.57 35.89
N ASN F 115 16.76 -24.75 34.65
CA ASN F 115 17.51 -24.39 33.43
C ASN F 115 16.99 -23.14 32.68
N GLY F 116 16.13 -22.34 33.33
CA GLY F 116 15.68 -21.09 32.72
C GLY F 116 14.59 -21.17 31.65
N GLN F 117 14.30 -22.37 31.16
CA GLN F 117 13.25 -22.49 30.15
C GLN F 117 12.05 -23.29 30.67
N ALA F 118 10.89 -22.61 30.72
CA ALA F 118 9.62 -23.26 31.06
C ALA F 118 9.32 -24.45 30.12
N VAL F 119 8.58 -25.43 30.64
CA VAL F 119 8.23 -26.63 29.91
C VAL F 119 6.85 -26.40 29.31
N GLY F 120 6.78 -26.29 27.98
CA GLY F 120 5.53 -26.01 27.33
C GLY F 120 5.67 -25.80 25.83
N THR F 121 4.54 -25.63 25.15
CA THR F 121 4.64 -25.53 23.73
C THR F 121 3.53 -24.70 23.17
N ASN F 122 3.85 -23.94 22.12
CA ASN F 122 2.80 -23.32 21.30
C ASN F 122 2.02 -24.47 20.62
N THR F 123 0.72 -24.24 20.38
CA THR F 123 -0.05 -25.13 19.53
C THR F 123 -0.87 -24.33 18.53
N ILE F 124 -1.60 -25.02 17.67
CA ILE F 124 -2.49 -24.37 16.72
C ILE F 124 -3.74 -23.79 17.43
N GLY F 125 -4.08 -24.40 18.57
CA GLY F 125 -5.23 -24.01 19.39
C GLY F 125 -5.38 -24.83 20.66
N SER F 126 -6.53 -24.67 21.32
CA SER F 126 -6.77 -25.41 22.56
C SER F 126 -6.96 -26.87 22.30
N SER F 127 -7.49 -27.16 21.12
CA SER F 127 -7.61 -28.55 20.75
C SER F 127 -6.29 -29.34 20.79
N GLU F 128 -5.29 -28.89 20.06
CA GLU F 128 -3.99 -29.60 20.10
C GLU F 128 -3.46 -29.58 21.55
N ALA F 129 -3.50 -28.40 22.19
CA ALA F 129 -3.00 -28.26 23.56
C ALA F 129 -3.65 -29.27 24.55
N CYS F 130 -4.96 -29.45 24.43
CA CYS F 130 -5.70 -30.48 25.19
C CYS F 130 -5.18 -31.86 24.98
N MET F 131 -5.05 -32.26 23.72
CA MET F 131 -4.54 -33.59 23.41
C MET F 131 -3.21 -33.78 24.01
N LEU F 132 -2.32 -32.79 23.88
CA LEU F 132 -0.97 -32.96 24.45
C LEU F 132 -1.07 -33.08 25.96
N GLY F 133 -1.96 -32.31 26.55
CA GLY F 133 -2.14 -32.34 28.00
C GLY F 133 -2.70 -33.68 28.38
N GLY F 134 -3.63 -34.17 27.55
CA GLY F 134 -4.32 -35.39 27.80
C GLY F 134 -3.39 -36.57 27.67
N MET F 135 -2.60 -36.57 26.59
CA MET F 135 -1.61 -37.66 26.38
C MET F 135 -0.65 -37.73 27.54
N ALA F 136 -0.04 -36.59 27.86
CA ALA F 136 0.87 -36.47 28.98
C ALA F 136 0.22 -37.01 30.28
N MET F 137 -1.05 -36.68 30.52
CA MET F 137 -1.78 -37.21 31.69
C MET F 137 -1.88 -38.71 31.61
N LYS F 138 -2.10 -39.21 30.39
CA LYS F 138 -2.33 -40.63 30.25
C LYS F 138 -1.04 -41.34 30.55
N TRP F 139 0.06 -40.84 30.01
CA TRP F 139 1.36 -41.44 30.16
C TRP F 139 1.83 -41.38 31.61
N ARG F 140 1.58 -40.25 32.29
CA ARG F 140 2.01 -40.14 33.68
C ARG F 140 1.30 -41.21 34.50
N TRP F 141 -0.02 -41.34 34.24
CA TRP F 141 -0.83 -42.30 34.94
C TRP F 141 -0.35 -43.72 34.60
N ARG F 142 -0.13 -43.99 33.31
CA ARG F 142 0.32 -45.31 32.90
C ARG F 142 1.63 -45.69 33.56
N LYS F 143 2.60 -44.77 33.52
CA LYS F 143 3.93 -45.02 34.09
C LYS F 143 3.86 -45.36 35.58
N ARG F 144 2.97 -44.67 36.28
CA ARG F 144 2.76 -44.89 37.69
C ARG F 144 2.16 -46.26 37.97
N MET F 145 1.16 -46.69 37.18
CA MET F 145 0.55 -47.99 37.39
C MET F 145 1.51 -49.15 37.01
N GLU F 146 2.24 -49.00 35.91
CA GLU F 146 3.27 -49.95 35.56
C GLU F 146 4.30 -50.09 36.67
N ALA F 147 4.79 -48.97 37.19
CA ALA F 147 5.74 -49.02 38.30
C ALA F 147 5.14 -49.79 39.44
N ALA F 148 3.81 -49.81 39.52
CA ALA F 148 3.11 -50.44 40.63
C ALA F 148 2.57 -51.86 40.28
N GLY F 149 2.70 -52.27 39.02
CA GLY F 149 2.33 -53.59 38.57
C GLY F 149 0.85 -53.77 38.30
N LYS F 150 0.10 -52.65 38.17
CA LYS F 150 -1.37 -52.75 37.96
C LYS F 150 -1.78 -52.61 36.52
N PRO F 151 -2.93 -53.17 36.15
CA PRO F 151 -3.25 -53.10 34.72
C PRO F 151 -3.48 -51.64 34.27
N THR F 152 -3.22 -51.35 33.00
CA THR F 152 -3.41 -50.01 32.49
C THR F 152 -4.42 -49.93 31.35
N ASP F 153 -5.37 -50.86 31.28
CA ASP F 153 -6.18 -50.90 30.07
C ASP F 153 -7.55 -50.29 30.21
N LYS F 154 -7.88 -49.76 31.38
CA LYS F 154 -9.14 -49.07 31.56
C LYS F 154 -8.97 -47.64 32.11
N PRO F 155 -8.22 -46.78 31.42
CA PRO F 155 -8.12 -45.40 31.92
C PRO F 155 -9.43 -44.61 31.79
N ASN F 156 -9.71 -43.71 32.75
CA ASN F 156 -10.85 -42.81 32.68
C ASN F 156 -10.44 -41.36 32.97
N LEU F 157 -11.25 -40.44 32.49
CA LEU F 157 -11.00 -39.02 32.71
C LEU F 157 -12.28 -38.41 33.31
N VAL F 158 -12.10 -37.67 34.40
CA VAL F 158 -13.19 -37.10 35.18
C VAL F 158 -13.24 -35.62 34.91
N CYS F 159 -14.44 -35.15 34.58
CA CYS F 159 -14.66 -33.77 34.14
C CYS F 159 -16.14 -33.35 34.19
N GLY F 160 -16.33 -32.03 34.02
CA GLY F 160 -17.62 -31.39 33.90
C GLY F 160 -18.00 -31.18 32.43
N PRO F 161 -18.80 -30.13 32.17
CA PRO F 161 -19.30 -29.83 30.85
C PRO F 161 -18.22 -29.28 29.94
N VAL F 162 -17.37 -30.18 29.46
CA VAL F 162 -16.20 -29.90 28.66
C VAL F 162 -16.40 -29.54 27.19
N GLN F 163 -15.40 -28.87 26.63
CA GLN F 163 -15.39 -28.46 25.23
C GLN F 163 -15.23 -29.75 24.43
N ILE F 164 -15.60 -29.74 23.16
CA ILE F 164 -15.58 -30.94 22.39
C ILE F 164 -14.23 -31.65 22.25
N CYS F 165 -13.13 -30.91 22.47
CA CYS F 165 -11.79 -31.48 22.26
C CYS F 165 -11.54 -32.58 23.28
N TRP F 166 -12.27 -32.56 24.39
CA TRP F 166 -12.14 -33.63 25.39
C TRP F 166 -12.95 -34.86 24.99
N HIS F 167 -13.99 -34.65 24.19
CA HIS F 167 -14.72 -35.75 23.63
C HIS F 167 -13.87 -36.41 22.57
N LYS F 168 -13.15 -35.61 21.81
CA LYS F 168 -12.25 -36.14 20.82
C LYS F 168 -11.08 -36.86 21.46
N PHE F 169 -10.48 -36.26 22.47
CA PHE F 169 -9.37 -36.91 23.16
C PHE F 169 -9.79 -38.29 23.72
N ALA F 170 -10.93 -38.34 24.41
CA ALA F 170 -11.43 -39.57 25.03
C ALA F 170 -11.67 -40.66 24.00
N ARG F 171 -12.31 -40.30 22.90
CA ARG F 171 -12.49 -41.23 21.80
C ARG F 171 -11.17 -41.61 21.14
N TYR F 172 -10.36 -40.62 20.77
CA TYR F 172 -9.18 -40.91 19.98
C TYR F 172 -8.14 -41.71 20.76
N TRP F 173 -8.00 -41.41 22.05
CA TRP F 173 -7.03 -42.12 22.87
C TRP F 173 -7.59 -43.19 23.81
N ASP F 174 -8.83 -43.63 23.55
CA ASP F 174 -9.43 -44.79 24.24
C ASP F 174 -9.45 -44.65 25.75
N VAL F 175 -9.90 -43.47 26.21
CA VAL F 175 -10.01 -43.16 27.61
C VAL F 175 -11.49 -42.98 27.88
N GLU F 176 -12.04 -43.66 28.89
CA GLU F 176 -13.49 -43.46 29.22
C GLU F 176 -13.70 -42.06 29.80
N LEU F 177 -14.64 -41.31 29.22
CA LEU F 177 -14.94 -39.98 29.69
C LEU F 177 -16.00 -40.05 30.78
N ARG F 178 -15.63 -39.62 31.97
CA ARG F 178 -16.52 -39.61 33.07
C ARG F 178 -17.02 -38.20 33.27
N GLU F 179 -17.92 -37.79 32.38
CA GLU F 179 -18.43 -36.43 32.38
C GLU F 179 -19.54 -36.27 33.40
N ILE F 180 -19.31 -35.43 34.42
CA ILE F 180 -20.36 -35.16 35.38
C ILE F 180 -21.46 -34.36 34.63
N PRO F 181 -22.70 -34.86 34.62
CA PRO F 181 -23.76 -34.17 33.80
C PRO F 181 -24.20 -32.81 34.33
N MET F 182 -24.34 -31.85 33.43
CA MET F 182 -25.10 -30.67 33.82
C MET F 182 -26.51 -31.11 34.19
N ARG F 183 -27.04 -30.54 35.27
CA ARG F 183 -28.40 -30.78 35.73
C ARG F 183 -28.96 -29.49 36.34
N PRO F 184 -30.28 -29.28 36.28
CA PRO F 184 -30.88 -28.04 36.82
C PRO F 184 -30.39 -27.74 38.23
N GLY F 185 -29.93 -26.53 38.48
CA GLY F 185 -29.44 -26.20 39.82
C GLY F 185 -28.02 -26.67 40.14
N GLN F 186 -27.44 -27.56 39.31
CA GLN F 186 -25.97 -27.85 39.38
C GLN F 186 -25.33 -28.13 38.03
N LEU F 187 -24.92 -27.05 37.37
CA LEU F 187 -24.50 -27.15 35.99
C LEU F 187 -23.09 -27.64 35.82
N PHE F 188 -22.35 -27.84 36.88
CA PHE F 188 -20.91 -27.88 36.79
C PHE F 188 -20.36 -28.98 37.67
N MET F 189 -19.12 -29.37 37.40
CA MET F 189 -18.48 -30.38 38.18
C MET F 189 -18.23 -29.84 39.59
N ASP F 190 -18.96 -30.40 40.56
CA ASP F 190 -18.79 -30.05 41.98
C ASP F 190 -17.88 -31.11 42.65
N PRO F 191 -17.28 -30.81 43.81
CA PRO F 191 -16.38 -31.76 44.51
C PRO F 191 -17.02 -33.14 44.78
N LYS F 192 -18.25 -33.15 45.26
CA LYS F 192 -18.91 -34.41 45.57
C LYS F 192 -19.01 -35.37 44.36
N ARG F 193 -19.67 -34.91 43.29
CA ARG F 193 -19.91 -35.73 42.12
C ARG F 193 -18.57 -36.04 41.46
N MET F 194 -17.61 -35.13 41.55
CA MET F 194 -16.26 -35.39 41.06
C MET F 194 -15.67 -36.62 41.72
N ILE F 195 -15.75 -36.68 43.04
CA ILE F 195 -15.16 -37.77 43.83
C ILE F 195 -15.89 -39.11 43.59
N GLU F 196 -17.22 -39.09 43.41
CA GLU F 196 -17.95 -40.32 43.10
C GLU F 196 -17.35 -40.94 41.86
N ALA F 197 -16.88 -40.07 40.96
CA ALA F 197 -16.38 -40.54 39.67
C ALA F 197 -14.92 -40.99 39.66
N CYS F 198 -14.17 -40.71 40.74
CA CYS F 198 -12.70 -40.96 40.79
C CYS F 198 -12.31 -42.33 41.34
N ASP F 199 -11.23 -42.89 40.79
CA ASP F 199 -10.76 -44.21 41.14
C ASP F 199 -9.34 -44.40 40.61
N GLU F 200 -8.68 -45.50 40.94
CA GLU F 200 -7.27 -45.77 40.57
C GLU F 200 -6.97 -45.64 39.08
N ASN F 201 -8.04 -45.61 38.27
CA ASN F 201 -7.91 -45.64 36.83
C ASN F 201 -8.12 -44.23 36.26
N THR F 202 -8.38 -43.27 37.12
CA THR F 202 -8.53 -41.90 36.70
C THR F 202 -7.16 -41.28 36.36
N ILE F 203 -6.99 -40.93 35.07
CA ILE F 203 -5.74 -40.33 34.62
C ILE F 203 -5.62 -38.90 35.07
N GLY F 204 -6.75 -38.27 35.39
CA GLY F 204 -6.76 -36.87 35.72
C GLY F 204 -8.16 -36.34 35.91
N VAL F 205 -8.27 -35.19 36.55
CA VAL F 205 -9.47 -34.40 36.54
C VAL F 205 -9.21 -33.16 35.65
N VAL F 206 -10.21 -32.77 34.87
CA VAL F 206 -10.09 -31.58 34.03
C VAL F 206 -11.19 -30.63 34.37
N PRO F 207 -10.95 -29.72 35.31
CA PRO F 207 -11.82 -28.57 35.48
C PRO F 207 -11.81 -27.63 34.23
N THR F 208 -12.95 -27.03 33.89
CA THR F 208 -12.99 -26.17 32.76
C THR F 208 -13.08 -24.76 33.29
N PHE F 209 -11.98 -24.01 33.11
CA PHE F 209 -11.88 -22.71 33.74
C PHE F 209 -12.39 -21.70 32.73
N GLY F 210 -13.72 -21.68 32.59
CA GLY F 210 -14.41 -20.93 31.59
C GLY F 210 -15.19 -21.89 30.73
N VAL F 211 -16.37 -22.25 31.19
CA VAL F 211 -17.18 -23.26 30.53
C VAL F 211 -17.66 -22.71 29.22
N THR F 212 -17.40 -23.44 28.14
CA THR F 212 -17.84 -23.00 26.82
C THR F 212 -19.33 -22.69 26.79
N TYR F 213 -20.18 -23.49 27.44
CA TYR F 213 -21.61 -23.36 27.18
C TYR F 213 -22.23 -22.16 27.86
N THR F 214 -21.63 -21.74 28.98
CA THR F 214 -22.23 -20.73 29.81
C THR F 214 -21.35 -19.49 30.12
N GLY F 215 -20.03 -19.66 30.13
CA GLY F 215 -19.15 -18.58 30.55
C GLY F 215 -18.55 -18.73 31.94
N ASN F 216 -19.10 -19.63 32.76
CA ASN F 216 -18.66 -19.76 34.19
C ASN F 216 -17.33 -20.44 34.47
N TYR F 217 -16.65 -20.05 35.54
CA TYR F 217 -15.48 -20.83 35.92
C TYR F 217 -15.84 -22.11 36.72
N GLU F 218 -15.20 -23.22 36.45
CA GLU F 218 -15.22 -24.25 37.45
C GLU F 218 -14.02 -23.90 38.32
N PHE F 219 -14.15 -23.93 39.63
CA PHE F 219 -13.06 -23.43 40.45
C PHE F 219 -12.19 -24.58 40.86
N PRO F 220 -10.92 -24.58 40.44
CA PRO F 220 -10.12 -25.77 40.78
C PRO F 220 -9.85 -25.95 42.28
N GLN F 221 -9.85 -24.86 43.04
CA GLN F 221 -9.49 -24.95 44.44
C GLN F 221 -10.31 -25.98 45.24
N PRO F 222 -11.63 -25.77 45.31
CA PRO F 222 -12.42 -26.72 46.09
C PRO F 222 -12.20 -28.18 45.62
N LEU F 223 -12.16 -28.38 44.30
CA LEU F 223 -11.86 -29.69 43.72
C LEU F 223 -10.49 -30.17 44.18
N HIS F 224 -9.48 -29.28 44.14
CA HIS F 224 -8.14 -29.62 44.68
C HIS F 224 -8.22 -30.11 46.13
N ASP F 225 -9.00 -29.42 46.95
CA ASP F 225 -9.21 -29.83 48.33
C ASP F 225 -9.77 -31.26 48.39
N ALA F 226 -10.76 -31.53 47.54
CA ALA F 226 -11.35 -32.84 47.60
C ALA F 226 -10.36 -33.94 47.14
N LEU F 227 -9.42 -33.60 46.22
CA LEU F 227 -8.42 -34.60 45.79
C LEU F 227 -7.37 -34.88 46.86
N ASP F 228 -7.08 -33.87 47.67
CA ASP F 228 -6.17 -34.06 48.82
C ASP F 228 -6.72 -35.05 49.83
N LYS F 229 -8.00 -34.88 50.17
CA LYS F 229 -8.71 -35.73 51.12
C LYS F 229 -8.90 -37.13 50.50
N PHE F 230 -9.15 -37.17 49.20
CA PHE F 230 -9.33 -38.42 48.52
C PHE F 230 -8.05 -39.24 48.60
N GLN F 231 -6.91 -38.57 48.45
CA GLN F 231 -5.60 -39.20 48.65
C GLN F 231 -5.35 -39.65 50.12
N ALA F 232 -5.76 -38.86 51.10
CA ALA F 232 -5.61 -39.31 52.47
C ALA F 232 -6.52 -40.50 52.83
N ASP F 233 -7.77 -40.48 52.32
CA ASP F 233 -8.73 -41.54 52.59
C ASP F 233 -8.40 -42.87 51.89
N THR F 234 -7.76 -42.80 50.72
CA THR F 234 -7.63 -43.97 49.83
C THR F 234 -6.22 -44.30 49.31
N GLY F 235 -5.30 -43.35 49.48
CA GLY F 235 -3.97 -43.48 48.86
C GLY F 235 -3.94 -43.10 47.37
N ILE F 236 -5.09 -42.91 46.73
CA ILE F 236 -5.11 -42.62 45.32
C ILE F 236 -4.79 -41.14 45.07
N ASP F 237 -3.77 -40.89 44.26
CA ASP F 237 -3.21 -39.54 44.06
C ASP F 237 -3.57 -39.06 42.65
N ILE F 238 -4.53 -38.15 42.54
CA ILE F 238 -4.96 -37.74 41.23
C ILE F 238 -4.50 -36.34 40.89
N ASP F 239 -4.00 -36.18 39.68
CA ASP F 239 -3.65 -34.85 39.21
C ASP F 239 -4.72 -34.10 38.40
N MET F 240 -4.45 -32.85 38.07
CA MET F 240 -5.35 -32.03 37.26
C MET F 240 -4.64 -31.51 36.04
N HIS F 241 -5.40 -31.37 34.96
CA HIS F 241 -5.06 -30.49 33.85
C HIS F 241 -6.22 -29.50 33.78
N ILE F 242 -5.91 -28.20 33.76
CA ILE F 242 -6.95 -27.18 33.74
C ILE F 242 -7.17 -26.75 32.34
N ASP F 243 -8.40 -26.90 31.86
CA ASP F 243 -8.72 -26.39 30.51
C ASP F 243 -9.07 -24.92 30.64
N ALA F 244 -8.11 -24.05 30.41
CA ALA F 244 -8.29 -22.60 30.62
C ALA F 244 -8.40 -21.93 29.30
N ALA F 245 -8.98 -22.62 28.33
CA ALA F 245 -9.09 -22.10 26.94
C ALA F 245 -9.37 -20.59 26.90
N SER F 246 -10.32 -20.14 27.69
CA SER F 246 -10.66 -18.72 27.72
C SER F 246 -10.14 -18.07 28.98
N GLY F 247 -10.40 -18.69 30.11
CA GLY F 247 -10.07 -18.08 31.41
C GLY F 247 -8.59 -17.85 31.57
N GLY F 248 -7.77 -18.58 30.83
CA GLY F 248 -6.32 -18.55 31.02
C GLY F 248 -5.76 -17.17 30.81
N PHE F 249 -6.37 -16.37 29.96
CA PHE F 249 -5.89 -14.99 29.73
C PHE F 249 -6.84 -13.90 30.30
N LEU F 250 -7.64 -14.25 31.29
CA LEU F 250 -8.54 -13.29 31.91
C LEU F 250 -8.24 -13.20 33.41
N ALA F 251 -8.42 -14.29 34.14
CA ALA F 251 -8.23 -14.29 35.59
C ALA F 251 -6.87 -13.73 36.04
N PRO F 252 -5.77 -14.05 35.32
CA PRO F 252 -4.46 -13.55 35.76
C PRO F 252 -4.40 -12.03 35.81
N PHE F 253 -5.24 -11.36 35.05
CA PHE F 253 -5.23 -9.91 35.02
C PHE F 253 -6.35 -9.29 35.83
N VAL F 254 -7.59 -9.78 35.67
CA VAL F 254 -8.72 -9.09 36.34
C VAL F 254 -9.13 -9.74 37.67
N ALA F 255 -8.62 -10.93 37.98
CA ALA F 255 -8.95 -11.60 39.23
C ALA F 255 -7.77 -12.51 39.67
N PRO F 256 -6.60 -11.89 39.92
CA PRO F 256 -5.36 -12.66 40.18
C PRO F 256 -5.41 -13.55 41.44
N ASP F 257 -6.43 -13.35 42.26
CA ASP F 257 -6.60 -14.07 43.55
C ASP F 257 -7.27 -15.40 43.48
N ILE F 258 -7.97 -15.65 42.36
CA ILE F 258 -8.58 -16.94 42.18
C ILE F 258 -7.42 -17.88 42.09
N VAL F 259 -7.35 -18.87 42.97
CA VAL F 259 -6.24 -19.79 42.94
C VAL F 259 -6.66 -20.97 42.06
N TRP F 260 -6.06 -21.05 40.86
CA TRP F 260 -6.57 -21.97 39.85
C TRP F 260 -5.47 -22.65 39.06
N ASP F 261 -4.25 -22.13 39.20
CA ASP F 261 -3.14 -22.46 38.28
C ASP F 261 -2.10 -23.29 38.98
N PHE F 262 -0.83 -23.07 38.66
CA PHE F 262 0.20 -23.89 39.20
C PHE F 262 0.44 -23.59 40.68
N ARG F 263 -0.18 -22.56 41.24
CA ARG F 263 -0.24 -22.45 42.71
C ARG F 263 -0.75 -23.74 43.41
N LEU F 264 -1.71 -24.42 42.77
CA LEU F 264 -2.21 -25.74 43.19
C LEU F 264 -1.27 -26.88 42.78
N PRO F 265 -0.71 -27.65 43.77
CA PRO F 265 0.32 -28.66 43.50
C PRO F 265 -0.14 -29.74 42.57
N ARG F 266 -1.41 -30.09 42.61
CA ARG F 266 -1.93 -31.12 41.70
C ARG F 266 -2.13 -30.71 40.23
N VAL F 267 -2.11 -29.40 39.95
CA VAL F 267 -2.28 -28.92 38.59
C VAL F 267 -0.96 -29.20 37.92
N LYS F 268 -0.95 -30.14 36.99
CA LYS F 268 0.29 -30.60 36.41
C LYS F 268 0.46 -29.98 35.06
N SER F 269 -0.65 -29.53 34.48
CA SER F 269 -0.55 -28.82 33.21
C SER F 269 -1.78 -27.92 33.00
N ILE F 270 -1.63 -26.90 32.15
CA ILE F 270 -2.69 -25.94 31.90
C ILE F 270 -2.62 -25.65 30.41
N SER F 271 -3.77 -25.50 29.78
CA SER F 271 -3.87 -25.14 28.39
C SER F 271 -4.79 -23.92 28.22
N ALA F 272 -4.57 -23.16 27.14
CA ALA F 272 -5.34 -21.97 26.86
C ALA F 272 -5.26 -21.62 25.39
N SER F 273 -6.16 -20.78 24.89
CA SER F 273 -6.19 -20.40 23.48
C SER F 273 -5.73 -18.95 23.32
N GLY F 274 -4.62 -18.74 22.61
CA GLY F 274 -4.12 -17.42 22.34
C GLY F 274 -5.18 -16.63 21.59
N HIS F 275 -5.88 -17.32 20.69
CA HIS F 275 -6.75 -16.67 19.71
C HIS F 275 -8.17 -16.45 20.23
N LYS F 276 -8.36 -16.73 21.53
CA LYS F 276 -9.51 -16.22 22.24
C LYS F 276 -9.03 -15.00 23.02
N PHE F 277 -9.02 -15.06 24.35
CA PHE F 277 -8.70 -13.85 25.13
C PHE F 277 -7.20 -13.56 25.21
N GLY F 278 -6.40 -14.50 24.75
CA GLY F 278 -4.99 -14.26 24.45
C GLY F 278 -4.77 -13.09 23.50
N LEU F 279 -5.78 -12.76 22.71
CA LEU F 279 -5.75 -11.66 21.78
C LEU F 279 -5.03 -11.97 20.45
N ALA F 280 -4.46 -13.16 20.33
CA ALA F 280 -3.71 -13.47 19.11
C ALA F 280 -4.68 -13.76 17.96
N PRO F 281 -4.20 -13.66 16.72
CA PRO F 281 -5.08 -14.09 15.62
C PRO F 281 -5.31 -15.65 15.57
N LEU F 282 -6.34 -16.07 14.86
CA LEU F 282 -6.66 -17.49 14.73
C LEU F 282 -5.46 -18.34 14.43
N GLY F 283 -5.33 -19.42 15.19
CA GLY F 283 -4.27 -20.40 14.97
C GLY F 283 -3.25 -20.40 16.08
N CYS F 284 -3.65 -20.04 17.31
CA CYS F 284 -2.63 -20.04 18.37
C CYS F 284 -3.15 -20.58 19.68
N GLY F 285 -2.41 -21.54 20.23
CA GLY F 285 -2.79 -22.07 21.54
C GLY F 285 -1.56 -22.29 22.37
N TRP F 286 -1.76 -22.55 23.67
CA TRP F 286 -0.68 -22.74 24.59
C TRP F 286 -0.99 -23.90 25.56
N VAL F 287 0.03 -24.71 25.85
CA VAL F 287 0.01 -25.65 26.97
C VAL F 287 1.36 -25.58 27.73
N ILE F 288 1.26 -25.56 29.04
CA ILE F 288 2.37 -25.50 29.93
C ILE F 288 2.29 -26.65 30.92
N TRP F 289 3.45 -27.25 31.23
CA TRP F 289 3.55 -28.28 32.30
C TRP F 289 4.23 -27.69 33.52
N ARG F 290 3.84 -28.12 34.72
CA ARG F 290 4.47 -27.64 35.99
C ARG F 290 6.01 -27.68 35.93
N ASP F 291 6.57 -28.70 35.27
CA ASP F 291 8.02 -28.93 35.27
C ASP F 291 8.34 -30.20 34.48
N GLU F 292 9.62 -30.54 34.30
CA GLU F 292 10.06 -31.73 33.54
C GLU F 292 9.37 -33.03 33.96
N GLU F 293 9.24 -33.27 35.26
CA GLU F 293 8.50 -34.43 35.75
C GLU F 293 7.08 -34.51 35.19
N ALA F 294 6.41 -33.37 34.97
CA ALA F 294 5.02 -33.37 34.53
C ALA F 294 4.86 -33.81 33.10
N LEU F 295 5.97 -33.83 32.36
CA LEU F 295 5.91 -34.16 30.96
C LEU F 295 6.75 -35.38 30.64
N PRO F 296 6.13 -36.56 30.56
CA PRO F 296 6.89 -37.77 30.19
C PRO F 296 7.82 -37.56 28.98
N GLN F 297 9.13 -37.73 29.16
CA GLN F 297 10.07 -37.60 28.02
C GLN F 297 9.73 -38.43 26.75
N GLU F 298 9.03 -39.56 26.94
CA GLU F 298 8.68 -40.48 25.86
C GLU F 298 7.79 -39.79 24.80
N LEU F 299 7.12 -38.73 25.19
CA LEU F 299 6.25 -38.09 24.25
C LEU F 299 7.01 -37.10 23.34
N VAL F 300 8.19 -36.68 23.80
CA VAL F 300 8.96 -35.62 23.15
C VAL F 300 9.83 -36.22 22.05
N PHE F 301 9.76 -35.63 20.87
CA PHE F 301 10.59 -36.10 19.79
C PHE F 301 11.78 -35.18 19.62
N ASN F 302 12.96 -35.79 19.62
CA ASN F 302 14.21 -35.08 19.37
C ASN F 302 14.54 -35.20 17.93
N VAL F 303 14.65 -34.04 17.29
CA VAL F 303 15.07 -34.01 15.89
C VAL F 303 16.53 -33.56 15.82
N ASP F 304 17.28 -34.12 14.88
CA ASP F 304 18.60 -33.52 14.62
C ASP F 304 18.49 -32.21 13.81
N TYR F 305 19.25 -31.21 14.22
CA TYR F 305 19.41 -30.00 13.43
C TYR F 305 20.90 -29.56 13.53
N LEU F 306 21.34 -28.57 12.76
CA LEU F 306 22.77 -28.16 12.80
C LEU F 306 23.26 -27.69 14.19
N GLY F 307 22.36 -27.07 14.97
CA GLY F 307 22.72 -26.56 16.29
C GLY F 307 22.68 -27.53 17.45
N GLY F 308 22.66 -28.83 17.16
CA GLY F 308 22.41 -29.85 18.18
C GLY F 308 21.14 -30.62 17.88
N GLN F 309 20.16 -30.54 18.78
CA GLN F 309 18.84 -31.15 18.58
C GLN F 309 17.84 -30.46 19.50
N ILE F 310 16.62 -30.23 19.02
CA ILE F 310 15.58 -29.75 19.95
C ILE F 310 14.38 -30.71 20.01
N GLY F 311 13.78 -30.73 21.19
CA GLY F 311 12.65 -31.59 21.42
C GLY F 311 11.34 -30.85 21.23
N THR F 312 10.45 -31.49 20.47
CA THR F 312 9.08 -31.02 20.36
C THR F 312 8.05 -32.10 20.75
N PHE F 313 6.97 -31.61 21.36
CA PHE F 313 5.77 -32.39 21.60
C PHE F 313 4.64 -31.69 20.83
N ALA F 314 4.33 -32.22 19.65
CA ALA F 314 3.26 -31.64 18.84
C ALA F 314 2.51 -32.74 18.06
N ILE F 315 1.26 -32.49 17.76
CA ILE F 315 0.54 -33.34 16.85
C ILE F 315 0.83 -32.85 15.42
N ASN F 316 0.85 -31.51 15.26
CA ASN F 316 1.19 -30.92 13.93
C ASN F 316 2.66 -30.97 13.70
N PHE F 317 3.12 -30.55 12.54
CA PHE F 317 4.55 -30.39 12.31
C PHE F 317 4.84 -28.97 11.64
N SER F 318 5.21 -28.90 10.36
CA SER F 318 5.30 -27.59 9.71
C SER F 318 4.01 -26.76 9.80
N ARG F 319 4.17 -25.47 10.07
CA ARG F 319 3.05 -24.57 10.05
C ARG F 319 3.59 -23.16 10.27
N PRO F 320 2.82 -22.12 9.93
CA PRO F 320 3.50 -20.82 9.99
C PRO F 320 3.68 -20.30 11.41
N ALA F 321 4.70 -19.44 11.60
CA ALA F 321 5.01 -18.88 12.91
C ALA F 321 4.36 -17.52 13.20
N GLY F 322 3.47 -17.06 12.31
CA GLY F 322 2.97 -15.70 12.41
C GLY F 322 2.14 -15.41 13.64
N GLN F 323 1.31 -16.38 14.04
CA GLN F 323 0.49 -16.24 15.23
C GLN F 323 1.29 -16.13 16.54
N VAL F 324 2.36 -16.90 16.63
CA VAL F 324 3.25 -16.82 17.75
C VAL F 324 3.87 -15.40 17.83
N ILE F 325 4.26 -14.89 16.66
CA ILE F 325 4.90 -13.60 16.56
C ILE F 325 3.88 -12.51 16.99
N ALA F 326 2.67 -12.61 16.43
CA ALA F 326 1.60 -11.70 16.76
C ALA F 326 1.19 -11.82 18.25
N GLN F 327 1.20 -13.05 18.78
CA GLN F 327 0.95 -13.23 20.18
C GLN F 327 1.98 -12.45 20.98
N TYR F 328 3.24 -12.58 20.55
CA TYR F 328 4.33 -11.94 21.22
C TYR F 328 4.09 -10.44 21.21
N TYR F 329 3.59 -9.94 20.08
CA TYR F 329 3.34 -8.54 19.91
C TYR F 329 2.33 -8.04 20.90
N GLU F 330 1.31 -8.86 21.18
CA GLU F 330 0.33 -8.50 22.19
C GLU F 330 0.95 -8.47 23.57
N PHE F 331 1.78 -9.47 23.90
CA PHE F 331 2.43 -9.52 25.24
C PHE F 331 3.29 -8.26 25.47
N LEU F 332 4.14 -7.94 24.49
CA LEU F 332 5.00 -6.77 24.52
C LEU F 332 4.27 -5.44 24.57
N ARG F 333 3.29 -5.22 23.70
CA ARG F 333 2.63 -3.91 23.72
C ARG F 333 1.68 -3.75 24.89
N LEU F 334 1.09 -4.85 25.38
CA LEU F 334 0.16 -4.68 26.50
C LEU F 334 0.80 -4.86 27.89
N GLY F 335 1.55 -5.95 28.08
CA GLY F 335 1.98 -6.35 29.44
C GLY F 335 0.76 -6.59 30.34
N ARG F 336 1.01 -6.74 31.63
CA ARG F 336 -0.03 -7.05 32.58
C ARG F 336 -0.93 -5.86 32.73
N GLU F 337 -0.35 -4.67 32.82
CA GLU F 337 -1.10 -3.40 32.89
C GLU F 337 -2.08 -3.24 31.69
N GLY F 338 -1.64 -3.51 30.46
CA GLY F 338 -2.50 -3.34 29.28
C GLY F 338 -3.63 -4.36 29.14
N TYR F 339 -3.30 -5.65 29.36
CA TYR F 339 -4.29 -6.71 29.36
C TYR F 339 -5.35 -6.47 30.43
N THR F 340 -4.96 -5.86 31.53
CA THR F 340 -5.85 -5.72 32.62
C THR F 340 -6.90 -4.77 32.12
N LYS F 341 -6.48 -3.66 31.54
CA LYS F 341 -7.42 -2.70 30.93
C LYS F 341 -8.26 -3.26 29.81
N VAL F 342 -7.66 -4.03 28.90
CA VAL F 342 -8.37 -4.60 27.80
C VAL F 342 -9.47 -5.57 28.26
N GLN F 343 -9.11 -6.50 29.14
CA GLN F 343 -10.11 -7.47 29.61
C GLN F 343 -11.15 -6.77 30.48
N ASN F 344 -10.77 -5.85 31.33
CA ASN F 344 -11.79 -5.08 32.05
C ASN F 344 -12.87 -4.41 31.14
N ALA F 345 -12.43 -3.84 30.01
CA ALA F 345 -13.39 -3.28 29.05
C ALA F 345 -14.43 -4.29 28.58
N SER F 346 -14.01 -5.49 28.20
CA SER F 346 -15.02 -6.51 27.83
C SER F 346 -15.97 -6.90 29.01
N TYR F 347 -15.41 -6.95 30.23
CA TYR F 347 -16.22 -7.31 31.39
C TYR F 347 -17.26 -6.21 31.61
N GLN F 348 -16.88 -4.96 31.40
CA GLN F 348 -17.81 -3.89 31.69
C GLN F 348 -18.94 -4.06 30.71
N VAL F 349 -18.57 -4.33 29.46
CA VAL F 349 -19.56 -4.52 28.42
C VAL F 349 -20.48 -5.69 28.77
N ALA F 350 -19.95 -6.80 29.28
CA ALA F 350 -20.79 -7.96 29.59
C ALA F 350 -21.68 -7.63 30.76
N ALA F 351 -21.05 -7.04 31.79
CA ALA F 351 -21.82 -6.70 32.98
C ALA F 351 -22.92 -5.70 32.58
N TYR F 352 -22.60 -4.70 31.78
CA TYR F 352 -23.66 -3.80 31.30
C TYR F 352 -24.86 -4.51 30.63
N LEU F 353 -24.56 -5.41 29.67
CA LEU F 353 -25.62 -6.12 28.96
C LEU F 353 -26.46 -7.04 29.92
N ALA F 354 -25.77 -7.75 30.84
CA ALA F 354 -26.53 -8.48 31.85
C ALA F 354 -27.57 -7.58 32.57
N ASP F 355 -27.17 -6.38 33.06
CA ASP F 355 -28.11 -5.55 33.84
C ASP F 355 -29.31 -5.04 33.02
N GLU F 356 -29.04 -4.72 31.75
CA GLU F 356 -30.03 -4.16 30.84
C GLU F 356 -30.94 -5.24 30.29
N ILE F 357 -30.39 -6.37 29.91
CA ILE F 357 -31.22 -7.45 29.39
C ILE F 357 -32.14 -7.93 30.54
N ALA F 358 -31.65 -7.93 31.77
CA ALA F 358 -32.49 -8.37 32.91
C ALA F 358 -33.77 -7.55 33.05
N LYS F 359 -33.77 -6.28 32.67
CA LYS F 359 -34.98 -5.41 32.68
C LYS F 359 -36.01 -5.70 31.58
N LEU F 360 -35.67 -6.55 30.61
CA LEU F 360 -36.45 -6.66 29.37
C LEU F 360 -37.31 -7.90 29.30
N GLY F 361 -36.99 -8.89 30.10
CA GLY F 361 -37.77 -10.13 30.09
C GLY F 361 -37.65 -10.87 31.39
N PRO F 362 -38.36 -12.01 31.51
CA PRO F 362 -38.34 -12.82 32.73
C PRO F 362 -37.27 -13.88 32.59
N TYR F 363 -36.09 -13.52 33.03
CA TYR F 363 -34.91 -14.26 32.67
C TYR F 363 -34.24 -14.79 33.89
N GLU F 364 -33.59 -15.92 33.77
CA GLU F 364 -32.77 -16.32 34.91
C GLU F 364 -31.35 -16.43 34.38
N PHE F 365 -30.41 -15.83 35.11
CA PHE F 365 -29.06 -15.68 34.61
C PHE F 365 -28.15 -16.72 35.16
N ILE F 366 -27.31 -17.27 34.29
CA ILE F 366 -26.37 -18.30 34.62
C ILE F 366 -24.98 -17.67 34.69
N CYS F 367 -24.76 -16.65 33.87
CA CYS F 367 -23.50 -15.91 33.88
C CYS F 367 -23.79 -14.44 33.56
N THR F 368 -23.23 -13.53 34.33
CA THR F 368 -23.48 -12.08 34.18
C THR F 368 -22.20 -11.24 33.93
N GLY F 369 -21.13 -11.88 33.42
CA GLY F 369 -19.91 -11.19 33.09
C GLY F 369 -19.19 -10.61 34.30
N ARG F 370 -19.32 -11.26 35.46
CA ARG F 370 -18.52 -10.82 36.63
C ARG F 370 -17.18 -11.53 36.58
N PRO F 371 -16.07 -10.78 36.69
CA PRO F 371 -14.68 -11.32 36.58
C PRO F 371 -14.35 -12.38 37.62
N ASP F 372 -15.02 -12.31 38.74
CA ASP F 372 -14.72 -13.26 39.81
C ASP F 372 -15.49 -14.58 39.58
N GLU F 373 -16.35 -14.61 38.57
CA GLU F 373 -17.24 -15.76 38.33
C GLU F 373 -16.93 -16.52 37.05
N GLY F 374 -16.49 -15.82 36.02
CA GLY F 374 -16.21 -16.44 34.74
C GLY F 374 -15.61 -15.42 33.81
N ILE F 375 -15.97 -15.51 32.54
CA ILE F 375 -15.35 -14.77 31.45
C ILE F 375 -16.37 -13.73 31.01
N PRO F 376 -16.00 -12.80 30.08
CA PRO F 376 -16.95 -11.71 29.71
C PRO F 376 -18.13 -12.22 28.87
N ALA F 377 -19.06 -12.90 29.51
CA ALA F 377 -20.15 -13.51 28.78
C ALA F 377 -21.41 -13.28 29.53
N VAL F 378 -22.52 -13.22 28.81
CA VAL F 378 -23.84 -13.18 29.45
C VAL F 378 -24.56 -14.45 29.07
N CYS F 379 -25.10 -15.16 30.05
CA CYS F 379 -25.86 -16.40 29.74
C CYS F 379 -27.15 -16.49 30.56
N PHE F 380 -28.25 -16.70 29.87
CA PHE F 380 -29.55 -16.70 30.55
C PHE F 380 -30.55 -17.63 29.83
N LYS F 381 -31.61 -17.93 30.56
CA LYS F 381 -32.72 -18.73 30.04
C LYS F 381 -33.97 -17.99 30.46
N LEU F 382 -35.14 -18.47 30.09
CA LEU F 382 -36.37 -17.92 30.64
C LEU F 382 -36.58 -18.55 32.01
N LYS F 383 -37.11 -17.77 32.95
CA LYS F 383 -37.51 -18.32 34.23
C LYS F 383 -38.43 -19.52 33.96
N ASP F 384 -38.20 -20.61 34.68
CA ASP F 384 -39.05 -21.79 34.58
C ASP F 384 -40.54 -21.47 34.60
N GLY F 385 -41.27 -22.06 33.64
CA GLY F 385 -42.74 -21.92 33.60
C GLY F 385 -43.27 -20.54 33.23
N GLU F 386 -42.40 -19.66 32.75
CA GLU F 386 -42.79 -18.33 32.29
C GLU F 386 -42.74 -18.29 30.77
N ASP F 387 -43.78 -17.72 30.18
CA ASP F 387 -43.96 -17.67 28.72
C ASP F 387 -44.21 -16.22 28.27
N PRO F 388 -43.16 -15.55 27.74
CA PRO F 388 -43.26 -14.12 27.41
C PRO F 388 -43.77 -13.91 25.99
N GLY F 389 -44.10 -14.99 25.31
CA GLY F 389 -44.67 -14.87 23.97
C GLY F 389 -43.68 -15.17 22.88
N TYR F 390 -42.55 -15.79 23.26
CA TYR F 390 -41.50 -16.16 22.32
C TYR F 390 -40.58 -17.07 23.06
N THR F 391 -39.74 -17.78 22.32
CA THR F 391 -38.62 -18.52 22.88
C THR F 391 -37.29 -17.80 22.54
N LEU F 392 -36.21 -18.20 23.18
CA LEU F 392 -34.95 -17.57 22.87
C LEU F 392 -34.53 -17.82 21.40
N TYR F 393 -34.97 -18.95 20.83
CA TYR F 393 -34.76 -19.23 19.41
C TYR F 393 -35.40 -18.17 18.49
N ASP F 394 -36.60 -17.75 18.85
CA ASP F 394 -37.30 -16.76 18.08
C ASP F 394 -36.55 -15.41 18.15
N LEU F 395 -36.11 -15.06 19.36
CA LEU F 395 -35.40 -13.82 19.59
C LEU F 395 -34.10 -13.82 18.80
N SER F 396 -33.46 -14.98 18.75
CA SER F 396 -32.20 -15.14 18.05
C SER F 396 -32.37 -14.93 16.54
N GLU F 397 -33.49 -15.40 15.98
CA GLU F 397 -33.84 -15.11 14.58
C GLU F 397 -34.11 -13.63 14.31
N ARG F 398 -34.95 -12.99 15.09
CA ARG F 398 -35.19 -11.56 14.89
C ARG F 398 -33.87 -10.79 14.88
N LEU F 399 -33.02 -11.07 15.87
CA LEU F 399 -31.71 -10.44 15.99
C LEU F 399 -30.91 -10.63 14.72
N ARG F 400 -30.95 -11.82 14.14
CA ARG F 400 -30.24 -12.07 12.91
C ARG F 400 -30.71 -11.20 11.77
N LEU F 401 -31.97 -10.78 11.81
CA LEU F 401 -32.53 -9.98 10.74
C LEU F 401 -31.93 -8.62 10.82
N ARG F 402 -31.39 -8.31 11.99
CA ARG F 402 -30.79 -7.01 12.16
C ARG F 402 -29.28 -7.09 12.19
N GLY F 403 -28.70 -8.22 11.78
CA GLY F 403 -27.26 -8.33 11.62
C GLY F 403 -26.50 -9.09 12.69
N TRP F 404 -27.13 -9.32 13.84
CA TRP F 404 -26.43 -10.01 14.94
C TRP F 404 -26.59 -11.52 14.92
N GLN F 405 -25.50 -12.23 15.22
CA GLN F 405 -25.62 -13.63 15.59
C GLN F 405 -25.54 -13.77 17.10
N VAL F 406 -26.65 -14.12 17.74
CA VAL F 406 -26.64 -14.33 19.20
C VAL F 406 -27.21 -15.71 19.41
N PRO F 407 -26.33 -16.67 19.78
CA PRO F 407 -26.70 -18.05 19.71
C PRO F 407 -27.69 -18.44 20.79
N ALA F 408 -28.67 -19.23 20.39
CA ALA F 408 -29.57 -19.95 21.29
C ALA F 408 -29.36 -21.45 21.10
N PHE F 409 -29.22 -22.18 22.21
CA PHE F 409 -29.02 -23.64 22.15
C PHE F 409 -29.43 -24.28 23.50
N THR F 410 -29.48 -25.60 23.54
CA THR F 410 -29.77 -26.27 24.79
C THR F 410 -28.50 -26.67 25.49
N LEU F 411 -28.58 -26.79 26.81
CA LEU F 411 -27.49 -27.38 27.60
C LEU F 411 -27.38 -28.93 27.42
N GLY F 412 -26.51 -29.60 28.18
CA GLY F 412 -26.31 -31.04 28.03
C GLY F 412 -26.99 -31.84 29.11
N GLY F 413 -26.62 -33.13 29.25
CA GLY F 413 -26.95 -33.94 30.41
C GLY F 413 -28.39 -33.96 30.92
N GLU F 414 -28.57 -33.67 32.21
CA GLU F 414 -29.88 -33.67 32.85
C GLU F 414 -30.62 -32.33 32.61
N ALA F 415 -29.92 -31.40 31.94
CA ALA F 415 -30.44 -30.05 31.63
C ALA F 415 -30.69 -29.84 30.12
N THR F 416 -31.04 -30.91 29.43
CA THR F 416 -31.08 -30.89 27.97
C THR F 416 -32.39 -30.22 27.51
N ASP F 417 -33.27 -30.05 28.47
CA ASP F 417 -34.48 -29.27 28.31
C ASP F 417 -34.21 -27.77 28.43
N ILE F 418 -33.00 -27.36 28.77
CA ILE F 418 -32.83 -25.93 29.07
C ILE F 418 -32.35 -25.19 27.86
N VAL F 419 -33.11 -24.18 27.42
CA VAL F 419 -32.62 -23.34 26.30
C VAL F 419 -31.99 -22.05 26.81
N VAL F 420 -30.73 -21.85 26.47
CA VAL F 420 -29.97 -20.67 26.87
C VAL F 420 -29.66 -19.74 25.65
N MET F 421 -29.50 -18.47 25.95
CA MET F 421 -28.85 -17.60 25.02
C MET F 421 -27.48 -17.31 25.64
N ARG F 422 -26.41 -17.29 24.85
CA ARG F 422 -25.12 -16.83 25.36
C ARG F 422 -24.62 -15.67 24.52
N ILE F 423 -24.14 -14.62 25.17
CA ILE F 423 -23.54 -13.50 24.45
C ILE F 423 -22.06 -13.42 24.78
N MET F 424 -21.18 -13.54 23.79
CA MET F 424 -19.74 -13.35 24.05
C MET F 424 -19.33 -11.91 23.81
N CYS F 425 -18.66 -11.30 24.77
CA CYS F 425 -18.10 -9.96 24.59
C CYS F 425 -16.59 -10.07 24.47
N ARG F 426 -16.07 -9.84 23.27
CA ARG F 426 -14.63 -9.91 23.02
C ARG F 426 -14.14 -8.58 22.48
N ARG F 427 -12.84 -8.49 22.27
CA ARG F 427 -12.21 -7.23 21.86
C ARG F 427 -12.85 -6.71 20.59
N GLY F 428 -13.27 -5.45 20.64
CA GLY F 428 -13.90 -4.82 19.49
C GLY F 428 -15.37 -4.60 19.75
N PHE F 429 -16.00 -5.52 20.49
CA PHE F 429 -17.41 -5.33 20.87
C PHE F 429 -17.60 -4.27 21.99
N GLU F 430 -17.47 -3.01 21.63
CA GLU F 430 -17.40 -1.95 22.62
C GLU F 430 -18.72 -1.47 23.14
N MET F 431 -18.65 -0.68 24.20
CA MET F 431 -19.85 -0.16 24.84
C MET F 431 -20.88 0.40 23.84
N ASP F 432 -20.48 1.22 22.86
CA ASP F 432 -21.40 1.70 21.79
C ASP F 432 -22.06 0.60 20.95
N PHE F 433 -21.33 -0.47 20.66
CA PHE F 433 -21.95 -1.56 19.91
C PHE F 433 -22.95 -2.30 20.78
N ALA F 434 -22.69 -2.39 22.10
CA ALA F 434 -23.62 -3.05 22.99
C ALA F 434 -24.88 -2.18 23.06
N GLU F 435 -24.72 -0.85 23.14
CA GLU F 435 -25.93 0.03 23.07
C GLU F 435 -26.80 -0.33 21.86
N LEU F 436 -26.15 -0.54 20.71
CA LEU F 436 -26.87 -0.85 19.49
C LEU F 436 -27.64 -2.20 19.56
N LEU F 437 -26.96 -3.25 19.97
CA LEU F 437 -27.55 -4.53 20.34
C LEU F 437 -28.81 -4.34 21.18
N LEU F 438 -28.73 -3.61 22.29
CA LEU F 438 -29.90 -3.40 23.15
C LEU F 438 -31.10 -2.82 22.39
N GLU F 439 -30.83 -1.76 21.61
CA GLU F 439 -31.84 -1.20 20.78
C GLU F 439 -32.43 -2.28 19.91
N ASP F 440 -31.57 -3.08 19.28
CA ASP F 440 -32.05 -4.14 18.41
C ASP F 440 -32.88 -5.23 19.13
N TYR F 441 -32.52 -5.45 20.39
CA TYR F 441 -33.13 -6.45 21.21
C TYR F 441 -34.53 -5.94 21.60
N LYS F 442 -34.62 -4.70 22.11
CA LYS F 442 -35.92 -4.09 22.28
C LYS F 442 -36.82 -4.15 21.02
N ALA F 443 -36.28 -3.82 19.84
CA ALA F 443 -37.07 -3.80 18.61
C ALA F 443 -37.55 -5.22 18.29
N SER F 444 -36.70 -6.21 18.50
CA SER F 444 -37.10 -7.59 18.32
C SER F 444 -38.22 -8.01 19.28
N LEU F 445 -38.16 -7.56 20.55
CA LEU F 445 -39.20 -7.90 21.50
C LEU F 445 -40.55 -7.27 21.08
N LYS F 446 -40.54 -6.00 20.68
CA LYS F 446 -41.74 -5.40 20.20
C LYS F 446 -42.24 -6.14 18.98
N TYR F 447 -41.37 -6.41 18.02
CA TYR F 447 -41.85 -7.13 16.87
C TYR F 447 -42.50 -8.42 17.30
N LEU F 448 -41.85 -9.22 18.14
CA LEU F 448 -42.43 -10.47 18.59
C LEU F 448 -43.74 -10.27 19.34
N SER F 449 -43.83 -9.23 20.15
CA SER F 449 -45.09 -8.90 20.84
C SER F 449 -46.20 -8.51 19.88
N ASP F 450 -45.82 -7.91 18.74
CA ASP F 450 -46.81 -7.54 17.70
C ASP F 450 -47.20 -8.69 16.73
N HIS F 451 -46.48 -9.81 16.84
CA HIS F 451 -46.58 -10.92 15.88
C HIS F 451 -46.50 -12.27 16.59
N PRO F 452 -47.50 -12.58 17.40
CA PRO F 452 -47.39 -13.73 18.28
C PRO F 452 -47.45 -15.06 17.55
N LYS F 453 -47.80 -15.09 16.28
CA LYS F 453 -47.82 -16.37 15.58
C LYS F 453 -46.40 -16.84 15.31
N LEU F 454 -45.45 -15.96 15.55
CA LEU F 454 -44.03 -16.32 15.42
C LEU F 454 -43.59 -17.29 16.52
N GLN F 455 -44.13 -17.14 17.73
CA GLN F 455 -43.64 -17.94 18.87
C GLN F 455 -43.55 -19.43 18.52
N GLY F 456 -42.37 -20.02 18.70
CA GLY F 456 -42.21 -21.46 18.57
C GLY F 456 -41.72 -22.00 17.22
N ILE F 457 -41.68 -21.13 16.22
CA ILE F 457 -41.25 -21.54 14.89
C ILE F 457 -39.76 -21.86 14.80
N ALA F 458 -38.90 -21.01 15.33
CA ALA F 458 -37.46 -21.29 15.22
C ALA F 458 -37.08 -22.42 16.18
N GLN F 459 -36.33 -23.39 15.69
CA GLN F 459 -36.22 -24.67 16.38
C GLN F 459 -34.80 -25.26 16.30
N GLN F 460 -33.88 -24.51 15.70
CA GLN F 460 -32.53 -25.03 15.41
C GLN F 460 -31.44 -24.40 16.31
N ASN F 461 -30.62 -25.24 16.92
CA ASN F 461 -29.49 -24.73 17.72
C ASN F 461 -28.47 -23.95 16.91
N SER F 462 -27.97 -22.86 17.48
CA SER F 462 -26.82 -22.16 16.89
C SER F 462 -25.50 -22.89 17.28
N PHE F 463 -24.51 -22.80 16.39
CA PHE F 463 -23.16 -23.28 16.66
C PHE F 463 -22.73 -22.81 18.06
N LYS F 464 -22.35 -23.75 18.93
CA LYS F 464 -22.08 -23.39 20.34
C LYS F 464 -20.60 -23.47 20.79
N HIS F 465 -19.79 -24.20 20.02
CA HIS F 465 -18.49 -24.71 20.47
C HIS F 465 -17.33 -23.70 20.47
N THR F 466 -17.50 -22.60 19.72
CA THR F 466 -16.45 -21.58 19.64
C THR F 466 -16.85 -20.34 18.85
P PO4 G . 3.77 -31.64 7.63
O1 PO4 G . 4.75 -30.61 8.09
O2 PO4 G . 2.75 -31.87 8.70
O3 PO4 G . 3.23 -31.21 6.27
O4 PO4 G . 4.45 -32.96 7.47
P PO4 H . 32.06 7.27 0.80
O1 PO4 H . 33.40 7.14 1.44
O2 PO4 H . 31.10 7.97 1.76
O3 PO4 H . 32.23 8.04 -0.48
O4 PO4 H . 31.51 5.97 0.33
P PO4 I . 25.05 14.10 -16.09
O1 PO4 I . 26.21 13.81 -15.21
O2 PO4 I . 24.28 12.85 -16.37
O3 PO4 I . 24.18 15.15 -15.47
O4 PO4 I . 25.58 14.63 -17.42
P PO4 J . -20.48 25.24 -3.20
O1 PO4 J . -19.02 25.33 -3.58
O2 PO4 J . -20.46 24.61 -1.84
O3 PO4 J . -21.07 26.60 -3.17
O4 PO4 J . -21.21 24.46 -4.21
P PO4 K . -30.11 9.25 -8.99
O1 PO4 K . -29.75 10.70 -8.74
O2 PO4 K . -30.09 8.52 -7.67
O3 PO4 K . -31.54 9.23 -9.50
O4 PO4 K . -29.18 8.57 -9.95
P PO4 L . -9.70 -24.37 19.66
O1 PO4 L . -8.97 -23.18 20.23
O2 PO4 L . -10.54 -25.00 20.73
O3 PO4 L . -10.69 -24.00 18.60
O4 PO4 L . -8.75 -25.35 19.04
#